data_7TYZ
#
_entry.id   7TYZ
#
_cell.length_a   1.00
_cell.length_b   1.00
_cell.length_c   1.00
_cell.angle_alpha   90.00
_cell.angle_beta   90.00
_cell.angle_gamma   90.00
#
_symmetry.space_group_name_H-M   'P 1'
#
loop_
_entity.id
_entity.type
_entity.pdbx_description
1 polymer 'Spike glycoprotein'
2 polymer 'DARPin FSR22'
3 branched alpha-D-mannopyranose-(1-3)-beta-D-mannopyranose-(1-4)-2-acetamido-2-deoxy-beta-D-glucopyranose-(1-4)-2-acetamido-2-deoxy-beta-D-glucopyranose
4 branched 2-acetamido-2-deoxy-beta-D-glucopyranose-(1-4)-2-acetamido-2-deoxy-beta-D-glucopyranose
5 branched beta-D-mannopyranose-(1-4)-2-acetamido-2-deoxy-beta-D-glucopyranose-(1-4)-2-acetamido-2-deoxy-beta-D-glucopyranose
6 non-polymer 2-acetamido-2-deoxy-beta-D-glucopyranose
#
loop_
_entity_poly.entity_id
_entity_poly.type
_entity_poly.pdbx_seq_one_letter_code
_entity_poly.pdbx_strand_id
1 'polypeptide(L)'
;QCVNLTTRTQLPPAYTNSFTRGVYYPDKVFRSSVLHSTQDLFLPFFSNVTWFHAIHVSGTNGTKRFDNPVLPFNDGVYFA
STEKSNIIRGWIFGTTLDSKTQSLLIVNNATNVVIKVCEFQFCNDPFLGVYYHKNNKSWMESEFRVYSSANNCTFEYVSQ
PFLMDLEGKQGNFKNLREFVFKNIDGYFKIYSKHTPINLVRDLPQGFSALEPLVDLPIGINITRFQTLLALHRSYLTPGD
SSSGWTAGAAAYYVGYLQPRTFLLKYNENGTITDAVDCALDPLSETKCTLKSFTVEKGIYQTSNFRVQPTESIVRFPNIT
NLCPFGEVFNATRFASVYAWNRKRISNCVADYSVLYNSASFSTFKCYGVSPTKLNDLCFTNVYADSFVIRGDEVRQIAPG
QTGKIADYNYKLPDDFTGCVIAWNSNNLDSKVGGNYNYLYRLFRKSNLKPFERDISTEIYQAGSTPCNGVEGFNCYFPLQ
SYGFQPTNGVGYQPYRVVVLSFELLHAPATVCGPKKSTNLVKNKCVNFNFNGLTGTGVLTESNKKFLPFQQFGRDIADTT
DAVRDPQTLEILDITPCSFGGVSVITPGTNTSNQVAVLYQDVNCTEVPVAIHADQLTPTWRVYSTGSNVFQTRAGCLIGA
EHVNNSYECDIPIGAGICASYQTQTNSPGSASSVASQSIIAYTMSLGAENSVAYSNNSIAIPTNFTISVTTEILPVSMTK
TSVDCTMYICGDSTECSNLLLQYGSFCTQLNRALTGIAVEQDKNTQEVFAQVKQIYKTPPIKDFGGFNFSQILPDPSKPS
KRSPIEDLLFNKVTLADAGFIKQYGDCLGDIAARDLICAQKFNGLTVLPPLLTDEMIAQYTSALLAGTITSGWTFGAGPA
LQIPFPMQMAYRFNGIGVTQNVLYENQKLIANQFNSAIGKIQDSLSSTPSALGKLQDVVNQNAQALNTLVKQLSSNFGAI
SSVLNDILSRLDPPEAEVQIDRLITGRLQSLQTYVTQQLIRAAEIRASANLAATKMSECVLGQSKRVDFCGKGYHLMSFP
QSAPHGVVFLHVTYVPAQEKNFTTAPAICHDGKAHFPREGVFVSNGTHWFVTQRNFYEPQIITTDNTFVSGNCDVVIGIV
NNTVYDPLQPELDSFKEELDKYFKNHTSPDVDLGDISGINASVVNIQKEIDRLNEVAKNLNESLIDLQELGKYEQGSGYI
PEAPRDGQAYVRKDGEWVLLSTFLGRSLEVLFQGPGHHHHHHHHSAW
;
A,C,E
2 'polypeptide(L)'
;MGSSHHHHHHSSGMEQKLISEEDLDGYIPEAPRDGQAYVRKDGEWVLLSTFLGGGGSLQGGGGSLQGSDLGKKLLEAARA
GQDDEVRILMANGADVNACDPSGITPLHLAADKGHLEIVEVLLKYGADVNAMDVWGRTPLHLAAFTGHLEIVEVLLKYGA
DVNACDLNGYTPLHLAAGRGHLEIVEVLLKNGAGVNAQDKFGKTAFDISIDNGNEDLAEILQSSS
;
B,D,F
#
# COMPACT_ATOMS: atom_id res chain seq x y z
N GLN A 1 46.46 23.01 -45.21
CA GLN A 1 46.55 22.53 -46.59
C GLN A 1 46.26 21.03 -46.66
N CYS A 2 45.49 20.63 -47.66
CA CYS A 2 45.03 19.25 -47.80
C CYS A 2 45.76 18.57 -48.96
N VAL A 3 46.27 17.37 -48.70
CA VAL A 3 46.93 16.54 -49.70
C VAL A 3 46.41 15.12 -49.58
N ASN A 4 46.98 14.22 -50.39
CA ASN A 4 46.63 12.81 -50.35
C ASN A 4 47.86 11.99 -50.67
N LEU A 5 47.81 10.72 -50.28
CA LEU A 5 48.90 9.78 -50.52
C LEU A 5 48.51 8.82 -51.63
N THR A 6 49.46 8.54 -52.53
CA THR A 6 49.26 7.62 -53.63
C THR A 6 50.35 6.56 -53.61
N THR A 7 50.19 5.57 -54.50
CA THR A 7 51.13 4.45 -54.63
C THR A 7 51.30 3.71 -53.30
N ARG A 8 50.19 3.18 -52.80
CA ARG A 8 50.16 2.44 -51.56
C ARG A 8 49.52 1.07 -51.77
N THR A 9 49.97 0.10 -50.99
CA THR A 9 49.44 -1.25 -51.05
C THR A 9 48.26 -1.39 -50.09
N GLN A 10 47.21 -2.07 -50.54
CA GLN A 10 46.02 -2.30 -49.74
C GLN A 10 45.93 -3.79 -49.39
N LEU A 11 45.67 -4.08 -48.12
CA LEU A 11 45.56 -5.44 -47.64
C LEU A 11 44.26 -5.62 -46.86
N PRO A 12 43.67 -6.82 -46.90
CA PRO A 12 42.45 -7.06 -46.13
C PRO A 12 42.74 -7.06 -44.64
N PRO A 13 41.79 -6.60 -43.82
CA PRO A 13 41.98 -6.65 -42.37
C PRO A 13 41.93 -8.08 -41.85
N ALA A 14 42.59 -8.30 -40.71
CA ALA A 14 42.63 -9.61 -40.09
C ALA A 14 41.78 -9.61 -38.82
N TYR A 15 41.74 -10.77 -38.16
CA TYR A 15 41.03 -10.93 -36.90
C TYR A 15 41.97 -11.52 -35.86
N THR A 16 41.78 -11.13 -34.61
CA THR A 16 42.55 -11.73 -33.53
C THR A 16 41.66 -11.87 -32.30
N ASN A 17 42.12 -12.67 -31.34
CA ASN A 17 41.33 -13.03 -30.17
C ASN A 17 41.85 -12.28 -28.94
N SER A 18 40.92 -11.76 -28.14
CA SER A 18 41.26 -11.07 -26.90
C SER A 18 41.32 -12.09 -25.77
N PHE A 19 42.49 -12.22 -25.15
CA PHE A 19 42.71 -13.23 -24.11
C PHE A 19 42.55 -12.56 -22.75
N THR A 20 41.30 -12.33 -22.37
CA THR A 20 40.95 -11.76 -21.07
C THR A 20 41.64 -10.43 -20.83
N ARG A 21 41.40 -9.49 -21.75
CA ARG A 21 41.94 -8.15 -21.65
C ARG A 21 40.84 -7.14 -21.84
N GLY A 22 40.99 -5.98 -21.20
CA GLY A 22 40.00 -4.93 -21.30
C GLY A 22 39.24 -4.69 -20.02
N VAL A 23 39.90 -4.88 -18.88
CA VAL A 23 39.31 -4.69 -17.57
C VAL A 23 39.78 -3.37 -17.00
N TYR A 24 38.85 -2.62 -16.42
CA TYR A 24 39.16 -1.30 -15.87
C TYR A 24 38.27 -1.05 -14.67
N TYR A 25 38.74 -0.16 -13.79
CA TYR A 25 37.96 0.19 -12.61
C TYR A 25 36.74 0.99 -13.03
N PRO A 26 35.53 0.53 -12.72
CA PRO A 26 34.34 1.26 -13.16
C PRO A 26 33.94 2.37 -12.21
N ASP A 27 34.43 2.31 -10.98
CA ASP A 27 34.05 3.26 -9.94
C ASP A 27 35.30 3.82 -9.29
N LYS A 28 35.09 4.69 -8.30
CA LYS A 28 36.15 5.33 -7.53
C LYS A 28 36.06 4.92 -6.07
N VAL A 29 35.80 3.64 -5.82
CA VAL A 29 35.52 3.13 -4.48
C VAL A 29 36.60 2.13 -4.10
N PHE A 30 37.18 2.30 -2.91
CA PHE A 30 38.20 1.38 -2.43
C PHE A 30 37.54 0.15 -1.80
N ARG A 31 38.05 -1.03 -2.14
CA ARG A 31 37.58 -2.28 -1.56
C ARG A 31 38.78 -3.16 -1.25
N SER A 32 38.61 -4.04 -0.27
CA SER A 32 39.68 -4.94 0.17
C SER A 32 39.12 -6.34 0.33
N SER A 33 39.63 -7.27 -0.47
CA SER A 33 39.24 -8.68 -0.42
C SER A 33 37.72 -8.84 -0.56
N VAL A 34 37.21 -8.35 -1.68
CA VAL A 34 35.78 -8.39 -1.98
C VAL A 34 35.60 -8.99 -3.36
N LEU A 35 34.45 -9.63 -3.57
CA LEU A 35 34.10 -10.26 -4.84
C LEU A 35 32.91 -9.56 -5.49
N HIS A 36 32.95 -8.22 -5.50
CA HIS A 36 31.82 -7.45 -5.99
C HIS A 36 31.57 -7.71 -7.47
N SER A 37 30.29 -7.72 -7.85
CA SER A 37 29.86 -7.92 -9.22
C SER A 37 29.13 -6.69 -9.72
N THR A 38 29.33 -6.35 -10.99
CA THR A 38 28.71 -5.15 -11.56
C THR A 38 28.38 -5.38 -13.01
N GLN A 39 27.34 -4.69 -13.48
CA GLN A 39 26.87 -4.77 -14.86
C GLN A 39 27.18 -3.44 -15.54
N ASP A 40 28.15 -3.45 -16.45
CA ASP A 40 28.62 -2.24 -17.11
C ASP A 40 28.99 -2.56 -18.56
N LEU A 41 29.45 -1.56 -19.28
CA LEU A 41 29.97 -1.75 -20.63
C LEU A 41 31.37 -2.34 -20.53
N PHE A 42 31.58 -3.50 -21.14
CA PHE A 42 32.83 -4.20 -21.05
C PHE A 42 33.15 -4.85 -22.39
N LEU A 43 34.38 -5.37 -22.50
CA LEU A 43 34.79 -6.12 -23.67
C LEU A 43 34.68 -7.61 -23.38
N PRO A 44 33.81 -8.34 -24.06
CA PRO A 44 33.63 -9.76 -23.74
C PRO A 44 34.90 -10.56 -23.98
N PHE A 45 35.08 -11.58 -23.14
CA PHE A 45 36.26 -12.43 -23.23
C PHE A 45 36.19 -13.33 -24.47
N PHE A 46 37.35 -13.61 -25.05
CA PHE A 46 37.49 -14.60 -26.12
C PHE A 46 36.59 -14.28 -27.32
N SER A 47 36.88 -13.13 -27.95
CA SER A 47 36.12 -12.68 -29.10
C SER A 47 37.05 -12.10 -30.15
N ASN A 48 36.61 -12.08 -31.40
CA ASN A 48 37.33 -11.33 -32.42
C ASN A 48 37.38 -9.84 -32.12
N VAL A 49 38.55 -9.26 -32.35
CA VAL A 49 38.73 -7.85 -32.59
C VAL A 49 39.55 -7.72 -33.89
N THR A 50 39.19 -6.71 -34.69
CA THR A 50 39.83 -6.54 -35.99
C THR A 50 41.28 -6.09 -35.82
N TRP A 51 42.07 -6.38 -36.85
CA TRP A 51 43.51 -6.14 -36.80
C TRP A 51 43.93 -5.48 -38.10
N PHE A 52 44.54 -4.31 -37.98
CA PHE A 52 45.07 -3.54 -39.11
C PHE A 52 46.58 -3.45 -38.98
N HIS A 53 47.28 -3.69 -40.09
CA HIS A 53 48.73 -3.73 -40.12
C HIS A 53 49.26 -2.50 -40.85
N ALA A 54 50.23 -1.82 -40.25
CA ALA A 54 50.85 -0.63 -40.82
C ALA A 54 52.28 -0.92 -41.26
N ILE A 55 52.52 -2.11 -41.82
CA ILE A 55 53.87 -2.50 -42.23
C ILE A 55 54.30 -1.65 -43.43
N HIS A 56 55.60 -1.39 -43.52
CA HIS A 56 56.13 -0.63 -44.64
C HIS A 56 56.13 -1.43 -45.93
N VAL A 57 56.09 -2.75 -45.84
CA VAL A 57 56.08 -3.60 -47.03
C VAL A 57 54.66 -4.07 -47.33
N THR A 63 54.68 -4.30 -50.52
CA THR A 63 55.58 -3.15 -50.61
C THR A 63 54.80 -1.84 -50.56
N LYS A 64 55.24 -0.91 -49.72
CA LYS A 64 54.61 0.39 -49.55
C LYS A 64 53.14 0.24 -49.13
N ARG A 65 52.96 -0.35 -47.96
CA ARG A 65 51.63 -0.61 -47.40
C ARG A 65 51.27 0.46 -46.39
N PHE A 66 50.04 0.96 -46.47
CA PHE A 66 49.53 1.98 -45.56
C PHE A 66 48.10 1.64 -45.17
N ASP A 67 47.68 2.12 -44.00
CA ASP A 67 46.34 1.84 -43.50
C ASP A 67 45.85 3.01 -42.66
N ASN A 68 44.66 3.50 -42.97
CA ASN A 68 43.99 4.52 -42.17
C ASN A 68 42.50 4.54 -42.50
N PRO A 69 41.77 3.49 -42.15
CA PRO A 69 40.36 3.39 -42.54
C PRO A 69 39.47 4.19 -41.60
N VAL A 70 38.17 4.16 -41.89
CA VAL A 70 37.16 4.84 -41.09
C VAL A 70 36.35 3.79 -40.35
N LEU A 71 36.30 3.91 -39.03
CA LEU A 71 35.62 2.94 -38.18
C LEU A 71 34.51 3.62 -37.40
N PRO A 72 33.29 3.08 -37.44
CA PRO A 72 32.21 3.69 -36.66
C PRO A 72 32.45 3.56 -35.17
N PHE A 73 31.92 4.53 -34.42
CA PHE A 73 32.10 4.59 -32.97
C PHE A 73 30.87 3.98 -32.30
N ASN A 74 31.04 2.79 -31.74
CA ASN A 74 29.98 2.13 -30.99
C ASN A 74 29.93 2.74 -29.58
N ASP A 75 29.20 2.08 -28.68
CA ASP A 75 29.06 2.61 -27.32
C ASP A 75 30.40 2.72 -26.60
N GLY A 76 31.41 1.98 -27.02
CA GLY A 76 32.74 2.08 -26.44
C GLY A 76 33.78 1.55 -27.38
N VAL A 77 35.01 2.02 -27.21
CA VAL A 77 36.11 1.63 -28.08
C VAL A 77 37.30 1.20 -27.22
N TYR A 78 37.88 0.06 -27.56
CA TYR A 78 39.10 -0.43 -26.94
C TYR A 78 40.22 -0.40 -27.98
N PHE A 79 41.24 0.40 -27.72
CA PHE A 79 42.35 0.62 -28.65
C PHE A 79 43.62 0.09 -28.02
N ALA A 80 44.22 -0.92 -28.66
CA ALA A 80 45.44 -1.54 -28.15
C ALA A 80 46.54 -1.39 -29.19
N SER A 81 47.53 -0.56 -28.89
CA SER A 81 48.61 -0.27 -29.82
C SER A 81 49.90 -0.94 -29.34
N THR A 82 50.58 -1.62 -30.26
CA THR A 82 51.91 -2.16 -30.00
C THR A 82 52.93 -1.25 -30.67
N GLU A 83 53.81 -0.65 -29.88
CA GLU A 83 54.69 0.38 -30.39
C GLU A 83 56.14 0.11 -30.01
N LYS A 84 57.03 0.59 -30.86
CA LYS A 84 58.48 0.57 -30.62
C LYS A 84 59.07 1.97 -30.60
N SER A 85 58.66 2.84 -31.52
CA SER A 85 59.08 4.23 -31.53
C SER A 85 57.89 5.19 -31.49
N ASN A 86 56.71 4.69 -31.16
CA ASN A 86 55.50 5.50 -31.02
C ASN A 86 55.16 6.23 -32.32
N ILE A 87 54.97 5.43 -33.37
CA ILE A 87 54.56 5.97 -34.66
C ILE A 87 53.16 6.56 -34.59
N ILE A 88 52.24 5.86 -33.93
CA ILE A 88 50.87 6.36 -33.79
C ILE A 88 50.86 7.54 -32.83
N ARG A 89 50.13 8.60 -33.20
CA ARG A 89 50.14 9.83 -32.41
C ARG A 89 48.79 10.17 -31.81
N GLY A 90 47.74 10.31 -32.62
CA GLY A 90 46.51 10.87 -32.09
C GLY A 90 45.27 10.37 -32.80
N TRP A 91 44.13 10.91 -32.37
CA TRP A 91 42.83 10.49 -32.89
C TRP A 91 41.95 11.70 -33.10
N ILE A 92 40.94 11.52 -33.95
CA ILE A 92 39.88 12.49 -34.18
C ILE A 92 38.55 11.77 -34.03
N PHE A 93 37.57 12.46 -33.44
CA PHE A 93 36.26 11.90 -33.18
C PHE A 93 35.19 12.85 -33.68
N GLY A 94 34.13 12.30 -34.25
CA GLY A 94 33.04 13.13 -34.74
C GLY A 94 32.05 12.30 -35.53
N THR A 95 31.24 13.01 -36.31
CA THR A 95 30.23 12.40 -37.18
C THR A 95 30.51 12.63 -38.65
N THR A 96 30.73 13.88 -39.05
CA THR A 96 31.00 14.22 -40.45
C THR A 96 32.46 14.55 -40.72
N LEU A 97 33.17 15.12 -39.74
CA LEU A 97 34.59 15.44 -39.88
C LEU A 97 34.85 16.36 -41.06
N ASP A 98 33.98 17.35 -41.24
CA ASP A 98 34.14 18.31 -42.33
C ASP A 98 33.81 19.73 -41.88
N SER A 99 34.08 20.05 -40.61
CA SER A 99 33.86 21.37 -40.02
C SER A 99 32.39 21.78 -39.99
N LYS A 100 31.47 20.89 -40.36
CA LYS A 100 30.06 21.20 -40.29
C LYS A 100 29.44 20.86 -38.94
N THR A 101 30.14 20.09 -38.11
CA THR A 101 29.67 19.72 -36.79
C THR A 101 30.85 19.73 -35.83
N GLN A 102 30.54 19.81 -34.54
CA GLN A 102 31.58 19.79 -33.52
C GLN A 102 32.30 18.45 -33.52
N SER A 103 33.63 18.50 -33.36
CA SER A 103 34.46 17.31 -33.43
C SER A 103 35.66 17.48 -32.51
N LEU A 104 36.08 16.36 -31.93
CA LEU A 104 37.19 16.32 -30.99
C LEU A 104 38.47 15.91 -31.69
N LEU A 105 39.60 16.42 -31.22
CA LEU A 105 40.90 16.05 -31.74
C LEU A 105 41.87 15.96 -30.57
N ILE A 106 42.51 14.81 -30.43
CA ILE A 106 43.46 14.56 -29.35
C ILE A 106 44.78 14.16 -29.97
N VAL A 107 45.84 14.92 -29.66
CA VAL A 107 47.18 14.63 -30.15
C VAL A 107 48.18 14.87 -29.03
N ASN A 108 49.21 14.02 -28.97
CA ASN A 108 50.32 14.18 -28.03
C ASN A 108 51.64 14.08 -28.82
N ASN A 109 52.16 15.24 -29.19
CA ASN A 109 53.33 15.34 -30.06
C ASN A 109 54.55 15.78 -29.25
N ALA A 110 55.65 16.04 -29.96
CA ALA A 110 56.83 16.59 -29.31
C ALA A 110 56.53 17.94 -28.68
N THR A 111 55.63 18.72 -29.30
CA THR A 111 55.17 19.97 -28.71
C THR A 111 54.08 19.65 -27.68
N ASN A 112 53.35 20.68 -27.26
CA ASN A 112 52.38 20.53 -26.18
C ASN A 112 51.24 19.60 -26.59
N VAL A 113 50.74 18.84 -25.62
CA VAL A 113 49.62 17.94 -25.86
C VAL A 113 48.34 18.74 -26.03
N VAL A 114 47.56 18.40 -27.06
CA VAL A 114 46.37 19.16 -27.43
C VAL A 114 45.15 18.27 -27.33
N ILE A 115 44.13 18.74 -26.62
CA ILE A 115 42.81 18.14 -26.60
C ILE A 115 41.84 19.24 -26.95
N LYS A 116 41.29 19.22 -28.16
CA LYS A 116 40.64 20.38 -28.73
C LYS A 116 39.34 19.96 -29.39
N VAL A 117 38.21 20.48 -28.91
CA VAL A 117 36.93 20.16 -29.52
C VAL A 117 36.36 21.37 -30.25
N CYS A 118 36.56 21.39 -31.57
CA CYS A 118 36.21 22.54 -32.40
C CYS A 118 35.52 22.08 -33.67
N GLU A 119 35.45 22.96 -34.66
CA GLU A 119 35.05 22.60 -36.01
C GLU A 119 36.29 22.69 -36.90
N PHE A 120 36.78 21.53 -37.34
CA PHE A 120 37.95 21.44 -38.19
C PHE A 120 37.55 20.95 -39.57
N GLN A 121 38.11 21.60 -40.60
CA GLN A 121 37.93 21.14 -41.98
C GLN A 121 38.99 20.08 -42.28
N PHE A 122 38.68 18.85 -41.88
CA PHE A 122 39.62 17.76 -42.05
C PHE A 122 39.83 17.45 -43.53
N CYS A 123 41.02 16.94 -43.84
CA CYS A 123 41.37 16.56 -45.19
C CYS A 123 41.12 15.07 -45.42
N ASN A 124 41.30 14.62 -46.66
CA ASN A 124 41.07 13.23 -47.00
C ASN A 124 42.02 12.31 -46.24
N ASP A 125 43.29 12.70 -46.14
CA ASP A 125 44.32 11.89 -45.47
C ASP A 125 45.04 12.76 -44.45
N PRO A 126 44.44 12.99 -43.29
CA PRO A 126 45.17 13.69 -42.22
C PRO A 126 46.35 12.88 -41.74
N PHE A 127 47.45 13.58 -41.46
CA PHE A 127 48.68 12.93 -41.00
C PHE A 127 49.58 13.97 -40.36
N LEU A 128 50.65 13.50 -39.75
CA LEU A 128 51.69 14.34 -39.18
C LEU A 128 53.02 13.97 -39.83
N GLY A 129 53.77 14.99 -40.27
CA GLY A 129 55.00 14.73 -41.00
C GLY A 129 56.25 15.25 -40.32
N VAL A 130 57.17 14.34 -40.01
CA VAL A 130 58.42 14.66 -39.33
C VAL A 130 59.56 14.49 -40.33
N TYR A 131 60.41 15.51 -40.45
CA TYR A 131 61.46 15.53 -41.45
C TYR A 131 62.82 15.20 -40.83
N TYR A 132 63.62 14.44 -41.56
CA TYR A 132 64.98 14.09 -41.16
C TYR A 132 65.92 15.06 -41.86
N HIS A 133 66.22 16.17 -41.19
CA HIS A 133 67.03 17.22 -41.79
C HIS A 133 68.50 16.81 -41.87
N LYS A 134 69.26 17.55 -42.68
CA LYS A 134 70.67 17.30 -42.85
C LYS A 134 71.56 18.21 -42.02
N ASN A 135 71.11 19.42 -41.70
CA ASN A 135 71.91 20.32 -40.89
C ASN A 135 72.13 19.79 -39.48
N ASN A 136 71.09 19.19 -38.88
CA ASN A 136 71.25 18.47 -37.62
C ASN A 136 70.54 17.12 -37.74
N LYS A 137 71.08 16.13 -37.03
CA LYS A 137 70.52 14.78 -37.05
C LYS A 137 69.39 14.66 -36.02
N SER A 138 68.34 15.43 -36.27
CA SER A 138 67.17 15.44 -35.39
C SER A 138 65.91 15.42 -36.23
N TRP A 139 64.85 14.85 -35.66
CA TRP A 139 63.55 14.75 -36.31
C TRP A 139 62.62 15.80 -35.71
N MET A 140 62.11 16.69 -36.55
CA MET A 140 61.18 17.72 -36.13
C MET A 140 59.98 17.77 -37.06
N GLU A 141 58.83 18.12 -36.50
CA GLU A 141 57.56 18.04 -37.21
C GLU A 141 57.48 19.17 -38.24
N SER A 142 57.52 18.80 -39.53
CA SER A 142 57.52 19.77 -40.61
C SER A 142 56.22 19.82 -41.39
N GLU A 143 55.27 18.93 -41.11
CA GLU A 143 54.02 18.88 -41.88
C GLU A 143 52.85 18.73 -40.92
N PHE A 144 52.05 19.79 -40.81
CA PHE A 144 50.77 19.77 -40.09
C PHE A 144 49.70 19.96 -41.16
N ARG A 145 49.16 18.84 -41.64
CA ARG A 145 48.16 18.87 -42.71
C ARG A 145 46.94 18.02 -42.35
N VAL A 146 46.65 17.91 -41.06
CA VAL A 146 45.50 17.13 -40.63
C VAL A 146 44.20 17.81 -41.04
N TYR A 147 44.14 19.14 -40.94
CA TYR A 147 42.98 19.89 -41.36
C TYR A 147 43.42 21.24 -41.91
N SER A 148 42.45 21.98 -42.46
CA SER A 148 42.77 23.28 -43.04
C SER A 148 42.86 24.37 -41.96
N SER A 149 41.74 24.64 -41.29
CA SER A 149 41.71 25.70 -40.28
C SER A 149 40.50 25.51 -39.38
N ALA A 150 40.52 26.21 -38.26
CA ALA A 150 39.40 26.23 -37.33
C ALA A 150 38.62 27.54 -37.51
N ASN A 151 37.36 27.50 -37.09
CA ASN A 151 36.46 28.63 -37.25
C ASN A 151 36.06 29.24 -35.92
N ASN A 152 35.50 28.44 -35.01
CA ASN A 152 34.84 28.91 -33.80
C ASN A 152 34.42 27.79 -32.86
N CYS A 153 34.89 27.85 -31.60
CA CYS A 153 35.11 26.67 -30.79
C CYS A 153 34.45 26.81 -29.43
N THR A 154 34.57 25.74 -28.60
CA THR A 154 33.97 25.68 -27.26
C THR A 154 34.95 25.26 -26.16
N PHE A 155 35.86 24.32 -26.42
CA PHE A 155 36.73 23.80 -25.37
C PHE A 155 38.06 23.37 -25.96
N GLU A 156 39.13 24.09 -25.60
CA GLU A 156 40.48 23.76 -25.99
C GLU A 156 41.34 23.61 -24.75
N TYR A 157 42.19 22.59 -24.72
CA TYR A 157 43.02 22.30 -23.57
C TYR A 157 44.42 21.90 -24.02
N VAL A 158 45.42 22.45 -23.36
CA VAL A 158 46.83 22.12 -23.59
C VAL A 158 47.37 21.49 -22.33
N SER A 159 47.87 20.26 -22.45
CA SER A 159 48.47 19.57 -21.33
C SER A 159 49.97 19.86 -21.30
N GLN A 160 50.70 19.14 -20.46
CA GLN A 160 52.14 19.35 -20.35
C GLN A 160 52.82 18.89 -21.63
N PRO A 161 53.89 19.57 -22.06
CA PRO A 161 54.62 19.12 -23.25
C PRO A 161 55.23 17.75 -23.02
N PHE A 162 55.22 16.93 -24.07
CA PHE A 162 55.75 15.57 -24.02
C PHE A 162 56.85 15.44 -25.06
N LEU A 163 57.98 14.88 -24.65
CA LEU A 163 59.12 14.67 -25.53
C LEU A 163 59.37 13.18 -25.69
N MET A 164 59.39 12.71 -26.94
CA MET A 164 59.63 11.30 -27.22
C MET A 164 60.29 11.18 -28.59
N ASP A 165 61.34 10.37 -28.66
CA ASP A 165 62.08 10.19 -29.90
C ASP A 165 61.20 9.55 -30.96
N LEU A 166 61.33 10.03 -32.19
CA LEU A 166 60.54 9.53 -33.33
C LEU A 166 61.50 9.02 -34.40
N GLU A 167 61.43 7.73 -34.69
CA GLU A 167 62.30 7.11 -35.68
C GLU A 167 61.53 6.00 -36.39
N GLY A 168 61.94 5.73 -37.63
CA GLY A 168 61.36 4.64 -38.40
C GLY A 168 62.17 3.37 -38.28
N LYS A 169 61.74 2.46 -37.41
CA LYS A 169 62.47 1.23 -37.14
C LYS A 169 61.64 0.03 -37.55
N GLN A 170 62.32 -1.11 -37.68
CA GLN A 170 61.68 -2.37 -38.08
C GLN A 170 61.88 -3.47 -37.05
N GLY A 171 62.14 -3.11 -35.79
CA GLY A 171 62.39 -4.07 -34.74
C GLY A 171 61.11 -4.54 -34.08
N ASN A 172 61.29 -5.32 -33.01
CA ASN A 172 60.15 -5.82 -32.24
C ASN A 172 59.52 -4.70 -31.43
N PHE A 173 58.23 -4.85 -31.15
CA PHE A 173 57.52 -3.85 -30.37
C PHE A 173 58.07 -3.78 -28.96
N LYS A 174 58.27 -2.57 -28.45
CA LYS A 174 58.87 -2.38 -27.14
C LYS A 174 57.83 -2.24 -26.04
N ASN A 175 56.64 -1.73 -26.34
CA ASN A 175 55.64 -1.50 -25.31
C ASN A 175 54.25 -1.64 -25.90
N LEU A 176 53.28 -1.80 -25.00
CA LEU A 176 51.87 -1.85 -25.37
C LEU A 176 51.12 -0.74 -24.64
N ARG A 177 50.27 -0.05 -25.38
CA ARG A 177 49.43 1.02 -24.84
C ARG A 177 47.98 0.64 -25.03
N GLU A 178 47.25 0.55 -23.92
CA GLU A 178 45.83 0.20 -23.93
C GLU A 178 45.00 1.40 -23.54
N PHE A 179 43.97 1.68 -24.33
CA PHE A 179 43.08 2.81 -24.10
C PHE A 179 41.64 2.34 -24.22
N VAL A 180 40.77 2.90 -23.39
CA VAL A 180 39.34 2.64 -23.46
C VAL A 180 38.64 3.98 -23.50
N PHE A 181 37.86 4.22 -24.55
CA PHE A 181 37.13 5.45 -24.74
C PHE A 181 35.64 5.18 -24.64
N LYS A 182 34.95 5.97 -23.81
CA LYS A 182 33.50 5.88 -23.71
C LYS A 182 32.91 7.28 -23.61
N ASN A 183 31.64 7.40 -23.99
CA ASN A 183 30.96 8.70 -24.02
C ASN A 183 29.58 8.53 -23.38
N ILE A 184 29.45 9.00 -22.14
CA ILE A 184 28.20 8.90 -21.39
C ILE A 184 27.90 10.22 -20.71
N ASP A 185 26.66 10.68 -20.83
CA ASP A 185 26.17 11.88 -20.14
C ASP A 185 27.00 13.10 -20.50
N GLY A 186 27.31 13.25 -21.78
CA GLY A 186 28.12 14.38 -22.21
C GLY A 186 29.55 14.34 -21.72
N TYR A 187 29.99 13.23 -21.15
CA TYR A 187 31.34 13.08 -20.62
C TYR A 187 32.10 12.05 -21.45
N PHE A 188 33.28 12.44 -21.90
CA PHE A 188 34.20 11.55 -22.61
C PHE A 188 35.21 11.02 -21.59
N LYS A 189 35.16 9.72 -21.34
CA LYS A 189 36.02 9.08 -20.35
C LYS A 189 37.07 8.23 -21.06
N ILE A 190 38.32 8.41 -20.65
CA ILE A 190 39.47 7.71 -21.23
C ILE A 190 40.19 6.97 -20.11
N TYR A 191 40.40 5.67 -20.29
CA TYR A 191 41.15 4.84 -19.37
C TYR A 191 42.41 4.37 -20.07
N SER A 192 43.57 4.62 -19.48
CA SER A 192 44.84 4.36 -20.14
C SER A 192 45.74 3.47 -19.29
N LYS A 193 46.53 2.65 -19.97
CA LYS A 193 47.51 1.79 -19.32
C LYS A 193 48.69 1.57 -20.26
N HIS A 194 49.89 1.53 -19.69
CA HIS A 194 51.13 1.36 -20.44
C HIS A 194 51.91 0.20 -19.85
N THR A 195 52.26 -0.77 -20.68
CA THR A 195 52.93 -1.96 -20.17
C THR A 195 54.12 -2.32 -21.06
N PRO A 196 55.18 -2.90 -20.48
CA PRO A 196 56.32 -3.34 -21.28
C PRO A 196 56.23 -4.80 -21.70
N ILE A 197 56.63 -5.07 -22.94
CA ILE A 197 56.67 -6.43 -23.47
C ILE A 197 57.57 -6.43 -24.69
N ASN A 198 58.07 -7.61 -25.06
CA ASN A 198 58.97 -7.76 -26.19
C ASN A 198 58.53 -8.92 -27.08
N LEU A 199 57.23 -8.96 -27.38
CA LEU A 199 56.66 -9.97 -28.27
C LEU A 199 56.42 -9.36 -29.65
N VAL A 200 55.88 -10.17 -30.56
CA VAL A 200 55.65 -9.75 -31.92
C VAL A 200 54.17 -9.85 -32.28
N ARG A 201 53.46 -10.74 -31.59
CA ARG A 201 52.04 -10.99 -31.83
C ARG A 201 51.52 -11.84 -30.69
N ASP A 202 50.23 -12.20 -30.77
CA ASP A 202 49.59 -13.07 -29.79
C ASP A 202 49.71 -12.49 -28.38
N LEU A 203 48.99 -11.37 -28.19
CA LEU A 203 48.99 -10.54 -27.00
C LEU A 203 49.08 -11.38 -25.73
N PRO A 204 49.93 -11.00 -24.78
CA PRO A 204 50.24 -11.88 -23.66
C PRO A 204 49.05 -12.06 -22.72
N GLN A 205 49.12 -13.12 -21.93
CA GLN A 205 48.09 -13.44 -20.97
C GLN A 205 48.21 -12.48 -19.78
N GLY A 206 47.41 -12.73 -18.74
CA GLY A 206 47.44 -11.91 -17.56
C GLY A 206 46.40 -10.80 -17.59
N PHE A 207 46.01 -10.34 -16.41
CA PHE A 207 44.98 -9.32 -16.25
C PHE A 207 45.65 -8.01 -15.87
N SER A 208 45.34 -6.95 -16.62
CA SER A 208 45.92 -5.63 -16.41
C SER A 208 44.77 -4.62 -16.31
N ALA A 209 44.50 -4.15 -15.10
CA ALA A 209 43.46 -3.15 -14.91
C ALA A 209 43.87 -1.83 -15.54
N LEU A 210 42.89 -1.13 -16.12
CA LEU A 210 43.13 0.13 -16.81
C LEU A 210 42.65 1.27 -15.91
N GLU A 211 43.59 1.99 -15.32
CA GLU A 211 43.23 3.10 -14.44
C GLU A 211 42.70 4.27 -15.25
N PRO A 212 41.71 4.99 -14.75
CA PRO A 212 41.22 6.18 -15.47
C PRO A 212 42.27 7.28 -15.50
N LEU A 213 42.24 8.06 -16.58
CA LEU A 213 43.19 9.14 -16.78
C LEU A 213 42.56 10.51 -16.59
N VAL A 214 41.48 10.81 -17.32
CA VAL A 214 40.86 12.13 -17.26
C VAL A 214 39.48 12.03 -17.89
N ASP A 215 38.58 12.92 -17.46
CA ASP A 215 37.24 13.01 -18.02
C ASP A 215 37.06 14.38 -18.65
N LEU A 216 36.48 14.41 -19.86
CA LEU A 216 36.31 15.65 -20.60
C LEU A 216 34.83 15.97 -20.75
N PRO A 217 34.35 17.11 -20.26
CA PRO A 217 32.95 17.51 -20.50
C PRO A 217 32.79 18.15 -21.87
N ILE A 218 32.14 17.43 -22.78
CA ILE A 218 31.98 17.89 -24.15
C ILE A 218 30.49 17.99 -24.51
N GLY A 219 29.81 16.85 -24.51
CA GLY A 219 28.40 16.81 -24.83
C GLY A 219 28.08 16.94 -26.31
N ILE A 220 28.62 16.02 -27.11
CA ILE A 220 28.41 16.02 -28.56
C ILE A 220 28.21 14.58 -29.03
N ASN A 221 27.55 14.44 -30.17
CA ASN A 221 27.41 13.12 -30.79
C ASN A 221 28.76 12.64 -31.32
N ILE A 222 29.06 11.37 -31.09
CA ILE A 222 30.26 10.74 -31.63
C ILE A 222 29.84 9.41 -32.22
N THR A 223 29.94 9.29 -33.54
CA THR A 223 29.58 8.05 -34.24
C THR A 223 30.69 7.56 -35.16
N ARG A 224 31.83 8.22 -35.19
CA ARG A 224 32.93 7.82 -36.07
C ARG A 224 34.22 8.37 -35.49
N PHE A 225 35.28 7.56 -35.55
CA PHE A 225 36.58 7.98 -35.09
C PHE A 225 37.63 7.55 -36.12
N GLN A 226 38.74 8.28 -36.14
CA GLN A 226 39.81 8.00 -37.09
C GLN A 226 41.14 8.34 -36.45
N THR A 227 42.07 7.39 -36.47
CA THR A 227 43.39 7.62 -35.91
C THR A 227 44.31 8.23 -36.96
N LEU A 228 45.45 8.74 -36.50
CA LEU A 228 46.43 9.35 -37.37
C LEU A 228 47.83 8.85 -37.01
N LEU A 229 48.67 8.72 -38.03
CA LEU A 229 50.02 8.21 -37.88
C LEU A 229 51.02 9.35 -38.00
N ALA A 230 52.30 8.99 -37.97
CA ALA A 230 53.40 9.92 -38.19
C ALA A 230 54.04 9.59 -39.53
N LEU A 231 54.09 10.59 -40.42
CA LEU A 231 54.57 10.39 -41.78
C LEU A 231 55.99 10.94 -41.87
N HIS A 232 56.96 10.09 -41.52
CA HIS A 232 58.35 10.52 -41.48
C HIS A 232 58.85 10.82 -42.90
N ARG A 233 59.83 11.72 -42.99
CA ARG A 233 60.47 12.08 -44.24
C ARG A 233 61.97 11.92 -44.12
N SER A 234 62.59 11.35 -45.14
CA SER A 234 64.03 11.13 -45.15
C SER A 234 64.58 11.15 -46.56
N SER A 243 56.22 9.83 -52.42
CA SER A 243 57.55 9.31 -52.72
C SER A 243 57.97 8.28 -51.67
N GLY A 244 58.44 8.76 -50.53
CA GLY A 244 58.82 7.87 -49.44
C GLY A 244 58.29 8.36 -48.10
N TRP A 245 57.84 7.44 -47.25
CA TRP A 245 57.24 7.82 -45.98
C TRP A 245 57.75 7.04 -44.77
N THR A 246 58.30 5.84 -44.96
CA THR A 246 58.83 5.02 -43.87
C THR A 246 57.79 4.83 -42.76
N ALA A 247 56.71 4.13 -43.12
CA ALA A 247 55.61 3.91 -42.20
C ALA A 247 55.95 2.97 -41.05
N GLY A 248 57.08 2.28 -41.11
CA GLY A 248 57.41 1.36 -40.04
C GLY A 248 56.54 0.10 -40.11
N ALA A 249 56.39 -0.53 -38.94
CA ALA A 249 55.59 -1.75 -38.84
C ALA A 249 54.74 -1.73 -37.58
N ALA A 250 54.14 -0.58 -37.29
CA ALA A 250 53.30 -0.45 -36.10
C ALA A 250 52.00 -1.22 -36.28
N ALA A 251 51.38 -1.59 -35.16
CA ALA A 251 50.15 -2.34 -35.16
C ALA A 251 49.20 -1.80 -34.10
N TYR A 252 47.90 -1.81 -34.42
CA TYR A 252 46.89 -1.35 -33.48
C TYR A 252 45.61 -2.16 -33.69
N TYR A 253 44.93 -2.45 -32.59
CA TYR A 253 43.71 -3.25 -32.58
C TYR A 253 42.57 -2.39 -32.04
N VAL A 254 41.39 -2.54 -32.64
CA VAL A 254 40.19 -1.84 -32.21
C VAL A 254 39.11 -2.88 -31.88
N GLY A 255 38.43 -2.66 -30.76
CA GLY A 255 37.35 -3.53 -30.36
C GLY A 255 36.19 -2.72 -29.79
N TYR A 256 35.02 -3.35 -29.76
CA TYR A 256 33.80 -2.68 -29.34
C TYR A 256 33.29 -3.28 -28.02
N LEU A 257 32.59 -2.44 -27.25
CA LEU A 257 32.10 -2.81 -25.93
C LEU A 257 30.61 -3.13 -25.98
N GLN A 258 30.19 -4.00 -25.08
CA GLN A 258 28.80 -4.42 -24.94
C GLN A 258 28.41 -4.42 -23.48
N PRO A 259 27.12 -4.28 -23.17
CA PRO A 259 26.68 -4.36 -21.76
C PRO A 259 26.79 -5.80 -21.26
N ARG A 260 27.67 -6.00 -20.28
CA ARG A 260 27.89 -7.31 -19.71
C ARG A 260 28.02 -7.20 -18.20
N THR A 261 27.78 -8.33 -17.52
CA THR A 261 27.91 -8.43 -16.08
C THR A 261 29.21 -9.16 -15.75
N PHE A 262 30.05 -8.54 -14.94
CA PHE A 262 31.35 -9.07 -14.58
C PHE A 262 31.44 -9.23 -13.06
N LEU A 263 32.30 -10.15 -12.64
CA LEU A 263 32.59 -10.39 -11.23
C LEU A 263 34.05 -10.05 -10.99
N LEU A 264 34.30 -9.01 -10.20
CA LEU A 264 35.64 -8.51 -9.99
C LEU A 264 36.14 -8.93 -8.61
N LYS A 265 37.43 -9.26 -8.53
CA LYS A 265 38.05 -9.69 -7.27
C LYS A 265 39.11 -8.67 -6.89
N TYR A 266 38.78 -7.78 -5.96
CA TYR A 266 39.75 -6.84 -5.43
C TYR A 266 40.66 -7.51 -4.42
N ASN A 267 41.93 -7.17 -4.45
CA ASN A 267 42.89 -7.73 -3.51
C ASN A 267 42.90 -6.90 -2.23
N GLU A 268 43.87 -7.14 -1.35
CA GLU A 268 43.97 -6.41 -0.11
C GLU A 268 44.41 -4.97 -0.30
N ASN A 269 44.89 -4.60 -1.48
CA ASN A 269 45.47 -3.29 -1.71
C ASN A 269 44.55 -2.38 -2.51
N GLY A 270 43.38 -2.87 -2.91
CA GLY A 270 42.48 -2.10 -3.74
C GLY A 270 42.69 -2.25 -5.23
N THR A 271 43.56 -3.16 -5.66
CA THR A 271 43.87 -3.34 -7.07
C THR A 271 43.17 -4.59 -7.59
N ILE A 272 42.54 -4.46 -8.76
CA ILE A 272 41.87 -5.61 -9.38
C ILE A 272 42.90 -6.62 -9.83
N THR A 273 42.69 -7.89 -9.47
CA THR A 273 43.59 -8.95 -9.86
C THR A 273 42.95 -10.06 -10.68
N ASP A 274 41.62 -10.15 -10.71
CA ASP A 274 40.96 -11.21 -11.44
C ASP A 274 39.54 -10.78 -11.79
N ALA A 275 38.97 -11.43 -12.81
CA ALA A 275 37.61 -11.15 -13.22
C ALA A 275 37.07 -12.37 -13.96
N VAL A 276 35.74 -12.51 -13.95
CA VAL A 276 35.06 -13.60 -14.61
C VAL A 276 33.86 -13.05 -15.35
N ASP A 277 33.76 -13.36 -16.65
CA ASP A 277 32.64 -12.91 -17.45
C ASP A 277 31.45 -13.85 -17.26
N CYS A 278 30.31 -13.29 -16.88
CA CYS A 278 29.12 -14.10 -16.62
C CYS A 278 28.25 -14.22 -17.86
N ALA A 279 28.88 -14.54 -18.99
CA ALA A 279 28.17 -14.87 -20.22
C ALA A 279 28.84 -16.00 -20.98
N LEU A 280 29.91 -16.57 -20.45
CA LEU A 280 30.67 -17.64 -21.09
C LEU A 280 29.99 -18.97 -20.75
N ASP A 281 30.70 -20.09 -20.94
CA ASP A 281 30.24 -21.43 -20.64
C ASP A 281 29.55 -21.49 -19.28
N PRO A 282 28.60 -22.42 -19.10
CA PRO A 282 27.77 -22.40 -17.88
C PRO A 282 28.57 -22.48 -16.59
N LEU A 283 29.80 -22.99 -16.62
CA LEU A 283 30.63 -22.98 -15.42
C LEU A 283 30.86 -21.56 -14.93
N SER A 284 31.08 -20.62 -15.85
CA SER A 284 31.21 -19.22 -15.46
C SER A 284 29.93 -18.70 -14.84
N GLU A 285 28.77 -19.11 -15.37
CA GLU A 285 27.51 -18.70 -14.78
C GLU A 285 27.38 -19.22 -13.35
N THR A 286 27.80 -20.46 -13.11
CA THR A 286 27.78 -21.00 -11.76
C THR A 286 28.70 -20.22 -10.83
N LYS A 287 29.90 -19.91 -11.31
CA LYS A 287 30.82 -19.10 -10.50
C LYS A 287 30.25 -17.71 -10.23
N CYS A 288 29.39 -17.22 -11.13
CA CYS A 288 28.79 -15.90 -10.97
C CYS A 288 27.60 -15.91 -10.02
N THR A 289 27.06 -17.08 -9.69
CA THR A 289 25.91 -17.17 -8.80
C THR A 289 26.31 -17.29 -7.34
N LEU A 290 27.31 -18.12 -7.05
CA LEU A 290 27.76 -18.33 -5.68
C LEU A 290 28.74 -17.25 -5.21
N LYS A 291 29.09 -16.31 -6.08
CA LYS A 291 30.02 -15.23 -5.74
C LYS A 291 31.35 -15.77 -5.22
N SER A 292 31.87 -16.79 -5.90
CA SER A 292 33.15 -17.38 -5.52
C SER A 292 33.85 -17.90 -6.76
N PHE A 293 35.17 -18.07 -6.66
CA PHE A 293 35.96 -18.57 -7.77
C PHE A 293 36.16 -20.07 -7.73
N THR A 294 35.92 -20.71 -6.59
CA THR A 294 36.07 -22.16 -6.45
C THR A 294 34.71 -22.76 -6.11
N VAL A 295 34.30 -23.77 -6.89
CA VAL A 295 33.04 -24.46 -6.69
C VAL A 295 33.34 -25.94 -6.47
N GLU A 296 32.75 -26.50 -5.42
CA GLU A 296 32.93 -27.91 -5.10
C GLU A 296 31.90 -28.74 -5.87
N LYS A 297 31.99 -30.06 -5.73
CA LYS A 297 31.09 -30.95 -6.45
C LYS A 297 29.66 -30.76 -5.96
N GLY A 298 28.71 -31.05 -6.83
CA GLY A 298 27.30 -30.95 -6.54
C GLY A 298 26.54 -30.50 -7.75
N ILE A 299 25.28 -30.13 -7.52
CA ILE A 299 24.40 -29.63 -8.57
C ILE A 299 23.86 -28.27 -8.14
N TYR A 300 23.88 -27.31 -9.04
CA TYR A 300 23.42 -25.95 -8.75
C TYR A 300 22.48 -25.48 -9.83
N GLN A 301 21.57 -24.59 -9.44
CA GLN A 301 20.62 -23.98 -10.37
C GLN A 301 21.08 -22.59 -10.75
N THR A 302 20.99 -22.27 -12.04
CA THR A 302 21.56 -21.04 -12.58
C THR A 302 20.50 -20.05 -13.02
N SER A 303 19.58 -20.45 -13.89
CA SER A 303 18.60 -19.52 -14.44
C SER A 303 17.37 -20.30 -14.90
N ASN A 304 16.52 -19.66 -15.68
CA ASN A 304 15.32 -20.26 -16.22
C ASN A 304 15.42 -20.32 -17.75
N PHE A 305 14.40 -20.91 -18.36
CA PHE A 305 14.38 -21.13 -19.80
C PHE A 305 12.94 -21.07 -20.29
N ARG A 306 12.69 -20.22 -21.28
CA ARG A 306 11.35 -20.02 -21.82
C ARG A 306 11.42 -19.90 -23.32
N VAL A 307 10.33 -20.30 -23.99
CA VAL A 307 10.24 -20.27 -25.44
C VAL A 307 9.33 -19.12 -25.86
N GLN A 308 9.78 -18.34 -26.87
CA GLN A 308 9.05 -17.17 -27.30
C GLN A 308 8.14 -17.50 -28.48
N PRO A 309 7.00 -16.82 -28.59
CA PRO A 309 6.09 -17.05 -29.71
C PRO A 309 6.60 -16.37 -30.98
N THR A 310 6.06 -16.82 -32.11
CA THR A 310 6.46 -16.32 -33.42
C THR A 310 5.31 -15.66 -34.18
N GLU A 311 4.19 -16.34 -34.35
CA GLU A 311 3.09 -15.86 -35.18
C GLU A 311 2.01 -15.22 -34.33
N SER A 312 1.07 -14.55 -35.01
CA SER A 312 0.01 -13.79 -34.37
C SER A 312 -1.34 -14.06 -35.04
N ILE A 313 -1.68 -15.34 -35.21
CA ILE A 313 -2.92 -15.69 -35.90
C ILE A 313 -4.10 -15.04 -35.19
N VAL A 314 -5.00 -14.46 -36.00
CA VAL A 314 -6.00 -13.51 -35.51
C VAL A 314 -7.41 -13.90 -35.96
N ARG A 315 -7.68 -15.20 -36.09
CA ARG A 315 -8.94 -15.68 -36.64
C ARG A 315 -10.16 -15.05 -35.97
N PHE A 316 -11.06 -14.53 -36.82
CA PHE A 316 -12.32 -13.86 -36.47
C PHE A 316 -13.51 -14.56 -37.13
N PRO A 317 -14.77 -14.07 -36.90
CA PRO A 317 -15.95 -14.66 -37.56
C PRO A 317 -15.84 -14.87 -39.07
N ASN A 318 -16.81 -15.59 -39.64
CA ASN A 318 -16.59 -16.35 -40.86
C ASN A 318 -16.65 -15.47 -42.11
N ILE A 319 -17.74 -14.74 -42.31
CA ILE A 319 -17.90 -13.90 -43.49
C ILE A 319 -18.80 -12.72 -43.14
N THR A 320 -18.52 -11.57 -43.74
CA THR A 320 -19.44 -10.45 -43.68
C THR A 320 -20.60 -10.71 -44.65
N ASN A 321 -21.83 -10.53 -44.18
CA ASN A 321 -22.99 -10.99 -44.95
C ASN A 321 -23.34 -10.03 -46.08
N LEU A 322 -23.80 -8.81 -45.73
CA LEU A 322 -24.31 -7.87 -46.72
C LEU A 322 -24.76 -6.56 -46.09
N CYS A 323 -24.74 -5.47 -46.86
CA CYS A 323 -25.46 -4.25 -46.55
C CYS A 323 -25.69 -3.47 -47.84
N PRO A 324 -26.95 -3.11 -48.14
CA PRO A 324 -27.27 -2.55 -49.46
C PRO A 324 -26.89 -1.09 -49.63
N PHE A 325 -26.03 -0.56 -48.75
CA PHE A 325 -25.66 0.85 -48.83
C PHE A 325 -25.08 1.20 -50.19
N GLY A 326 -24.27 0.31 -50.76
CA GLY A 326 -23.72 0.55 -52.08
C GLY A 326 -24.79 0.68 -53.14
N GLU A 327 -25.85 -0.13 -53.03
CA GLU A 327 -26.98 -0.01 -53.94
C GLU A 327 -27.63 1.37 -53.85
N VAL A 328 -27.56 2.00 -52.68
CA VAL A 328 -28.08 3.36 -52.56
C VAL A 328 -27.26 4.32 -53.40
N PHE A 329 -25.95 4.08 -53.51
CA PHE A 329 -25.09 4.97 -54.27
C PHE A 329 -25.32 4.81 -55.77
N ASN A 330 -25.20 3.58 -56.25
CA ASN A 330 -25.35 3.25 -57.67
C ASN A 330 -26.81 2.83 -57.89
N ALA A 331 -27.66 3.84 -58.02
CA ALA A 331 -29.09 3.67 -58.30
C ALA A 331 -29.43 4.40 -59.60
N THR A 332 -30.72 4.49 -59.91
CA THR A 332 -31.14 5.08 -61.17
C THR A 332 -32.15 6.22 -61.00
N ARG A 333 -32.98 6.16 -59.96
CA ARG A 333 -34.05 7.14 -59.76
C ARG A 333 -33.73 7.99 -58.55
N PHE A 334 -33.69 9.30 -58.74
CA PHE A 334 -33.32 10.25 -57.70
C PHE A 334 -34.25 11.44 -57.72
N ALA A 335 -34.42 12.07 -56.57
CA ALA A 335 -35.24 13.27 -56.42
C ALA A 335 -34.34 14.50 -56.49
N SER A 336 -34.92 15.66 -56.18
CA SER A 336 -34.22 16.92 -56.19
C SER A 336 -33.81 17.31 -54.77
N VAL A 337 -33.27 18.53 -54.63
CA VAL A 337 -32.86 18.99 -53.31
C VAL A 337 -34.05 19.20 -52.40
N TYR A 338 -35.22 19.51 -52.98
CA TYR A 338 -36.41 19.75 -52.16
C TYR A 338 -36.81 18.51 -51.38
N ALA A 339 -36.77 17.34 -52.02
CA ALA A 339 -37.11 16.09 -51.37
C ALA A 339 -35.86 15.56 -50.67
N TRP A 340 -35.66 16.00 -49.43
CA TRP A 340 -34.52 15.59 -48.64
C TRP A 340 -34.71 14.14 -48.21
N ASN A 341 -33.89 13.25 -48.76
CA ASN A 341 -33.97 11.84 -48.42
C ASN A 341 -33.25 11.56 -47.11
N ARG A 342 -33.87 10.76 -46.26
CA ARG A 342 -33.28 10.31 -45.00
C ARG A 342 -33.42 8.79 -44.94
N LYS A 343 -32.36 8.08 -45.33
CA LYS A 343 -32.37 6.62 -45.40
C LYS A 343 -31.57 6.07 -44.23
N ARG A 344 -32.26 5.50 -43.25
CA ARG A 344 -31.62 4.95 -42.06
C ARG A 344 -31.38 3.46 -42.26
N ILE A 345 -30.13 3.04 -42.09
CA ILE A 345 -29.72 1.65 -42.22
C ILE A 345 -28.99 1.22 -40.96
N SER A 346 -29.32 0.03 -40.46
CA SER A 346 -28.67 -0.52 -39.28
C SER A 346 -28.49 -2.02 -39.51
N ASN A 347 -28.15 -2.73 -38.43
CA ASN A 347 -27.89 -4.17 -38.42
C ASN A 347 -27.12 -4.61 -39.67
N CYS A 348 -25.95 -3.99 -39.84
CA CYS A 348 -25.10 -4.22 -41.00
C CYS A 348 -23.65 -4.41 -40.57
N VAL A 349 -22.88 -5.00 -41.47
CA VAL A 349 -21.43 -4.89 -41.50
C VAL A 349 -21.06 -4.37 -42.88
N ALA A 350 -20.43 -3.21 -42.94
CA ALA A 350 -20.30 -2.44 -44.17
C ALA A 350 -18.84 -2.25 -44.53
N ASP A 351 -18.51 -2.47 -45.80
CA ASP A 351 -17.17 -2.24 -46.30
C ASP A 351 -16.97 -0.76 -46.61
N TYR A 352 -15.92 -0.17 -46.05
CA TYR A 352 -15.64 1.25 -46.24
C TYR A 352 -14.43 1.51 -47.12
N SER A 353 -13.51 0.55 -47.25
CA SER A 353 -12.34 0.75 -48.08
C SER A 353 -12.67 0.89 -49.56
N VAL A 354 -13.83 0.39 -49.99
CA VAL A 354 -14.22 0.52 -51.38
C VAL A 354 -14.48 1.98 -51.74
N LEU A 355 -14.94 2.78 -50.78
CA LEU A 355 -15.19 4.19 -51.06
C LEU A 355 -13.88 4.97 -51.24
N TYR A 356 -12.83 4.58 -50.52
CA TYR A 356 -11.55 5.26 -50.67
C TYR A 356 -10.89 4.96 -52.01
N ASN A 357 -11.27 3.87 -52.67
CA ASN A 357 -10.72 3.49 -53.97
C ASN A 357 -11.88 2.99 -54.82
N SER A 358 -12.51 3.91 -55.58
CA SER A 358 -13.68 3.58 -56.37
C SER A 358 -13.49 3.97 -57.82
N ALA A 359 -14.57 3.92 -58.60
CA ALA A 359 -14.47 4.17 -60.03
C ALA A 359 -14.47 5.67 -60.35
N SER A 360 -15.56 6.37 -60.03
CA SER A 360 -15.74 7.75 -60.45
C SER A 360 -16.32 8.59 -59.32
N PHE A 361 -15.72 8.48 -58.13
CA PHE A 361 -16.18 9.26 -56.99
C PHE A 361 -15.38 10.56 -56.83
N SER A 362 -14.06 10.44 -56.72
CA SER A 362 -13.15 11.58 -56.72
C SER A 362 -13.35 12.52 -55.54
N THR A 363 -14.46 13.26 -55.51
CA THR A 363 -14.62 14.32 -54.52
C THR A 363 -14.92 13.76 -53.13
N PHE A 364 -13.94 13.13 -52.51
CA PHE A 364 -14.09 12.56 -51.17
C PHE A 364 -13.96 13.70 -50.15
N LYS A 365 -15.08 14.11 -49.58
CA LYS A 365 -15.13 15.26 -48.67
C LYS A 365 -15.67 14.81 -47.31
N CYS A 366 -14.77 14.36 -46.44
CA CYS A 366 -15.10 14.10 -45.05
C CYS A 366 -14.73 15.32 -44.20
N TYR A 367 -15.50 15.53 -43.14
CA TYR A 367 -15.24 16.62 -42.22
C TYR A 367 -14.18 16.17 -41.21
N GLY A 368 -14.08 16.89 -40.09
CA GLY A 368 -12.98 16.66 -39.17
C GLY A 368 -13.04 15.34 -38.43
N VAL A 369 -13.12 14.25 -39.19
CA VAL A 369 -12.96 12.90 -38.69
C VAL A 369 -11.90 12.22 -39.56
N SER A 370 -10.91 11.61 -38.93
CA SER A 370 -9.80 11.03 -39.67
C SER A 370 -10.31 9.92 -40.58
N PRO A 371 -9.94 9.92 -41.86
CA PRO A 371 -10.54 8.93 -42.79
C PRO A 371 -10.10 7.51 -42.52
N THR A 372 -8.90 7.30 -42.00
CA THR A 372 -8.36 5.95 -41.90
C THR A 372 -9.01 5.13 -40.79
N LYS A 373 -9.25 5.73 -39.63
CA LYS A 373 -9.66 4.95 -38.47
C LYS A 373 -11.17 4.71 -38.39
N LEU A 374 -11.94 5.18 -39.36
CA LEU A 374 -13.38 4.95 -39.34
C LEU A 374 -13.80 3.67 -40.04
N ASN A 375 -12.88 2.98 -40.72
CA ASN A 375 -13.23 1.73 -41.38
C ASN A 375 -13.46 0.61 -40.38
N ASP A 376 -12.70 0.60 -39.28
CA ASP A 376 -12.84 -0.41 -38.24
C ASP A 376 -13.65 0.08 -37.05
N LEU A 377 -14.44 1.14 -37.24
CA LEU A 377 -15.29 1.69 -36.18
C LEU A 377 -16.68 1.07 -36.25
N CYS A 378 -17.43 1.23 -35.16
CA CYS A 378 -18.75 0.63 -35.02
C CYS A 378 -19.71 1.68 -34.47
N PHE A 379 -20.64 2.13 -35.31
CA PHE A 379 -21.64 3.13 -34.94
C PHE A 379 -23.03 2.60 -35.23
N THR A 380 -24.02 3.14 -34.52
CA THR A 380 -25.35 2.54 -34.52
C THR A 380 -26.06 2.72 -35.85
N ASN A 381 -26.06 3.94 -36.39
CA ASN A 381 -26.91 4.26 -37.53
C ASN A 381 -26.13 5.00 -38.61
N VAL A 382 -26.64 4.91 -39.84
CA VAL A 382 -26.13 5.67 -40.97
C VAL A 382 -27.31 6.24 -41.73
N TYR A 383 -27.08 7.38 -42.38
CA TYR A 383 -28.11 8.07 -43.14
C TYR A 383 -27.59 8.41 -44.53
N ALA A 384 -28.47 8.36 -45.52
CA ALA A 384 -28.10 8.54 -46.91
C ALA A 384 -29.11 9.41 -47.63
N ASP A 385 -28.68 9.97 -48.76
CA ASP A 385 -29.52 10.83 -49.59
C ASP A 385 -28.92 10.91 -50.98
N SER A 386 -29.75 11.33 -51.94
CA SER A 386 -29.28 11.49 -53.31
C SER A 386 -30.16 12.51 -54.02
N PHE A 387 -29.53 13.45 -54.70
CA PHE A 387 -30.21 14.56 -55.38
C PHE A 387 -29.20 15.21 -56.33
N VAL A 388 -29.57 16.36 -56.87
CA VAL A 388 -28.77 17.07 -57.86
C VAL A 388 -28.46 18.46 -57.34
N ILE A 389 -27.21 18.89 -57.45
CA ILE A 389 -26.74 20.11 -56.81
C ILE A 389 -26.20 21.15 -57.78
N ARG A 390 -26.11 20.86 -59.08
CA ARG A 390 -25.64 21.81 -60.09
C ARG A 390 -24.22 22.30 -59.77
N GLY A 391 -23.28 21.37 -59.81
CA GLY A 391 -21.87 21.72 -59.81
C GLY A 391 -21.39 22.55 -58.64
N ASP A 392 -21.17 23.85 -58.89
CA ASP A 392 -20.51 24.74 -57.94
C ASP A 392 -21.08 24.66 -56.53
N GLU A 393 -22.37 24.34 -56.38
CA GLU A 393 -22.96 24.27 -55.05
C GLU A 393 -22.33 23.19 -54.17
N VAL A 394 -21.29 22.51 -54.67
CA VAL A 394 -20.48 21.64 -53.82
C VAL A 394 -19.85 22.45 -52.68
N ARG A 395 -19.59 23.74 -52.90
CA ARG A 395 -18.95 24.51 -51.83
C ARG A 395 -19.87 24.72 -50.64
N GLN A 396 -21.16 24.48 -50.80
CA GLN A 396 -22.16 24.81 -49.80
C GLN A 396 -22.38 23.69 -48.78
N ILE A 397 -21.77 22.53 -48.97
CA ILE A 397 -21.82 21.46 -47.96
C ILE A 397 -20.67 21.75 -47.01
N ALA A 398 -20.92 22.64 -46.05
CA ALA A 398 -19.92 23.10 -45.11
C ALA A 398 -20.55 23.21 -43.73
N PRO A 399 -19.75 23.12 -42.67
CA PRO A 399 -20.31 23.26 -41.32
C PRO A 399 -20.73 24.68 -41.00
N GLY A 400 -21.84 25.12 -41.61
CA GLY A 400 -22.42 26.40 -41.28
C GLY A 400 -22.32 27.45 -42.38
N GLN A 401 -23.39 27.58 -43.17
CA GLN A 401 -23.51 28.60 -44.20
C GLN A 401 -24.99 28.91 -44.35
N THR A 402 -25.27 30.08 -44.95
CA THR A 402 -26.65 30.48 -45.15
C THR A 402 -26.93 31.15 -46.50
N GLY A 403 -25.94 31.24 -47.39
CA GLY A 403 -26.16 31.91 -48.65
C GLY A 403 -27.12 31.16 -49.56
N LYS A 404 -27.02 29.84 -49.60
CA LYS A 404 -27.79 29.01 -50.51
C LYS A 404 -28.04 27.67 -49.84
N ILE A 405 -28.29 26.63 -50.64
CA ILE A 405 -28.90 25.37 -50.20
C ILE A 405 -28.18 24.75 -49.01
N ALA A 406 -27.03 25.31 -48.63
CA ALA A 406 -26.44 25.02 -47.34
C ALA A 406 -27.51 25.10 -46.26
N ASP A 407 -28.38 26.10 -46.36
CA ASP A 407 -29.63 26.15 -45.60
C ASP A 407 -30.85 26.39 -46.46
N TYR A 408 -30.69 26.88 -47.69
CA TYR A 408 -31.81 27.25 -48.55
C TYR A 408 -32.64 26.03 -48.93
N ASN A 409 -32.01 24.87 -49.07
CA ASN A 409 -32.71 23.63 -49.38
C ASN A 409 -31.84 22.47 -48.94
N TYR A 410 -32.38 21.58 -48.10
CA TYR A 410 -31.61 20.53 -47.42
C TYR A 410 -30.51 21.16 -46.55
N LYS A 411 -30.97 21.79 -45.48
CA LYS A 411 -30.09 22.41 -44.50
C LYS A 411 -29.04 21.41 -44.00
N LEU A 412 -27.76 21.78 -44.12
CA LEU A 412 -26.67 20.98 -43.57
C LEU A 412 -26.23 21.57 -42.25
N PRO A 413 -26.50 20.91 -41.12
CA PRO A 413 -26.11 21.47 -39.83
C PRO A 413 -24.60 21.54 -39.66
N ASP A 414 -24.16 22.51 -38.88
CA ASP A 414 -22.75 22.63 -38.53
C ASP A 414 -22.38 21.62 -37.45
N ASP A 415 -21.09 21.33 -37.35
CA ASP A 415 -20.55 20.34 -36.40
C ASP A 415 -21.20 18.97 -36.64
N PHE A 416 -21.53 18.70 -37.89
CA PHE A 416 -22.17 17.46 -38.31
C PHE A 416 -21.19 16.66 -39.15
N THR A 417 -20.76 15.51 -38.66
CA THR A 417 -19.69 14.74 -39.29
C THR A 417 -20.03 14.44 -40.74
N GLY A 418 -21.03 13.60 -40.96
CA GLY A 418 -21.67 13.44 -42.26
C GLY A 418 -20.78 13.46 -43.48
N CYS A 419 -19.87 12.50 -43.61
CA CYS A 419 -19.02 12.42 -44.79
C CYS A 419 -19.84 12.47 -46.07
N VAL A 420 -19.53 13.45 -46.92
CA VAL A 420 -20.30 13.74 -48.12
C VAL A 420 -19.39 13.57 -49.32
N ILE A 421 -19.88 12.89 -50.36
CA ILE A 421 -19.09 12.64 -51.55
C ILE A 421 -19.98 12.79 -52.78
N ALA A 422 -19.46 13.48 -53.78
CA ALA A 422 -20.16 13.75 -55.04
C ALA A 422 -19.43 13.08 -56.19
N TRP A 423 -19.95 13.30 -57.40
CA TRP A 423 -19.30 12.79 -58.60
C TRP A 423 -19.81 13.57 -59.81
N ASN A 424 -19.05 13.48 -60.90
CA ASN A 424 -19.46 14.12 -62.14
C ASN A 424 -20.69 13.42 -62.72
N SER A 425 -21.56 14.19 -63.35
CA SER A 425 -22.77 13.66 -63.96
C SER A 425 -23.01 14.42 -65.27
N ASN A 426 -22.58 13.81 -66.38
CA ASN A 426 -22.70 14.43 -67.70
C ASN A 426 -23.75 13.78 -68.58
N ASN A 427 -24.07 12.50 -68.33
CA ASN A 427 -25.07 11.79 -69.12
C ASN A 427 -26.42 11.72 -68.40
N LEU A 428 -26.44 11.27 -67.15
CA LEU A 428 -27.67 11.31 -66.38
C LEU A 428 -28.14 12.74 -66.16
N ASP A 429 -27.21 13.64 -65.82
CA ASP A 429 -27.50 15.05 -65.68
C ASP A 429 -27.04 15.80 -66.93
N SER A 430 -27.40 17.08 -66.99
CA SER A 430 -27.12 17.91 -68.16
C SER A 430 -27.66 17.27 -69.44
N LYS A 431 -28.87 16.73 -69.35
CA LYS A 431 -29.48 16.02 -70.47
C LYS A 431 -29.86 17.00 -71.58
N VAL A 432 -30.16 16.43 -72.74
CA VAL A 432 -30.58 17.23 -73.88
C VAL A 432 -31.92 17.88 -73.60
N GLY A 433 -32.06 19.14 -74.00
CA GLY A 433 -33.28 19.88 -73.77
C GLY A 433 -33.43 20.39 -72.35
N GLY A 434 -33.38 19.47 -71.38
CA GLY A 434 -33.52 19.85 -69.99
C GLY A 434 -34.68 19.17 -69.30
N ASN A 435 -34.39 18.32 -68.32
CA ASN A 435 -35.43 17.63 -67.56
C ASN A 435 -35.87 18.54 -66.41
N TYR A 436 -36.83 19.41 -66.71
CA TYR A 436 -37.32 20.39 -65.75
C TYR A 436 -38.17 19.76 -64.64
N ASN A 437 -38.29 18.44 -64.56
CA ASN A 437 -39.07 17.81 -63.50
C ASN A 437 -38.44 18.06 -62.13
N TYR A 438 -37.13 18.23 -62.08
CA TYR A 438 -36.45 18.54 -60.83
C TYR A 438 -36.71 20.00 -60.45
N LEU A 439 -36.89 20.24 -59.16
CA LEU A 439 -37.24 21.56 -58.65
C LEU A 439 -36.39 21.89 -57.44
N TYR A 440 -35.91 23.14 -57.37
CA TYR A 440 -35.21 23.62 -56.19
C TYR A 440 -35.96 24.82 -55.61
N ARG A 441 -35.61 25.14 -54.37
CA ARG A 441 -36.45 26.01 -53.54
C ARG A 441 -36.66 27.38 -54.16
N LEU A 442 -37.88 27.89 -54.03
CA LEU A 442 -38.24 29.22 -54.51
C LEU A 442 -37.63 30.30 -53.62
N PHE A 443 -38.05 30.35 -52.35
CA PHE A 443 -37.51 31.31 -51.41
C PHE A 443 -37.23 30.74 -50.02
N ARG A 444 -37.73 29.56 -49.70
CA ARG A 444 -37.60 28.94 -48.38
C ARG A 444 -38.18 29.85 -47.29
N LYS A 445 -39.50 30.02 -47.37
CA LYS A 445 -40.23 30.68 -46.30
C LYS A 445 -40.35 29.82 -45.05
N SER A 446 -39.76 28.62 -45.06
CA SER A 446 -39.81 27.75 -43.89
C SER A 446 -38.87 28.21 -42.77
N ASN A 447 -37.78 28.90 -43.13
CA ASN A 447 -36.80 29.40 -42.15
C ASN A 447 -36.25 28.26 -41.30
N LEU A 448 -35.51 27.39 -41.98
CA LEU A 448 -35.07 26.13 -41.40
C LEU A 448 -34.10 26.35 -40.24
N LYS A 449 -33.79 25.24 -39.58
CA LYS A 449 -32.83 25.13 -38.49
C LYS A 449 -31.94 23.93 -38.80
N PRO A 450 -30.73 23.88 -38.23
CA PRO A 450 -29.93 22.65 -38.33
C PRO A 450 -30.73 21.38 -38.09
N PHE A 451 -30.62 20.43 -39.02
CA PHE A 451 -31.41 19.19 -39.01
C PHE A 451 -32.91 19.49 -39.07
N GLU A 452 -33.32 20.10 -40.18
CA GLU A 452 -34.73 20.36 -40.42
C GLU A 452 -35.01 20.23 -41.92
N ARG A 453 -36.28 19.98 -42.24
CA ARG A 453 -36.72 19.76 -43.62
C ARG A 453 -37.64 20.89 -44.05
N ASP A 454 -37.36 21.48 -45.20
CA ASP A 454 -38.19 22.53 -45.77
C ASP A 454 -39.18 21.88 -46.73
N ILE A 455 -40.41 21.68 -46.25
CA ILE A 455 -41.47 21.05 -47.03
C ILE A 455 -42.61 22.06 -47.10
N SER A 456 -42.62 22.86 -48.16
CA SER A 456 -43.61 23.93 -48.36
C SER A 456 -44.42 23.59 -49.59
N THR A 457 -45.51 22.86 -49.40
CA THR A 457 -46.41 22.51 -50.49
C THR A 457 -47.54 23.52 -50.65
N GLU A 458 -47.16 24.80 -50.73
CA GLU A 458 -48.10 25.89 -50.92
C GLU A 458 -47.32 27.10 -51.42
N ILE A 459 -47.96 28.26 -51.45
CA ILE A 459 -47.40 29.46 -52.06
C ILE A 459 -47.48 30.63 -51.09
N TYR A 460 -46.60 31.61 -51.31
CA TYR A 460 -46.44 32.77 -50.46
C TYR A 460 -47.59 33.75 -50.66
N GLN A 461 -47.81 34.57 -49.63
CA GLN A 461 -48.67 35.75 -49.72
C GLN A 461 -48.04 36.83 -48.86
N ALA A 462 -47.74 37.99 -49.44
CA ALA A 462 -46.87 38.94 -48.75
C ALA A 462 -47.59 39.63 -47.60
N GLY A 463 -48.53 40.52 -47.90
CA GLY A 463 -49.37 41.05 -46.85
C GLY A 463 -50.83 41.27 -47.17
N SER A 464 -51.17 41.31 -48.46
CA SER A 464 -52.48 41.79 -48.88
C SER A 464 -53.25 40.79 -49.73
N THR A 465 -52.62 40.21 -50.75
CA THR A 465 -53.37 39.53 -51.81
C THR A 465 -53.43 38.04 -51.51
N PRO A 466 -54.61 37.48 -51.22
CA PRO A 466 -54.74 36.02 -51.18
C PRO A 466 -54.57 35.44 -52.58
N CYS A 467 -54.05 34.21 -52.63
CA CYS A 467 -53.73 33.57 -53.89
C CYS A 467 -54.25 32.14 -53.89
N ASN A 468 -55.49 31.98 -53.44
CA ASN A 468 -56.14 30.67 -53.38
C ASN A 468 -56.84 30.41 -54.71
N GLY A 469 -56.07 29.89 -55.66
CA GLY A 469 -56.61 29.62 -56.98
C GLY A 469 -56.81 30.84 -57.85
N VAL A 470 -56.17 31.96 -57.52
CA VAL A 470 -56.28 33.19 -58.29
C VAL A 470 -54.89 33.70 -58.62
N GLU A 471 -54.78 34.42 -59.72
CA GLU A 471 -53.51 35.01 -60.14
C GLU A 471 -53.18 36.16 -59.20
N GLY A 472 -52.32 35.91 -58.23
CA GLY A 472 -51.90 36.93 -57.29
C GLY A 472 -50.58 37.54 -57.73
N PHE A 473 -50.55 38.88 -57.79
CA PHE A 473 -49.36 39.57 -58.25
C PHE A 473 -48.24 39.56 -57.23
N ASN A 474 -48.55 39.34 -55.95
CA ASN A 474 -47.54 39.24 -54.91
C ASN A 474 -47.45 37.84 -54.30
N CYS A 475 -48.30 36.91 -54.73
CA CYS A 475 -48.29 35.58 -54.12
C CYS A 475 -47.19 34.69 -54.67
N TYR A 476 -46.45 35.14 -55.68
CA TYR A 476 -45.36 34.37 -56.29
C TYR A 476 -45.94 33.06 -56.83
N PHE A 477 -45.14 32.01 -56.88
CA PHE A 477 -45.53 30.75 -57.48
C PHE A 477 -44.68 29.65 -56.87
N PRO A 478 -45.03 28.36 -57.07
CA PRO A 478 -44.25 27.28 -56.48
C PRO A 478 -42.82 27.19 -57.01
N LEU A 479 -42.08 26.19 -56.55
CA LEU A 479 -40.66 26.07 -56.85
C LEU A 479 -40.40 26.08 -58.35
N GLN A 480 -39.37 26.80 -58.75
CA GLN A 480 -38.96 26.84 -60.15
C GLN A 480 -38.27 25.54 -60.53
N SER A 481 -38.27 25.25 -61.83
CA SER A 481 -37.80 23.96 -62.34
C SER A 481 -36.28 23.94 -62.42
N TYR A 482 -35.74 22.91 -63.07
CA TYR A 482 -34.31 22.68 -63.15
C TYR A 482 -33.85 22.75 -64.60
N GLY A 483 -32.90 23.64 -64.87
CA GLY A 483 -32.37 23.85 -66.20
C GLY A 483 -31.24 22.91 -66.60
N PHE A 484 -31.58 21.67 -66.97
CA PHE A 484 -30.58 20.69 -67.39
C PHE A 484 -30.06 21.09 -68.77
N GLN A 485 -29.11 22.02 -68.77
CA GLN A 485 -28.52 22.47 -70.03
C GLN A 485 -27.72 21.33 -70.67
N PRO A 486 -27.75 21.21 -72.00
CA PRO A 486 -27.10 20.06 -72.64
C PRO A 486 -25.61 19.96 -72.36
N THR A 487 -24.86 20.99 -72.74
CA THR A 487 -23.40 21.01 -72.58
C THR A 487 -22.99 22.44 -72.27
N ASN A 488 -22.67 22.70 -71.00
CA ASN A 488 -22.27 24.03 -70.57
C ASN A 488 -21.27 23.88 -69.43
N GLY A 489 -20.90 25.00 -68.81
CA GLY A 489 -19.91 25.02 -67.76
C GLY A 489 -20.47 24.56 -66.43
N VAL A 490 -19.66 24.74 -65.39
CA VAL A 490 -20.01 24.29 -64.04
C VAL A 490 -21.26 25.00 -63.54
N GLY A 491 -21.55 26.20 -64.03
CA GLY A 491 -22.80 26.86 -63.70
C GLY A 491 -24.02 26.16 -64.23
N TYR A 492 -23.86 25.33 -65.27
CA TYR A 492 -24.94 24.51 -65.81
C TYR A 492 -24.54 23.05 -65.93
N GLN A 493 -23.55 22.61 -65.15
CA GLN A 493 -23.13 21.23 -65.13
C GLN A 493 -23.63 20.58 -63.84
N PRO A 494 -24.77 19.91 -63.85
CA PRO A 494 -25.31 19.34 -62.62
C PRO A 494 -24.44 18.23 -62.06
N TYR A 495 -24.47 18.11 -60.73
CA TYR A 495 -23.70 17.09 -60.03
C TYR A 495 -24.63 16.32 -59.11
N ARG A 496 -24.29 15.05 -58.87
CA ARG A 496 -25.05 14.17 -57.99
C ARG A 496 -24.19 13.84 -56.79
N VAL A 497 -24.75 14.03 -55.59
CA VAL A 497 -23.99 13.92 -54.35
C VAL A 497 -24.76 13.02 -53.38
N VAL A 498 -24.01 12.41 -52.46
CA VAL A 498 -24.55 11.56 -51.41
C VAL A 498 -23.86 11.90 -50.10
N VAL A 499 -24.54 11.60 -48.98
CA VAL A 499 -24.02 11.86 -47.65
C VAL A 499 -24.17 10.60 -46.80
N LEU A 500 -23.21 10.39 -45.91
CA LEU A 500 -23.26 9.28 -44.96
C LEU A 500 -23.07 9.84 -43.55
N SER A 501 -24.14 9.85 -42.77
CA SER A 501 -24.13 10.39 -41.43
C SER A 501 -23.87 9.29 -40.40
N PHE A 502 -23.39 9.70 -39.23
CA PHE A 502 -23.11 8.77 -38.14
C PHE A 502 -23.59 9.36 -36.83
N GLU A 503 -24.11 8.49 -35.96
CA GLU A 503 -24.58 8.90 -34.64
C GLU A 503 -24.47 7.71 -33.69
N LEU A 504 -23.80 7.92 -32.55
CA LEU A 504 -23.57 6.82 -31.63
C LEU A 504 -24.76 6.59 -30.71
N LEU A 505 -25.10 7.58 -29.89
CA LEU A 505 -26.17 7.47 -28.89
C LEU A 505 -25.83 6.33 -27.92
N HIS A 506 -26.76 5.94 -27.07
CA HIS A 506 -26.58 4.82 -26.15
C HIS A 506 -27.38 3.64 -26.68
N ALA A 507 -26.69 2.66 -27.25
CA ALA A 507 -27.34 1.54 -27.92
C ALA A 507 -26.32 0.41 -28.04
N PRO A 508 -26.77 -0.81 -28.33
CA PRO A 508 -25.82 -1.92 -28.51
C PRO A 508 -24.81 -1.71 -29.62
N ALA A 509 -25.11 -0.88 -30.62
CA ALA A 509 -24.17 -0.50 -31.68
C ALA A 509 -23.68 -1.74 -32.43
N THR A 510 -24.61 -2.36 -33.16
CA THR A 510 -24.35 -3.60 -33.89
C THR A 510 -24.19 -3.34 -35.39
N VAL A 511 -23.54 -2.23 -35.74
CA VAL A 511 -23.16 -1.94 -37.12
C VAL A 511 -21.67 -1.61 -37.11
N CYS A 512 -20.84 -2.63 -37.31
CA CYS A 512 -19.39 -2.50 -37.24
C CYS A 512 -18.78 -2.58 -38.64
N GLY A 513 -17.46 -2.60 -38.71
CA GLY A 513 -16.75 -2.70 -39.96
C GLY A 513 -16.17 -4.09 -40.19
N PRO A 514 -15.61 -4.32 -41.38
CA PRO A 514 -15.05 -5.64 -41.68
C PRO A 514 -13.79 -5.92 -40.87
N LYS A 515 -13.51 -7.20 -40.68
CA LYS A 515 -12.35 -7.64 -39.93
C LYS A 515 -11.56 -8.67 -40.74
N LYS A 516 -10.24 -8.65 -40.57
CA LYS A 516 -9.35 -9.53 -41.31
C LYS A 516 -9.27 -10.90 -40.64
N SER A 517 -8.55 -11.81 -41.28
CA SER A 517 -8.39 -13.16 -40.76
C SER A 517 -7.17 -13.80 -41.43
N THR A 518 -6.16 -14.12 -40.63
CA THR A 518 -4.95 -14.76 -41.14
C THR A 518 -5.04 -16.27 -40.95
N ASN A 519 -4.22 -16.98 -41.74
CA ASN A 519 -4.23 -18.44 -41.69
C ASN A 519 -3.66 -18.93 -40.36
N LEU A 520 -4.11 -20.11 -39.96
CA LEU A 520 -3.72 -20.68 -38.68
C LEU A 520 -2.46 -21.52 -38.81
N VAL A 521 -1.84 -21.81 -37.66
CA VAL A 521 -0.68 -22.69 -37.57
C VAL A 521 -0.91 -23.69 -36.45
N LYS A 522 -0.20 -24.81 -36.52
CA LYS A 522 -0.34 -25.87 -35.53
C LYS A 522 1.04 -26.36 -35.13
N ASN A 523 1.11 -26.94 -33.93
CA ASN A 523 2.34 -27.51 -33.38
C ASN A 523 3.47 -26.49 -33.35
N LYS A 524 3.16 -25.27 -32.91
CA LYS A 524 4.16 -24.20 -32.85
C LYS A 524 3.70 -23.18 -31.82
N CYS A 525 4.54 -22.91 -30.83
CA CYS A 525 4.19 -21.92 -29.81
C CYS A 525 4.01 -20.56 -30.45
N VAL A 526 2.77 -20.09 -30.52
CA VAL A 526 2.45 -18.85 -31.22
C VAL A 526 1.49 -18.02 -30.36
N ASN A 527 1.37 -16.76 -30.72
CA ASN A 527 0.41 -15.85 -30.09
C ASN A 527 -0.92 -15.95 -30.83
N PHE A 528 -1.99 -16.26 -30.10
CA PHE A 528 -3.31 -16.39 -30.69
C PHE A 528 -4.22 -15.28 -30.16
N ASN A 529 -5.05 -14.77 -31.06
CA ASN A 529 -5.97 -13.66 -30.80
C ASN A 529 -7.37 -14.01 -31.31
N PHE A 530 -7.87 -15.18 -30.92
CA PHE A 530 -9.23 -15.56 -31.23
C PHE A 530 -10.20 -14.53 -30.65
N ASN A 531 -11.48 -14.66 -31.03
CA ASN A 531 -12.50 -13.70 -30.60
C ASN A 531 -12.46 -13.50 -29.10
N GLY A 532 -12.10 -12.29 -28.67
CA GLY A 532 -11.98 -12.00 -27.25
C GLY A 532 -10.71 -12.54 -26.62
N LEU A 533 -10.42 -13.82 -26.86
CA LEU A 533 -9.30 -14.48 -26.20
C LEU A 533 -7.98 -14.01 -26.79
N THR A 534 -7.05 -13.63 -25.92
CA THR A 534 -5.70 -13.28 -26.32
C THR A 534 -4.73 -14.06 -25.45
N GLY A 535 -3.75 -14.72 -26.07
CA GLY A 535 -2.81 -15.48 -25.28
C GLY A 535 -1.70 -16.04 -26.14
N THR A 536 -0.88 -16.87 -25.51
CA THR A 536 0.23 -17.55 -26.18
C THR A 536 0.18 -19.02 -25.86
N GLY A 537 0.56 -19.85 -26.83
CA GLY A 537 0.58 -21.28 -26.60
C GLY A 537 0.65 -22.05 -27.90
N VAL A 538 0.61 -23.36 -27.77
CA VAL A 538 0.67 -24.28 -28.90
C VAL A 538 -0.74 -24.79 -29.17
N LEU A 539 -1.22 -24.58 -30.40
CA LEU A 539 -2.57 -24.96 -30.79
C LEU A 539 -2.50 -26.25 -31.59
N THR A 540 -2.78 -27.37 -30.94
CA THR A 540 -2.82 -28.67 -31.58
C THR A 540 -4.27 -29.08 -31.80
N GLU A 541 -4.48 -30.32 -32.24
CA GLU A 541 -5.81 -30.85 -32.50
C GLU A 541 -6.24 -31.77 -31.36
N SER A 542 -7.43 -31.54 -30.84
CA SER A 542 -7.97 -32.30 -29.72
C SER A 542 -9.13 -33.16 -30.20
N ASN A 543 -9.71 -33.92 -29.26
CA ASN A 543 -10.80 -34.84 -29.56
C ASN A 543 -12.01 -34.65 -28.65
N LYS A 544 -12.07 -33.57 -27.88
CA LYS A 544 -13.21 -33.31 -27.04
C LYS A 544 -14.44 -32.97 -27.87
N LYS A 545 -15.60 -33.38 -27.40
CA LYS A 545 -16.86 -33.15 -28.09
C LYS A 545 -17.60 -31.98 -27.45
N PHE A 546 -17.96 -31.00 -28.26
CA PHE A 546 -18.63 -29.80 -27.79
C PHE A 546 -20.11 -29.84 -28.13
N LEU A 547 -20.89 -29.09 -27.35
CA LEU A 547 -22.28 -28.89 -27.68
C LEU A 547 -22.40 -27.94 -28.87
N PRO A 548 -23.50 -28.04 -29.64
CA PRO A 548 -23.60 -27.25 -30.88
C PRO A 548 -23.65 -25.75 -30.68
N PHE A 549 -23.56 -25.24 -29.45
CA PHE A 549 -23.58 -23.80 -29.21
C PHE A 549 -22.43 -23.28 -28.37
N GLN A 550 -21.71 -24.13 -27.66
CA GLN A 550 -20.60 -23.66 -26.84
C GLN A 550 -19.44 -23.22 -27.72
N GLN A 551 -18.60 -22.33 -27.17
CA GLN A 551 -17.47 -21.78 -27.90
C GLN A 551 -16.17 -21.78 -27.14
N PHE A 552 -16.18 -21.82 -25.80
CA PHE A 552 -14.97 -21.74 -25.01
C PHE A 552 -14.59 -23.12 -24.50
N GLY A 553 -13.57 -23.17 -23.64
CA GLY A 553 -13.19 -24.39 -22.98
C GLY A 553 -12.43 -24.11 -21.71
N ARG A 554 -12.85 -24.72 -20.59
CA ARG A 554 -12.24 -24.47 -19.29
C ARG A 554 -12.00 -25.78 -18.58
N ASP A 555 -11.41 -25.70 -17.40
CA ASP A 555 -11.08 -26.87 -16.59
C ASP A 555 -11.35 -26.52 -15.13
N ILE A 556 -10.84 -27.35 -14.23
CA ILE A 556 -11.04 -27.13 -12.80
C ILE A 556 -10.33 -25.84 -12.36
N ALA A 557 -9.18 -25.55 -12.96
CA ALA A 557 -8.43 -24.35 -12.61
C ALA A 557 -9.00 -23.07 -13.20
N ASP A 558 -10.11 -23.17 -13.94
CA ASP A 558 -10.76 -22.00 -14.56
C ASP A 558 -9.81 -21.25 -15.49
N THR A 559 -9.03 -22.00 -16.26
CA THR A 559 -8.13 -21.46 -17.25
C THR A 559 -8.49 -22.01 -18.62
N THR A 560 -8.55 -21.13 -19.62
CA THR A 560 -8.94 -21.53 -20.96
C THR A 560 -7.93 -22.53 -21.52
N ASP A 561 -8.45 -23.64 -22.05
CA ASP A 561 -7.59 -24.67 -22.62
C ASP A 561 -8.13 -25.28 -23.91
N ALA A 562 -9.25 -24.80 -24.44
CA ALA A 562 -9.79 -25.32 -25.68
C ALA A 562 -10.62 -24.23 -26.34
N VAL A 563 -10.39 -24.01 -27.64
CA VAL A 563 -11.04 -22.94 -28.39
C VAL A 563 -11.70 -23.55 -29.62
N ARG A 564 -12.96 -23.20 -29.85
CA ARG A 564 -13.66 -23.64 -31.04
C ARG A 564 -13.33 -22.72 -32.21
N ASP A 565 -13.06 -23.32 -33.36
CA ASP A 565 -12.71 -22.53 -34.55
C ASP A 565 -13.92 -21.77 -35.04
N PRO A 566 -13.87 -20.43 -35.12
CA PRO A 566 -15.03 -19.69 -35.63
C PRO A 566 -15.26 -19.85 -37.12
N GLN A 567 -14.29 -20.35 -37.86
CA GLN A 567 -14.42 -20.51 -39.31
C GLN A 567 -14.90 -21.91 -39.69
N THR A 568 -14.13 -22.93 -39.34
CA THR A 568 -14.43 -24.30 -39.76
C THR A 568 -15.13 -25.11 -38.68
N LEU A 569 -15.43 -24.52 -37.53
CA LEU A 569 -16.15 -25.19 -36.45
C LEU A 569 -15.40 -26.44 -35.99
N GLU A 570 -14.20 -26.23 -35.46
CA GLU A 570 -13.32 -27.30 -35.03
C GLU A 570 -12.79 -26.95 -33.65
N ILE A 571 -12.56 -27.97 -32.82
CA ILE A 571 -12.18 -27.79 -31.43
C ILE A 571 -10.66 -27.94 -31.32
N LEU A 572 -9.99 -26.84 -30.96
CA LEU A 572 -8.53 -26.84 -30.86
C LEU A 572 -8.12 -27.16 -29.43
N ASP A 573 -6.83 -26.98 -29.14
CA ASP A 573 -6.29 -27.25 -27.81
C ASP A 573 -5.23 -26.21 -27.49
N ILE A 574 -5.02 -25.97 -26.20
CA ILE A 574 -4.10 -24.94 -25.74
C ILE A 574 -3.15 -25.56 -24.72
N THR A 575 -1.86 -25.25 -24.82
CA THR A 575 -0.85 -25.75 -23.91
C THR A 575 0.33 -24.78 -23.89
N PRO A 576 0.83 -24.42 -22.71
CA PRO A 576 2.01 -23.55 -22.65
C PRO A 576 3.22 -24.23 -23.27
N CYS A 577 4.12 -23.42 -23.82
CA CYS A 577 5.21 -23.93 -24.66
C CYS A 577 6.53 -23.96 -23.88
N SER A 578 6.70 -25.05 -23.12
CA SER A 578 8.01 -25.54 -22.68
C SER A 578 8.79 -24.49 -21.90
N PHE A 579 8.28 -24.17 -20.72
CA PHE A 579 9.02 -23.38 -19.75
C PHE A 579 9.64 -24.30 -18.70
N GLY A 580 10.82 -23.92 -18.23
CA GLY A 580 11.49 -24.75 -17.25
C GLY A 580 12.67 -24.04 -16.62
N GLY A 581 13.43 -24.80 -15.84
CA GLY A 581 14.61 -24.29 -15.18
C GLY A 581 15.85 -25.06 -15.61
N VAL A 582 16.96 -24.35 -15.72
CA VAL A 582 18.23 -24.92 -16.17
C VAL A 582 19.16 -25.04 -14.98
N SER A 583 19.83 -26.19 -14.86
CA SER A 583 20.77 -26.44 -13.79
C SER A 583 22.01 -27.11 -14.35
N VAL A 584 23.15 -26.88 -13.69
CA VAL A 584 24.43 -27.41 -14.14
C VAL A 584 24.90 -28.47 -13.16
N ILE A 585 25.79 -29.33 -13.63
CA ILE A 585 26.39 -30.38 -12.83
C ILE A 585 27.90 -30.31 -13.00
N THR A 586 28.61 -30.16 -11.88
CA THR A 586 30.06 -30.06 -11.92
C THR A 586 30.68 -31.02 -10.91
N PRO A 587 31.82 -31.61 -11.22
CA PRO A 587 32.50 -32.50 -10.27
C PRO A 587 33.46 -31.81 -9.32
N GLY A 588 33.39 -30.49 -9.19
CA GLY A 588 34.33 -29.76 -8.38
C GLY A 588 35.41 -29.11 -9.22
N THR A 589 35.57 -27.79 -9.08
CA THR A 589 36.50 -27.07 -9.94
C THR A 589 37.95 -27.44 -9.66
N ASN A 590 38.23 -28.08 -8.52
CA ASN A 590 39.61 -28.45 -8.22
C ASN A 590 40.08 -29.62 -9.09
N THR A 591 39.21 -30.58 -9.36
CA THR A 591 39.62 -31.76 -10.11
C THR A 591 39.66 -31.49 -11.60
N SER A 592 38.62 -30.87 -12.15
CA SER A 592 38.52 -30.64 -13.57
C SER A 592 37.63 -29.44 -13.83
N ASN A 593 37.47 -29.10 -15.10
CA ASN A 593 36.69 -27.94 -15.54
C ASN A 593 35.70 -28.34 -16.63
N GLN A 594 35.00 -29.45 -16.41
CA GLN A 594 33.95 -29.88 -17.31
C GLN A 594 32.61 -29.88 -16.58
N VAL A 595 31.54 -29.59 -17.31
CA VAL A 595 30.21 -29.49 -16.74
C VAL A 595 29.21 -30.20 -17.65
N ALA A 596 28.05 -30.48 -17.09
CA ALA A 596 26.90 -31.00 -17.82
C ALA A 596 25.69 -30.15 -17.49
N VAL A 597 24.76 -30.06 -18.43
CA VAL A 597 23.61 -29.17 -18.32
C VAL A 597 22.34 -30.00 -18.29
N LEU A 598 21.48 -29.73 -17.31
CA LEU A 598 20.20 -30.41 -17.16
C LEU A 598 19.07 -29.43 -17.37
N TYR A 599 18.19 -29.75 -18.31
CA TYR A 599 16.99 -28.95 -18.56
C TYR A 599 15.79 -29.71 -18.02
N GLN A 600 15.06 -29.09 -17.10
CA GLN A 600 13.98 -29.76 -16.39
C GLN A 600 12.69 -29.68 -17.19
N ASP A 601 12.04 -30.83 -17.36
CA ASP A 601 10.72 -30.92 -17.99
C ASP A 601 10.73 -30.35 -19.41
N VAL A 602 11.86 -30.50 -20.12
CA VAL A 602 11.99 -30.01 -21.49
C VAL A 602 12.43 -31.18 -22.35
N ASN A 603 11.65 -31.48 -23.38
CA ASN A 603 11.85 -32.68 -24.16
C ASN A 603 12.87 -32.43 -25.26
N CYS A 604 13.78 -33.40 -25.44
CA CYS A 604 15.12 -33.16 -25.93
C CYS A 604 15.19 -32.63 -27.36
N THR A 605 14.06 -32.24 -27.93
CA THR A 605 14.05 -31.65 -29.27
C THR A 605 14.09 -30.13 -29.25
N GLU A 606 13.43 -29.50 -28.30
CA GLU A 606 13.36 -28.04 -28.24
C GLU A 606 14.55 -27.40 -27.55
N VAL A 607 15.49 -28.21 -27.04
CA VAL A 607 16.60 -27.66 -26.26
C VAL A 607 17.40 -26.61 -27.03
N PRO A 608 17.71 -26.74 -28.33
CA PRO A 608 18.43 -25.65 -28.99
C PRO A 608 17.48 -24.57 -29.50
N VAL A 609 16.48 -24.20 -28.68
CA VAL A 609 15.62 -23.07 -28.99
C VAL A 609 15.70 -22.11 -27.81
N ALA A 610 16.84 -22.08 -27.15
CA ALA A 610 17.05 -21.20 -26.01
C ALA A 610 17.32 -19.77 -26.46
N TRP A 620 30.52 -22.74 -25.38
CA TRP A 620 29.35 -21.99 -24.95
C TRP A 620 28.13 -22.39 -25.77
N ARG A 621 28.37 -23.14 -26.84
CA ARG A 621 27.31 -23.70 -27.67
C ARG A 621 27.32 -25.22 -27.73
N VAL A 622 28.45 -25.86 -27.42
CA VAL A 622 28.51 -27.32 -27.44
C VAL A 622 27.54 -27.92 -26.45
N TYR A 623 27.36 -27.27 -25.29
CA TYR A 623 26.42 -27.74 -24.29
C TYR A 623 24.97 -27.52 -24.69
N SER A 624 24.71 -26.73 -25.74
CA SER A 624 23.33 -26.52 -26.18
C SER A 624 22.81 -27.73 -26.95
N THR A 625 23.64 -28.34 -27.79
CA THR A 625 23.21 -29.47 -28.59
C THR A 625 24.44 -30.25 -29.04
N GLY A 626 24.20 -31.47 -29.51
CA GLY A 626 25.28 -32.31 -29.98
C GLY A 626 25.90 -33.15 -28.89
N SER A 627 27.06 -33.73 -29.23
CA SER A 627 27.83 -34.61 -28.34
C SER A 627 26.92 -35.76 -27.93
N ASN A 628 26.60 -35.94 -26.65
CA ASN A 628 25.71 -37.00 -26.19
C ASN A 628 24.50 -36.38 -25.52
N VAL A 629 23.31 -36.81 -25.93
CA VAL A 629 22.05 -36.32 -25.40
C VAL A 629 21.33 -37.48 -24.74
N PHE A 630 20.93 -37.29 -23.48
CA PHE A 630 20.22 -38.30 -22.71
C PHE A 630 18.90 -37.75 -22.23
N GLN A 631 17.85 -38.55 -22.34
CA GLN A 631 16.50 -38.19 -21.91
C GLN A 631 16.15 -38.99 -20.67
N THR A 632 15.85 -38.31 -19.58
CA THR A 632 15.51 -38.93 -18.31
C THR A 632 14.16 -38.41 -17.83
N ARG A 633 13.71 -38.95 -16.69
CA ARG A 633 12.45 -38.49 -16.11
C ARG A 633 12.53 -37.03 -15.70
N ALA A 634 13.66 -36.61 -15.13
CA ALA A 634 13.82 -35.22 -14.71
C ALA A 634 13.81 -34.28 -15.92
N GLY A 635 14.45 -34.69 -17.01
CA GLY A 635 14.47 -33.86 -18.19
C GLY A 635 15.52 -34.29 -19.20
N CYS A 636 16.17 -33.33 -19.82
CA CYS A 636 17.18 -33.58 -20.85
C CYS A 636 18.55 -33.25 -20.29
N LEU A 637 19.46 -34.22 -20.36
CA LEU A 637 20.82 -34.07 -19.84
C LEU A 637 21.79 -34.05 -21.00
N ILE A 638 22.63 -33.02 -21.06
CA ILE A 638 23.59 -32.83 -22.14
C ILE A 638 24.97 -32.73 -21.54
N GLY A 639 25.91 -33.50 -22.09
CA GLY A 639 27.29 -33.49 -21.65
C GLY A 639 27.73 -34.72 -20.89
N ALA A 640 26.87 -35.73 -20.76
CA ALA A 640 27.22 -36.95 -20.05
C ALA A 640 26.81 -38.17 -20.88
N GLU A 641 27.52 -39.27 -20.68
CA GLU A 641 27.26 -40.51 -21.38
C GLU A 641 26.59 -41.50 -20.43
N HIS A 642 25.60 -42.22 -20.95
CA HIS A 642 24.80 -43.14 -20.14
C HIS A 642 25.40 -44.52 -20.23
N VAL A 643 26.06 -44.96 -19.15
CA VAL A 643 26.67 -46.28 -19.09
C VAL A 643 25.60 -47.32 -18.76
N ASN A 644 25.94 -48.59 -18.91
CA ASN A 644 25.02 -49.69 -18.66
C ASN A 644 25.27 -50.37 -17.33
N ASN A 645 26.13 -49.82 -16.47
CA ASN A 645 26.47 -50.42 -15.21
C ASN A 645 25.74 -49.72 -14.07
N SER A 646 26.07 -50.10 -12.83
CA SER A 646 25.48 -49.49 -11.64
C SER A 646 26.57 -49.30 -10.59
N TYR A 647 26.58 -48.14 -9.96
CA TYR A 647 27.58 -47.81 -8.96
C TYR A 647 26.89 -47.11 -7.79
N GLU A 648 27.68 -46.82 -6.76
CA GLU A 648 27.18 -46.05 -5.62
C GLU A 648 26.80 -44.65 -6.07
N CYS A 649 25.80 -44.07 -5.41
CA CYS A 649 25.28 -42.79 -5.85
C CYS A 649 26.29 -41.67 -5.59
N ASP A 650 26.02 -40.54 -6.24
CA ASP A 650 26.86 -39.35 -6.24
C ASP A 650 25.93 -38.16 -6.42
N ILE A 651 26.46 -37.06 -6.96
CA ILE A 651 25.66 -35.88 -7.28
C ILE A 651 24.34 -36.34 -7.88
N PRO A 652 23.22 -36.12 -7.19
CA PRO A 652 21.94 -36.69 -7.65
C PRO A 652 21.30 -35.87 -8.74
N ILE A 653 20.36 -36.51 -9.44
CA ILE A 653 19.60 -35.86 -10.49
C ILE A 653 18.12 -36.01 -10.21
N GLY A 654 17.67 -37.25 -10.07
CA GLY A 654 16.27 -37.53 -9.81
C GLY A 654 15.85 -38.83 -10.46
N ALA A 655 14.77 -39.41 -9.94
CA ALA A 655 14.23 -40.67 -10.43
C ALA A 655 15.30 -41.77 -10.40
N GLY A 656 16.10 -41.78 -9.35
CA GLY A 656 17.14 -42.78 -9.21
C GLY A 656 18.26 -42.70 -10.23
N ILE A 657 18.74 -41.50 -10.52
CA ILE A 657 19.86 -41.30 -11.44
C ILE A 657 20.88 -40.41 -10.75
N CYS A 658 22.09 -40.93 -10.56
CA CYS A 658 23.20 -40.16 -9.99
C CYS A 658 24.33 -40.11 -11.01
N ALA A 659 24.87 -38.92 -11.23
CA ALA A 659 25.97 -38.69 -12.16
C ALA A 659 27.26 -38.49 -11.39
N SER A 660 28.31 -39.18 -11.81
CA SER A 660 29.60 -39.12 -11.12
C SER A 660 30.72 -38.94 -12.14
N TYR A 661 31.84 -38.38 -11.66
CA TYR A 661 33.00 -38.19 -12.52
C TYR A 661 33.54 -39.54 -12.98
N GLN A 662 34.11 -40.30 -12.04
CA GLN A 662 34.40 -41.73 -12.17
C GLN A 662 34.79 -42.16 -13.58
N THR A 663 35.82 -41.55 -14.15
CA THR A 663 36.20 -41.84 -15.53
C THR A 663 37.69 -42.11 -15.61
N GLN A 664 38.17 -43.00 -14.75
CA GLN A 664 39.53 -43.51 -14.84
C GLN A 664 39.59 -44.75 -15.73
N THR A 665 39.03 -44.63 -16.93
CA THR A 665 38.93 -45.75 -17.85
C THR A 665 38.70 -45.27 -19.28
N SER A 673 43.28 -46.92 -25.79
CA SER A 673 42.13 -46.55 -24.99
C SER A 673 42.52 -45.66 -23.82
N VAL A 674 42.55 -44.35 -24.07
CA VAL A 674 42.91 -43.37 -23.05
C VAL A 674 41.77 -43.28 -22.04
N ALA A 675 42.07 -42.82 -20.83
CA ALA A 675 41.05 -42.72 -19.80
C ALA A 675 39.92 -41.79 -20.22
N SER A 676 40.26 -40.66 -20.85
CA SER A 676 39.29 -39.74 -21.41
C SER A 676 38.28 -39.29 -20.35
N GLN A 677 38.78 -38.57 -19.35
CA GLN A 677 37.97 -38.16 -18.21
C GLN A 677 36.73 -37.42 -18.68
N SER A 678 35.58 -37.85 -18.18
CA SER A 678 34.30 -37.28 -18.57
C SER A 678 33.26 -37.61 -17.51
N ILE A 679 32.13 -36.90 -17.57
CA ILE A 679 31.04 -37.11 -16.64
C ILE A 679 30.12 -38.19 -17.19
N ILE A 680 29.75 -39.15 -16.33
CA ILE A 680 28.90 -40.25 -16.72
C ILE A 680 27.64 -40.26 -15.87
N ALA A 681 26.60 -40.92 -16.37
CA ALA A 681 25.34 -41.06 -15.68
C ALA A 681 24.98 -42.53 -15.58
N TYR A 682 24.39 -42.92 -14.45
CA TYR A 682 24.09 -44.32 -14.19
C TYR A 682 22.94 -44.41 -13.21
N THR A 683 22.39 -45.61 -13.08
CA THR A 683 21.27 -45.86 -12.18
C THR A 683 21.77 -46.18 -10.77
N MET A 684 20.83 -46.24 -9.84
CA MET A 684 21.14 -46.50 -8.43
C MET A 684 21.63 -47.92 -8.21
N SER A 685 22.39 -48.09 -7.13
CA SER A 685 22.78 -49.40 -6.63
C SER A 685 22.53 -49.42 -5.12
N LEU A 686 21.58 -50.25 -4.69
CA LEU A 686 21.16 -50.29 -3.30
C LEU A 686 22.02 -51.25 -2.49
N GLY A 687 23.32 -50.96 -2.47
CA GLY A 687 24.26 -51.71 -1.67
C GLY A 687 24.65 -53.04 -2.32
N ALA A 688 25.55 -53.73 -1.64
CA ALA A 688 26.05 -55.01 -2.12
C ALA A 688 25.05 -56.13 -1.83
N GLU A 689 24.91 -57.04 -2.79
CA GLU A 689 24.01 -58.18 -2.61
C GLU A 689 24.58 -59.15 -1.58
N ASN A 690 23.70 -59.70 -0.76
CA ASN A 690 24.10 -60.67 0.26
C ASN A 690 22.98 -61.67 0.45
N SER A 691 23.35 -62.83 1.01
CA SER A 691 22.38 -63.89 1.28
C SER A 691 22.95 -64.79 2.36
N VAL A 692 22.21 -64.95 3.45
CA VAL A 692 22.64 -65.80 4.56
C VAL A 692 22.12 -67.21 4.34
N ALA A 693 22.96 -68.20 4.66
CA ALA A 693 22.57 -69.60 4.55
C ALA A 693 21.71 -69.95 5.75
N TYR A 694 20.42 -70.13 5.54
CA TYR A 694 19.47 -70.38 6.61
C TYR A 694 18.87 -71.77 6.45
N SER A 695 19.00 -72.60 7.49
CA SER A 695 18.31 -73.89 7.54
C SER A 695 17.50 -73.97 8.83
N ASN A 696 16.90 -75.11 9.12
CA ASN A 696 16.18 -75.24 10.39
C ASN A 696 17.04 -75.82 11.50
N ASN A 697 18.35 -76.00 11.26
CA ASN A 697 19.34 -76.17 12.33
C ASN A 697 20.69 -75.56 11.93
N SER A 698 20.90 -74.30 12.32
CA SER A 698 22.15 -73.62 12.01
C SER A 698 22.31 -72.40 12.90
N ILE A 699 23.47 -72.28 13.54
CA ILE A 699 23.76 -71.20 14.46
C ILE A 699 25.10 -70.58 14.08
N ALA A 700 25.16 -69.25 14.05
CA ALA A 700 26.39 -68.52 13.80
C ALA A 700 26.79 -67.80 15.08
N ILE A 701 27.82 -68.30 15.74
CA ILE A 701 28.30 -67.79 17.02
C ILE A 701 29.59 -67.01 16.78
N PRO A 702 29.68 -65.76 17.20
CA PRO A 702 30.96 -65.04 17.08
C PRO A 702 32.01 -65.63 18.01
N THR A 703 33.28 -65.45 17.61
CA THR A 703 34.39 -65.94 18.41
C THR A 703 35.33 -64.85 18.88
N ASN A 704 35.26 -63.64 18.33
CA ASN A 704 36.07 -62.51 18.77
C ASN A 704 35.17 -61.30 18.86
N PHE A 705 35.76 -60.12 19.05
CA PHE A 705 34.98 -58.90 19.10
C PHE A 705 35.87 -57.73 18.70
N THR A 706 35.28 -56.53 18.68
CA THR A 706 36.01 -55.34 18.27
C THR A 706 35.35 -54.13 18.89
N ILE A 707 36.09 -53.40 19.72
CA ILE A 707 35.58 -52.16 20.29
C ILE A 707 35.63 -51.07 19.24
N SER A 708 34.53 -50.35 19.07
CA SER A 708 34.44 -49.30 18.07
C SER A 708 34.06 -47.98 18.73
N VAL A 709 34.46 -46.88 18.10
CA VAL A 709 34.17 -45.54 18.58
C VAL A 709 33.60 -44.72 17.44
N THR A 710 32.45 -44.09 17.67
CA THR A 710 31.78 -43.26 16.68
C THR A 710 31.55 -41.87 17.25
N THR A 711 31.34 -40.91 16.35
CA THR A 711 31.15 -39.52 16.73
C THR A 711 29.80 -39.01 16.24
N GLU A 712 29.18 -38.14 17.02
CA GLU A 712 27.94 -37.49 16.63
C GLU A 712 28.01 -36.01 16.98
N ILE A 713 27.50 -35.16 16.09
CA ILE A 713 27.52 -33.72 16.25
C ILE A 713 26.10 -33.22 16.44
N LEU A 714 25.90 -32.31 17.38
CA LEU A 714 24.56 -31.78 17.59
C LEU A 714 24.60 -30.29 17.90
N PRO A 715 23.94 -29.46 17.09
CA PRO A 715 23.85 -28.04 17.42
C PRO A 715 22.96 -27.82 18.63
N VAL A 716 23.25 -26.76 19.38
CA VAL A 716 22.53 -26.51 20.62
C VAL A 716 21.96 -25.10 20.65
N SER A 717 22.56 -24.18 19.90
CA SER A 717 22.14 -22.79 19.94
C SER A 717 22.78 -22.05 18.78
N MET A 718 22.28 -20.83 18.52
CA MET A 718 22.95 -19.94 17.58
C MET A 718 23.17 -18.58 18.21
N THR A 719 23.64 -17.61 17.42
CA THR A 719 24.02 -16.32 17.98
C THR A 719 22.79 -15.49 18.32
N LYS A 720 22.78 -14.93 19.52
CA LYS A 720 21.71 -14.01 19.91
C LYS A 720 21.85 -12.70 19.15
N THR A 721 20.71 -12.04 18.92
CA THR A 721 20.71 -10.78 18.19
C THR A 721 19.48 -9.98 18.58
N SER A 722 19.53 -8.69 18.25
CA SER A 722 18.41 -7.79 18.50
C SER A 722 18.50 -6.63 17.52
N VAL A 723 17.35 -6.18 17.03
CA VAL A 723 17.27 -5.09 16.07
C VAL A 723 16.24 -4.09 16.55
N ASP A 724 16.63 -2.82 16.61
CA ASP A 724 15.71 -1.77 17.01
C ASP A 724 14.75 -1.45 15.87
N CYS A 725 13.45 -1.36 16.21
CA CYS A 725 12.45 -1.12 15.18
C CYS A 725 12.56 0.28 14.60
N THR A 726 12.64 1.29 15.47
CA THR A 726 12.60 2.68 15.01
C THR A 726 13.88 3.06 14.27
N MET A 727 15.03 2.72 14.85
CA MET A 727 16.31 3.12 14.25
C MET A 727 16.51 2.48 12.89
N TYR A 728 16.09 1.22 12.74
CA TYR A 728 16.27 0.54 11.46
C TYR A 728 15.48 1.21 10.36
N ILE A 729 14.22 1.57 10.62
CA ILE A 729 13.37 2.14 9.59
C ILE A 729 13.68 3.62 9.39
N CYS A 730 13.69 4.37 10.49
CA CYS A 730 13.90 5.81 10.45
C CYS A 730 15.21 6.15 11.14
N GLY A 731 16.02 6.99 10.50
CA GLY A 731 17.27 7.41 11.10
C GLY A 731 17.06 8.55 12.08
N ASP A 732 17.86 9.61 11.95
CA ASP A 732 17.71 10.77 12.82
C ASP A 732 16.49 11.61 12.46
N SER A 733 15.85 11.35 11.33
CA SER A 733 14.71 12.16 10.88
C SER A 733 13.52 11.92 11.80
N THR A 734 13.19 12.92 12.63
CA THR A 734 12.02 12.83 13.49
C THR A 734 10.73 12.80 12.69
N GLU A 735 10.73 13.35 11.48
CA GLU A 735 9.55 13.28 10.63
C GLU A 735 9.18 11.84 10.32
N CYS A 736 10.17 11.01 10.00
CA CYS A 736 9.90 9.58 9.81
C CYS A 736 9.35 8.97 11.09
N SER A 737 9.87 9.40 12.24
CA SER A 737 9.41 8.85 13.51
C SER A 737 7.93 9.14 13.75
N ASN A 738 7.53 10.40 13.60
CA ASN A 738 6.14 10.74 13.88
C ASN A 738 5.20 10.36 12.73
N LEU A 739 5.72 10.05 11.54
CA LEU A 739 4.89 9.39 10.54
C LEU A 739 4.67 7.92 10.88
N LEU A 740 5.72 7.23 11.34
CA LEU A 740 5.57 5.84 11.75
C LEU A 740 4.72 5.70 13.00
N LEU A 741 4.66 6.75 13.83
CA LEU A 741 3.81 6.70 15.01
C LEU A 741 2.34 6.51 14.67
N GLN A 742 1.95 6.76 13.42
CA GLN A 742 0.57 6.52 13.01
C GLN A 742 0.18 5.06 13.19
N TYR A 743 1.09 4.15 12.86
CA TYR A 743 0.82 2.72 13.04
C TYR A 743 0.78 2.38 14.52
N GLY A 744 0.44 1.13 14.81
CA GLY A 744 0.20 0.74 16.19
C GLY A 744 1.44 0.33 16.95
N SER A 745 1.40 -0.86 17.55
CA SER A 745 2.48 -1.35 18.40
C SER A 745 3.46 -2.24 17.63
N PHE A 746 3.66 -1.98 16.34
CA PHE A 746 4.51 -2.82 15.52
C PHE A 746 5.97 -2.73 15.90
N CYS A 747 6.38 -1.73 16.68
CA CYS A 747 7.74 -1.63 17.14
C CYS A 747 7.94 -2.20 18.55
N THR A 748 6.89 -2.77 19.14
CA THR A 748 6.99 -3.42 20.43
C THR A 748 6.82 -4.93 20.37
N GLN A 749 6.01 -5.44 19.45
CA GLN A 749 5.88 -6.89 19.29
C GLN A 749 7.20 -7.51 18.84
N LEU A 750 7.90 -6.84 17.94
CA LEU A 750 9.12 -7.41 17.36
C LEU A 750 10.23 -7.50 18.38
N ASN A 751 10.41 -6.44 19.18
CA ASN A 751 11.41 -6.48 20.23
C ASN A 751 11.08 -7.55 21.26
N ARG A 752 9.79 -7.71 21.58
CA ARG A 752 9.38 -8.76 22.50
C ARG A 752 9.71 -10.14 21.95
N ALA A 753 9.44 -10.36 20.66
CA ALA A 753 9.74 -11.66 20.05
C ALA A 753 11.24 -11.93 20.06
N LEU A 754 12.05 -10.93 19.71
CA LEU A 754 13.50 -11.13 19.70
C LEU A 754 14.02 -11.41 21.11
N THR A 755 13.52 -10.68 22.11
CA THR A 755 13.92 -10.95 23.48
C THR A 755 13.54 -12.35 23.92
N GLY A 756 12.34 -12.79 23.55
CA GLY A 756 11.93 -14.15 23.87
C GLY A 756 12.84 -15.18 23.24
N ILE A 757 13.21 -14.98 21.98
CA ILE A 757 14.14 -15.89 21.31
C ILE A 757 15.47 -15.92 22.03
N ALA A 758 15.97 -14.74 22.42
CA ALA A 758 17.27 -14.67 23.09
C ALA A 758 17.25 -15.42 24.42
N VAL A 759 16.23 -15.18 25.24
CA VAL A 759 16.18 -15.85 26.54
C VAL A 759 15.96 -17.34 26.37
N GLU A 760 15.16 -17.74 25.38
CA GLU A 760 14.96 -19.16 25.12
C GLU A 760 16.27 -19.84 24.75
N GLN A 761 17.07 -19.20 23.90
CA GLN A 761 18.36 -19.79 23.52
C GLN A 761 19.34 -19.76 24.67
N ASP A 762 19.20 -18.80 25.59
CA ASP A 762 20.00 -18.85 26.81
C ASP A 762 19.63 -20.06 27.65
N LYS A 763 18.34 -20.38 27.71
CA LYS A 763 17.89 -21.53 28.50
C LYS A 763 18.38 -22.85 27.90
N ASN A 764 18.65 -22.88 26.59
CA ASN A 764 19.01 -24.14 25.94
C ASN A 764 20.31 -24.71 26.49
N THR A 765 21.31 -23.87 26.71
CA THR A 765 22.59 -24.36 27.20
C THR A 765 22.49 -24.86 28.64
N GLN A 766 21.59 -24.28 29.44
CA GLN A 766 21.42 -24.73 30.82
C GLN A 766 20.88 -26.16 30.89
N GLU A 767 20.36 -26.69 29.80
CA GLU A 767 19.72 -28.01 29.83
C GLU A 767 20.66 -29.14 29.42
N VAL A 768 21.67 -28.85 28.60
CA VAL A 768 22.55 -29.90 28.09
C VAL A 768 23.89 -29.92 28.79
N PHE A 769 24.15 -29.00 29.72
CA PHE A 769 25.45 -28.92 30.37
C PHE A 769 25.38 -28.74 31.88
N ALA A 770 24.20 -28.63 32.46
CA ALA A 770 24.04 -28.39 33.90
C ALA A 770 23.30 -29.54 34.57
N GLN A 771 23.67 -30.77 34.22
CA GLN A 771 23.00 -31.93 34.80
C GLN A 771 23.42 -32.16 36.25
N VAL A 772 24.69 -31.90 36.58
CA VAL A 772 25.22 -32.13 37.91
C VAL A 772 25.82 -30.84 38.43
N LYS A 773 25.33 -30.39 39.59
CA LYS A 773 25.84 -29.19 40.25
C LYS A 773 26.91 -29.54 41.28
N GLN A 774 27.90 -30.34 40.89
CA GLN A 774 29.03 -30.66 41.77
C GLN A 774 30.19 -31.08 40.86
N ILE A 775 31.14 -30.18 40.64
CA ILE A 775 32.23 -30.45 39.73
C ILE A 775 33.23 -31.37 40.41
N TYR A 776 33.61 -32.45 39.72
CA TYR A 776 34.54 -33.44 40.25
C TYR A 776 35.92 -33.24 39.64
N LYS A 777 36.91 -33.84 40.28
CA LYS A 777 38.30 -33.76 39.86
C LYS A 777 38.87 -35.15 39.63
N THR A 778 39.64 -35.30 38.57
CA THR A 778 40.30 -36.56 38.30
C THR A 778 41.43 -36.80 39.31
N PRO A 779 41.73 -38.05 39.62
CA PRO A 779 42.84 -38.33 40.52
C PRO A 779 44.15 -37.89 39.89
N PRO A 780 45.13 -37.49 40.70
CA PRO A 780 46.42 -37.05 40.14
C PRO A 780 47.14 -38.14 39.36
N ILE A 781 46.98 -39.40 39.75
CA ILE A 781 47.71 -40.52 39.14
C ILE A 781 46.75 -41.30 38.27
N LYS A 782 47.13 -41.54 37.02
CA LYS A 782 46.30 -42.25 36.05
C LYS A 782 46.79 -43.68 35.93
N ASP A 783 46.03 -44.62 36.48
CA ASP A 783 46.36 -46.04 36.44
C ASP A 783 45.11 -46.86 36.16
N PHE A 784 44.34 -46.44 35.15
CA PHE A 784 43.05 -47.06 34.86
C PHE A 784 43.24 -48.39 34.12
N GLY A 785 44.02 -49.27 34.73
CA GLY A 785 44.17 -50.62 34.21
C GLY A 785 44.68 -50.71 32.79
N GLY A 786 45.44 -49.72 32.34
CA GLY A 786 45.95 -49.68 30.99
C GLY A 786 45.19 -48.76 30.06
N PHE A 787 43.97 -48.39 30.41
CA PHE A 787 43.23 -47.41 29.62
C PHE A 787 43.90 -46.04 29.72
N ASN A 788 43.84 -45.28 28.62
CA ASN A 788 44.60 -44.04 28.48
C ASN A 788 43.69 -42.95 27.96
N PHE A 789 43.07 -42.21 28.87
CA PHE A 789 42.17 -41.11 28.52
C PHE A 789 42.93 -39.78 28.42
N SER A 790 43.96 -39.74 27.58
CA SER A 790 44.75 -38.52 27.47
C SER A 790 44.17 -37.55 26.46
N GLN A 791 43.44 -38.03 25.46
CA GLN A 791 42.93 -37.18 24.39
C GLN A 791 41.58 -36.57 24.70
N ILE A 792 40.95 -36.92 25.82
CA ILE A 792 39.66 -36.37 26.20
C ILE A 792 39.76 -35.51 27.45
N LEU A 793 40.61 -35.89 28.40
CA LEU A 793 40.76 -35.12 29.62
C LEU A 793 41.39 -33.76 29.32
N PRO A 794 41.08 -32.75 30.12
CA PRO A 794 41.67 -31.42 29.90
C PRO A 794 43.17 -31.45 30.07
N ASP A 795 43.85 -30.58 29.31
CA ASP A 795 45.30 -30.50 29.36
C ASP A 795 45.73 -29.24 30.10
N PRO A 796 46.21 -29.36 31.34
CA PRO A 796 46.62 -28.16 32.08
C PRO A 796 47.85 -27.48 31.49
N SER A 797 48.65 -28.17 30.68
CA SER A 797 49.87 -27.58 30.16
C SER A 797 49.58 -26.37 29.29
N LYS A 798 48.63 -26.51 28.37
CA LYS A 798 48.26 -25.39 27.51
C LYS A 798 47.51 -24.33 28.31
N PRO A 799 47.67 -23.06 27.97
CA PRO A 799 46.90 -22.01 28.67
C PRO A 799 45.40 -22.20 28.56
N SER A 800 44.93 -22.70 27.42
CA SER A 800 43.52 -23.05 27.30
C SER A 800 43.22 -24.28 28.13
N LYS A 801 42.03 -24.31 28.73
CA LYS A 801 41.60 -25.42 29.57
C LYS A 801 40.86 -26.49 28.78
N ARG A 802 41.09 -26.58 27.47
CA ARG A 802 40.41 -27.56 26.64
C ARG A 802 41.23 -28.84 26.57
N SER A 803 40.76 -29.79 25.78
CA SER A 803 41.45 -31.06 25.53
C SER A 803 41.95 -31.06 24.09
N PRO A 804 42.86 -31.96 23.72
CA PRO A 804 43.32 -31.99 22.32
C PRO A 804 42.20 -32.09 21.30
N ILE A 805 41.18 -32.89 21.56
CA ILE A 805 40.06 -32.99 20.63
C ILE A 805 39.24 -31.72 20.63
N GLU A 806 39.01 -31.13 21.81
CA GLU A 806 38.31 -29.85 21.87
C GLU A 806 39.10 -28.75 21.16
N ASP A 807 40.42 -28.75 21.35
CA ASP A 807 41.27 -27.77 20.67
C ASP A 807 41.19 -27.94 19.16
N LEU A 808 41.20 -29.19 18.69
CA LEU A 808 41.06 -29.43 17.25
C LEU A 808 39.70 -28.96 16.75
N LEU A 809 38.65 -29.18 17.54
CA LEU A 809 37.31 -28.76 17.13
C LEU A 809 37.20 -27.25 17.03
N PHE A 810 37.76 -26.53 18.02
CA PHE A 810 37.62 -25.08 18.04
C PHE A 810 38.46 -24.39 16.99
N ASN A 811 39.42 -25.08 16.39
CA ASN A 811 40.28 -24.50 15.36
C ASN A 811 39.76 -24.75 13.95
N LYS A 812 38.62 -25.40 13.79
CA LYS A 812 38.06 -25.68 12.49
C LYS A 812 36.70 -25.03 12.25
N VAL A 813 36.08 -24.45 13.28
CA VAL A 813 34.82 -23.75 13.11
C VAL A 813 35.00 -22.41 12.39
N THR A 814 36.23 -21.91 12.34
CA THR A 814 36.49 -20.62 11.72
C THR A 814 35.99 -20.58 10.28
N LEU A 815 35.34 -19.48 9.93
CA LEU A 815 34.73 -19.31 8.61
C LEU A 815 35.78 -19.37 7.50
N CYS A 838 34.19 -8.29 11.65
CA CYS A 838 33.29 -7.42 10.89
C CYS A 838 31.92 -7.33 11.55
N ALA A 839 31.02 -6.56 10.93
CA ALA A 839 29.65 -6.38 11.42
C ALA A 839 29.64 -5.90 12.87
N GLN A 840 30.45 -4.88 13.16
CA GLN A 840 30.55 -4.34 14.51
C GLN A 840 29.21 -3.77 14.97
N LYS A 841 28.76 -2.68 14.33
CA LYS A 841 27.50 -2.05 14.68
C LYS A 841 27.08 -1.04 13.63
N PHE A 842 25.83 -1.12 13.18
CA PHE A 842 25.27 -0.17 12.23
C PHE A 842 23.78 -0.42 12.08
N ASN A 843 23.02 0.67 11.94
CA ASN A 843 21.59 0.61 11.67
C ASN A 843 20.85 -0.19 12.75
N GLY A 844 21.25 -0.01 14.00
CA GLY A 844 20.57 -0.67 15.11
C GLY A 844 20.68 -2.18 15.11
N LEU A 845 21.84 -2.72 14.75
CA LEU A 845 22.09 -4.15 14.76
C LEU A 845 23.04 -4.46 15.91
N THR A 846 22.51 -5.09 16.95
CA THR A 846 23.28 -5.41 18.14
C THR A 846 23.30 -6.92 18.37
N VAL A 847 24.41 -7.40 18.93
CA VAL A 847 24.59 -8.82 19.24
C VAL A 847 24.87 -8.95 20.72
N LEU A 848 23.99 -9.63 21.44
CA LEU A 848 24.17 -9.84 22.86
C LEU A 848 25.16 -10.96 23.12
N PRO A 849 25.90 -10.90 24.22
CA PRO A 849 26.84 -11.97 24.55
C PRO A 849 26.14 -13.09 25.30
N PRO A 850 26.60 -14.33 25.12
CA PRO A 850 25.98 -15.44 25.84
C PRO A 850 26.23 -15.36 27.34
N LEU A 851 25.28 -15.89 28.10
CA LEU A 851 25.42 -15.88 29.56
C LEU A 851 26.57 -16.77 30.02
N LEU A 852 26.72 -17.94 29.41
CA LEU A 852 27.75 -18.89 29.76
C LEU A 852 28.88 -18.83 28.75
N THR A 853 30.08 -18.53 29.21
CA THR A 853 31.24 -18.48 28.34
C THR A 853 31.84 -19.87 28.15
N ASP A 854 32.75 -19.97 27.17
CA ASP A 854 33.32 -21.28 26.85
C ASP A 854 34.17 -21.84 27.98
N GLU A 855 34.82 -20.96 28.75
CA GLU A 855 35.67 -21.42 29.84
C GLU A 855 34.89 -22.12 30.94
N MET A 856 33.57 -21.99 30.94
CA MET A 856 32.73 -22.65 31.93
C MET A 856 32.00 -23.86 31.36
N ILE A 857 31.65 -23.83 30.08
CA ILE A 857 31.17 -25.03 29.41
C ILE A 857 32.26 -26.09 29.41
N ALA A 858 33.52 -25.68 29.25
CA ALA A 858 34.62 -26.62 29.36
C ALA A 858 34.68 -27.24 30.75
N GLN A 859 34.45 -26.44 31.79
CA GLN A 859 34.44 -26.99 33.14
C GLN A 859 33.29 -27.98 33.34
N TYR A 860 32.12 -27.66 32.81
CA TYR A 860 30.99 -28.59 32.88
C TYR A 860 31.33 -29.92 32.20
N THR A 861 31.90 -29.84 31.00
CA THR A 861 32.24 -31.07 30.28
C THR A 861 33.32 -31.86 31.01
N SER A 862 34.31 -31.17 31.58
CA SER A 862 35.36 -31.86 32.33
C SER A 862 34.78 -32.55 33.56
N ALA A 863 33.86 -31.87 34.27
CA ALA A 863 33.24 -32.49 35.43
C ALA A 863 32.44 -33.72 35.04
N LEU A 864 31.65 -33.62 33.96
CA LEU A 864 30.88 -34.77 33.52
C LEU A 864 31.78 -35.92 33.12
N LEU A 865 32.88 -35.61 32.42
CA LEU A 865 33.82 -36.65 32.00
C LEU A 865 34.49 -37.32 33.19
N ALA A 866 34.86 -36.54 34.20
CA ALA A 866 35.50 -37.11 35.38
C ALA A 866 34.50 -37.89 36.24
N GLY A 867 33.21 -37.56 36.13
CA GLY A 867 32.23 -38.29 36.91
C GLY A 867 32.08 -39.74 36.50
N THR A 868 32.04 -39.99 35.19
CA THR A 868 31.81 -41.36 34.71
C THR A 868 33.05 -42.23 34.86
N ILE A 869 34.24 -41.64 34.74
CA ILE A 869 35.46 -42.43 34.77
C ILE A 869 35.65 -43.07 36.14
N THR A 870 35.43 -42.31 37.21
CA THR A 870 35.72 -42.78 38.56
C THR A 870 34.48 -43.24 39.31
N SER A 871 33.28 -43.07 38.76
CA SER A 871 32.07 -43.43 39.50
C SER A 871 31.04 -44.21 38.71
N GLY A 872 31.18 -44.35 37.39
CA GLY A 872 30.17 -45.08 36.63
C GLY A 872 28.90 -44.28 36.49
N TRP A 873 27.76 -44.97 36.60
CA TRP A 873 26.46 -44.32 36.52
C TRP A 873 25.89 -43.95 37.87
N THR A 874 26.60 -44.27 38.96
CA THR A 874 26.05 -44.01 40.29
C THR A 874 25.90 -42.52 40.56
N PHE A 875 26.84 -41.71 40.10
CA PHE A 875 26.78 -40.28 40.39
C PHE A 875 25.63 -39.57 39.70
N GLY A 876 24.99 -40.22 38.73
CA GLY A 876 23.83 -39.64 38.08
C GLY A 876 22.52 -39.89 38.78
N ALA A 877 22.53 -40.62 39.90
CA ALA A 877 21.33 -40.90 40.65
C ALA A 877 21.41 -40.57 42.13
N GLY A 878 22.61 -40.43 42.70
CA GLY A 878 22.77 -40.10 44.08
C GLY A 878 24.20 -39.73 44.41
N PRO A 879 24.67 -40.11 45.59
CA PRO A 879 26.07 -39.85 45.94
C PRO A 879 27.01 -40.64 45.04
N ALA A 880 28.18 -40.06 44.80
CA ALA A 880 29.16 -40.70 43.94
C ALA A 880 29.81 -41.88 44.66
N LEU A 881 29.89 -43.02 43.97
CA LEU A 881 30.48 -44.23 44.52
C LEU A 881 31.76 -44.56 43.77
N GLN A 882 32.82 -44.86 44.50
CA GLN A 882 34.10 -45.18 43.90
C GLN A 882 34.08 -46.59 43.32
N ILE A 883 34.48 -46.71 42.06
CA ILE A 883 34.55 -48.01 41.39
C ILE A 883 35.83 -48.08 40.56
N PRO A 884 36.65 -49.11 40.72
CA PRO A 884 37.79 -49.27 39.82
C PRO A 884 37.31 -49.45 38.39
N PHE A 885 38.03 -48.83 37.45
CA PHE A 885 37.56 -48.84 36.06
C PHE A 885 37.42 -50.23 35.46
N PRO A 886 38.36 -51.17 35.62
CA PRO A 886 38.12 -52.51 35.07
C PRO A 886 36.86 -53.15 35.62
N MET A 887 36.56 -52.97 36.90
CA MET A 887 35.34 -53.52 37.46
C MET A 887 34.11 -52.87 36.85
N GLN A 888 34.18 -51.56 36.59
CA GLN A 888 33.06 -50.88 35.94
C GLN A 888 32.84 -51.41 34.52
N MET A 889 33.94 -51.65 33.79
CA MET A 889 33.80 -52.21 32.45
C MET A 889 33.22 -53.60 32.49
N ALA A 890 33.62 -54.40 33.49
CA ALA A 890 33.01 -55.72 33.65
C ALA A 890 31.53 -55.61 33.97
N TYR A 891 31.16 -54.62 34.78
CA TYR A 891 29.76 -54.35 35.04
C TYR A 891 29.00 -54.06 33.75
N ARG A 892 29.62 -53.27 32.86
CA ARG A 892 28.95 -52.89 31.63
C ARG A 892 28.86 -54.04 30.64
N PHE A 893 29.85 -54.93 30.61
CA PHE A 893 29.72 -56.12 29.76
C PHE A 893 28.58 -57.02 30.24
N ASN A 894 28.39 -57.12 31.55
CA ASN A 894 27.28 -57.93 32.04
C ASN A 894 26.01 -57.10 32.00
N GLY A 895 25.75 -56.47 30.86
CA GLY A 895 24.52 -55.74 30.62
C GLY A 895 24.01 -56.00 29.22
N ILE A 896 24.84 -56.65 28.40
CA ILE A 896 24.49 -56.96 27.03
C ILE A 896 24.52 -58.44 26.72
N GLY A 897 24.96 -59.29 27.65
CA GLY A 897 24.96 -60.72 27.44
C GLY A 897 26.28 -61.40 27.73
N VAL A 898 27.38 -60.69 27.49
CA VAL A 898 28.70 -61.27 27.72
C VAL A 898 28.96 -61.37 29.21
N THR A 899 29.48 -62.51 29.65
CA THR A 899 29.77 -62.73 31.06
C THR A 899 30.98 -61.89 31.49
N GLN A 900 31.31 -61.98 32.77
CA GLN A 900 32.35 -61.13 33.33
C GLN A 900 33.76 -61.57 32.95
N ASN A 901 34.00 -62.88 32.82
CA ASN A 901 35.35 -63.37 32.66
C ASN A 901 36.00 -62.93 31.36
N VAL A 902 35.21 -62.52 30.36
CA VAL A 902 35.79 -62.16 29.07
C VAL A 902 36.70 -60.95 29.20
N LEU A 903 36.26 -59.92 29.94
CA LEU A 903 37.10 -58.75 30.15
C LEU A 903 38.32 -59.09 30.98
N TYR A 904 38.11 -59.81 32.09
CA TYR A 904 39.24 -60.15 32.95
C TYR A 904 40.25 -61.02 32.24
N GLU A 905 39.86 -61.69 31.16
CA GLU A 905 40.84 -62.39 30.33
C GLU A 905 41.50 -61.44 29.34
N ASN A 906 40.72 -60.86 28.43
CA ASN A 906 41.31 -60.02 27.38
C ASN A 906 41.33 -58.54 27.74
N GLN A 907 41.78 -58.25 28.97
CA GLN A 907 41.97 -56.86 29.38
C GLN A 907 42.98 -56.14 28.48
N LYS A 908 44.11 -56.77 28.19
CA LYS A 908 45.13 -56.12 27.38
C LYS A 908 44.62 -55.84 25.97
N LEU A 909 43.94 -56.82 25.37
CA LEU A 909 43.41 -56.62 24.03
C LEU A 909 42.37 -55.50 24.00
N ILE A 910 41.48 -55.49 25.00
CA ILE A 910 40.45 -54.45 25.02
C ILE A 910 41.06 -53.09 25.22
N ALA A 911 42.06 -52.99 26.10
CA ALA A 911 42.72 -51.70 26.33
C ALA A 911 43.42 -51.21 25.06
N ASN A 912 44.12 -52.12 24.36
CA ASN A 912 44.82 -51.71 23.15
C ASN A 912 43.83 -51.27 22.07
N GLN A 913 42.73 -52.00 21.91
CA GLN A 913 41.73 -51.62 20.92
C GLN A 913 41.11 -50.28 21.26
N PHE A 914 40.82 -50.04 22.54
CA PHE A 914 40.26 -48.76 22.96
C PHE A 914 41.24 -47.62 22.65
N ASN A 915 42.52 -47.82 22.97
CA ASN A 915 43.50 -46.77 22.72
C ASN A 915 43.64 -46.48 21.23
N SER A 916 43.68 -47.52 20.41
CA SER A 916 43.78 -47.31 18.96
C SER A 916 42.55 -46.58 18.42
N ALA A 917 41.36 -46.97 18.87
CA ALA A 917 40.14 -46.33 18.40
C ALA A 917 40.10 -44.86 18.81
N ILE A 918 40.48 -44.57 20.06
CA ILE A 918 40.45 -43.18 20.51
C ILE A 918 41.53 -42.36 19.81
N GLY A 919 42.63 -43.00 19.41
CA GLY A 919 43.65 -42.28 18.67
C GLY A 919 43.23 -41.96 17.25
N LYS A 920 42.48 -42.87 16.63
CA LYS A 920 42.08 -42.66 15.24
C LYS A 920 41.08 -41.52 15.08
N ILE A 921 40.44 -41.09 16.17
CA ILE A 921 39.44 -40.02 16.08
C ILE A 921 40.08 -38.71 15.62
N GLN A 922 41.25 -38.39 16.18
CA GLN A 922 41.94 -37.16 15.78
C GLN A 922 42.33 -37.20 14.31
N ASP A 923 42.82 -38.35 13.83
CA ASP A 923 43.15 -38.48 12.42
C ASP A 923 41.92 -38.31 11.55
N SER A 924 40.80 -38.90 11.96
CA SER A 924 39.57 -38.75 11.19
C SER A 924 39.09 -37.30 11.17
N LEU A 925 39.20 -36.60 12.29
CA LEU A 925 38.73 -35.22 12.39
C LEU A 925 39.73 -34.21 11.86
N SER A 926 40.95 -34.62 11.53
CA SER A 926 41.92 -33.68 10.97
C SER A 926 41.53 -33.26 9.56
N SER A 927 41.46 -34.23 8.64
CA SER A 927 41.07 -33.97 7.26
C SER A 927 39.59 -34.28 7.08
N THR A 928 38.77 -33.40 7.62
CA THR A 928 37.33 -33.56 7.51
C THR A 928 36.83 -33.07 6.16
N PRO A 929 36.17 -33.90 5.37
CA PRO A 929 35.49 -33.40 4.16
C PRO A 929 34.18 -32.71 4.51
N SER A 930 34.30 -31.57 5.20
CA SER A 930 33.14 -30.85 5.73
C SER A 930 32.29 -31.73 6.64
N ALA A 931 32.96 -32.47 7.52
CA ALA A 931 32.23 -33.33 8.46
C ALA A 931 31.48 -32.51 9.50
N LEU A 932 31.94 -31.31 9.80
CA LEU A 932 31.29 -30.43 10.77
C LEU A 932 30.28 -29.49 10.13
N GLY A 933 29.70 -29.88 8.98
CA GLY A 933 28.79 -29.00 8.27
C GLY A 933 27.52 -28.68 9.03
N LYS A 934 27.13 -29.53 9.98
CA LYS A 934 25.91 -29.27 10.74
C LYS A 934 26.03 -27.98 11.55
N LEU A 935 27.18 -27.75 12.17
CA LEU A 935 27.36 -26.56 12.98
C LEU A 935 27.51 -25.30 12.12
N GLN A 936 28.09 -25.44 10.93
CA GLN A 936 28.30 -24.29 10.06
C GLN A 936 27.02 -23.84 9.36
N ASP A 937 26.04 -24.73 9.22
CA ASP A 937 24.84 -24.39 8.47
C ASP A 937 24.07 -23.27 9.14
N VAL A 938 23.91 -23.33 10.46
CA VAL A 938 23.15 -22.29 11.16
C VAL A 938 23.88 -20.96 11.09
N VAL A 939 25.20 -20.98 11.22
CA VAL A 939 25.98 -19.74 11.13
C VAL A 939 25.83 -19.12 9.75
N ASN A 940 25.94 -19.94 8.70
CA ASN A 940 25.80 -19.42 7.35
C ASN A 940 24.40 -18.89 7.09
N GLN A 941 23.37 -19.60 7.57
CA GLN A 941 22.00 -19.13 7.37
C GLN A 941 21.76 -17.80 8.07
N ASN A 942 22.24 -17.67 9.31
CA ASN A 942 22.07 -16.40 10.02
C ASN A 942 22.82 -15.28 9.31
N ALA A 943 24.03 -15.55 8.84
CA ALA A 943 24.80 -14.52 8.14
C ALA A 943 24.09 -14.09 6.86
N GLN A 944 23.55 -15.04 6.10
CA GLN A 944 22.84 -14.68 4.87
C GLN A 944 21.59 -13.89 5.17
N ALA A 945 20.85 -14.27 6.22
CA ALA A 945 19.66 -13.52 6.58
C ALA A 945 20.00 -12.09 6.97
N LEU A 946 21.03 -11.90 7.78
CA LEU A 946 21.43 -10.56 8.16
C LEU A 946 21.90 -9.75 6.96
N ASN A 947 22.65 -10.38 6.05
CA ASN A 947 23.12 -9.68 4.86
C ASN A 947 21.95 -9.24 3.99
N THR A 948 20.95 -10.10 3.82
CA THR A 948 19.78 -9.71 3.04
C THR A 948 19.03 -8.57 3.72
N LEU A 949 18.88 -8.64 5.05
CA LEU A 949 18.19 -7.57 5.76
C LEU A 949 18.91 -6.24 5.58
N VAL A 950 20.24 -6.25 5.64
CA VAL A 950 21.00 -5.01 5.47
C VAL A 950 20.90 -4.51 4.04
N LYS A 951 21.05 -5.40 3.06
CA LYS A 951 21.00 -5.00 1.65
C LYS A 951 19.61 -4.52 1.24
N GLN A 952 18.57 -4.87 2.00
CA GLN A 952 17.23 -4.42 1.64
C GLN A 952 17.03 -2.92 1.76
N LEU A 953 17.97 -2.20 2.40
CA LEU A 953 17.81 -0.77 2.58
C LEU A 953 18.10 0.04 1.31
N SER A 954 18.63 -0.59 0.27
CA SER A 954 19.00 0.10 -0.96
C SER A 954 17.95 -0.07 -2.05
N SER A 955 16.67 -0.15 -1.67
CA SER A 955 15.59 -0.33 -2.62
C SER A 955 14.62 0.85 -2.51
N ASN A 956 14.21 1.38 -3.66
CA ASN A 956 13.31 2.52 -3.68
C ASN A 956 11.88 2.14 -3.32
N PHE A 957 11.52 0.87 -3.47
CA PHE A 957 10.16 0.39 -3.17
C PHE A 957 9.11 1.19 -3.93
N GLY A 958 9.39 1.47 -5.20
CA GLY A 958 8.48 2.24 -6.02
C GLY A 958 8.35 3.68 -5.59
N ALA A 959 9.48 4.31 -5.26
CA ALA A 959 9.50 5.72 -4.93
C ALA A 959 10.51 6.45 -5.80
N ILE A 960 10.79 7.72 -5.50
CA ILE A 960 11.71 8.49 -6.31
C ILE A 960 13.17 8.32 -5.89
N SER A 961 13.43 7.90 -4.66
CA SER A 961 14.79 7.71 -4.18
C SER A 961 14.76 6.82 -2.96
N SER A 962 15.95 6.43 -2.50
CA SER A 962 16.10 5.52 -1.37
C SER A 962 16.72 6.19 -0.14
N VAL A 963 17.11 7.44 -0.23
CA VAL A 963 17.72 8.17 0.89
C VAL A 963 16.72 9.18 1.41
N LEU A 964 16.45 9.14 2.72
CA LEU A 964 15.45 10.01 3.32
C LEU A 964 15.85 11.48 3.21
N ASN A 965 17.15 11.78 3.31
CA ASN A 965 17.59 13.17 3.23
C ASN A 965 17.26 13.77 1.87
N ASP A 966 17.47 13.00 0.79
CA ASP A 966 17.14 13.49 -0.54
C ASP A 966 15.63 13.71 -0.69
N ILE A 967 14.83 12.83 -0.11
CA ILE A 967 13.38 13.00 -0.13
C ILE A 967 13.00 14.29 0.60
N LEU A 968 13.63 14.55 1.74
CA LEU A 968 13.30 15.71 2.56
C LEU A 968 13.80 17.02 1.98
N SER A 969 14.65 16.99 0.96
CA SER A 969 15.23 18.21 0.41
C SER A 969 14.51 18.70 -0.83
N ARG A 970 14.45 17.88 -1.87
CA ARG A 970 13.85 18.32 -3.14
C ARG A 970 12.37 17.97 -3.24
N LEU A 971 11.61 18.30 -2.19
CA LEU A 971 10.16 18.11 -2.17
C LEU A 971 9.57 19.08 -1.16
N ASP A 972 8.25 19.03 -1.03
CA ASP A 972 7.52 19.82 -0.04
C ASP A 972 6.96 18.93 1.04
N PRO A 973 6.87 19.42 2.28
CA PRO A 973 6.29 18.62 3.37
C PRO A 973 4.86 18.17 3.06
N PRO A 974 4.03 18.99 2.41
CA PRO A 974 2.71 18.48 2.01
C PRO A 974 2.76 17.36 0.98
N GLU A 975 3.88 17.17 0.29
CA GLU A 975 4.00 16.16 -0.74
C GLU A 975 4.99 15.05 -0.42
N ALA A 976 5.99 15.32 0.42
CA ALA A 976 7.05 14.34 0.66
C ALA A 976 6.59 13.14 1.48
N GLU A 977 5.40 13.18 2.08
CA GLU A 977 4.97 12.11 2.96
C GLU A 977 4.71 10.80 2.21
N VAL A 978 4.43 10.86 0.91
CA VAL A 978 4.10 9.65 0.17
C VAL A 978 5.31 8.72 0.10
N GLN A 979 6.47 9.26 -0.27
CA GLN A 979 7.67 8.44 -0.35
C GLN A 979 8.06 7.90 1.03
N ILE A 980 7.92 8.72 2.07
CA ILE A 980 8.24 8.27 3.42
C ILE A 980 7.33 7.11 3.81
N ASP A 981 6.04 7.23 3.52
CA ASP A 981 5.09 6.17 3.86
C ASP A 981 5.42 4.89 3.10
N ARG A 982 5.74 5.01 1.80
CA ARG A 982 6.05 3.82 1.02
C ARG A 982 7.30 3.12 1.55
N LEU A 983 8.35 3.90 1.85
CA LEU A 983 9.56 3.31 2.39
C LEU A 983 9.30 2.66 3.75
N ILE A 984 8.49 3.30 4.58
CA ILE A 984 8.16 2.74 5.89
C ILE A 984 7.47 1.40 5.73
N THR A 985 6.48 1.33 4.82
CA THR A 985 5.76 0.08 4.62
C THR A 985 6.70 -1.02 4.14
N GLY A 986 7.56 -0.70 3.17
CA GLY A 986 8.46 -1.72 2.64
C GLY A 986 9.42 -2.25 3.69
N ARG A 987 10.04 -1.33 4.44
CA ARG A 987 10.99 -1.77 5.46
C ARG A 987 10.29 -2.54 6.57
N LEU A 988 9.07 -2.12 6.94
CA LEU A 988 8.33 -2.82 7.97
C LEU A 988 8.02 -4.26 7.56
N GLN A 989 7.57 -4.46 6.32
CA GLN A 989 7.25 -5.82 5.91
C GLN A 989 8.52 -6.66 5.75
N SER A 990 9.63 -6.06 5.32
CA SER A 990 10.89 -6.80 5.28
C SER A 990 11.29 -7.27 6.67
N LEU A 991 11.17 -6.39 7.67
CA LEU A 991 11.50 -6.78 9.03
C LEU A 991 10.54 -7.86 9.55
N GLN A 992 9.27 -7.78 9.16
CA GLN A 992 8.32 -8.84 9.50
C GLN A 992 8.80 -10.18 8.97
N THR A 993 9.21 -10.22 7.71
CA THR A 993 9.68 -11.47 7.12
C THR A 993 10.90 -12.00 7.85
N TYR A 994 11.84 -11.11 8.18
CA TYR A 994 13.04 -11.53 8.90
C TYR A 994 12.69 -12.14 10.26
N VAL A 995 11.77 -11.49 11.00
CA VAL A 995 11.42 -11.99 12.32
C VAL A 995 10.74 -13.35 12.22
N THR A 996 9.85 -13.51 11.24
CA THR A 996 9.18 -14.81 11.09
C THR A 996 10.18 -15.91 10.77
N GLN A 997 11.14 -15.63 9.88
CA GLN A 997 12.15 -16.63 9.56
C GLN A 997 12.98 -16.98 10.80
N GLN A 998 13.33 -15.98 11.61
CA GLN A 998 14.10 -16.24 12.81
C GLN A 998 13.34 -17.13 13.78
N LEU A 999 12.04 -16.87 13.95
CA LEU A 999 11.24 -17.71 14.85
C LEU A 999 11.18 -19.14 14.35
N ILE A 1000 10.98 -19.33 13.04
CA ILE A 1000 10.90 -20.68 12.49
C ILE A 1000 12.22 -21.43 12.71
N ARG A 1001 13.35 -20.75 12.49
CA ARG A 1001 14.63 -21.41 12.73
C ARG A 1001 14.82 -21.74 14.20
N ALA A 1002 14.41 -20.84 15.10
CA ALA A 1002 14.60 -21.06 16.52
C ALA A 1002 13.81 -22.27 17.01
N ALA A 1003 12.64 -22.52 16.42
CA ALA A 1003 11.88 -23.71 16.81
C ALA A 1003 12.71 -24.98 16.58
N GLU A 1004 13.30 -25.11 15.38
CA GLU A 1004 14.09 -26.28 15.07
C GLU A 1004 15.31 -26.36 15.97
N ILE A 1005 15.95 -25.22 16.25
CA ILE A 1005 17.13 -25.24 17.11
C ILE A 1005 16.76 -25.74 18.50
N ARG A 1006 15.62 -25.30 19.03
CA ARG A 1006 15.16 -25.79 20.33
C ARG A 1006 14.90 -27.29 20.29
N ALA A 1007 14.29 -27.79 19.21
CA ALA A 1007 14.05 -29.22 19.12
C ALA A 1007 15.36 -30.00 19.14
N SER A 1008 16.36 -29.53 18.40
CA SER A 1008 17.65 -30.21 18.40
C SER A 1008 18.32 -30.15 19.77
N ALA A 1009 18.19 -29.01 20.46
CA ALA A 1009 18.75 -28.90 21.80
C ALA A 1009 18.09 -29.89 22.76
N ASN A 1010 16.77 -30.06 22.65
CA ASN A 1010 16.08 -31.03 23.50
C ASN A 1010 16.56 -32.45 23.21
N LEU A 1011 16.73 -32.78 21.93
CA LEU A 1011 17.26 -34.10 21.60
C LEU A 1011 18.65 -34.30 22.18
N ALA A 1012 19.51 -33.27 22.10
CA ALA A 1012 20.85 -33.39 22.66
C ALA A 1012 20.81 -33.57 24.17
N ALA A 1013 19.91 -32.85 24.84
CA ALA A 1013 19.79 -33.01 26.28
C ALA A 1013 19.36 -34.42 26.65
N THR A 1014 18.41 -34.98 25.90
CA THR A 1014 18.00 -36.36 26.15
C THR A 1014 19.15 -37.33 25.93
N LYS A 1015 19.92 -37.12 24.86
CA LYS A 1015 21.06 -38.00 24.59
C LYS A 1015 22.09 -37.93 25.71
N MET A 1016 22.37 -36.71 26.20
CA MET A 1016 23.33 -36.57 27.29
C MET A 1016 22.82 -37.24 28.56
N SER A 1017 21.53 -37.09 28.86
CA SER A 1017 20.99 -37.68 30.08
C SER A 1017 20.99 -39.20 30.02
N GLU A 1018 20.72 -39.76 28.84
CA GLU A 1018 20.55 -41.21 28.76
C GLU A 1018 21.84 -41.96 28.45
N CYS A 1019 22.55 -41.56 27.39
CA CYS A 1019 23.72 -42.32 26.97
C CYS A 1019 24.89 -42.14 27.94
N VAL A 1020 25.07 -40.93 28.48
CA VAL A 1020 26.25 -40.65 29.29
C VAL A 1020 26.09 -41.19 30.70
N LEU A 1021 25.07 -40.71 31.42
CA LEU A 1021 24.87 -41.09 32.82
C LEU A 1021 24.14 -42.44 32.92
N GLY A 1022 24.72 -43.44 32.27
CA GLY A 1022 24.16 -44.78 32.32
C GLY A 1022 24.11 -45.47 30.98
N GLN A 1023 24.12 -46.79 31.00
CA GLN A 1023 24.02 -47.57 29.78
C GLN A 1023 22.60 -47.55 29.23
N SER A 1024 22.48 -47.51 27.92
CA SER A 1024 21.19 -47.46 27.24
C SER A 1024 20.98 -48.73 26.43
N LYS A 1025 19.80 -49.32 26.56
CA LYS A 1025 19.45 -50.54 25.85
C LYS A 1025 18.64 -50.26 24.58
N ARG A 1026 18.42 -49.00 24.25
CA ARG A 1026 17.69 -48.66 23.03
C ARG A 1026 18.58 -48.89 21.82
N VAL A 1027 18.06 -49.60 20.82
CA VAL A 1027 18.88 -50.00 19.68
C VAL A 1027 19.14 -48.80 18.79
N ASP A 1028 20.40 -48.64 18.39
CA ASP A 1028 20.83 -47.63 17.44
C ASP A 1028 20.60 -46.21 17.93
N PHE A 1029 20.38 -46.02 19.24
CA PHE A 1029 20.24 -44.68 19.77
C PHE A 1029 21.59 -44.06 20.06
N CYS A 1030 22.37 -44.66 20.95
CA CYS A 1030 23.69 -44.16 21.31
C CYS A 1030 24.73 -44.97 20.54
N GLY A 1031 24.88 -44.63 19.26
CA GLY A 1031 25.85 -45.26 18.40
C GLY A 1031 25.34 -46.52 17.75
N LYS A 1032 26.15 -47.05 16.83
CA LYS A 1032 25.81 -48.24 16.08
C LYS A 1032 26.47 -49.46 16.73
N GLY A 1033 25.65 -50.45 17.07
CA GLY A 1033 26.11 -51.63 17.77
C GLY A 1033 25.63 -51.65 19.21
N TYR A 1034 26.17 -52.60 19.97
CA TYR A 1034 25.84 -52.71 21.37
C TYR A 1034 26.51 -51.59 22.15
N HIS A 1035 25.71 -50.75 22.79
CA HIS A 1035 26.25 -49.56 23.46
C HIS A 1035 26.96 -49.94 24.74
N LEU A 1036 28.15 -49.36 24.95
CA LEU A 1036 28.91 -49.56 26.18
C LEU A 1036 29.05 -48.27 26.98
N MET A 1037 29.62 -47.22 26.39
CA MET A 1037 29.86 -45.99 27.12
C MET A 1037 29.77 -44.80 26.17
N SER A 1038 29.85 -43.60 26.72
CA SER A 1038 29.87 -42.41 25.89
C SER A 1038 30.59 -41.28 26.61
N PHE A 1039 31.13 -40.35 25.83
CA PHE A 1039 31.89 -39.22 26.35
C PHE A 1039 31.40 -37.94 25.69
N PRO A 1040 31.18 -36.88 26.46
CA PRO A 1040 30.80 -35.59 25.87
C PRO A 1040 31.99 -34.67 25.65
N GLN A 1041 31.87 -33.82 24.63
CA GLN A 1041 32.83 -32.78 24.35
C GLN A 1041 32.09 -31.54 23.86
N SER A 1042 32.65 -30.37 24.15
CA SER A 1042 32.05 -29.12 23.75
C SER A 1042 32.53 -28.70 22.36
N ALA A 1043 31.79 -27.79 21.75
CA ALA A 1043 32.16 -27.21 20.47
C ALA A 1043 31.42 -25.89 20.32
N PRO A 1044 31.93 -24.98 19.48
CA PRO A 1044 31.25 -23.68 19.34
C PRO A 1044 29.79 -23.84 18.97
N HIS A 1045 28.91 -23.46 19.90
CA HIS A 1045 27.46 -23.59 19.73
C HIS A 1045 27.05 -25.01 19.39
N GLY A 1046 27.62 -25.99 20.10
CA GLY A 1046 27.23 -27.37 19.84
C GLY A 1046 27.95 -28.33 20.75
N VAL A 1047 27.54 -29.59 20.67
CA VAL A 1047 28.09 -30.66 21.47
C VAL A 1047 28.48 -31.82 20.57
N VAL A 1048 29.47 -32.60 21.01
CA VAL A 1048 29.96 -33.76 20.28
C VAL A 1048 29.96 -34.95 21.22
N PHE A 1049 29.40 -36.06 20.77
CA PHE A 1049 29.33 -37.28 21.56
C PHE A 1049 30.24 -38.33 20.94
N LEU A 1050 31.06 -38.96 21.76
CA LEU A 1050 31.89 -40.10 21.35
C LEU A 1050 31.29 -41.35 21.99
N HIS A 1051 30.71 -42.21 21.14
CA HIS A 1051 30.07 -43.43 21.61
C HIS A 1051 31.04 -44.59 21.47
N VAL A 1052 31.27 -45.30 22.57
CA VAL A 1052 32.11 -46.49 22.60
C VAL A 1052 31.19 -47.70 22.65
N THR A 1053 31.25 -48.53 21.61
CA THR A 1053 30.32 -49.64 21.42
C THR A 1053 31.08 -50.93 21.15
N TYR A 1054 30.34 -52.03 21.23
CA TYR A 1054 30.86 -53.39 21.11
C TYR A 1054 30.17 -54.08 19.95
N VAL A 1055 30.95 -54.64 19.03
CA VAL A 1055 30.38 -55.35 17.88
C VAL A 1055 31.03 -56.72 17.76
N PRO A 1056 30.31 -57.72 17.26
CA PRO A 1056 30.92 -59.06 17.10
C PRO A 1056 31.96 -59.12 16.01
N ALA A 1057 32.50 -60.30 15.77
CA ALA A 1057 33.65 -60.48 14.89
C ALA A 1057 33.56 -61.85 14.24
N GLN A 1058 34.70 -62.36 13.78
CA GLN A 1058 34.81 -63.63 13.06
C GLN A 1058 33.93 -64.71 13.67
N GLU A 1059 33.32 -65.51 12.79
CA GLU A 1059 32.24 -66.40 13.16
C GLU A 1059 32.45 -67.79 12.58
N LYS A 1060 31.86 -68.79 13.23
CA LYS A 1060 31.84 -70.17 12.75
C LYS A 1060 30.43 -70.70 12.94
N ASN A 1061 29.91 -71.43 11.95
CA ASN A 1061 28.56 -71.92 12.10
C ASN A 1061 28.57 -73.13 13.03
N PHE A 1062 27.37 -73.57 13.43
CA PHE A 1062 27.21 -74.80 14.19
C PHE A 1062 25.85 -75.39 13.88
N THR A 1063 25.57 -76.56 14.46
CA THR A 1063 24.26 -77.18 14.39
C THR A 1063 23.67 -77.21 15.79
N THR A 1064 22.36 -76.99 15.87
CA THR A 1064 21.70 -76.80 17.17
C THR A 1064 20.63 -77.86 17.38
N ALA A 1065 19.93 -77.72 18.50
CA ALA A 1065 18.84 -78.60 18.89
C ALA A 1065 18.00 -77.90 19.95
N PRO A 1066 16.67 -77.86 19.79
CA PRO A 1066 15.84 -77.15 20.77
C PRO A 1066 15.97 -77.68 22.17
N ALA A 1067 16.15 -78.99 22.34
CA ALA A 1067 16.25 -79.57 23.68
C ALA A 1067 17.03 -80.87 23.60
N ILE A 1068 17.49 -81.33 24.76
CA ILE A 1068 18.24 -82.57 24.89
C ILE A 1068 17.40 -83.55 25.69
N CYS A 1069 17.20 -84.75 25.12
CA CYS A 1069 16.34 -85.76 25.73
C CYS A 1069 17.20 -86.79 26.44
N HIS A 1070 17.24 -86.71 27.78
CA HIS A 1070 17.78 -87.77 28.60
C HIS A 1070 16.69 -88.81 28.84
N ASP A 1071 16.89 -89.70 29.80
CA ASP A 1071 15.91 -90.74 30.09
C ASP A 1071 14.59 -90.12 30.51
N GLY A 1072 13.58 -90.19 29.64
CA GLY A 1072 12.27 -89.66 29.93
C GLY A 1072 12.20 -88.15 29.89
N LYS A 1073 12.99 -87.48 30.73
CA LYS A 1073 12.88 -86.03 30.88
C LYS A 1073 13.47 -85.32 29.65
N ALA A 1074 13.01 -84.09 29.45
CA ALA A 1074 13.51 -83.22 28.40
C ALA A 1074 14.14 -81.99 29.05
N HIS A 1075 15.34 -81.63 28.61
CA HIS A 1075 16.14 -80.60 29.24
C HIS A 1075 16.19 -79.37 28.35
N PHE A 1076 15.93 -78.20 28.94
CA PHE A 1076 16.07 -76.93 28.26
C PHE A 1076 17.18 -76.12 28.90
N PRO A 1077 17.96 -75.37 28.10
CA PRO A 1077 19.05 -74.58 28.67
C PRO A 1077 18.54 -73.46 29.57
N ARG A 1078 19.34 -73.13 30.56
CA ARG A 1078 19.01 -72.00 31.43
C ARG A 1078 19.33 -70.67 30.75
N GLU A 1079 20.60 -70.47 30.41
CA GLU A 1079 21.02 -69.35 29.58
C GLU A 1079 21.98 -69.87 28.52
N GLY A 1080 21.83 -69.38 27.30
CA GLY A 1080 22.59 -69.91 26.18
C GLY A 1080 21.85 -71.01 25.46
N VAL A 1081 22.51 -71.54 24.43
CA VAL A 1081 21.92 -72.54 23.54
C VAL A 1081 22.87 -73.71 23.38
N PHE A 1082 22.33 -74.80 22.84
CA PHE A 1082 23.08 -76.02 22.58
C PHE A 1082 23.78 -75.92 21.23
N VAL A 1083 25.08 -76.20 21.24
CA VAL A 1083 25.92 -76.15 20.06
C VAL A 1083 26.62 -77.50 19.91
N SER A 1084 26.55 -78.07 18.72
CA SER A 1084 27.13 -79.38 18.44
C SER A 1084 28.36 -79.22 17.56
N ASN A 1085 29.50 -79.68 18.04
CA ASN A 1085 30.72 -79.65 17.24
C ASN A 1085 30.62 -80.60 16.05
N GLY A 1086 29.85 -81.67 16.18
CA GLY A 1086 29.74 -82.67 15.14
C GLY A 1086 29.75 -84.07 15.73
N THR A 1087 30.45 -84.22 16.85
CA THR A 1087 30.48 -85.48 17.60
C THR A 1087 29.91 -85.32 18.99
N HIS A 1088 30.32 -84.29 19.72
CA HIS A 1088 29.83 -84.04 21.07
C HIS A 1088 28.81 -82.91 21.04
N TRP A 1089 28.33 -82.54 22.23
CA TRP A 1089 27.40 -81.42 22.37
C TRP A 1089 27.82 -80.58 23.56
N PHE A 1090 27.55 -79.28 23.46
CA PHE A 1090 27.90 -78.33 24.51
C PHE A 1090 26.81 -77.28 24.63
N VAL A 1091 26.89 -76.49 25.69
CA VAL A 1091 26.01 -75.35 25.89
C VAL A 1091 26.87 -74.10 26.01
N THR A 1092 26.47 -73.03 25.33
CA THR A 1092 27.28 -71.83 25.31
C THR A 1092 26.38 -70.60 25.33
N GLN A 1093 26.97 -69.46 25.71
CA GLN A 1093 26.24 -68.21 25.70
C GLN A 1093 26.02 -67.74 24.26
N ARG A 1094 25.10 -66.81 24.10
CA ARG A 1094 24.59 -66.43 22.79
C ARG A 1094 25.42 -65.37 22.09
N ASN A 1095 26.49 -64.88 22.71
CA ASN A 1095 27.28 -63.81 22.11
C ASN A 1095 28.79 -64.08 22.13
N PHE A 1096 29.24 -65.20 22.69
CA PHE A 1096 30.65 -65.54 22.71
C PHE A 1096 30.77 -67.05 22.77
N TYR A 1097 31.75 -67.58 22.06
CA TYR A 1097 31.91 -69.02 21.93
C TYR A 1097 32.82 -69.54 23.03
N GLU A 1098 32.26 -70.29 23.97
CA GLU A 1098 33.03 -71.01 24.98
C GLU A 1098 32.25 -72.25 25.39
N PRO A 1099 32.55 -73.40 24.80
CA PRO A 1099 31.75 -74.60 25.09
C PRO A 1099 31.95 -75.09 26.52
N GLN A 1100 30.88 -75.65 27.07
CA GLN A 1100 30.90 -76.28 28.39
C GLN A 1100 30.12 -77.58 28.33
N ILE A 1101 30.46 -78.50 29.22
CA ILE A 1101 29.84 -79.81 29.26
C ILE A 1101 28.45 -79.69 29.88
N ILE A 1102 27.48 -80.37 29.27
CA ILE A 1102 26.11 -80.34 29.77
C ILE A 1102 26.06 -80.94 31.16
N THR A 1103 25.46 -80.22 32.11
CA THR A 1103 25.27 -80.72 33.46
C THR A 1103 23.83 -80.51 33.90
N THR A 1104 23.54 -80.79 35.17
CA THR A 1104 22.22 -80.54 35.73
C THR A 1104 22.07 -79.12 36.27
N ASP A 1105 23.13 -78.31 36.20
CA ASP A 1105 23.06 -76.93 36.64
C ASP A 1105 22.77 -75.97 35.50
N ASN A 1106 23.22 -76.29 34.29
CA ASN A 1106 23.00 -75.43 33.13
C ASN A 1106 21.65 -75.68 32.45
N THR A 1107 20.94 -76.74 32.83
CA THR A 1107 19.69 -77.10 32.19
C THR A 1107 18.62 -77.34 33.24
N PHE A 1108 17.36 -77.21 32.83
CA PHE A 1108 16.22 -77.51 33.69
C PHE A 1108 15.26 -78.41 32.94
N VAL A 1109 14.62 -79.31 33.68
CA VAL A 1109 13.76 -80.34 33.11
C VAL A 1109 12.32 -79.86 33.14
N SER A 1110 11.60 -80.06 32.04
CA SER A 1110 10.19 -79.69 31.97
C SER A 1110 9.52 -80.53 30.88
N GLY A 1111 8.78 -81.56 31.30
CA GLY A 1111 7.95 -82.30 30.37
C GLY A 1111 8.52 -83.64 29.93
N ASN A 1112 8.17 -84.04 28.70
CA ASN A 1112 8.56 -85.34 28.16
C ASN A 1112 8.94 -85.16 26.70
N CYS A 1113 9.75 -86.10 26.20
CA CYS A 1113 10.23 -86.05 24.81
C CYS A 1113 9.16 -86.56 23.84
N ASP A 1114 8.00 -85.92 23.90
CA ASP A 1114 6.88 -86.29 23.03
C ASP A 1114 6.18 -85.12 22.37
N VAL A 1115 6.28 -83.91 22.90
CA VAL A 1115 5.58 -82.76 22.34
C VAL A 1115 6.52 -81.81 21.60
N VAL A 1116 7.77 -81.66 22.06
CA VAL A 1116 8.70 -80.76 21.39
C VAL A 1116 9.13 -81.38 20.06
N ILE A 1117 9.55 -80.52 19.13
CA ILE A 1117 9.91 -80.94 17.78
C ILE A 1117 11.42 -80.81 17.63
N GLY A 1118 12.06 -81.87 17.14
CA GLY A 1118 13.48 -81.84 16.87
C GLY A 1118 14.39 -82.14 18.04
N ILE A 1119 13.85 -82.68 19.13
CA ILE A 1119 14.71 -83.04 20.26
C ILE A 1119 15.65 -84.16 19.86
N VAL A 1120 16.81 -84.21 20.51
CA VAL A 1120 17.85 -85.17 20.17
C VAL A 1120 18.26 -85.93 21.43
N ASN A 1121 19.17 -86.89 21.24
CA ASN A 1121 19.62 -87.81 22.29
C ASN A 1121 21.02 -87.41 22.75
N ASN A 1122 21.22 -87.43 24.07
CA ASN A 1122 22.55 -87.20 24.64
C ASN A 1122 22.54 -87.55 26.13
N THR A 1123 23.71 -87.42 26.74
CA THR A 1123 23.92 -87.76 28.15
C THR A 1123 24.10 -86.48 28.96
N VAL A 1124 23.29 -86.32 29.99
CA VAL A 1124 23.40 -85.17 30.87
C VAL A 1124 24.27 -85.57 32.06
N TYR A 1125 25.44 -84.96 32.14
CA TYR A 1125 26.38 -85.29 33.21
C TYR A 1125 25.82 -84.89 34.57
N ASP A 1126 26.12 -85.69 35.57
CA ASP A 1126 25.68 -85.49 36.95
C ASP A 1126 26.84 -85.03 37.83
N PRO A 1127 26.61 -84.06 38.71
CA PRO A 1127 27.71 -83.50 39.51
C PRO A 1127 27.93 -84.15 40.87
N LEU A 1128 27.09 -85.11 41.27
CA LEU A 1128 27.27 -85.79 42.55
C LEU A 1128 27.84 -87.20 42.38
N GLN A 1129 28.48 -87.48 41.24
CA GLN A 1129 29.16 -88.76 41.06
C GLN A 1129 30.21 -89.06 42.12
N PRO A 1130 31.07 -88.12 42.55
CA PRO A 1130 32.06 -88.46 43.58
C PRO A 1130 31.44 -88.88 44.90
N GLU A 1131 30.17 -88.56 45.15
CA GLU A 1131 29.51 -89.00 46.37
C GLU A 1131 29.47 -90.51 46.47
N LEU A 1132 29.52 -91.21 45.33
CA LEU A 1132 29.51 -92.67 45.35
C LEU A 1132 30.71 -93.23 46.10
N ASP A 1133 31.80 -92.47 46.16
CA ASP A 1133 32.99 -92.91 46.88
C ASP A 1133 32.85 -92.66 48.38
N GLY B 71 -24.97 48.61 -40.46
CA GLY B 71 -25.76 48.35 -41.65
C GLY B 71 -27.23 48.08 -41.34
N LYS B 72 -27.47 47.13 -40.44
CA LYS B 72 -28.83 46.81 -40.04
C LYS B 72 -29.50 47.98 -39.33
N LYS B 73 -28.72 48.79 -38.62
CA LYS B 73 -29.28 49.95 -37.94
C LYS B 73 -29.88 50.94 -38.94
N LEU B 74 -29.19 51.18 -40.06
CA LEU B 74 -29.72 52.07 -41.08
C LEU B 74 -31.02 51.53 -41.66
N LEU B 75 -31.08 50.23 -41.94
CA LEU B 75 -32.29 49.63 -42.49
C LEU B 75 -33.45 49.75 -41.52
N GLU B 76 -33.20 49.46 -40.24
CA GLU B 76 -34.25 49.56 -39.24
C GLU B 76 -34.73 51.01 -39.08
N ALA B 77 -33.80 51.96 -39.07
CA ALA B 77 -34.18 53.36 -38.94
C ALA B 77 -34.98 53.84 -40.15
N ALA B 78 -34.60 53.40 -41.35
CA ALA B 78 -35.38 53.73 -42.53
C ALA B 78 -36.77 53.10 -42.46
N ARG B 79 -36.86 51.87 -41.95
CA ARG B 79 -38.16 51.24 -41.77
C ARG B 79 -39.00 51.99 -40.74
N ALA B 80 -38.36 52.64 -39.78
CA ALA B 80 -39.04 53.39 -38.74
C ALA B 80 -39.36 54.83 -39.15
N GLY B 81 -38.97 55.24 -40.34
CA GLY B 81 -39.24 56.60 -40.79
C GLY B 81 -38.52 57.68 -40.00
N GLN B 82 -37.24 57.49 -39.73
CA GLN B 82 -36.44 58.42 -38.94
C GLN B 82 -35.52 59.21 -39.84
N ASP B 83 -35.49 60.53 -39.65
CA ASP B 83 -34.69 61.42 -40.51
C ASP B 83 -33.30 61.66 -39.93
N ASP B 84 -33.24 62.23 -38.72
CA ASP B 84 -31.94 62.55 -38.12
C ASP B 84 -31.13 61.29 -37.86
N GLU B 85 -31.79 60.19 -37.48
CA GLU B 85 -31.08 58.95 -37.19
C GLU B 85 -30.36 58.43 -38.44
N VAL B 86 -31.07 58.36 -39.57
CA VAL B 86 -30.44 57.88 -40.80
C VAL B 86 -29.40 58.87 -41.28
N ARG B 87 -29.65 60.18 -41.11
CA ARG B 87 -28.66 61.17 -41.52
C ARG B 87 -27.36 60.98 -40.76
N ILE B 88 -27.44 60.77 -39.43
CA ILE B 88 -26.25 60.55 -38.64
C ILE B 88 -25.60 59.22 -38.99
N LEU B 89 -26.40 58.17 -39.21
CA LEU B 89 -25.85 56.85 -39.49
C LEU B 89 -25.08 56.83 -40.80
N MET B 90 -25.66 57.37 -41.87
CA MET B 90 -24.96 57.44 -43.14
C MET B 90 -23.91 58.54 -43.18
N ALA B 91 -23.95 59.49 -42.24
CA ALA B 91 -22.85 60.42 -42.05
C ALA B 91 -21.76 59.85 -41.16
N ASN B 92 -22.04 58.76 -40.44
CA ASN B 92 -21.03 58.14 -39.59
C ASN B 92 -20.03 57.32 -40.40
N GLY B 93 -20.46 56.73 -41.50
CA GLY B 93 -19.57 55.94 -42.34
C GLY B 93 -20.19 54.62 -42.77
N ALA B 94 -21.44 54.39 -42.40
CA ALA B 94 -22.12 53.17 -42.78
C ALA B 94 -22.40 53.14 -44.28
N ASP B 95 -22.47 51.92 -44.82
CA ASP B 95 -22.76 51.76 -46.24
C ASP B 95 -24.18 52.22 -46.55
N VAL B 96 -24.33 52.89 -47.69
CA VAL B 96 -25.64 53.41 -48.08
C VAL B 96 -26.52 52.32 -48.68
N ASN B 97 -25.94 51.21 -49.14
CA ASN B 97 -26.69 50.13 -49.78
C ASN B 97 -26.64 48.86 -48.94
N ALA B 98 -26.73 49.01 -47.61
CA ALA B 98 -26.76 47.84 -46.74
C ALA B 98 -28.08 47.09 -46.92
N CYS B 99 -28.00 45.77 -46.95
CA CYS B 99 -29.17 44.94 -47.19
C CYS B 99 -29.09 43.66 -46.37
N ASP B 100 -30.25 43.08 -46.11
CA ASP B 100 -30.36 41.80 -45.43
C ASP B 100 -30.04 40.69 -46.42
N PRO B 101 -30.05 39.42 -45.98
CA PRO B 101 -29.90 38.32 -46.94
C PRO B 101 -30.94 38.33 -48.05
N SER B 102 -32.09 38.96 -47.85
CA SER B 102 -33.09 39.11 -48.90
C SER B 102 -32.78 40.27 -49.84
N GLY B 103 -31.69 41.00 -49.62
CA GLY B 103 -31.33 42.12 -50.47
C GLY B 103 -32.27 43.30 -50.41
N ILE B 104 -32.67 43.71 -49.21
CA ILE B 104 -33.55 44.86 -49.04
C ILE B 104 -32.69 46.10 -48.80
N THR B 105 -32.60 46.96 -49.81
CA THR B 105 -31.88 48.21 -49.69
C THR B 105 -32.69 49.22 -48.88
N PRO B 106 -32.02 50.23 -48.29
CA PRO B 106 -32.78 51.28 -47.60
C PRO B 106 -33.74 52.02 -48.52
N LEU B 107 -33.35 52.23 -49.79
CA LEU B 107 -34.25 52.86 -50.75
C LEU B 107 -35.47 52.00 -51.01
N HIS B 108 -35.32 50.68 -50.91
CA HIS B 108 -36.46 49.78 -51.09
C HIS B 108 -37.55 50.09 -50.07
N LEU B 109 -37.19 50.13 -48.79
CA LEU B 109 -38.16 50.47 -47.76
C LEU B 109 -38.61 51.92 -47.86
N ALA B 110 -37.72 52.82 -48.26
CA ALA B 110 -38.09 54.23 -48.40
C ALA B 110 -39.19 54.40 -49.43
N ALA B 111 -39.08 53.72 -50.58
CA ALA B 111 -40.14 53.74 -51.57
C ALA B 111 -41.34 52.89 -51.15
N ASP B 112 -41.14 51.92 -50.26
CA ASP B 112 -42.26 51.14 -49.77
C ASP B 112 -43.18 51.96 -48.89
N LYS B 113 -42.62 52.71 -47.94
CA LYS B 113 -43.42 53.43 -46.95
C LYS B 113 -43.65 54.89 -47.28
N GLY B 114 -43.17 55.37 -48.42
CA GLY B 114 -43.41 56.75 -48.82
C GLY B 114 -42.77 57.80 -47.95
N HIS B 115 -41.53 57.58 -47.52
CA HIS B 115 -40.76 58.57 -46.77
C HIS B 115 -39.99 59.42 -47.77
N LEU B 116 -40.55 60.57 -48.13
CA LEU B 116 -39.97 61.40 -49.17
C LEU B 116 -38.58 61.91 -48.79
N GLU B 117 -38.43 62.38 -47.55
CA GLU B 117 -37.14 62.90 -47.11
C GLU B 117 -36.08 61.80 -47.09
N ILE B 118 -36.47 60.57 -46.78
CA ILE B 118 -35.51 59.47 -46.80
C ILE B 118 -34.98 59.25 -48.21
N VAL B 119 -35.89 59.21 -49.20
CA VAL B 119 -35.47 59.04 -50.58
C VAL B 119 -34.58 60.19 -51.01
N GLU B 120 -34.95 61.42 -50.64
CA GLU B 120 -34.13 62.57 -50.99
C GLU B 120 -32.73 62.47 -50.39
N VAL B 121 -32.64 62.08 -49.12
CA VAL B 121 -31.33 61.98 -48.46
C VAL B 121 -30.49 60.89 -49.11
N LEU B 122 -31.09 59.73 -49.38
CA LEU B 122 -30.34 58.65 -50.03
C LEU B 122 -29.85 59.05 -51.41
N LEU B 123 -30.69 59.72 -52.20
CA LEU B 123 -30.24 60.11 -53.53
C LEU B 123 -29.17 61.20 -53.46
N LYS B 124 -29.28 62.12 -52.49
CA LYS B 124 -28.26 63.14 -52.33
C LYS B 124 -26.91 62.53 -51.92
N TYR B 125 -26.94 61.53 -51.04
CA TYR B 125 -25.71 60.90 -50.60
C TYR B 125 -25.21 59.84 -51.58
N GLY B 126 -25.98 59.51 -52.61
CA GLY B 126 -25.52 58.57 -53.62
C GLY B 126 -25.93 57.14 -53.39
N ALA B 127 -27.23 56.90 -53.17
CA ALA B 127 -27.74 55.55 -53.05
C ALA B 127 -27.86 54.90 -54.42
N ASP B 128 -27.99 53.57 -54.41
CA ASP B 128 -28.09 52.82 -55.64
C ASP B 128 -29.41 53.11 -56.34
N VAL B 129 -29.35 53.25 -57.67
CA VAL B 129 -30.54 53.49 -58.49
C VAL B 129 -31.12 52.19 -59.05
N ASN B 130 -30.42 51.08 -58.91
CA ASN B 130 -30.81 49.79 -59.49
C ASN B 130 -30.88 48.72 -58.42
N ALA B 131 -31.58 49.01 -57.32
CA ALA B 131 -31.73 48.05 -56.24
C ALA B 131 -32.36 46.77 -56.75
N MET B 132 -31.81 45.64 -56.31
CA MET B 132 -32.15 44.33 -56.88
C MET B 132 -32.32 43.35 -55.70
N ASP B 133 -33.56 43.06 -55.34
CA ASP B 133 -33.86 42.13 -54.27
C ASP B 133 -34.03 40.72 -54.83
N VAL B 134 -34.53 39.79 -54.02
CA VAL B 134 -34.64 38.40 -54.45
C VAL B 134 -35.60 38.29 -55.64
N TRP B 135 -36.75 38.96 -55.55
CA TRP B 135 -37.74 38.90 -56.61
C TRP B 135 -37.42 39.81 -57.78
N GLY B 136 -36.44 40.71 -57.64
CA GLY B 136 -36.10 41.65 -58.69
C GLY B 136 -36.80 42.98 -58.60
N ARG B 137 -37.44 43.29 -57.47
CA ARG B 137 -38.15 44.55 -57.32
C ARG B 137 -37.16 45.72 -57.26
N THR B 138 -37.59 46.87 -57.76
CA THR B 138 -36.83 48.11 -57.77
C THR B 138 -37.57 49.18 -56.98
N PRO B 139 -36.87 50.22 -56.52
CA PRO B 139 -37.58 51.29 -55.80
C PRO B 139 -38.70 51.92 -56.61
N LEU B 140 -38.52 52.09 -57.92
CA LEU B 140 -39.59 52.65 -58.74
C LEU B 140 -40.74 51.67 -58.88
N HIS B 141 -40.46 50.37 -58.84
CA HIS B 141 -41.53 49.37 -58.85
C HIS B 141 -42.46 49.57 -57.67
N LEU B 142 -41.90 49.75 -56.47
CA LEU B 142 -42.75 49.99 -55.31
C LEU B 142 -43.32 51.41 -55.30
N ALA B 143 -42.64 52.35 -55.95
CA ALA B 143 -43.22 53.69 -56.10
C ALA B 143 -44.51 53.63 -56.91
N ALA B 144 -44.51 52.84 -57.98
CA ALA B 144 -45.72 52.65 -58.77
C ALA B 144 -46.73 51.74 -58.09
N PHE B 145 -46.26 50.74 -57.32
CA PHE B 145 -47.16 49.82 -56.64
C PHE B 145 -47.93 50.52 -55.53
N THR B 146 -47.23 51.26 -54.66
CA THR B 146 -47.86 51.90 -53.52
C THR B 146 -48.53 53.22 -53.86
N GLY B 147 -48.11 53.87 -54.93
CA GLY B 147 -48.70 55.14 -55.31
C GLY B 147 -48.11 56.33 -54.60
N HIS B 148 -46.79 56.50 -54.71
CA HIS B 148 -46.09 57.62 -54.09
C HIS B 148 -45.73 58.63 -55.17
N LEU B 149 -46.00 59.91 -54.89
CA LEU B 149 -45.97 60.93 -55.93
C LEU B 149 -44.54 61.33 -56.30
N GLU B 150 -43.79 61.88 -55.35
CA GLU B 150 -42.49 62.45 -55.66
C GLU B 150 -41.33 61.47 -55.55
N ILE B 151 -41.56 60.28 -54.98
CA ILE B 151 -40.50 59.28 -54.91
C ILE B 151 -40.09 58.86 -56.31
N VAL B 152 -41.07 58.54 -57.15
CA VAL B 152 -40.77 58.14 -58.52
C VAL B 152 -40.18 59.31 -59.29
N GLU B 153 -40.65 60.53 -59.02
CA GLU B 153 -40.11 61.70 -59.70
C GLU B 153 -38.63 61.89 -59.41
N VAL B 154 -38.26 61.84 -58.12
CA VAL B 154 -36.86 62.03 -57.77
C VAL B 154 -36.02 60.85 -58.27
N LEU B 155 -36.57 59.63 -58.27
CA LEU B 155 -35.79 58.50 -58.73
C LEU B 155 -35.57 58.55 -60.25
N LEU B 156 -36.56 59.01 -61.00
CA LEU B 156 -36.36 59.18 -62.44
C LEU B 156 -35.43 60.36 -62.72
N LYS B 157 -35.46 61.39 -61.86
CA LYS B 157 -34.46 62.45 -61.96
C LYS B 157 -33.06 61.93 -61.72
N TYR B 158 -32.93 60.92 -60.84
CA TYR B 158 -31.63 60.29 -60.64
C TYR B 158 -31.12 59.62 -61.91
N GLY B 159 -32.02 59.11 -62.74
CA GLY B 159 -31.63 58.41 -63.94
C GLY B 159 -32.07 56.95 -63.94
N ALA B 160 -33.20 56.69 -63.30
CA ALA B 160 -33.70 55.32 -63.17
C ALA B 160 -34.11 54.76 -64.52
N ASP B 161 -33.88 53.47 -64.71
CA ASP B 161 -34.33 52.77 -65.91
C ASP B 161 -35.85 52.67 -65.91
N VAL B 162 -36.43 52.72 -67.12
CA VAL B 162 -37.88 52.66 -67.27
C VAL B 162 -38.38 51.28 -67.66
N ASN B 163 -37.53 50.43 -68.23
CA ASN B 163 -37.93 49.11 -68.71
C ASN B 163 -37.28 47.99 -67.91
N ALA B 164 -37.20 48.16 -66.59
CA ALA B 164 -36.68 47.11 -65.74
C ALA B 164 -37.67 45.96 -65.64
N CYS B 165 -37.19 44.74 -65.84
CA CYS B 165 -38.03 43.55 -65.79
C CYS B 165 -37.59 42.67 -64.61
N ASP B 166 -38.54 42.35 -63.74
CA ASP B 166 -38.27 41.52 -62.58
C ASP B 166 -38.36 40.04 -62.97
N LEU B 167 -38.38 39.16 -61.96
CA LEU B 167 -38.50 37.73 -62.24
C LEU B 167 -39.83 37.41 -62.92
N ASN B 168 -40.91 38.04 -62.46
CA ASN B 168 -42.21 37.86 -63.09
C ASN B 168 -42.33 38.58 -64.42
N GLY B 169 -41.36 39.41 -64.78
CA GLY B 169 -41.43 40.16 -66.02
C GLY B 169 -42.42 41.30 -66.00
N TYR B 170 -42.77 41.80 -64.82
CA TYR B 170 -43.77 42.85 -64.67
C TYR B 170 -43.05 44.20 -64.68
N THR B 171 -43.28 44.98 -65.72
CA THR B 171 -42.71 46.31 -65.80
C THR B 171 -43.38 47.23 -64.79
N PRO B 172 -42.69 48.29 -64.34
CA PRO B 172 -43.34 49.24 -63.42
C PRO B 172 -44.60 49.86 -63.99
N LEU B 173 -44.65 50.06 -65.30
CA LEU B 173 -45.86 50.59 -65.92
C LEU B 173 -47.04 49.63 -65.74
N HIS B 174 -46.78 48.33 -65.85
CA HIS B 174 -47.84 47.35 -65.61
C HIS B 174 -48.36 47.43 -64.18
N LEU B 175 -47.45 47.56 -63.21
CA LEU B 175 -47.88 47.69 -61.82
C LEU B 175 -48.70 48.95 -61.61
N ALA B 176 -48.24 50.07 -62.16
CA ALA B 176 -48.95 51.33 -61.99
C ALA B 176 -50.33 51.26 -62.62
N ALA B 177 -50.44 50.64 -63.81
CA ALA B 177 -51.73 50.51 -64.46
C ALA B 177 -52.67 49.61 -63.65
N GLY B 178 -52.16 48.47 -63.19
CA GLY B 178 -53.00 47.56 -62.42
C GLY B 178 -53.38 48.10 -61.06
N ARG B 179 -52.64 49.08 -60.55
CA ARG B 179 -52.87 49.62 -59.21
C ARG B 179 -53.62 50.95 -59.23
N GLY B 180 -54.11 51.38 -60.39
CA GLY B 180 -54.92 52.57 -60.48
C GLY B 180 -54.24 53.87 -60.13
N HIS B 181 -53.01 54.06 -60.61
CA HIS B 181 -52.24 55.28 -60.36
C HIS B 181 -52.03 55.98 -61.70
N LEU B 182 -52.99 56.83 -62.06
CA LEU B 182 -52.94 57.48 -63.37
C LEU B 182 -51.77 58.44 -63.47
N GLU B 183 -51.51 59.21 -62.41
CA GLU B 183 -50.41 60.16 -62.45
C GLU B 183 -49.06 59.45 -62.57
N ILE B 184 -48.91 58.32 -61.87
CA ILE B 184 -47.68 57.55 -61.98
C ILE B 184 -47.51 57.01 -63.39
N VAL B 185 -48.58 56.50 -63.99
CA VAL B 185 -48.52 56.00 -65.35
C VAL B 185 -48.09 57.10 -66.30
N GLU B 186 -48.69 58.29 -66.16
CA GLU B 186 -48.36 59.39 -67.06
C GLU B 186 -46.93 59.88 -66.86
N VAL B 187 -46.47 59.98 -65.61
CA VAL B 187 -45.12 60.48 -65.37
C VAL B 187 -44.08 59.49 -65.85
N LEU B 188 -44.37 58.18 -65.76
CA LEU B 188 -43.46 57.22 -66.39
C LEU B 188 -43.55 57.27 -67.91
N LEU B 189 -44.73 57.56 -68.46
CA LEU B 189 -44.88 57.66 -69.90
C LEU B 189 -44.08 58.83 -70.45
N LYS B 190 -43.98 59.92 -69.69
CA LYS B 190 -43.19 61.06 -70.13
C LYS B 190 -41.72 60.69 -70.27
N ASN B 191 -41.22 59.80 -69.42
CA ASN B 191 -39.81 59.41 -69.45
C ASN B 191 -39.45 58.64 -70.72
N GLY B 192 -40.42 58.16 -71.47
CA GLY B 192 -40.16 57.34 -72.65
C GLY B 192 -40.49 55.89 -72.39
N ALA B 193 -41.57 55.65 -71.64
CA ALA B 193 -41.95 54.30 -71.27
C ALA B 193 -42.37 53.50 -72.49
N GLY B 194 -42.06 52.21 -72.48
CA GLY B 194 -42.44 51.32 -73.56
C GLY B 194 -43.86 50.81 -73.40
N VAL B 195 -44.79 51.37 -74.17
CA VAL B 195 -46.19 50.94 -74.09
C VAL B 195 -46.33 49.50 -74.59
N ASN B 196 -45.46 49.07 -75.49
CA ASN B 196 -45.53 47.74 -76.08
C ASN B 196 -44.73 46.70 -75.30
N ALA B 197 -44.49 46.95 -74.01
CA ALA B 197 -43.77 45.98 -73.19
C ALA B 197 -44.66 44.81 -72.84
N GLN B 198 -44.07 43.61 -72.80
CA GLN B 198 -44.78 42.38 -72.51
C GLN B 198 -44.22 41.74 -71.25
N ASP B 199 -45.06 41.02 -70.53
CA ASP B 199 -44.66 40.28 -69.34
C ASP B 199 -44.27 38.86 -69.73
N LYS B 200 -44.09 38.00 -68.73
CA LYS B 200 -43.75 36.60 -69.00
C LYS B 200 -44.88 35.85 -69.67
N PHE B 201 -46.13 36.31 -69.53
CA PHE B 201 -47.27 35.69 -70.17
C PHE B 201 -47.62 36.32 -71.52
N GLY B 202 -46.86 37.33 -71.93
CA GLY B 202 -47.14 38.03 -73.18
C GLY B 202 -48.12 39.18 -73.07
N LYS B 203 -48.69 39.42 -71.89
CA LYS B 203 -49.66 40.49 -71.72
C LYS B 203 -48.94 41.82 -71.51
N THR B 204 -49.62 42.90 -71.89
CA THR B 204 -49.11 44.25 -71.74
C THR B 204 -49.86 44.97 -70.63
N ALA B 205 -49.52 46.25 -70.44
CA ALA B 205 -50.23 47.07 -69.45
C ALA B 205 -51.69 47.25 -69.83
N PHE B 206 -52.00 47.28 -71.13
CA PHE B 206 -53.38 47.43 -71.56
C PHE B 206 -54.23 46.23 -71.16
N ASP B 207 -53.67 45.02 -71.28
CA ASP B 207 -54.41 43.82 -70.88
C ASP B 207 -54.68 43.82 -69.37
N ILE B 208 -53.68 44.20 -68.58
CA ILE B 208 -53.87 44.26 -67.13
C ILE B 208 -54.90 45.33 -66.78
N SER B 209 -54.87 46.47 -67.48
CA SER B 209 -55.82 47.54 -67.21
C SER B 209 -57.25 47.11 -67.56
N ILE B 210 -57.44 46.45 -68.69
CA ILE B 210 -58.80 46.02 -69.04
C ILE B 210 -59.24 44.89 -68.11
N ASP B 211 -58.30 44.11 -67.58
CA ASP B 211 -58.65 43.17 -66.51
C ASP B 211 -59.12 43.92 -65.28
N ASN B 212 -58.48 45.05 -64.96
CA ASN B 212 -58.87 45.88 -63.82
C ASN B 212 -60.09 46.74 -64.10
N GLY B 213 -60.54 46.82 -65.36
CA GLY B 213 -61.73 47.58 -65.69
C GLY B 213 -61.61 49.08 -65.51
N ASN B 214 -60.51 49.67 -65.96
CA ASN B 214 -60.28 51.12 -65.88
C ASN B 214 -60.43 51.71 -67.27
N GLU B 215 -61.54 52.40 -67.52
CA GLU B 215 -61.79 52.97 -68.83
C GLU B 215 -60.86 54.14 -69.12
N ASP B 216 -60.74 55.09 -68.18
CA ASP B 216 -59.90 56.25 -68.40
C ASP B 216 -58.43 55.85 -68.52
N LEU B 217 -57.99 54.91 -67.69
CA LEU B 217 -56.62 54.41 -67.80
C LEU B 217 -56.40 53.72 -69.14
N ALA B 218 -57.38 52.95 -69.61
CA ALA B 218 -57.27 52.33 -70.92
C ALA B 218 -57.15 53.38 -72.01
N GLU B 219 -57.93 54.45 -71.91
CA GLU B 219 -57.86 55.52 -72.91
C GLU B 219 -56.50 56.19 -72.90
N ILE B 220 -55.98 56.50 -71.72
CA ILE B 220 -54.70 57.21 -71.66
C ILE B 220 -53.56 56.31 -72.09
N LEU B 221 -53.66 55.00 -71.85
CA LEU B 221 -52.63 54.08 -72.30
C LEU B 221 -52.69 53.85 -73.79
N GLN B 222 -53.90 53.82 -74.38
CA GLN B 222 -54.05 53.65 -75.81
C GLN B 222 -53.69 54.91 -76.59
N SER B 223 -53.81 56.08 -75.95
CA SER B 223 -53.52 57.34 -76.65
C SER B 223 -52.07 57.40 -77.09
N SER B 224 -51.15 56.98 -76.23
CA SER B 224 -49.72 57.00 -76.55
C SER B 224 -49.28 55.75 -77.31
N SER B 225 -50.16 54.77 -77.48
CA SER B 225 -49.80 53.53 -78.16
C SER B 225 -50.01 53.67 -79.67
N GLN C 1 -57.66 -3.42 -37.47
CA GLN C 1 -58.98 -3.17 -36.90
C GLN C 1 -59.10 -3.78 -35.50
N CYS C 2 -59.72 -3.03 -34.59
CA CYS C 2 -59.81 -3.43 -33.19
C CYS C 2 -61.20 -3.97 -32.89
N VAL C 3 -61.25 -5.10 -32.18
CA VAL C 3 -62.50 -5.73 -31.76
C VAL C 3 -62.44 -5.98 -30.25
N ASN C 4 -63.49 -6.60 -29.74
CA ASN C 4 -63.58 -6.96 -28.34
C ASN C 4 -64.24 -8.33 -28.21
N LEU C 5 -64.01 -8.97 -27.08
CA LEU C 5 -64.58 -10.28 -26.78
C LEU C 5 -65.66 -10.14 -25.73
N THR C 6 -66.78 -10.80 -25.95
CA THR C 6 -67.91 -10.79 -25.02
C THR C 6 -68.41 -12.21 -24.79
N THR C 7 -69.25 -12.37 -23.78
CA THR C 7 -69.84 -13.66 -23.41
C THR C 7 -68.75 -14.68 -23.09
N ARG C 8 -67.97 -14.37 -22.06
CA ARG C 8 -66.88 -15.23 -21.62
C ARG C 8 -66.98 -15.45 -20.11
N THR C 9 -66.47 -16.60 -19.66
CA THR C 9 -66.46 -16.95 -18.26
C THR C 9 -65.12 -16.57 -17.65
N GLN C 10 -65.16 -15.98 -16.45
CA GLN C 10 -63.97 -15.57 -15.73
C GLN C 10 -63.76 -16.48 -14.54
N LEU C 11 -62.53 -16.93 -14.33
CA LEU C 11 -62.18 -17.80 -13.24
C LEU C 11 -60.96 -17.25 -12.50
N PRO C 12 -60.88 -17.50 -11.19
CA PRO C 12 -59.72 -17.02 -10.44
C PRO C 12 -58.47 -17.79 -10.82
N PRO C 13 -57.31 -17.14 -10.80
CA PRO C 13 -56.06 -17.86 -11.10
C PRO C 13 -55.71 -18.84 -9.99
N ALA C 14 -54.98 -19.88 -10.36
CA ALA C 14 -54.59 -20.92 -9.41
C ALA C 14 -53.10 -20.83 -9.12
N TYR C 15 -52.65 -21.65 -8.18
CA TYR C 15 -51.23 -21.74 -7.82
C TYR C 15 -50.78 -23.19 -7.93
N THR C 16 -49.51 -23.38 -8.27
CA THR C 16 -48.91 -24.70 -8.30
C THR C 16 -47.44 -24.57 -7.94
N ASN C 17 -46.74 -25.69 -7.97
CA ASN C 17 -45.37 -25.78 -7.48
C ASN C 17 -44.44 -26.25 -8.59
N SER C 18 -43.25 -25.66 -8.64
CA SER C 18 -42.22 -26.05 -9.58
C SER C 18 -41.30 -27.08 -8.94
N PHE C 19 -41.19 -28.25 -9.55
CA PHE C 19 -40.41 -29.36 -8.99
C PHE C 19 -39.05 -29.38 -9.69
N THR C 20 -38.17 -28.49 -9.24
CA THR C 20 -36.80 -28.40 -9.73
C THR C 20 -36.76 -28.21 -11.25
N ARG C 21 -37.37 -27.12 -11.70
CA ARG C 21 -37.40 -26.78 -13.11
C ARG C 21 -37.00 -25.32 -13.30
N GLY C 22 -36.40 -25.03 -14.45
CA GLY C 22 -35.97 -23.68 -14.74
C GLY C 22 -34.46 -23.51 -14.72
N VAL C 23 -33.74 -24.53 -15.13
CA VAL C 23 -32.29 -24.52 -15.17
C VAL C 23 -31.83 -24.30 -16.60
N TYR C 24 -30.87 -23.40 -16.79
CA TYR C 24 -30.37 -23.08 -18.12
C TYR C 24 -28.89 -22.78 -18.02
N TYR C 25 -28.20 -22.92 -19.14
CA TYR C 25 -26.76 -22.64 -19.18
C TYR C 25 -26.55 -21.14 -19.08
N PRO C 26 -25.85 -20.65 -18.06
CA PRO C 26 -25.68 -19.21 -17.92
C PRO C 26 -24.51 -18.68 -18.74
N ASP C 27 -23.53 -19.54 -19.00
CA ASP C 27 -22.31 -19.16 -19.70
C ASP C 27 -22.24 -19.83 -21.06
N LYS C 28 -21.14 -19.61 -21.76
CA LYS C 28 -20.89 -20.16 -23.08
C LYS C 28 -19.61 -20.99 -23.10
N VAL C 29 -19.26 -21.60 -21.97
CA VAL C 29 -18.02 -22.34 -21.83
C VAL C 29 -18.33 -23.83 -21.76
N PHE C 30 -17.28 -24.64 -21.85
CA PHE C 30 -17.38 -26.09 -21.80
C PHE C 30 -16.65 -26.60 -20.56
N ARG C 31 -17.33 -27.43 -19.77
CA ARG C 31 -16.77 -28.03 -18.57
C ARG C 31 -17.09 -29.51 -18.57
N SER C 32 -16.16 -30.32 -18.05
CA SER C 32 -16.33 -31.77 -17.99
C SER C 32 -16.09 -32.23 -16.56
N SER C 33 -17.12 -32.82 -15.95
CA SER C 33 -17.06 -33.36 -14.59
C SER C 33 -16.59 -32.30 -13.60
N VAL C 34 -17.35 -31.21 -13.55
CA VAL C 34 -17.05 -30.08 -12.68
C VAL C 34 -18.29 -29.77 -11.85
N LEU C 35 -18.07 -29.18 -10.67
CA LEU C 35 -19.14 -28.80 -9.76
C LEU C 35 -19.19 -27.28 -9.59
N HIS C 36 -19.10 -26.56 -10.70
CA HIS C 36 -19.01 -25.10 -10.64
C HIS C 36 -20.28 -24.50 -10.04
N SER C 37 -20.10 -23.41 -9.29
CA SER C 37 -21.20 -22.67 -8.67
C SER C 37 -21.22 -21.25 -9.20
N THR C 38 -22.42 -20.71 -9.34
CA THR C 38 -22.57 -19.36 -9.88
C THR C 38 -23.78 -18.68 -9.28
N GLN C 39 -23.71 -17.35 -9.20
CA GLN C 39 -24.78 -16.53 -8.65
C GLN C 39 -25.40 -15.72 -9.78
N ASP C 40 -26.62 -16.11 -10.19
CA ASP C 40 -27.30 -15.50 -11.32
C ASP C 40 -28.80 -15.42 -11.02
N LEU C 41 -29.55 -14.91 -11.99
CA LEU C 41 -31.00 -14.91 -11.90
C LEU C 41 -31.53 -16.31 -12.22
N PHE C 42 -32.34 -16.85 -11.31
CA PHE C 42 -32.84 -18.21 -11.45
C PHE C 42 -34.25 -18.29 -10.89
N LEU C 43 -34.85 -19.46 -11.07
CA LEU C 43 -36.17 -19.73 -10.50
C LEU C 43 -35.99 -20.61 -9.28
N PRO C 44 -36.29 -20.12 -8.07
CA PRO C 44 -36.04 -20.94 -6.87
C PRO C 44 -36.84 -22.23 -6.88
N PHE C 45 -36.22 -23.28 -6.35
CA PHE C 45 -36.86 -24.58 -6.29
C PHE C 45 -38.01 -24.55 -5.29
N PHE C 46 -39.07 -25.31 -5.60
CA PHE C 46 -40.23 -25.49 -4.72
C PHE C 46 -40.83 -24.14 -4.34
N SER C 47 -41.36 -23.46 -5.36
CA SER C 47 -41.89 -22.12 -5.19
C SER C 47 -43.27 -22.02 -5.80
N ASN C 48 -44.06 -21.08 -5.27
CA ASN C 48 -45.34 -20.73 -5.86
C ASN C 48 -45.15 -20.29 -7.30
N VAL C 49 -46.03 -20.76 -8.18
CA VAL C 49 -46.09 -20.27 -9.55
C VAL C 49 -47.54 -20.22 -9.99
N THR C 50 -47.93 -19.10 -10.60
CA THR C 50 -49.31 -18.89 -10.99
C THR C 50 -49.71 -19.81 -12.14
N TRP C 51 -51.01 -20.05 -12.26
CA TRP C 51 -51.55 -20.96 -13.25
C TRP C 51 -52.84 -20.37 -13.81
N PHE C 52 -52.89 -20.19 -15.12
CA PHE C 52 -54.06 -19.71 -15.83
C PHE C 52 -54.56 -20.79 -16.76
N HIS C 53 -55.88 -21.02 -16.74
CA HIS C 53 -56.51 -22.08 -17.51
C HIS C 53 -57.26 -21.49 -18.69
N ALA C 54 -57.03 -22.04 -19.87
CA ALA C 54 -57.69 -21.61 -21.11
C ALA C 54 -58.72 -22.63 -21.57
N ILE C 55 -59.42 -23.25 -20.63
CA ILE C 55 -60.40 -24.28 -20.96
C ILE C 55 -61.57 -23.67 -21.73
N HIS C 56 -62.14 -24.46 -22.65
CA HIS C 56 -63.29 -24.00 -23.41
C HIS C 56 -64.55 -23.91 -22.57
N VAL C 57 -64.62 -24.66 -21.47
CA VAL C 57 -65.78 -24.63 -20.60
C VAL C 57 -65.49 -23.77 -19.37
N THR C 63 -68.32 -22.39 -18.95
CA THR C 63 -68.65 -22.40 -20.37
C THR C 63 -68.10 -21.15 -21.05
N LYS C 64 -67.47 -21.33 -22.22
CA LYS C 64 -66.87 -20.23 -22.99
C LYS C 64 -65.85 -19.48 -22.14
N ARG C 65 -65.05 -20.21 -21.39
CA ARG C 65 -64.02 -19.60 -20.54
C ARG C 65 -62.85 -19.13 -21.40
N PHE C 66 -62.36 -17.93 -21.09
CA PHE C 66 -61.22 -17.35 -21.79
C PHE C 66 -60.31 -16.66 -20.79
N ASP C 67 -59.04 -16.54 -21.15
CA ASP C 67 -58.06 -15.92 -20.26
C ASP C 67 -56.98 -15.24 -21.08
N ASN C 68 -56.72 -13.97 -20.78
CA ASN C 68 -55.63 -13.22 -21.39
C ASN C 68 -55.29 -12.00 -20.53
N PRO C 69 -54.82 -12.20 -19.30
CA PRO C 69 -54.58 -11.06 -18.41
C PRO C 69 -53.26 -10.38 -18.72
N VAL C 70 -53.06 -9.24 -18.07
CA VAL C 70 -51.82 -8.46 -18.18
C VAL C 70 -50.95 -8.77 -16.97
N LEU C 71 -49.67 -9.04 -17.23
CA LEU C 71 -48.74 -9.44 -16.17
C LEU C 71 -47.53 -8.52 -16.21
N PRO C 72 -47.08 -7.99 -15.07
CA PRO C 72 -45.87 -7.18 -15.07
C PRO C 72 -44.63 -8.03 -15.36
N PHE C 73 -43.62 -7.39 -15.93
CA PHE C 73 -42.38 -8.04 -16.32
C PHE C 73 -41.32 -7.75 -15.25
N ASN C 74 -41.00 -8.76 -14.45
CA ASN C 74 -39.95 -8.65 -13.45
C ASN C 74 -38.59 -8.81 -14.14
N ASP C 75 -37.54 -9.01 -13.34
CA ASP C 75 -36.21 -9.15 -13.90
C ASP C 75 -36.09 -10.34 -14.85
N GLY C 76 -36.97 -11.33 -14.74
CA GLY C 76 -36.97 -12.45 -15.65
C GLY C 76 -38.32 -13.14 -15.63
N VAL C 77 -38.61 -13.85 -16.72
CA VAL C 77 -39.89 -14.53 -16.87
C VAL C 77 -39.65 -15.96 -17.31
N TYR C 78 -40.32 -16.90 -16.65
CA TYR C 78 -40.30 -18.31 -17.03
C TYR C 78 -41.70 -18.67 -17.51
N PHE C 79 -41.78 -19.17 -18.75
CA PHE C 79 -43.05 -19.48 -19.41
C PHE C 79 -43.06 -20.96 -19.76
N ALA C 80 -43.97 -21.71 -19.14
CA ALA C 80 -44.07 -23.16 -19.38
C ALA C 80 -45.45 -23.45 -19.96
N SER C 81 -45.49 -23.84 -21.23
CA SER C 81 -46.74 -24.06 -21.93
C SER C 81 -46.92 -25.54 -22.24
N THR C 82 -48.05 -26.10 -21.85
CA THR C 82 -48.41 -27.46 -22.18
C THR C 82 -49.36 -27.43 -23.37
N GLU C 83 -48.96 -28.01 -24.50
CA GLU C 83 -49.70 -27.87 -25.73
C GLU C 83 -49.86 -29.22 -26.42
N LYS C 84 -50.92 -29.31 -27.22
CA LYS C 84 -51.19 -30.50 -28.03
C LYS C 84 -51.35 -30.11 -29.49
N SER C 85 -51.84 -28.90 -29.75
CA SER C 85 -51.99 -28.39 -31.11
C SER C 85 -51.50 -26.95 -31.24
N ASN C 86 -50.72 -26.46 -30.28
CA ASN C 86 -50.14 -25.12 -30.31
C ASN C 86 -51.23 -24.04 -30.43
N ILE C 87 -52.09 -24.01 -29.43
CA ILE C 87 -53.10 -22.95 -29.36
C ILE C 87 -52.43 -21.60 -29.11
N ILE C 88 -51.43 -21.56 -28.23
CA ILE C 88 -50.70 -20.32 -27.98
C ILE C 88 -49.80 -20.04 -29.16
N ARG C 89 -49.66 -18.76 -29.52
CA ARG C 89 -48.87 -18.38 -30.68
C ARG C 89 -47.70 -17.45 -30.32
N GLY C 90 -47.95 -16.32 -29.68
CA GLY C 90 -46.89 -15.35 -29.53
C GLY C 90 -47.08 -14.44 -28.35
N TRP C 91 -46.18 -13.46 -28.25
CA TRP C 91 -46.15 -12.55 -27.12
C TRP C 91 -45.87 -11.13 -27.58
N ILE C 92 -46.25 -10.17 -26.73
CA ILE C 92 -45.92 -8.76 -26.92
C ILE C 92 -45.30 -8.25 -25.63
N PHE C 93 -44.31 -7.39 -25.75
CA PHE C 93 -43.58 -6.85 -24.61
C PHE C 93 -43.50 -5.33 -24.74
N GLY C 94 -43.62 -4.65 -23.61
CA GLY C 94 -43.54 -3.19 -23.62
C GLY C 94 -43.88 -2.61 -22.27
N THR C 95 -44.22 -1.33 -22.27
CA THR C 95 -44.62 -0.62 -21.07
C THR C 95 -46.05 -0.11 -21.14
N THR C 96 -46.44 0.52 -22.25
CA THR C 96 -47.78 1.04 -22.41
C THR C 96 -48.60 0.30 -23.46
N LEU C 97 -47.94 -0.26 -24.48
CA LEU C 97 -48.62 -1.05 -25.52
C LEU C 97 -49.71 -0.24 -26.22
N ASP C 98 -49.42 1.03 -26.50
CA ASP C 98 -50.38 1.90 -27.17
C ASP C 98 -49.70 2.78 -28.23
N SER C 99 -48.66 2.27 -28.87
CA SER C 99 -47.92 2.94 -29.92
C SER C 99 -47.25 4.24 -29.47
N LYS C 100 -47.23 4.51 -28.17
CA LYS C 100 -46.55 5.69 -27.65
C LYS C 100 -45.11 5.40 -27.25
N THR C 101 -44.72 4.12 -27.16
CA THR C 101 -43.37 3.73 -26.81
C THR C 101 -42.98 2.53 -27.64
N GLN C 102 -41.67 2.28 -27.72
CA GLN C 102 -41.17 1.12 -28.45
C GLN C 102 -41.64 -0.17 -27.79
N SER C 103 -42.00 -1.15 -28.62
CA SER C 103 -42.53 -2.41 -28.11
C SER C 103 -42.09 -3.56 -29.00
N LEU C 104 -41.92 -4.72 -28.39
CA LEU C 104 -41.51 -5.93 -29.09
C LEU C 104 -42.72 -6.81 -29.34
N LEU C 105 -42.74 -7.48 -30.49
CA LEU C 105 -43.80 -8.41 -30.84
C LEU C 105 -43.16 -9.63 -31.48
N ILE C 106 -43.39 -10.81 -30.89
CA ILE C 106 -42.84 -12.06 -31.38
C ILE C 106 -43.99 -13.00 -31.69
N VAL C 107 -44.06 -13.47 -32.94
CA VAL C 107 -45.07 -14.42 -33.36
C VAL C 107 -44.42 -15.44 -34.30
N ASN C 108 -44.88 -16.69 -34.23
CA ASN C 108 -44.46 -17.75 -35.15
C ASN C 108 -45.72 -18.43 -35.65
N ASN C 109 -46.31 -17.89 -36.70
CA ASN C 109 -47.54 -18.41 -37.26
C ASN C 109 -47.22 -19.40 -38.38
N ALA C 110 -48.24 -19.78 -39.15
CA ALA C 110 -48.01 -20.63 -40.31
C ALA C 110 -47.15 -19.92 -41.34
N THR C 111 -47.24 -18.60 -41.42
CA THR C 111 -46.38 -17.82 -42.29
C THR C 111 -45.02 -17.61 -41.61
N ASN C 112 -44.22 -16.70 -42.16
CA ASN C 112 -42.87 -16.50 -41.66
C ASN C 112 -42.87 -16.01 -40.21
N VAL C 113 -41.86 -16.44 -39.45
CA VAL C 113 -41.74 -16.04 -38.05
C VAL C 113 -41.32 -14.57 -38.00
N VAL C 114 -42.03 -13.79 -37.18
CA VAL C 114 -41.86 -12.35 -37.12
C VAL C 114 -41.40 -11.95 -35.73
N ILE C 115 -40.33 -11.17 -35.67
CA ILE C 115 -39.87 -10.53 -34.44
C ILE C 115 -39.68 -9.06 -34.78
N LYS C 116 -40.64 -8.22 -34.40
CA LYS C 116 -40.62 -6.81 -34.77
C LYS C 116 -40.54 -5.96 -33.52
N VAL C 117 -39.54 -5.09 -33.45
CA VAL C 117 -39.39 -4.15 -32.36
C VAL C 117 -39.69 -2.76 -32.89
N CYS C 118 -40.95 -2.35 -32.77
CA CYS C 118 -41.43 -1.12 -33.39
C CYS C 118 -42.58 -0.60 -32.54
N GLU C 119 -43.35 0.35 -33.08
CA GLU C 119 -44.49 0.92 -32.38
C GLU C 119 -45.78 0.35 -32.93
N PHE C 120 -46.67 -0.06 -32.03
CA PHE C 120 -47.95 -0.66 -32.41
C PHE C 120 -49.04 -0.16 -31.48
N GLN C 121 -50.18 0.20 -32.07
CA GLN C 121 -51.36 0.56 -31.29
C GLN C 121 -52.17 -0.70 -31.09
N PHE C 122 -51.83 -1.44 -30.04
CA PHE C 122 -52.51 -2.70 -29.74
C PHE C 122 -53.97 -2.45 -29.35
N CYS C 123 -54.82 -3.41 -29.67
CA CYS C 123 -56.24 -3.33 -29.33
C CYS C 123 -56.47 -3.85 -27.92
N ASN C 124 -57.72 -3.79 -27.48
CA ASN C 124 -58.06 -4.27 -26.14
C ASN C 124 -57.81 -5.77 -26.01
N ASP C 125 -58.16 -6.55 -27.03
CA ASP C 125 -58.00 -8.01 -27.02
C ASP C 125 -57.32 -8.44 -28.31
N PRO C 126 -56.00 -8.22 -28.43
CA PRO C 126 -55.27 -8.77 -29.57
C PRO C 126 -55.30 -10.29 -29.56
N PHE C 127 -55.44 -10.88 -30.75
CA PHE C 127 -55.53 -12.32 -30.91
C PHE C 127 -55.39 -12.65 -32.39
N LEU C 128 -55.37 -13.95 -32.68
CA LEU C 128 -55.28 -14.46 -34.04
C LEU C 128 -56.47 -15.36 -34.31
N GLY C 129 -56.99 -15.31 -35.54
CA GLY C 129 -58.15 -16.11 -35.88
C GLY C 129 -58.02 -16.90 -37.16
N VAL C 130 -58.22 -18.22 -37.06
CA VAL C 130 -58.12 -19.13 -38.18
C VAL C 130 -59.51 -19.69 -38.49
N TYR C 131 -59.92 -19.60 -39.75
CA TYR C 131 -61.27 -19.96 -40.16
C TYR C 131 -61.28 -21.36 -40.76
N TYR C 132 -62.24 -22.17 -40.32
CA TYR C 132 -62.47 -23.50 -40.87
C TYR C 132 -63.43 -23.36 -42.05
N HIS C 133 -62.88 -23.38 -43.26
CA HIS C 133 -63.66 -23.13 -44.47
C HIS C 133 -64.35 -24.40 -44.95
N LYS C 134 -65.41 -24.20 -45.75
CA LYS C 134 -66.14 -25.30 -46.34
C LYS C 134 -65.66 -25.64 -47.74
N ASN C 135 -65.06 -24.68 -48.45
CA ASN C 135 -64.53 -24.97 -49.78
C ASN C 135 -63.35 -25.94 -49.72
N ASN C 136 -62.55 -25.86 -48.67
CA ASN C 136 -61.44 -26.78 -48.47
C ASN C 136 -61.33 -27.10 -46.98
N LYS C 137 -60.93 -28.33 -46.67
CA LYS C 137 -60.81 -28.79 -45.29
C LYS C 137 -59.43 -28.42 -44.73
N SER C 138 -59.13 -27.12 -44.75
CA SER C 138 -57.86 -26.60 -44.27
C SER C 138 -58.11 -25.38 -43.42
N TRP C 139 -57.21 -25.16 -42.47
CA TRP C 139 -57.29 -24.03 -41.53
C TRP C 139 -56.29 -22.98 -41.98
N MET C 140 -56.79 -21.87 -42.52
CA MET C 140 -55.95 -20.76 -42.95
C MET C 140 -56.32 -19.50 -42.17
N GLU C 141 -55.32 -18.67 -41.92
CA GLU C 141 -55.51 -17.48 -41.13
C GLU C 141 -56.50 -16.54 -41.80
N SER C 142 -57.42 -15.98 -41.01
CA SER C 142 -58.44 -15.07 -41.52
C SER C 142 -58.61 -13.80 -40.70
N GLU C 143 -58.12 -13.75 -39.46
CA GLU C 143 -58.29 -12.58 -38.61
C GLU C 143 -56.95 -12.22 -37.97
N PHE C 144 -56.39 -11.08 -38.40
CA PHE C 144 -55.15 -10.55 -37.86
C PHE C 144 -55.49 -9.18 -37.27
N ARG C 145 -55.92 -9.17 -36.02
CA ARG C 145 -56.42 -7.96 -35.37
C ARG C 145 -55.68 -7.71 -34.06
N VAL C 146 -54.34 -7.78 -34.12
CA VAL C 146 -53.54 -7.56 -32.92
C VAL C 146 -53.15 -6.11 -32.71
N TYR C 147 -53.27 -5.27 -33.74
CA TYR C 147 -53.03 -3.84 -33.59
C TYR C 147 -53.88 -3.10 -34.62
N SER C 148 -53.69 -1.78 -34.68
CA SER C 148 -54.44 -0.96 -35.62
C SER C 148 -53.51 -0.10 -36.47
N SER C 149 -52.42 0.38 -35.87
CA SER C 149 -51.53 1.31 -36.57
C SER C 149 -50.09 1.10 -36.12
N ALA C 150 -49.16 1.45 -37.00
CA ALA C 150 -47.74 1.43 -36.71
C ALA C 150 -47.17 2.81 -37.02
N ASN C 151 -46.56 3.43 -36.02
CA ASN C 151 -46.10 4.81 -36.14
C ASN C 151 -44.59 4.91 -36.40
N ASN C 152 -43.79 4.36 -35.48
CA ASN C 152 -42.33 4.43 -35.56
C ASN C 152 -41.79 3.01 -35.51
N CYS C 153 -41.00 2.62 -36.50
CA CYS C 153 -40.51 1.26 -36.60
C CYS C 153 -38.99 1.27 -36.64
N THR C 154 -38.37 0.49 -35.75
CA THR C 154 -36.92 0.52 -35.56
C THR C 154 -36.25 -0.78 -35.97
N PHE C 155 -36.66 -1.92 -35.42
CA PHE C 155 -36.01 -3.19 -35.70
C PHE C 155 -37.02 -4.19 -36.26
N GLU C 156 -36.56 -5.02 -37.19
CA GLU C 156 -37.40 -6.05 -37.79
C GLU C 156 -36.56 -7.28 -38.05
N TYR C 157 -37.16 -8.45 -37.87
CA TYR C 157 -36.50 -9.70 -38.23
C TYR C 157 -37.55 -10.72 -38.65
N VAL C 158 -37.29 -11.38 -39.77
CA VAL C 158 -38.13 -12.44 -40.29
C VAL C 158 -37.30 -13.72 -40.31
N SER C 159 -37.74 -14.73 -39.56
CA SER C 159 -37.04 -16.00 -39.52
C SER C 159 -37.63 -16.93 -40.58
N GLN C 160 -37.25 -18.20 -40.51
CA GLN C 160 -37.74 -19.17 -41.48
C GLN C 160 -39.22 -19.43 -41.27
N PRO C 161 -39.98 -19.67 -42.34
CA PRO C 161 -41.39 -20.00 -42.19
C PRO C 161 -41.57 -21.31 -41.42
N PHE C 162 -42.57 -21.35 -40.56
CA PHE C 162 -42.87 -22.52 -39.75
C PHE C 162 -44.28 -23.00 -40.06
N LEU C 163 -44.41 -24.28 -40.37
CA LEU C 163 -45.70 -24.89 -40.70
C LEU C 163 -46.07 -25.88 -39.61
N MET C 164 -47.25 -25.71 -39.02
CA MET C 164 -47.75 -26.62 -38.00
C MET C 164 -49.27 -26.62 -38.05
N ASP C 165 -49.85 -27.82 -38.02
CA ASP C 165 -51.30 -27.95 -38.11
C ASP C 165 -51.97 -27.32 -36.89
N LEU C 166 -53.03 -26.56 -37.13
CA LEU C 166 -53.77 -25.87 -36.09
C LEU C 166 -55.18 -26.44 -36.03
N GLU C 167 -55.56 -26.97 -34.86
CA GLU C 167 -56.87 -27.56 -34.67
C GLU C 167 -57.32 -27.34 -33.24
N GLY C 168 -58.64 -27.25 -33.06
CA GLY C 168 -59.20 -27.13 -31.73
C GLY C 168 -59.62 -28.49 -31.16
N LYS C 169 -58.76 -29.06 -30.31
CA LYS C 169 -58.98 -30.39 -29.75
C LYS C 169 -59.18 -30.29 -28.24
N GLN C 170 -59.56 -31.42 -27.65
CA GLN C 170 -59.78 -31.51 -26.20
C GLN C 170 -59.02 -32.68 -25.58
N GLY C 171 -57.98 -33.17 -26.25
CA GLY C 171 -57.24 -34.31 -25.75
C GLY C 171 -56.18 -33.92 -24.75
N ASN C 172 -55.35 -34.90 -24.41
CA ASN C 172 -54.25 -34.68 -23.47
C ASN C 172 -53.12 -33.91 -24.15
N PHE C 173 -52.36 -33.18 -23.34
CA PHE C 173 -51.24 -32.41 -23.88
C PHE C 173 -50.16 -33.34 -24.41
N LYS C 174 -49.63 -33.00 -25.58
CA LYS C 174 -48.64 -33.83 -26.26
C LYS C 174 -47.22 -33.39 -26.01
N ASN C 175 -46.99 -32.11 -25.71
CA ASN C 175 -45.63 -31.61 -25.55
C ASN C 175 -45.62 -30.45 -24.57
N LEU C 176 -44.44 -30.17 -24.03
CA LEU C 176 -44.21 -29.03 -23.16
C LEU C 176 -43.13 -28.14 -23.77
N ARG C 177 -43.37 -26.83 -23.75
CA ARG C 177 -42.44 -25.84 -24.24
C ARG C 177 -42.02 -24.96 -23.08
N GLU C 178 -40.72 -24.88 -22.83
CA GLU C 178 -40.17 -24.07 -21.76
C GLU C 178 -39.39 -22.91 -22.34
N PHE C 179 -39.68 -21.70 -21.87
CA PHE C 179 -39.03 -20.49 -22.33
C PHE C 179 -38.59 -19.67 -21.13
N VAL C 180 -37.44 -19.02 -21.24
CA VAL C 180 -36.94 -18.11 -20.22
C VAL C 180 -36.55 -16.82 -20.93
N PHE C 181 -37.16 -15.71 -20.52
CA PHE C 181 -36.92 -14.41 -21.11
C PHE C 181 -36.25 -13.51 -20.09
N LYS C 182 -35.15 -12.88 -20.48
CA LYS C 182 -34.47 -11.92 -19.62
C LYS C 182 -34.01 -10.73 -20.46
N ASN C 183 -33.80 -9.60 -19.79
CA ASN C 183 -33.43 -8.35 -20.47
C ASN C 183 -32.31 -7.70 -19.67
N ILE C 184 -31.07 -7.81 -20.16
CA ILE C 184 -29.91 -7.25 -19.49
C ILE C 184 -29.04 -6.54 -20.51
N ASP C 185 -28.59 -5.33 -20.16
CA ASP C 185 -27.63 -4.56 -20.98
C ASP C 185 -28.16 -4.33 -22.39
N GLY C 186 -29.44 -3.99 -22.50
CA GLY C 186 -30.03 -3.78 -23.81
C GLY C 186 -30.17 -5.02 -24.65
N TYR C 187 -29.94 -6.20 -24.07
CA TYR C 187 -30.03 -7.45 -24.78
C TYR C 187 -31.20 -8.26 -24.23
N PHE C 188 -32.06 -8.72 -25.13
CA PHE C 188 -33.17 -9.60 -24.80
C PHE C 188 -32.75 -11.02 -25.11
N LYS C 189 -32.64 -11.85 -24.08
CA LYS C 189 -32.16 -13.22 -24.20
C LYS C 189 -33.30 -14.19 -23.97
N ILE C 190 -33.42 -15.18 -24.85
CA ILE C 190 -34.47 -16.19 -24.82
C ILE C 190 -33.80 -17.56 -24.78
N TYR C 191 -34.18 -18.38 -23.79
CA TYR C 191 -33.72 -19.75 -23.68
C TYR C 191 -34.93 -20.66 -23.85
N SER C 192 -34.87 -21.57 -24.83
CA SER C 192 -36.04 -22.36 -25.19
C SER C 192 -35.70 -23.84 -25.20
N LYS C 193 -36.70 -24.66 -24.86
CA LYS C 193 -36.58 -26.10 -24.98
C LYS C 193 -37.95 -26.72 -25.21
N HIS C 194 -37.94 -27.85 -25.94
CA HIS C 194 -39.13 -28.60 -26.28
C HIS C 194 -38.99 -30.03 -25.75
N THR C 195 -40.00 -30.52 -25.06
CA THR C 195 -39.93 -31.85 -24.49
C THR C 195 -41.23 -32.60 -24.71
N PRO C 196 -41.19 -33.93 -24.88
CA PRO C 196 -42.43 -34.69 -25.06
C PRO C 196 -42.95 -35.28 -23.75
N ILE C 197 -44.26 -35.25 -23.56
CA ILE C 197 -44.89 -35.85 -22.39
C ILE C 197 -46.37 -36.02 -22.68
N ASN C 198 -47.03 -36.91 -21.96
CA ASN C 198 -48.45 -37.22 -22.15
C ASN C 198 -49.18 -37.21 -20.80
N LEU C 199 -48.93 -36.18 -20.00
CA LEU C 199 -49.62 -35.99 -18.74
C LEU C 199 -50.69 -34.92 -18.88
N VAL C 200 -51.36 -34.63 -17.76
CA VAL C 200 -52.47 -33.67 -17.78
C VAL C 200 -52.18 -32.52 -16.82
N ARG C 201 -51.37 -32.77 -15.80
CA ARG C 201 -51.03 -31.79 -14.78
C ARG C 201 -49.88 -32.36 -13.95
N ASP C 202 -49.46 -31.59 -12.95
CA ASP C 202 -48.38 -32.00 -12.04
C ASP C 202 -47.11 -32.30 -12.81
N LEU C 203 -46.53 -31.22 -13.36
CA LEU C 203 -45.38 -31.22 -14.26
C LEU C 203 -44.35 -32.26 -13.84
N PRO C 204 -43.82 -33.03 -14.78
CA PRO C 204 -42.98 -34.17 -14.42
C PRO C 204 -41.68 -33.75 -13.77
N GLN C 205 -41.13 -34.65 -12.97
CA GLN C 205 -39.84 -34.43 -12.32
C GLN C 205 -38.73 -34.58 -13.35
N GLY C 206 -37.49 -34.52 -12.89
CA GLY C 206 -36.35 -34.57 -13.77
C GLY C 206 -35.82 -33.19 -14.10
N PHE C 207 -34.54 -33.15 -14.47
CA PHE C 207 -33.84 -31.90 -14.73
C PHE C 207 -33.71 -31.69 -16.22
N SER C 208 -34.06 -30.50 -16.69
CA SER C 208 -34.10 -30.18 -18.12
C SER C 208 -33.39 -28.85 -18.33
N ALA C 209 -32.13 -28.90 -18.75
CA ALA C 209 -31.38 -27.68 -19.02
C ALA C 209 -31.93 -27.00 -20.27
N LEU C 210 -32.02 -25.68 -20.22
CA LEU C 210 -32.60 -24.88 -21.29
C LEU C 210 -31.48 -24.23 -22.09
N GLU C 211 -31.31 -24.66 -23.34
CA GLU C 211 -30.27 -24.11 -24.20
C GLU C 211 -30.70 -22.75 -24.75
N PRO C 212 -29.76 -21.80 -24.87
CA PRO C 212 -30.10 -20.50 -25.45
C PRO C 212 -30.45 -20.63 -26.92
N LEU C 213 -31.33 -19.74 -27.38
CA LEU C 213 -31.79 -19.74 -28.75
C LEU C 213 -31.23 -18.56 -29.55
N VAL C 214 -31.43 -17.33 -29.08
CA VAL C 214 -31.02 -16.15 -29.81
C VAL C 214 -31.01 -14.97 -28.86
N ASP C 215 -30.21 -13.96 -29.17
CA ASP C 215 -30.13 -12.72 -28.41
C ASP C 215 -30.49 -11.56 -29.34
N LEU C 216 -31.32 -10.64 -28.85
CA LEU C 216 -31.77 -9.50 -29.65
C LEU C 216 -31.28 -8.21 -29.02
N PRO C 217 -30.49 -7.41 -29.74
CA PRO C 217 -30.05 -6.11 -29.21
C PRO C 217 -31.11 -5.03 -29.43
N ILE C 218 -31.77 -4.63 -28.35
CA ILE C 218 -32.88 -3.68 -28.45
C ILE C 218 -32.61 -2.44 -27.62
N GLY C 219 -32.51 -2.59 -26.31
CA GLY C 219 -32.20 -1.49 -25.43
C GLY C 219 -33.36 -0.56 -25.07
N ILE C 220 -34.49 -1.13 -24.66
CA ILE C 220 -35.65 -0.36 -24.24
C ILE C 220 -36.18 -0.93 -22.94
N ASN C 221 -37.01 -0.13 -22.25
CA ASN C 221 -37.68 -0.61 -21.06
C ASN C 221 -38.65 -1.74 -21.40
N ILE C 222 -38.74 -2.72 -20.51
CA ILE C 222 -39.75 -3.77 -20.60
C ILE C 222 -40.27 -4.01 -19.18
N THR C 223 -41.50 -3.59 -18.91
CA THR C 223 -42.10 -3.76 -17.59
C THR C 223 -43.44 -4.49 -17.62
N ARG C 224 -43.90 -4.94 -18.78
CA ARG C 224 -45.17 -5.62 -18.88
C ARG C 224 -45.22 -6.42 -20.17
N PHE C 225 -45.69 -7.66 -20.07
CA PHE C 225 -45.80 -8.54 -21.23
C PHE C 225 -47.18 -9.17 -21.27
N GLN C 226 -47.63 -9.50 -22.48
CA GLN C 226 -48.94 -10.10 -22.67
C GLN C 226 -48.86 -11.13 -23.79
N THR C 227 -49.35 -12.33 -23.53
CA THR C 227 -49.37 -13.36 -24.56
C THR C 227 -50.63 -13.24 -25.39
N LEU C 228 -50.65 -13.97 -26.52
CA LEU C 228 -51.79 -13.97 -27.42
C LEU C 228 -52.13 -15.40 -27.80
N LEU C 229 -53.43 -15.64 -27.98
CA LEU C 229 -53.95 -16.96 -28.30
C LEU C 229 -54.28 -17.06 -29.78
N ALA C 230 -54.89 -18.17 -30.18
CA ALA C 230 -55.36 -18.39 -31.56
C ALA C 230 -56.83 -18.75 -31.49
N LEU C 231 -57.70 -17.79 -31.81
CA LEU C 231 -59.15 -17.97 -31.71
C LEU C 231 -59.64 -18.53 -33.03
N HIS C 232 -59.71 -19.85 -33.12
CA HIS C 232 -60.14 -20.50 -34.35
C HIS C 232 -61.62 -20.21 -34.62
N ARG C 233 -61.97 -20.22 -35.91
CA ARG C 233 -63.34 -20.00 -36.35
C ARG C 233 -63.81 -21.20 -37.15
N SER C 234 -65.01 -21.67 -36.85
CA SER C 234 -65.57 -22.83 -37.53
C SER C 234 -67.09 -22.70 -37.67
N SER C 243 -69.07 -14.88 -31.14
CA SER C 243 -70.04 -15.98 -31.23
C SER C 243 -69.37 -17.31 -30.91
N GLY C 244 -68.21 -17.55 -31.52
CA GLY C 244 -67.47 -18.77 -31.29
C GLY C 244 -65.99 -18.62 -31.58
N TRP C 245 -65.15 -19.13 -30.68
CA TRP C 245 -63.70 -19.02 -30.83
C TRP C 245 -62.94 -20.32 -30.58
N THR C 246 -63.54 -21.30 -29.91
CA THR C 246 -62.92 -22.61 -29.67
C THR C 246 -61.55 -22.47 -29.00
N ALA C 247 -61.60 -21.96 -27.76
CA ALA C 247 -60.38 -21.70 -27.01
C ALA C 247 -59.60 -22.97 -26.68
N GLY C 248 -60.22 -24.14 -26.79
CA GLY C 248 -59.53 -25.36 -26.45
C GLY C 248 -59.33 -25.51 -24.95
N ALA C 249 -58.25 -26.22 -24.58
CA ALA C 249 -57.92 -26.45 -23.18
C ALA C 249 -56.44 -26.28 -22.94
N ALA C 250 -55.83 -25.26 -23.55
CA ALA C 250 -54.41 -25.03 -23.39
C ALA C 250 -54.10 -24.53 -21.98
N ALA C 251 -52.85 -24.74 -21.56
CA ALA C 251 -52.41 -24.33 -20.24
C ALA C 251 -51.01 -23.72 -20.34
N TYR C 252 -50.80 -22.66 -19.57
CA TYR C 252 -49.49 -22.00 -19.53
C TYR C 252 -49.26 -21.43 -18.14
N TYR C 253 -48.01 -21.52 -17.67
CA TYR C 253 -47.60 -21.05 -16.36
C TYR C 253 -46.55 -19.97 -16.53
N VAL C 254 -46.65 -18.91 -15.73
CA VAL C 254 -45.69 -17.82 -15.72
C VAL C 254 -45.09 -17.70 -14.33
N GLY C 255 -43.77 -17.56 -14.27
CA GLY C 255 -43.08 -17.39 -13.00
C GLY C 255 -42.00 -16.33 -13.13
N TYR C 256 -41.56 -15.85 -11.98
CA TYR C 256 -40.58 -14.76 -11.92
C TYR C 256 -39.25 -15.27 -11.36
N LEU C 257 -38.18 -14.61 -11.77
CA LEU C 257 -36.83 -14.98 -11.40
C LEU C 257 -36.27 -14.07 -10.32
N GLN C 258 -35.38 -14.60 -9.50
CA GLN C 258 -34.74 -13.88 -8.41
C GLN C 258 -33.25 -14.17 -8.45
N PRO C 259 -32.43 -13.26 -7.90
CA PRO C 259 -30.98 -13.52 -7.81
C PRO C 259 -30.69 -14.59 -6.78
N ARG C 260 -30.18 -15.73 -7.23
CA ARG C 260 -29.87 -16.84 -6.35
C ARG C 260 -28.53 -17.45 -6.76
N THR C 261 -27.92 -18.16 -5.81
CA THR C 261 -26.68 -18.86 -6.03
C THR C 261 -26.97 -20.35 -6.19
N PHE C 262 -26.54 -20.92 -7.31
CA PHE C 262 -26.77 -22.31 -7.63
C PHE C 262 -25.44 -23.05 -7.78
N LEU C 263 -25.50 -24.36 -7.60
CA LEU C 263 -24.35 -25.24 -7.78
C LEU C 263 -24.68 -26.20 -8.92
N LEU C 264 -24.03 -26.02 -10.06
CA LEU C 264 -24.33 -26.77 -11.26
C LEU C 264 -23.32 -27.90 -11.41
N LYS C 265 -23.80 -29.08 -11.76
CA LYS C 265 -22.95 -30.27 -11.93
C LYS C 265 -22.89 -30.61 -13.42
N TYR C 266 -21.89 -30.06 -14.11
CA TYR C 266 -21.64 -30.44 -15.49
C TYR C 266 -21.08 -31.86 -15.52
N ASN C 267 -21.64 -32.70 -16.39
CA ASN C 267 -21.14 -34.06 -16.52
C ASN C 267 -19.90 -34.06 -17.40
N GLU C 268 -19.42 -35.24 -17.77
CA GLU C 268 -18.25 -35.38 -18.63
C GLU C 268 -18.57 -35.11 -20.08
N ASN C 269 -19.75 -34.59 -20.41
CA ASN C 269 -20.22 -34.61 -21.77
C ASN C 269 -20.69 -33.24 -22.25
N GLY C 270 -20.65 -32.23 -21.38
CA GLY C 270 -21.04 -30.88 -21.73
C GLY C 270 -22.42 -30.47 -21.26
N THR C 271 -23.25 -31.43 -20.86
CA THR C 271 -24.63 -31.16 -20.51
C THR C 271 -24.83 -31.12 -19.00
N ILE C 272 -25.68 -30.21 -18.55
CA ILE C 272 -26.00 -30.08 -17.14
C ILE C 272 -26.96 -31.20 -16.75
N THR C 273 -26.59 -31.96 -15.72
CA THR C 273 -27.41 -33.07 -15.26
C THR C 273 -27.97 -32.90 -13.87
N ASP C 274 -27.44 -31.99 -13.06
CA ASP C 274 -27.92 -31.81 -11.70
C ASP C 274 -27.61 -30.39 -11.23
N ALA C 275 -28.39 -29.94 -10.25
CA ALA C 275 -28.19 -28.64 -9.66
C ALA C 275 -28.79 -28.64 -8.25
N VAL C 276 -28.27 -27.77 -7.40
CA VAL C 276 -28.72 -27.66 -6.02
C VAL C 276 -28.88 -26.17 -5.68
N ASP C 277 -30.05 -25.80 -5.18
CA ASP C 277 -30.29 -24.43 -4.76
C ASP C 277 -29.67 -24.20 -3.40
N CYS C 278 -28.95 -23.09 -3.25
CA CYS C 278 -28.21 -22.81 -2.03
C CYS C 278 -28.96 -21.87 -1.10
N ALA C 279 -30.29 -21.83 -1.20
CA ALA C 279 -31.10 -21.08 -0.27
C ALA C 279 -32.21 -21.92 0.35
N LEU C 280 -32.22 -23.22 0.09
CA LEU C 280 -33.20 -24.14 0.65
C LEU C 280 -32.77 -24.54 2.06
N ASP C 281 -33.33 -25.63 2.59
CA ASP C 281 -33.02 -26.18 3.90
C ASP C 281 -31.51 -26.21 4.16
N PRO C 282 -31.09 -26.15 5.44
CA PRO C 282 -29.66 -26.01 5.74
C PRO C 282 -28.80 -27.12 5.18
N LEU C 283 -29.35 -28.30 4.91
CA LEU C 283 -28.59 -29.35 4.26
C LEU C 283 -28.08 -28.90 2.90
N SER C 284 -28.91 -28.19 2.15
CA SER C 284 -28.48 -27.64 0.87
C SER C 284 -27.35 -26.64 1.05
N GLU C 285 -27.41 -25.84 2.11
CA GLU C 285 -26.32 -24.90 2.38
C GLU C 285 -25.01 -25.64 2.62
N THR C 286 -25.06 -26.75 3.37
CA THR C 286 -23.87 -27.55 3.58
C THR C 286 -23.35 -28.13 2.28
N LYS C 287 -24.24 -28.66 1.45
CA LYS C 287 -23.82 -29.17 0.14
C LYS C 287 -23.26 -28.07 -0.73
N CYS C 288 -23.64 -26.82 -0.50
CA CYS C 288 -23.12 -25.69 -1.25
C CYS C 288 -21.77 -25.21 -0.75
N THR C 289 -21.33 -25.65 0.42
CA THR C 289 -20.06 -25.21 0.98
C THR C 289 -18.91 -26.15 0.65
N LEU C 290 -19.14 -27.45 0.71
CA LEU C 290 -18.11 -28.43 0.43
C LEU C 290 -17.96 -28.73 -1.06
N LYS C 291 -18.77 -28.10 -1.91
CA LYS C 291 -18.71 -28.31 -3.35
C LYS C 291 -18.88 -29.79 -3.71
N SER C 292 -19.81 -30.46 -3.04
CA SER C 292 -20.06 -31.86 -3.30
C SER C 292 -21.53 -32.18 -3.04
N PHE C 293 -21.99 -33.28 -3.62
CA PHE C 293 -23.37 -33.71 -3.45
C PHE C 293 -23.54 -34.73 -2.34
N THR C 294 -22.48 -35.38 -1.90
CA THR C 294 -22.54 -36.36 -0.83
C THR C 294 -21.74 -35.85 0.36
N VAL C 295 -22.37 -35.82 1.53
CA VAL C 295 -21.74 -35.37 2.76
C VAL C 295 -21.81 -36.49 3.79
N GLU C 296 -20.67 -36.79 4.40
CA GLU C 296 -20.60 -37.82 5.41
C GLU C 296 -20.98 -37.23 6.78
N LYS C 297 -21.07 -38.10 7.78
CA LYS C 297 -21.46 -37.67 9.11
C LYS C 297 -20.43 -36.72 9.69
N GLY C 298 -20.89 -35.81 10.54
CA GLY C 298 -20.02 -34.85 11.18
C GLY C 298 -20.76 -33.54 11.39
N ILE C 299 -19.98 -32.52 11.76
CA ILE C 299 -20.50 -31.18 12.00
C ILE C 299 -19.73 -30.21 11.12
N TYR C 300 -20.44 -29.29 10.47
CA TYR C 300 -19.83 -28.36 9.53
C TYR C 300 -20.31 -26.95 9.81
N GLN C 301 -19.45 -25.98 9.49
CA GLN C 301 -19.78 -24.57 9.62
C GLN C 301 -20.38 -24.06 8.32
N THR C 302 -21.44 -23.27 8.43
CA THR C 302 -22.18 -22.79 7.26
C THR C 302 -22.08 -21.28 7.07
N SER C 303 -22.45 -20.49 8.08
CA SER C 303 -22.51 -19.04 7.92
C SER C 303 -22.49 -18.41 9.31
N ASN C 304 -22.78 -17.11 9.35
CA ASN C 304 -22.83 -16.35 10.59
C ASN C 304 -24.24 -15.85 10.84
N PHE C 305 -24.45 -15.35 12.05
CA PHE C 305 -25.77 -14.93 12.54
C PHE C 305 -25.62 -13.61 13.27
N ARG C 306 -26.42 -12.62 12.91
CA ARG C 306 -26.34 -11.30 13.52
C ARG C 306 -27.72 -10.70 13.61
N VAL C 307 -27.88 -9.78 14.57
CA VAL C 307 -29.15 -9.11 14.83
C VAL C 307 -29.03 -7.65 14.44
N GLN C 308 -30.06 -7.13 13.74
CA GLN C 308 -30.03 -5.76 13.26
C GLN C 308 -30.74 -4.82 14.22
N PRO C 309 -30.31 -3.56 14.31
CA PRO C 309 -30.99 -2.59 15.16
C PRO C 309 -32.28 -2.10 14.55
N THR C 310 -33.12 -1.52 15.41
CA THR C 310 -34.43 -1.01 14.99
C THR C 310 -34.58 0.48 15.20
N GLU C 311 -34.34 0.98 16.41
CA GLU C 311 -34.59 2.37 16.76
C GLU C 311 -33.32 3.20 16.68
N SER C 312 -33.50 4.53 16.77
CA SER C 312 -32.40 5.49 16.63
C SER C 312 -32.49 6.56 17.70
N ILE C 313 -32.64 6.16 18.97
CA ILE C 313 -32.78 7.12 20.06
C ILE C 313 -31.57 8.07 20.08
N VAL C 314 -31.86 9.36 20.25
CA VAL C 314 -30.88 10.42 19.99
C VAL C 314 -30.76 11.39 21.17
N ARG C 315 -31.00 10.89 22.38
CA ARG C 315 -31.08 11.75 23.58
C ARG C 315 -29.99 12.82 23.64
N PHE C 316 -30.40 14.05 23.94
CA PHE C 316 -29.55 15.21 24.12
C PHE C 316 -29.71 15.77 25.53
N PRO C 317 -28.82 16.72 25.97
CA PRO C 317 -28.73 17.05 27.40
C PRO C 317 -30.02 17.48 28.10
N ASN C 318 -30.63 18.58 27.69
CA ASN C 318 -31.78 19.13 28.42
C ASN C 318 -32.35 20.29 27.60
N ILE C 319 -33.34 20.98 28.19
CA ILE C 319 -34.01 22.08 27.50
C ILE C 319 -33.10 23.30 27.44
N THR C 320 -33.22 24.06 26.34
CA THR C 320 -32.55 25.34 26.22
C THR C 320 -33.04 26.28 27.31
N ASN C 321 -32.13 27.13 27.82
CA ASN C 321 -32.46 27.91 29.01
C ASN C 321 -33.27 29.16 28.67
N LEU C 322 -32.64 30.13 28.00
CA LEU C 322 -33.30 31.38 27.62
C LEU C 322 -32.29 32.28 26.92
N CYS C 323 -32.82 33.24 26.14
CA CYS C 323 -32.15 34.48 25.73
C CYS C 323 -33.14 35.40 25.04
N PRO C 324 -33.07 36.70 25.33
CA PRO C 324 -34.19 37.61 25.03
C PRO C 324 -34.27 38.14 23.61
N PHE C 325 -33.62 37.49 22.65
CA PHE C 325 -33.59 38.00 21.28
C PHE C 325 -35.00 38.29 20.77
N GLY C 326 -35.96 37.42 21.07
CA GLY C 326 -37.32 37.65 20.63
C GLY C 326 -37.92 38.92 21.21
N GLU C 327 -37.63 39.19 22.48
CA GLU C 327 -38.07 40.44 23.10
C GLU C 327 -37.50 41.65 22.35
N VAL C 328 -36.34 41.49 21.70
CA VAL C 328 -35.79 42.58 20.91
C VAL C 328 -36.70 42.89 19.72
N PHE C 329 -37.33 41.86 19.15
CA PHE C 329 -38.20 42.07 18.01
C PHE C 329 -39.49 42.78 18.43
N ASN C 330 -40.26 42.14 19.31
CA ASN C 330 -41.51 42.70 19.83
C ASN C 330 -41.19 43.46 21.11
N ALA C 331 -41.06 44.78 20.99
CA ALA C 331 -40.81 45.66 22.11
C ALA C 331 -41.72 46.87 21.99
N THR C 332 -41.46 47.91 22.77
CA THR C 332 -42.33 49.09 22.78
C THR C 332 -41.64 50.39 22.39
N ARG C 333 -40.33 50.51 22.59
CA ARG C 333 -39.60 51.75 22.33
C ARG C 333 -38.54 51.51 21.26
N PHE C 334 -38.58 52.34 20.21
CA PHE C 334 -37.64 52.21 19.10
C PHE C 334 -37.25 53.60 18.60
N ALA C 335 -36.10 53.66 17.95
CA ALA C 335 -35.56 54.89 17.40
C ALA C 335 -35.90 54.99 15.91
N SER C 336 -35.30 55.98 15.25
CA SER C 336 -35.52 56.24 13.84
C SER C 336 -34.38 55.68 13.00
N VAL C 337 -34.37 56.01 11.71
CA VAL C 337 -33.31 55.56 10.81
C VAL C 337 -31.95 56.10 11.24
N TYR C 338 -31.93 57.24 11.95
CA TYR C 338 -30.67 57.89 12.30
C TYR C 338 -29.85 57.02 13.24
N ALA C 339 -30.50 56.35 14.19
CA ALA C 339 -29.80 55.52 15.17
C ALA C 339 -29.42 54.19 14.52
N TRP C 340 -28.14 54.02 14.22
CA TRP C 340 -27.61 52.79 13.65
C TRP C 340 -27.51 51.75 14.76
N ASN C 341 -28.67 51.17 15.09
CA ASN C 341 -28.73 50.22 16.20
C ASN C 341 -27.88 48.99 15.91
N ARG C 342 -27.12 48.56 16.92
CA ARG C 342 -26.23 47.39 16.82
C ARG C 342 -26.26 46.69 18.18
N LYS C 343 -27.11 45.68 18.30
CA LYS C 343 -27.26 44.92 19.53
C LYS C 343 -26.60 43.56 19.36
N ARG C 344 -25.58 43.30 20.17
CA ARG C 344 -24.81 42.06 20.07
C ARG C 344 -25.29 41.10 21.15
N ILE C 345 -25.70 39.90 20.73
CA ILE C 345 -26.17 38.86 21.63
C ILE C 345 -25.39 37.58 21.33
N SER C 346 -25.00 36.87 22.38
CA SER C 346 -24.23 35.64 22.25
C SER C 346 -24.59 34.73 23.41
N ASN C 347 -23.76 33.70 23.61
CA ASN C 347 -23.88 32.71 24.69
C ASN C 347 -25.34 32.28 24.90
N CYS C 348 -25.94 31.82 23.81
CA CYS C 348 -27.29 31.28 23.85
C CYS C 348 -27.48 30.28 22.73
N VAL C 349 -28.42 29.37 22.93
CA VAL C 349 -28.96 28.53 21.87
C VAL C 349 -30.38 29.01 21.60
N ALA C 350 -30.59 29.56 20.41
CA ALA C 350 -31.77 30.36 20.12
C ALA C 350 -32.73 29.62 19.20
N ASP C 351 -34.03 29.80 19.44
CA ASP C 351 -35.06 29.19 18.61
C ASP C 351 -35.25 30.03 17.35
N TYR C 352 -35.17 29.37 16.19
CA TYR C 352 -35.32 30.06 14.91
C TYR C 352 -36.58 29.67 14.15
N SER C 353 -37.17 28.51 14.44
CA SER C 353 -38.37 28.08 13.74
C SER C 353 -39.57 28.97 14.05
N VAL C 354 -39.54 29.69 15.18
CA VAL C 354 -40.65 30.59 15.51
C VAL C 354 -40.72 31.73 14.52
N LEU C 355 -39.61 32.10 13.89
CA LEU C 355 -39.63 33.18 12.92
C LEU C 355 -40.30 32.77 11.62
N TYR C 356 -40.13 31.51 11.23
CA TYR C 356 -40.77 31.03 10.00
C TYR C 356 -42.28 30.94 10.15
N ASN C 357 -42.78 30.83 11.38
CA ASN C 357 -44.21 30.72 11.65
C ASN C 357 -44.52 31.58 12.87
N SER C 358 -45.02 32.78 12.63
CA SER C 358 -45.28 33.74 13.70
C SER C 358 -46.62 34.42 13.40
N ALA C 359 -46.87 35.52 14.11
CA ALA C 359 -48.16 36.21 13.99
C ALA C 359 -48.22 37.09 12.74
N SER C 360 -47.38 38.12 12.67
CA SER C 360 -47.48 39.13 11.64
C SER C 360 -46.11 39.48 11.08
N PHE C 361 -45.28 38.47 10.81
CA PHE C 361 -43.96 38.75 10.24
C PHE C 361 -44.04 38.89 8.72
N SER C 362 -44.53 37.86 8.04
CA SER C 362 -44.85 37.93 6.61
C SER C 362 -43.62 38.19 5.75
N THR C 363 -43.07 39.40 5.81
CA THR C 363 -41.97 39.76 4.92
C THR C 363 -40.66 39.13 5.38
N PHE C 364 -40.56 37.81 5.26
CA PHE C 364 -39.35 37.08 5.62
C PHE C 364 -38.37 37.20 4.47
N LYS C 365 -37.46 38.16 4.57
CA LYS C 365 -36.52 38.49 3.50
C LYS C 365 -35.11 38.11 3.93
N CYS C 366 -34.69 36.90 3.58
CA CYS C 366 -33.30 36.50 3.76
C CYS C 366 -32.54 36.60 2.43
N TYR C 367 -31.23 36.73 2.56
CA TYR C 367 -30.34 36.85 1.42
C TYR C 367 -29.93 35.45 0.97
N GLY C 368 -28.90 35.34 0.13
CA GLY C 368 -28.52 34.07 -0.43
C GLY C 368 -27.94 33.08 0.57
N VAL C 369 -28.71 32.79 1.61
CA VAL C 369 -28.38 31.78 2.60
C VAL C 369 -29.59 30.86 2.75
N SER C 370 -29.35 29.56 2.75
CA SER C 370 -30.45 28.60 2.83
C SER C 370 -31.19 28.78 4.16
N PRO C 371 -32.52 28.92 4.14
CA PRO C 371 -33.25 29.23 5.37
C PRO C 371 -33.46 28.03 6.27
N THR C 372 -33.60 26.84 5.69
CA THR C 372 -33.92 25.66 6.49
C THR C 372 -32.74 25.21 7.33
N LYS C 373 -31.53 25.23 6.77
CA LYS C 373 -30.37 24.67 7.46
C LYS C 373 -29.84 25.57 8.58
N LEU C 374 -30.13 26.87 8.55
CA LEU C 374 -29.56 27.78 9.52
C LEU C 374 -30.15 27.59 10.93
N ASN C 375 -31.33 26.97 11.04
CA ASN C 375 -31.90 26.70 12.34
C ASN C 375 -31.04 25.71 13.13
N ASP C 376 -30.38 24.79 12.44
CA ASP C 376 -29.51 23.80 13.07
C ASP C 376 -28.04 24.13 12.86
N LEU C 377 -27.71 25.43 12.88
CA LEU C 377 -26.35 25.90 12.71
C LEU C 377 -25.88 26.63 13.96
N CYS C 378 -24.56 26.69 14.14
CA CYS C 378 -23.96 27.29 15.32
C CYS C 378 -23.05 28.43 14.89
N PHE C 379 -23.24 29.59 15.48
CA PHE C 379 -22.48 30.80 15.17
C PHE C 379 -21.90 31.37 16.47
N THR C 380 -21.34 32.58 16.37
CA THR C 380 -20.72 33.24 17.51
C THR C 380 -21.46 34.47 18.01
N ASN C 381 -22.07 35.25 17.12
CA ASN C 381 -22.71 36.48 17.52
C ASN C 381 -23.81 36.84 16.53
N VAL C 382 -24.78 37.61 17.01
CA VAL C 382 -25.88 38.11 16.19
C VAL C 382 -26.05 39.60 16.47
N TYR C 383 -26.64 40.29 15.51
CA TYR C 383 -26.86 41.73 15.61
C TYR C 383 -28.29 42.07 15.23
N ALA C 384 -28.87 43.05 15.91
CA ALA C 384 -30.27 43.41 15.75
C ALA C 384 -30.41 44.91 15.56
N ASP C 385 -31.63 45.33 15.22
CA ASP C 385 -31.96 46.72 14.98
C ASP C 385 -33.48 46.86 14.93
N SER C 386 -33.95 48.10 15.04
CA SER C 386 -35.37 48.40 14.90
C SER C 386 -35.62 49.88 14.69
N PHE C 387 -36.38 50.21 13.65
CA PHE C 387 -36.68 51.60 13.30
C PHE C 387 -37.76 51.59 12.21
N VAL C 388 -38.13 52.79 11.75
CA VAL C 388 -39.21 52.96 10.78
C VAL C 388 -38.62 53.12 9.39
N ILE C 389 -39.27 52.53 8.39
CA ILE C 389 -38.76 52.51 7.03
C ILE C 389 -39.75 53.08 6.01
N ARG C 390 -40.92 53.56 6.45
CA ARG C 390 -41.90 54.20 5.58
C ARG C 390 -42.23 53.31 4.38
N GLY C 391 -42.64 52.08 4.66
CA GLY C 391 -43.15 51.20 3.62
C GLY C 391 -42.19 50.89 2.49
N ASP C 392 -42.43 51.52 1.34
CA ASP C 392 -41.76 51.23 0.08
C ASP C 392 -40.24 51.11 0.17
N GLU C 393 -39.62 51.79 1.14
CA GLU C 393 -38.17 51.74 1.28
C GLU C 393 -37.69 50.34 1.66
N VAL C 394 -38.62 49.39 1.72
CA VAL C 394 -38.24 47.98 1.79
C VAL C 394 -37.34 47.61 0.61
N ARG C 395 -37.56 48.23 -0.54
CA ARG C 395 -36.75 47.90 -1.71
C ARG C 395 -35.29 48.31 -1.55
N GLN C 396 -35.01 49.25 -0.65
CA GLN C 396 -33.65 49.74 -0.46
C GLN C 396 -32.78 48.79 0.36
N ILE C 397 -33.37 47.80 1.04
CA ILE C 397 -32.59 46.82 1.81
C ILE C 397 -32.19 45.73 0.83
N ALA C 398 -31.10 45.97 0.13
CA ALA C 398 -30.60 45.09 -0.91
C ALA C 398 -29.09 44.98 -0.78
N PRO C 399 -28.50 43.90 -1.30
CA PRO C 399 -27.04 43.77 -1.21
C PRO C 399 -26.31 44.77 -2.11
N GLY C 400 -26.35 46.03 -1.72
CA GLY C 400 -25.65 47.08 -2.45
C GLY C 400 -26.58 47.99 -3.24
N GLN C 401 -26.92 49.14 -2.65
CA GLN C 401 -27.76 50.14 -3.29
C GLN C 401 -27.43 51.49 -2.66
N THR C 402 -27.90 52.56 -3.32
CA THR C 402 -27.69 53.90 -2.82
C THR C 402 -28.91 54.80 -2.99
N GLY C 403 -30.11 54.22 -3.12
CA GLY C 403 -31.26 55.01 -3.50
C GLY C 403 -31.79 55.98 -2.47
N LYS C 404 -32.47 55.49 -1.44
CA LYS C 404 -33.09 56.39 -0.48
C LYS C 404 -32.57 56.20 0.94
N ILE C 405 -32.53 54.95 1.41
CA ILE C 405 -32.02 54.64 2.74
C ILE C 405 -30.95 53.57 2.71
N ALA C 406 -30.63 53.03 1.54
CA ALA C 406 -29.56 52.05 1.45
C ALA C 406 -28.19 52.66 1.75
N ASP C 407 -28.07 53.97 1.69
CA ASP C 407 -26.81 54.66 1.96
C ASP C 407 -26.93 55.74 3.02
N TYR C 408 -28.03 56.49 3.03
CA TYR C 408 -28.14 57.65 3.92
C TYR C 408 -28.10 57.22 5.39
N ASN C 409 -29.10 56.45 5.81
CA ASN C 409 -29.21 55.99 7.18
C ASN C 409 -29.35 54.47 7.21
N TYR C 410 -28.67 53.84 8.17
CA TYR C 410 -28.63 52.37 8.29
C TYR C 410 -28.09 51.75 7.01
N LYS C 411 -26.81 52.02 6.76
CA LYS C 411 -26.15 51.49 5.57
C LYS C 411 -26.11 49.97 5.59
N LEU C 412 -26.42 49.37 4.43
CA LEU C 412 -26.31 47.94 4.23
C LEU C 412 -25.23 47.64 3.21
N PRO C 413 -24.28 46.76 3.53
CA PRO C 413 -23.26 46.36 2.55
C PRO C 413 -23.79 45.30 1.60
N ASP C 414 -23.04 45.12 0.52
CA ASP C 414 -23.30 44.01 -0.39
C ASP C 414 -22.68 42.73 0.17
N ASP C 415 -23.19 41.59 -0.30
CA ASP C 415 -22.74 40.27 0.15
C ASP C 415 -22.88 40.12 1.66
N PHE C 416 -23.96 40.68 2.20
CA PHE C 416 -24.25 40.64 3.64
C PHE C 416 -25.47 39.76 3.86
N THR C 417 -25.31 38.70 4.65
CA THR C 417 -26.40 37.74 4.85
C THR C 417 -27.61 38.41 5.48
N GLY C 418 -27.48 38.85 6.73
CA GLY C 418 -28.43 39.73 7.37
C GLY C 418 -29.90 39.50 7.09
N CYS C 419 -30.44 38.36 7.51
CA CYS C 419 -31.87 38.10 7.35
C CYS C 419 -32.69 39.24 7.92
N VAL C 420 -33.46 39.91 7.07
CA VAL C 420 -34.20 41.11 7.42
C VAL C 420 -35.69 40.82 7.32
N ILE C 421 -36.44 41.28 8.31
CA ILE C 421 -37.89 41.12 8.36
C ILE C 421 -38.52 42.47 8.66
N ALA C 422 -39.74 42.66 8.18
CA ALA C 422 -40.52 43.87 8.47
C ALA C 422 -41.98 43.46 8.61
N TRP C 423 -42.81 44.41 9.03
CA TRP C 423 -44.22 44.10 9.22
C TRP C 423 -45.03 45.39 9.13
N ASN C 424 -46.34 45.21 8.94
CA ASN C 424 -47.25 46.33 8.89
C ASN C 424 -47.33 47.01 10.26
N SER C 425 -47.49 48.34 10.25
CA SER C 425 -47.60 49.09 11.49
C SER C 425 -48.49 50.30 11.20
N ASN C 426 -49.77 50.20 11.54
CA ASN C 426 -50.72 51.29 11.34
C ASN C 426 -51.19 51.91 12.65
N ASN C 427 -50.96 51.26 13.78
CA ASN C 427 -51.30 51.81 15.09
C ASN C 427 -50.10 52.45 15.77
N LEU C 428 -49.00 51.71 15.90
CA LEU C 428 -47.77 52.31 16.43
C LEU C 428 -47.21 53.34 15.47
N ASP C 429 -47.20 53.03 14.17
CA ASP C 429 -46.79 53.96 13.13
C ASP C 429 -48.02 54.55 12.46
N SER C 430 -47.78 55.57 11.63
CA SER C 430 -48.86 56.29 10.96
C SER C 430 -49.89 56.80 11.97
N LYS C 431 -49.39 57.32 13.10
CA LYS C 431 -50.25 57.74 14.18
C LYS C 431 -51.02 59.01 13.81
N VAL C 432 -52.03 59.33 14.61
CA VAL C 432 -52.82 60.54 14.39
C VAL C 432 -51.94 61.77 14.59
N GLY C 433 -52.09 62.75 13.71
CA GLY C 433 -51.31 63.97 13.79
C GLY C 433 -49.92 63.82 13.21
N GLY C 434 -49.14 62.89 13.77
CA GLY C 434 -47.78 62.66 13.31
C GLY C 434 -46.73 62.89 14.37
N ASN C 435 -46.03 61.81 14.75
CA ASN C 435 -44.96 61.89 15.74
C ASN C 435 -43.68 62.29 15.02
N TYR C 436 -43.49 63.59 14.86
CA TYR C 436 -42.35 64.14 14.13
C TYR C 436 -41.02 63.97 14.87
N ASN C 437 -40.97 63.28 16.01
CA ASN C 437 -39.72 63.08 16.72
C ASN C 437 -38.74 62.28 15.89
N TYR C 438 -39.22 61.26 15.18
CA TYR C 438 -38.36 60.48 14.31
C TYR C 438 -37.83 61.33 13.17
N LEU C 439 -36.63 60.98 12.68
CA LEU C 439 -35.92 61.79 11.71
C LEU C 439 -35.51 60.94 10.53
N TYR C 440 -35.24 61.60 9.40
CA TYR C 440 -34.71 60.97 8.21
C TYR C 440 -33.53 61.79 7.71
N ARG C 441 -32.54 61.10 7.14
CA ARG C 441 -31.29 61.75 6.77
C ARG C 441 -31.53 62.84 5.73
N LEU C 442 -30.91 64.01 5.96
CA LEU C 442 -31.05 65.14 5.06
C LEU C 442 -30.32 64.93 3.75
N PHE C 443 -28.99 64.79 3.82
CA PHE C 443 -28.17 64.68 2.63
C PHE C 443 -27.06 63.63 2.73
N ARG C 444 -26.76 63.11 3.93
CA ARG C 444 -25.66 62.18 4.15
C ARG C 444 -24.33 62.81 3.73
N LYS C 445 -23.96 63.87 4.45
CA LYS C 445 -22.65 64.47 4.28
C LYS C 445 -21.54 63.62 4.90
N SER C 446 -21.89 62.56 5.63
CA SER C 446 -20.90 61.69 6.24
C SER C 446 -20.20 60.80 5.21
N ASN C 447 -20.82 60.58 4.04
CA ASN C 447 -20.23 59.77 2.97
C ASN C 447 -19.92 58.36 3.48
N LEU C 448 -21.00 57.65 3.79
CA LEU C 448 -20.91 56.34 4.44
C LEU C 448 -20.19 55.32 3.54
N LYS C 449 -19.79 54.24 4.17
CA LYS C 449 -19.12 53.08 3.60
C LYS C 449 -19.86 51.87 4.14
N PRO C 450 -20.01 50.80 3.35
CA PRO C 450 -20.51 49.54 3.91
C PRO C 450 -19.93 49.19 5.28
N PHE C 451 -20.81 48.85 6.22
CA PHE C 451 -20.44 48.65 7.63
C PHE C 451 -19.83 49.91 8.24
N GLU C 452 -20.64 50.97 8.28
CA GLU C 452 -20.26 52.21 8.94
C GLU C 452 -21.51 52.90 9.48
N ARG C 453 -21.30 53.78 10.45
CA ARG C 453 -22.37 54.55 11.07
C ARG C 453 -22.21 56.02 10.71
N ASP C 454 -23.30 56.66 10.31
CA ASP C 454 -23.33 58.09 10.04
C ASP C 454 -23.89 58.80 11.26
N ILE C 455 -23.06 59.60 11.93
CA ILE C 455 -23.45 60.32 13.14
C ILE C 455 -23.11 61.79 12.91
N SER C 456 -24.07 62.55 12.41
CA SER C 456 -23.88 63.95 12.04
C SER C 456 -24.66 64.82 13.02
N THR C 457 -24.02 65.15 14.15
CA THR C 457 -24.62 66.04 15.14
C THR C 457 -24.19 67.49 14.91
N GLU C 458 -24.36 67.96 13.67
CA GLU C 458 -24.02 69.32 13.31
C GLU C 458 -24.68 69.62 11.96
N ILE C 459 -24.34 70.76 11.36
CA ILE C 459 -25.02 71.26 10.18
C ILE C 459 -24.00 71.63 9.10
N TYR C 460 -24.50 71.66 7.87
CA TYR C 460 -23.68 71.87 6.68
C TYR C 460 -23.25 73.33 6.56
N GLN C 461 -22.19 73.54 5.79
CA GLN C 461 -21.78 74.86 5.33
C GLN C 461 -21.15 74.67 3.96
N ALA C 462 -21.67 75.36 2.95
CA ALA C 462 -21.30 74.99 1.58
C ALA C 462 -19.90 75.46 1.22
N GLY C 463 -19.70 76.76 1.06
CA GLY C 463 -18.34 77.25 0.94
C GLY C 463 -18.03 78.58 1.62
N SER C 464 -19.05 79.34 1.97
CA SER C 464 -18.84 80.73 2.38
C SER C 464 -19.40 81.05 3.75
N THR C 465 -20.66 80.69 4.02
CA THR C 465 -21.39 81.23 5.16
C THR C 465 -21.25 80.33 6.37
N PRO C 466 -20.56 80.75 7.43
CA PRO C 466 -20.62 80.00 8.69
C PRO C 466 -22.02 80.07 9.29
N CYS C 467 -22.38 79.02 10.01
CA CYS C 467 -23.72 78.90 10.56
C CYS C 467 -23.65 78.47 12.03
N ASN C 468 -22.73 79.08 12.77
CA ASN C 468 -22.54 78.77 14.19
C ASN C 468 -23.49 79.64 15.01
N GLY C 469 -24.71 79.14 15.16
CA GLY C 469 -25.73 79.86 15.91
C GLY C 469 -26.29 81.07 15.19
N VAL C 470 -26.18 81.13 13.87
CA VAL C 470 -26.71 82.22 13.07
C VAL C 470 -27.52 81.64 11.93
N GLU C 471 -28.47 82.42 11.43
CA GLU C 471 -29.31 82.00 10.30
C GLU C 471 -28.48 82.10 9.03
N GLY C 472 -27.98 80.95 8.57
CA GLY C 472 -27.19 80.90 7.34
C GLY C 472 -28.05 80.40 6.20
N PHE C 473 -27.99 81.12 5.08
CA PHE C 473 -28.79 80.74 3.92
C PHE C 473 -28.31 79.43 3.32
N ASN C 474 -27.00 79.24 3.25
CA ASN C 474 -26.41 78.05 2.64
C ASN C 474 -26.01 76.98 3.64
N CYS C 475 -26.29 77.18 4.93
CA CYS C 475 -25.87 76.20 5.92
C CYS C 475 -26.87 75.07 6.12
N TYR C 476 -28.03 75.13 5.45
CA TYR C 476 -29.06 74.08 5.52
C TYR C 476 -29.49 73.92 6.99
N PHE C 477 -29.95 72.74 7.36
CA PHE C 477 -30.50 72.49 8.68
C PHE C 477 -30.39 71.00 8.97
N PRO C 478 -30.57 70.59 10.25
CA PRO C 478 -30.45 69.16 10.57
C PRO C 478 -31.54 68.30 9.97
N LEU C 479 -31.53 67.01 10.34
CA LEU C 479 -32.40 66.02 9.71
C LEU C 479 -33.86 66.42 9.82
N GLN C 480 -34.60 66.22 8.72
CA GLN C 480 -36.02 66.51 8.69
C GLN C 480 -36.80 65.50 9.54
N SER C 481 -37.97 65.93 9.97
CA SER C 481 -38.79 65.13 10.88
C SER C 481 -39.49 64.01 10.10
N TYR C 482 -40.37 63.27 10.78
CA TYR C 482 -41.03 62.10 10.22
C TYR C 482 -42.53 62.37 10.13
N GLY C 483 -43.07 62.29 8.91
CA GLY C 483 -44.47 62.56 8.67
C GLY C 483 -45.40 61.39 8.90
N PHE C 484 -45.71 61.10 10.17
CA PHE C 484 -46.61 59.99 10.51
C PHE C 484 -48.04 60.40 10.14
N GLN C 485 -48.35 60.28 8.86
CA GLN C 485 -49.68 60.60 8.39
C GLN C 485 -50.70 59.61 8.95
N PRO C 486 -51.91 60.06 9.30
CA PRO C 486 -52.87 59.17 9.98
C PRO C 486 -53.23 57.92 9.18
N THR C 487 -53.80 58.11 7.99
CA THR C 487 -54.26 57.01 7.15
C THR C 487 -54.02 57.36 5.70
N ASN C 488 -52.94 56.83 5.13
CA ASN C 488 -52.62 57.04 3.72
C ASN C 488 -51.97 55.77 3.18
N GLY C 489 -51.43 55.87 1.96
CA GLY C 489 -50.87 54.72 1.28
C GLY C 489 -49.46 54.39 1.76
N VAL C 490 -48.82 53.50 1.00
CA VAL C 490 -47.49 53.02 1.35
C VAL C 490 -46.47 54.14 1.39
N GLY C 491 -46.72 55.24 0.68
CA GLY C 491 -45.86 56.41 0.78
C GLY C 491 -45.93 57.11 2.12
N TYR C 492 -46.98 56.84 2.90
CA TYR C 492 -47.12 57.38 4.25
C TYR C 492 -47.54 56.29 5.23
N GLN C 493 -47.13 55.05 4.97
CA GLN C 493 -47.43 53.91 5.83
C GLN C 493 -46.12 53.34 6.36
N PRO C 494 -45.65 53.79 7.52
CA PRO C 494 -44.36 53.32 8.02
C PRO C 494 -44.39 51.85 8.42
N TYR C 495 -43.24 51.21 8.29
CA TYR C 495 -43.06 49.82 8.68
C TYR C 495 -41.91 49.74 9.68
N ARG C 496 -41.98 48.76 10.58
CA ARG C 496 -40.93 48.50 11.55
C ARG C 496 -40.10 47.32 11.09
N VAL C 497 -38.78 47.50 11.09
CA VAL C 497 -37.87 46.55 10.46
C VAL C 497 -36.89 46.02 11.50
N VAL C 498 -36.42 44.79 11.29
CA VAL C 498 -35.41 44.15 12.12
C VAL C 498 -34.47 43.36 11.21
N VAL C 499 -33.21 43.26 11.64
CA VAL C 499 -32.20 42.51 10.91
C VAL C 499 -31.47 41.60 11.90
N LEU C 500 -31.13 40.40 11.44
CA LEU C 500 -30.35 39.45 12.24
C LEU C 500 -29.09 39.09 11.46
N SER C 501 -27.96 39.62 11.89
CA SER C 501 -26.68 39.38 11.23
C SER C 501 -25.95 38.20 11.87
N PHE C 502 -24.97 37.66 11.14
CA PHE C 502 -24.19 36.54 11.61
C PHE C 502 -22.73 36.76 11.26
N GLU C 503 -21.84 36.22 12.09
CA GLU C 503 -20.40 36.31 11.84
C GLU C 503 -19.72 35.18 12.59
N LEU C 504 -19.18 34.21 11.85
CA LEU C 504 -18.53 33.06 12.48
C LEU C 504 -17.21 33.47 13.12
N LEU C 505 -16.36 34.17 12.38
CA LEU C 505 -15.02 34.58 12.86
C LEU C 505 -14.26 33.31 13.25
N HIS C 506 -13.34 33.40 14.21
CA HIS C 506 -12.63 32.24 14.76
C HIS C 506 -12.80 32.29 16.27
N ALA C 507 -13.68 31.44 16.80
CA ALA C 507 -14.07 31.51 18.20
C ALA C 507 -14.63 30.15 18.60
N PRO C 508 -14.81 29.90 19.90
CA PRO C 508 -15.44 28.64 20.32
C PRO C 508 -16.84 28.42 19.77
N ALA C 509 -17.53 29.47 19.35
CA ALA C 509 -18.83 29.38 18.68
C ALA C 509 -19.86 28.68 19.57
N THR C 510 -20.22 29.37 20.65
CA THR C 510 -21.17 28.87 21.63
C THR C 510 -22.55 29.49 21.44
N VAL C 511 -22.96 29.71 20.20
CA VAL C 511 -24.32 30.16 19.87
C VAL C 511 -24.85 29.19 18.82
N CYS C 512 -25.52 28.13 19.27
CA CYS C 512 -25.97 27.04 18.42
C CYS C 512 -27.47 27.12 18.19
N GLY C 513 -28.00 26.10 17.50
CA GLY C 513 -29.41 25.99 17.24
C GLY C 513 -30.06 24.91 18.08
N PRO C 514 -31.39 24.94 18.18
CA PRO C 514 -32.08 24.00 19.06
C PRO C 514 -31.98 22.57 18.55
N LYS C 515 -32.02 21.63 19.49
CA LYS C 515 -31.95 20.21 19.18
C LYS C 515 -33.11 19.48 19.85
N LYS C 516 -33.57 18.42 19.21
CA LYS C 516 -34.75 17.68 19.65
C LYS C 516 -34.33 16.56 20.60
N SER C 517 -35.25 15.64 20.88
CA SER C 517 -34.98 14.51 21.75
C SER C 517 -36.08 13.48 21.58
N THR C 518 -35.69 12.23 21.32
CA THR C 518 -36.64 11.14 21.17
C THR C 518 -36.59 10.23 22.38
N ASN C 519 -37.73 9.62 22.70
CA ASN C 519 -37.83 8.76 23.88
C ASN C 519 -36.94 7.54 23.75
N LEU C 520 -36.44 7.06 24.89
CA LEU C 520 -35.49 5.96 24.91
C LEU C 520 -36.21 4.62 24.90
N VAL C 521 -35.46 3.57 24.60
CA VAL C 521 -35.94 2.20 24.68
C VAL C 521 -34.92 1.37 25.43
N LYS C 522 -35.38 0.25 25.99
CA LYS C 522 -34.54 -0.62 26.80
C LYS C 522 -34.75 -2.07 26.40
N ASN C 523 -33.73 -2.88 26.66
CA ASN C 523 -33.76 -4.33 26.40
C ASN C 523 -34.00 -4.64 24.93
N LYS C 524 -33.57 -3.76 24.04
CA LYS C 524 -33.73 -3.96 22.61
C LYS C 524 -32.46 -3.53 21.89
N CYS C 525 -31.98 -4.35 20.98
CA CYS C 525 -30.79 -4.01 20.20
C CYS C 525 -31.14 -2.87 19.27
N VAL C 526 -30.70 -1.66 19.64
CA VAL C 526 -31.07 -0.44 18.93
C VAL C 526 -29.82 0.39 18.67
N ASN C 527 -29.97 1.35 17.77
CA ASN C 527 -28.92 2.30 17.45
C ASN C 527 -29.06 3.52 18.36
N PHE C 528 -27.97 3.88 19.03
CA PHE C 528 -27.97 5.01 19.97
C PHE C 528 -27.02 6.09 19.48
N ASN C 529 -27.44 7.34 19.67
CA ASN C 529 -26.72 8.55 19.29
C ASN C 529 -26.60 9.49 20.47
N PHE C 530 -26.15 8.96 21.60
CA PHE C 530 -25.99 9.75 22.82
C PHE C 530 -24.97 10.86 22.63
N ASN C 531 -24.80 11.71 23.64
CA ASN C 531 -23.84 12.81 23.56
C ASN C 531 -22.41 12.30 23.47
N GLY C 532 -22.98 12.99 20.34
CA GLY C 532 -21.59 12.65 20.12
C GLY C 532 -21.36 11.17 19.90
N LEU C 533 -21.57 10.36 20.94
CA LEU C 533 -21.35 8.94 20.83
C LEU C 533 -22.42 8.28 19.97
N THR C 534 -22.00 7.42 19.06
CA THR C 534 -22.89 6.69 18.19
C THR C 534 -22.51 5.21 18.22
N GLY C 535 -23.51 4.35 18.11
CA GLY C 535 -23.23 2.92 18.07
C GLY C 535 -24.52 2.13 18.05
N THR C 536 -24.36 0.81 18.15
CA THR C 536 -25.49 -0.11 18.22
C THR C 536 -25.31 -1.02 19.42
N GLY C 537 -26.41 -1.34 20.08
CA GLY C 537 -26.34 -2.22 21.23
C GLY C 537 -27.63 -2.20 22.02
N VAL C 538 -27.60 -2.93 23.13
CA VAL C 538 -28.74 -3.06 24.02
C VAL C 538 -28.46 -2.26 25.28
N LEU C 539 -29.37 -1.34 25.61
CA LEU C 539 -29.22 -0.48 26.78
C LEU C 539 -30.12 -0.98 27.90
N THR C 540 -29.54 -1.22 29.06
CA THR C 540 -30.26 -1.68 30.24
C THR C 540 -29.82 -0.86 31.45
N GLU C 541 -30.39 -1.19 32.61
CA GLU C 541 -30.07 -0.49 33.85
C GLU C 541 -28.89 -1.16 34.53
N SER C 542 -27.93 -0.35 34.96
CA SER C 542 -26.75 -0.83 35.66
C SER C 542 -26.81 -0.44 37.13
N ASN C 543 -25.73 -0.76 37.85
CA ASN C 543 -25.63 -0.45 39.27
C ASN C 543 -24.30 0.22 39.63
N LYS C 544 -23.50 0.59 38.65
CA LYS C 544 -22.25 1.28 38.92
C LYS C 544 -22.52 2.68 39.44
N LYS C 545 -21.61 3.16 40.30
CA LYS C 545 -21.73 4.47 40.92
C LYS C 545 -20.76 5.43 40.24
N PHE C 546 -21.30 6.44 39.58
CA PHE C 546 -20.50 7.44 38.88
C PHE C 546 -20.19 8.62 39.80
N LEU C 547 -19.09 9.31 39.49
CA LEU C 547 -18.78 10.56 40.15
C LEU C 547 -19.73 11.64 39.65
N PRO C 548 -19.98 12.68 40.46
CA PRO C 548 -20.97 13.70 40.09
C PRO C 548 -20.61 14.50 38.85
N PHE C 549 -19.44 14.29 38.24
CA PHE C 549 -19.07 15.00 37.03
C PHE C 549 -18.74 14.10 35.84
N GLN C 550 -18.39 12.84 36.07
CA GLN C 550 -18.11 11.94 34.96
C GLN C 550 -19.38 11.65 34.18
N GLN C 551 -19.20 11.34 32.90
CA GLN C 551 -20.34 11.11 32.01
C GLN C 551 -20.23 9.77 31.29
N PHE C 552 -19.00 9.35 30.99
CA PHE C 552 -18.75 8.21 30.13
C PHE C 552 -18.39 6.99 30.97
N GLY C 553 -18.17 5.87 30.28
CA GLY C 553 -17.74 4.65 30.95
C GLY C 553 -16.91 3.78 30.04
N ARG C 554 -15.71 3.40 30.48
CA ARG C 554 -14.83 2.57 29.70
C ARG C 554 -14.43 1.34 30.52
N ASP C 555 -13.57 0.51 29.94
CA ASP C 555 -13.11 -0.72 30.57
C ASP C 555 -11.63 -0.89 30.25
N ILE C 556 -11.12 -2.10 30.51
CA ILE C 556 -9.72 -2.38 30.22
C ILE C 556 -9.44 -2.31 28.72
N ALA C 557 -10.40 -2.77 27.92
CA ALA C 557 -10.25 -2.78 26.47
C ALA C 557 -10.46 -1.41 25.83
N ASP C 558 -10.69 -0.37 26.64
CA ASP C 558 -10.89 1.00 26.14
C ASP C 558 -12.05 1.08 25.16
N THR C 559 -13.14 0.38 25.48
CA THR C 559 -14.37 0.41 24.69
C THR C 559 -15.49 0.90 25.58
N THR C 560 -16.28 1.84 25.08
CA THR C 560 -17.38 2.40 25.86
C THR C 560 -18.40 1.33 26.19
N ASP C 561 -18.79 1.25 27.46
CA ASP C 561 -19.76 0.27 27.90
C ASP C 561 -20.77 0.80 28.91
N ALA C 562 -20.73 2.09 29.25
CA ALA C 562 -21.69 2.67 30.18
C ALA C 562 -21.83 4.15 29.87
N VAL C 563 -23.07 4.61 29.73
CA VAL C 563 -23.36 5.98 29.36
C VAL C 563 -24.31 6.58 30.38
N ARG C 564 -23.99 7.77 30.88
CA ARG C 564 -24.87 8.48 31.79
C ARG C 564 -25.97 9.19 31.02
N ASP C 565 -27.19 9.07 31.51
CA ASP C 565 -28.32 9.71 30.85
C ASP C 565 -28.19 11.22 30.95
N PRO C 566 -28.15 11.95 29.83
CA PRO C 566 -28.00 13.41 29.92
C PRO C 566 -29.24 14.12 30.47
N GLN C 567 -30.41 13.47 30.45
CA GLN C 567 -31.62 14.10 30.97
C GLN C 567 -31.81 13.81 32.45
N THR C 568 -31.94 12.54 32.82
CA THR C 568 -32.30 12.14 34.17
C THR C 568 -31.11 11.70 35.01
N LEU C 569 -29.89 11.75 34.47
CA LEU C 569 -28.69 11.36 35.19
C LEU C 569 -28.79 9.91 35.71
N GLU C 570 -28.88 8.99 34.76
CA GLU C 570 -29.00 7.57 35.06
C GLU C 570 -27.94 6.82 34.26
N ILE C 571 -27.41 5.76 34.85
CA ILE C 571 -26.26 5.04 34.29
C ILE C 571 -26.77 3.81 33.56
N LEU C 572 -26.52 3.74 32.25
CA LEU C 572 -26.97 2.67 31.40
C LEU C 572 -25.84 1.68 31.16
N ASP C 573 -26.09 0.69 30.29
CA ASP C 573 -25.09 -0.29 29.91
C ASP C 573 -25.14 -0.48 28.40
N ILE C 574 -24.02 -0.95 27.85
CA ILE C 574 -23.90 -1.20 26.41
C ILE C 574 -23.40 -2.63 26.22
N THR C 575 -24.05 -3.36 25.31
CA THR C 575 -23.68 -4.73 25.05
C THR C 575 -24.06 -5.08 23.60
N PRO C 576 -23.15 -5.69 22.84
CA PRO C 576 -23.50 -6.12 21.49
C PRO C 576 -24.63 -7.14 21.52
N CYS C 577 -25.45 -7.13 20.46
CA CYS C 577 -26.71 -7.87 20.46
C CYS C 577 -26.58 -9.16 19.65
N SER C 578 -26.06 -10.19 20.33
CA SER C 578 -26.24 -11.60 19.94
C SER C 578 -25.73 -11.88 18.52
N PHE C 579 -24.41 -11.76 18.37
CA PHE C 579 -23.73 -12.22 17.17
C PHE C 579 -23.12 -13.59 17.42
N GLY C 580 -23.10 -14.42 16.38
CA GLY C 580 -22.56 -15.76 16.54
C GLY C 580 -22.40 -16.45 15.21
N GLY C 581 -22.09 -17.74 15.29
CA GLY C 581 -21.93 -18.57 14.11
C GLY C 581 -22.91 -19.73 14.14
N VAL C 582 -23.40 -20.10 12.96
CA VAL C 582 -24.40 -21.16 12.81
C VAL C 582 -23.73 -22.38 12.18
N SER C 583 -23.97 -23.55 12.75
CA SER C 583 -23.42 -24.80 12.25
C SER C 583 -24.50 -25.87 12.29
N VAL C 584 -24.41 -26.80 11.34
CA VAL C 584 -25.40 -27.85 11.20
C VAL C 584 -24.79 -29.19 11.61
N ILE C 585 -25.67 -30.15 11.90
CA ILE C 585 -25.26 -31.49 12.29
C ILE C 585 -26.00 -32.47 11.40
N THR C 586 -25.26 -33.35 10.72
CA THR C 586 -25.86 -34.33 9.84
C THR C 586 -25.28 -35.71 10.13
N PRO C 587 -26.09 -36.76 10.01
CA PRO C 587 -25.58 -38.13 10.20
C PRO C 587 -25.04 -38.79 8.94
N GLY C 588 -24.78 -38.03 7.88
CA GLY C 588 -24.36 -38.60 6.62
C GLY C 588 -25.50 -38.67 5.63
N THR C 589 -25.31 -38.10 4.45
CA THR C 589 -26.39 -38.03 3.48
C THR C 589 -26.79 -39.40 2.95
N ASN C 590 -25.95 -40.42 3.13
CA ASN C 590 -26.29 -41.74 2.65
C ASN C 590 -27.36 -42.41 3.52
N THR C 591 -27.24 -42.27 4.84
CA THR C 591 -28.18 -42.93 5.74
C THR C 591 -29.55 -42.26 5.70
N SER C 592 -29.58 -40.93 5.76
CA SER C 592 -30.84 -40.20 5.82
C SER C 592 -30.60 -38.77 5.35
N ASN C 593 -31.66 -37.97 5.38
CA ASN C 593 -31.62 -36.58 4.93
C ASN C 593 -32.23 -35.66 5.98
N GLN C 594 -31.86 -35.86 7.25
CA GLN C 594 -32.29 -34.99 8.33
C GLN C 594 -31.09 -34.29 8.93
N VAL C 595 -31.30 -33.06 9.40
CA VAL C 595 -30.24 -32.26 9.99
C VAL C 595 -30.76 -31.58 11.25
N ALA C 596 -29.81 -31.15 12.08
CA ALA C 596 -30.09 -30.35 13.27
C ALA C 596 -29.17 -29.13 13.24
N VAL C 597 -29.70 -27.98 13.64
CA VAL C 597 -29.00 -26.71 13.53
C VAL C 597 -28.58 -26.27 14.93
N LEU C 598 -27.29 -25.96 15.08
CA LEU C 598 -26.75 -25.52 16.35
C LEU C 598 -26.42 -24.03 16.26
N TYR C 599 -27.02 -23.23 17.13
CA TYR C 599 -26.74 -21.80 17.19
C TYR C 599 -25.81 -21.55 18.37
N GLN C 600 -24.68 -20.90 18.10
CA GLN C 600 -23.63 -20.77 19.10
C GLN C 600 -23.81 -19.51 19.93
N ASP C 601 -23.67 -19.68 21.25
CA ASP C 601 -23.58 -18.56 22.20
C ASP C 601 -24.79 -17.63 22.10
N VAL C 602 -25.96 -18.23 21.89
CA VAL C 602 -27.19 -17.45 21.76
C VAL C 602 -28.30 -18.11 22.57
N ASN C 603 -28.75 -17.44 23.61
CA ASN C 603 -30.00 -17.82 24.26
C ASN C 603 -31.12 -17.79 23.24
N CYS C 604 -31.78 -18.93 23.04
CA CYS C 604 -32.59 -19.14 21.86
C CYS C 604 -34.08 -19.12 22.17
N THR C 605 -34.49 -18.18 23.02
CA THR C 605 -35.88 -17.74 23.01
C THR C 605 -36.14 -16.72 21.91
N GLU C 606 -35.10 -16.30 21.18
CA GLU C 606 -35.23 -15.24 20.20
C GLU C 606 -34.45 -15.53 18.91
N VAL C 607 -34.35 -16.81 18.53
CA VAL C 607 -33.75 -17.14 17.23
C VAL C 607 -34.56 -16.59 16.06
N PRO C 608 -35.90 -16.79 15.98
CA PRO C 608 -36.61 -16.35 14.78
C PRO C 608 -36.68 -14.83 14.66
N VAL C 609 -35.54 -14.19 14.46
CA VAL C 609 -35.48 -12.76 14.24
C VAL C 609 -34.81 -12.37 12.94
N ALA C 610 -34.22 -13.31 12.21
CA ALA C 610 -33.55 -13.00 10.95
C ALA C 610 -34.35 -13.53 9.76
N TRP C 620 -37.26 -25.01 5.53
CA TRP C 620 -36.32 -23.90 5.59
C TRP C 620 -36.68 -22.97 6.74
N ARG C 621 -37.83 -23.23 7.36
CA ARG C 621 -38.30 -22.45 8.50
C ARG C 621 -38.57 -23.29 9.74
N VAL C 622 -38.78 -24.60 9.58
CA VAL C 622 -39.03 -25.45 10.74
C VAL C 622 -37.82 -25.47 11.67
N TYR C 623 -36.63 -25.26 11.13
CA TYR C 623 -35.39 -25.24 11.91
C TYR C 623 -35.11 -23.87 12.54
N SER C 624 -36.10 -22.99 12.58
CA SER C 624 -35.96 -21.71 13.25
C SER C 624 -36.68 -21.64 14.59
N THR C 625 -37.76 -22.40 14.74
CA THR C 625 -38.52 -22.45 15.99
C THR C 625 -39.43 -23.67 15.94
N GLY C 626 -40.24 -23.82 16.98
CA GLY C 626 -41.20 -24.91 17.01
C GLY C 626 -40.52 -26.25 17.29
N SER C 627 -41.32 -27.31 17.09
CA SER C 627 -40.90 -28.68 17.35
C SER C 627 -40.37 -28.82 18.78
N ASN C 628 -39.13 -29.27 18.92
CA ASN C 628 -38.45 -29.34 20.20
C ASN C 628 -37.15 -28.57 20.12
N VAL C 629 -36.88 -27.75 21.14
CA VAL C 629 -35.68 -26.93 21.19
C VAL C 629 -34.93 -27.27 22.48
N PHE C 630 -33.62 -27.40 22.37
CA PHE C 630 -32.79 -27.71 23.52
C PHE C 630 -31.89 -26.53 23.85
N GLN C 631 -30.74 -26.28 26.65
CA GLN C 631 -29.72 -25.26 26.46
C GLN C 631 -28.34 -25.82 26.78
N THR C 632 -27.44 -25.80 25.81
CA THR C 632 -26.08 -26.29 25.99
C THR C 632 -25.14 -25.14 26.30
N ARG C 633 -23.91 -25.49 26.68
CA ARG C 633 -22.91 -24.47 26.98
C ARG C 633 -22.46 -23.75 25.71
N ALA C 634 -22.27 -24.50 24.62
CA ALA C 634 -21.83 -23.87 23.38
C ALA C 634 -22.90 -22.99 22.77
N GLY C 635 -24.17 -23.35 22.96
CA GLY C 635 -25.28 -22.61 22.41
C GLY C 635 -26.55 -23.38 22.64
N CYS C 636 -27.37 -23.55 21.61
CA CYS C 636 -28.48 -24.49 21.71
C CYS C 636 -28.76 -25.11 20.35
N LEU C 637 -29.34 -26.30 20.40
CA LEU C 637 -29.52 -27.15 19.23
C LEU C 637 -31.02 -27.31 18.95
N ILE C 638 -31.39 -27.18 17.68
CA ILE C 638 -32.77 -27.31 17.23
C ILE C 638 -32.84 -28.47 16.26
N GLY C 639 -33.81 -29.36 16.47
CA GLY C 639 -33.98 -30.52 15.63
C GLY C 639 -33.60 -31.84 16.26
N ALA C 640 -33.22 -31.85 17.53
CA ALA C 640 -32.84 -33.08 18.23
C ALA C 640 -33.50 -33.12 19.60
N GLU C 641 -33.72 -34.33 20.09
CA GLU C 641 -34.34 -34.55 21.39
C GLU C 641 -33.29 -34.96 22.41
N HIS C 642 -33.45 -34.48 23.64
CA HIS C 642 -32.50 -34.72 24.70
C HIS C 642 -32.95 -35.93 25.52
N VAL C 643 -32.27 -37.05 25.35
CA VAL C 643 -32.59 -38.28 26.08
C VAL C 643 -31.95 -38.20 27.48
N ASN C 644 -32.34 -39.12 28.35
CA ASN C 644 -31.84 -39.16 29.72
C ASN C 644 -30.80 -40.25 29.93
N ASN C 645 -30.33 -40.89 28.87
CA ASN C 645 -29.37 -41.97 28.97
C ASN C 645 -27.97 -41.48 28.62
N SER C 646 -27.03 -42.42 28.55
CA SER C 646 -25.64 -42.11 28.20
C SER C 646 -25.11 -43.19 27.27
N TYR C 647 -24.40 -42.77 26.23
CA TYR C 647 -23.86 -43.69 25.24
C TYR C 647 -22.46 -43.25 24.85
N GLU C 648 -21.80 -44.07 24.05
CA GLU C 648 -20.50 -43.70 23.51
C GLU C 648 -20.63 -42.49 22.60
N CYS C 649 -19.57 -41.68 22.56
CA CYS C 649 -19.67 -40.41 21.86
C CYS C 649 -19.73 -40.62 20.34
N ASP C 650 -20.11 -39.54 19.67
CA ASP C 650 -20.34 -39.48 18.23
C ASP C 650 -19.99 -38.06 17.80
N ILE C 651 -20.58 -37.61 16.70
CA ILE C 651 -20.43 -36.23 16.24
C ILE C 651 -20.48 -35.29 17.44
N PRO C 652 -19.38 -34.63 17.77
CA PRO C 652 -19.32 -33.86 19.02
C PRO C 652 -20.00 -32.51 18.90
N ILE C 653 -20.28 -31.92 20.06
CA ILE C 653 -20.89 -30.61 20.12
C ILE C 653 -20.03 -29.70 21.01
N GLY C 654 -19.74 -30.16 22.22
CA GLY C 654 -18.96 -29.40 23.17
C GLY C 654 -19.53 -29.55 24.57
N ALA C 655 -18.69 -29.28 25.56
CA ALA C 655 -19.06 -29.40 26.97
C ALA C 655 -19.59 -30.79 27.28
N GLY C 656 -18.97 -31.80 26.70
CA GLY C 656 -19.37 -33.18 26.93
C GLY C 656 -20.75 -33.54 26.42
N ILE C 657 -21.09 -33.11 25.20
CA ILE C 657 -22.35 -33.44 24.56
C ILE C 657 -22.06 -33.96 23.16
N CYS C 658 -22.55 -35.16 22.86
CA CYS C 658 -22.44 -35.74 21.52
C CYS C 658 -23.83 -36.10 21.01
N ALA C 659 -24.07 -35.80 19.74
CA ALA C 659 -25.34 -36.10 19.09
C ALA C 659 -25.13 -37.24 18.10
N SER C 660 -25.99 -38.24 18.17
CA SER C 660 -25.87 -39.43 17.33
C SER C 660 -27.22 -39.78 16.72
N TYR C 661 -27.18 -40.44 15.57
CA TYR C 661 -28.40 -40.85 14.89
C TYR C 661 -29.18 -41.83 15.77
N GLN C 662 -28.63 -43.05 15.93
CA GLN C 662 -28.99 -44.02 16.97
C GLN C 662 -30.47 -44.02 17.33
N THR C 663 -31.35 -44.19 16.35
CA THR C 663 -32.78 -44.10 16.59
C THR C 663 -33.49 -45.32 16.02
N GLN C 664 -32.97 -46.50 16.35
CA GLN C 664 -33.66 -47.75 16.02
C GLN C 664 -34.57 -48.18 17.18
N THR C 665 -35.37 -47.25 17.66
CA THR C 665 -36.25 -47.49 18.80
C THR C 665 -37.63 -46.84 18.59
N SER C 673 -45.48 -48.10 18.59
CA SER C 673 -44.23 -47.38 18.81
C SER C 673 -43.26 -47.61 17.66
N VAL C 674 -43.41 -46.80 16.61
CA VAL C 674 -42.56 -46.90 15.43
C VAL C 674 -41.15 -46.42 15.80
N ALA C 675 -40.15 -46.85 15.04
CA ALA C 675 -38.77 -46.46 15.34
C ALA C 675 -38.60 -44.94 15.30
N SER C 676 -39.22 -44.29 14.31
CA SER C 676 -39.23 -42.83 14.21
C SER C 676 -37.81 -42.27 14.21
N GLN C 677 -37.07 -42.60 13.15
CA GLN C 677 -35.66 -42.22 13.05
C GLN C 677 -35.50 -40.72 13.22
N SER C 678 -34.61 -40.33 14.13
CA SER C 678 -34.39 -38.92 14.43
C SER C 678 -33.03 -38.77 15.09
N ILE C 679 -32.55 -37.54 15.15
CA ILE C 679 -31.28 -37.22 15.79
C ILE C 679 -31.51 -36.96 17.26
N ILE C 680 -30.68 -37.56 18.11
CA ILE C 680 -30.80 -37.42 19.56
C ILE C 680 -29.51 -36.83 20.10
N ALA C 681 -29.62 -36.24 21.29
CA ALA C 681 -28.49 -35.65 21.98
C ALA C 681 -28.39 -36.25 23.38
N TYR C 682 -27.17 -36.52 23.83
CA TYR C 682 -26.95 -37.19 25.10
C TYR C 682 -25.59 -36.77 25.65
N THR C 683 -25.38 -37.08 26.92
CA THR C 683 -24.12 -36.78 27.58
C THR C 683 -23.10 -37.89 27.33
N MET C 684 -21.85 -37.60 27.70
CA MET C 684 -20.77 -38.54 27.49
C MET C 684 -20.90 -39.77 28.38
N SER C 685 -20.26 -40.85 27.95
CA SER C 685 -20.11 -42.06 28.74
C SER C 685 -18.63 -42.44 28.74
N LEU C 686 -18.01 -42.43 29.91
CA LEU C 686 -16.55 -42.54 30.03
C LEU C 686 -16.14 -44.01 30.12
N GLY C 687 -16.57 -44.79 29.13
CA GLY C 687 -16.26 -46.20 29.10
C GLY C 687 -17.15 -47.01 30.04
N ALA C 688 -16.91 -48.32 30.04
CA ALA C 688 -17.70 -49.23 30.86
C ALA C 688 -17.16 -49.29 32.28
N GLU C 689 -18.07 -49.32 33.24
CA GLU C 689 -17.66 -49.41 34.65
C GLU C 689 -17.06 -50.77 34.94
N ASN C 690 -16.04 -50.78 35.80
CA ASN C 690 -15.37 -52.02 36.18
C ASN C 690 -14.82 -51.88 37.59
N SER C 691 -14.58 -53.01 38.23
CA SER C 691 -14.01 -53.04 39.57
C SER C 691 -13.33 -54.38 39.79
N VAL C 692 -12.16 -54.35 40.42
CA VAL C 692 -11.38 -55.56 40.68
C VAL C 692 -11.49 -55.89 42.16
N ALA C 693 -11.70 -57.17 42.46
CA ALA C 693 -11.78 -57.62 43.84
C ALA C 693 -10.37 -57.67 44.42
N TYR C 694 -10.06 -56.72 45.31
CA TYR C 694 -8.72 -56.56 45.85
C TYR C 694 -8.75 -56.84 47.35
N SER C 695 -8.05 -57.88 47.77
CA SER C 695 -7.77 -58.17 49.17
C SER C 695 -6.27 -58.07 49.37
N ASN C 696 -5.81 -58.39 50.59
CA ASN C 696 -4.37 -58.38 50.80
C ASN C 696 -3.70 -59.70 50.44
N ASN C 697 -4.47 -60.71 50.04
CA ASN C 697 -3.93 -61.98 49.55
C ASN C 697 -4.83 -62.47 48.42
N SER C 698 -4.50 -62.08 47.19
CA SER C 698 -5.26 -62.49 46.02
C SER C 698 -4.42 -62.23 44.78
N ILE C 699 -4.24 -63.26 43.96
CA ILE C 699 -3.44 -63.16 42.74
C ILE C 699 -4.27 -63.68 41.58
N ALA C 700 -4.23 -62.99 40.45
CA ALA C 700 -4.86 -63.43 39.23
C ALA C 700 -3.75 -63.77 38.23
N ILE C 701 -3.61 -65.06 37.92
CA ILE C 701 -2.56 -65.56 37.05
C ILE C 701 -3.19 -66.01 35.75
N PRO C 702 -2.74 -65.52 34.60
CA PRO C 702 -3.28 -65.98 33.32
C PRO C 702 -2.93 -67.43 33.07
N THR C 703 -3.78 -68.11 32.30
CA THR C 703 -3.57 -69.51 31.96
C THR C 703 -3.42 -69.76 30.47
N ASN C 704 -3.76 -68.79 29.61
CA ASN C 704 -3.58 -68.92 28.17
C ASN C 704 -3.01 -67.61 27.66
N PHE C 705 -2.96 -67.45 26.34
CA PHE C 705 -2.48 -66.22 25.75
C PHE C 705 -3.12 -66.04 24.39
N THR C 706 -2.77 -64.94 23.72
CA THR C 706 -3.35 -64.61 22.42
C THR C 706 -2.39 -63.68 21.69
N ILE C 707 -1.88 -64.14 20.55
CA ILE C 707 -1.03 -63.29 19.71
C ILE C 707 -1.91 -62.30 18.97
N SER C 708 -1.53 -61.03 19.01
CA SER C 708 -2.29 -59.97 18.36
C SER C 708 -1.41 -59.22 17.38
N VAL C 709 -2.04 -58.64 16.36
CA VAL C 709 -1.35 -57.86 15.35
C VAL C 709 -2.07 -56.54 15.17
N THR C 710 -1.33 -55.44 15.31
CA THR C 710 -1.87 -54.10 15.15
C THR C 710 -1.14 -53.37 14.04
N THR C 711 -1.76 -52.31 13.52
CA THR C 711 -1.21 -51.54 12.42
C THR C 711 -1.08 -50.08 12.82
N GLU C 712 0.01 -49.46 12.38
CA GLU C 712 0.22 -48.03 12.58
C GLU C 712 0.68 -47.41 11.26
N ILE C 713 0.19 -46.20 10.97
CA ILE C 713 0.48 -45.52 9.72
C ILE C 713 1.14 -44.19 10.04
N LEU C 714 2.27 -43.92 9.39
CA LEU C 714 3.03 -42.69 9.65
C LEU C 714 3.40 -42.03 8.34
N PRO C 715 3.00 -40.77 8.11
CA PRO C 715 3.48 -40.05 6.93
C PRO C 715 4.95 -39.75 7.05
N VAL C 716 5.62 -39.69 5.90
CA VAL C 716 7.07 -39.47 5.87
C VAL C 716 7.48 -38.34 4.95
N SER C 717 6.70 -37.97 3.94
CA SER C 717 7.13 -36.95 3.00
C SER C 717 5.92 -36.30 2.35
N MET C 718 6.15 -35.14 1.74
CA MET C 718 5.14 -34.43 0.99
C MET C 718 5.71 -34.08 -0.38
N THR C 719 4.82 -33.94 -1.36
CA THR C 719 5.26 -33.75 -2.74
C THR C 719 6.07 -32.47 -2.88
N LYS C 720 7.21 -32.58 -3.54
CA LYS C 720 8.05 -31.42 -3.79
C LYS C 720 7.40 -30.50 -4.82
N THR C 721 7.67 -29.20 -4.69
CA THR C 721 7.11 -28.23 -5.60
C THR C 721 8.00 -27.00 -5.63
N SER C 722 7.81 -26.18 -6.67
CA SER C 722 8.55 -24.93 -6.81
C SER C 722 7.75 -24.00 -7.72
N VAL C 723 7.86 -22.70 -7.43
CA VAL C 723 7.19 -21.67 -8.21
C VAL C 723 8.20 -20.58 -8.53
N ASP C 724 8.09 -20.01 -9.73
CA ASP C 724 8.95 -18.91 -10.13
C ASP C 724 8.36 -17.59 -9.67
N CYS C 725 9.19 -16.78 -8.99
CA CYS C 725 8.70 -15.51 -8.46
C CYS C 725 8.28 -14.55 -9.56
N THR C 726 9.11 -14.40 -10.59
CA THR C 726 8.82 -13.43 -11.63
C THR C 726 7.69 -13.89 -12.53
N MET C 727 7.70 -15.16 -12.93
CA MET C 727 6.69 -15.65 -13.88
C MET C 727 5.30 -15.61 -13.27
N TYR C 728 5.17 -15.97 -11.99
CA TYR C 728 3.86 -15.98 -11.35
C TYR C 728 3.26 -14.59 -11.29
N ILE C 729 4.07 -13.58 -10.93
CA ILE C 729 3.55 -12.23 -10.79
C ILE C 729 3.38 -11.57 -12.14
N CYS C 730 4.45 -11.55 -12.94
CA CYS C 730 4.45 -10.90 -14.25
C CYS C 730 4.61 -11.95 -15.34
N GLY C 731 3.79 -11.87 -16.37
CA GLY C 731 3.91 -12.78 -17.49
C GLY C 731 4.98 -12.36 -18.44
N ASP C 732 4.66 -12.33 -19.74
CA ASP C 732 5.62 -11.86 -20.74
C ASP C 732 5.89 -10.36 -20.64
N SER C 733 5.08 -9.63 -19.87
CA SER C 733 5.24 -8.19 -19.74
C SER C 733 6.58 -7.81 -19.13
N THR C 734 7.45 -7.19 -19.92
CA THR C 734 8.76 -6.77 -19.42
C THR C 734 8.64 -5.53 -18.54
N GLU C 735 7.67 -4.66 -18.80
CA GLU C 735 7.45 -3.49 -17.95
C GLU C 735 7.08 -3.92 -16.53
N CYS C 736 6.27 -4.98 -16.41
CA CYS C 736 6.00 -5.52 -15.08
C CYS C 736 7.30 -5.99 -14.42
N SER C 737 8.19 -6.61 -15.21
CA SER C 737 9.44 -7.11 -14.66
C SER C 737 10.30 -5.97 -14.13
N ASN C 738 10.49 -4.92 -14.92
CA ASN C 738 11.35 -3.84 -14.46
C ASN C 738 10.67 -2.91 -13.46
N LEU C 739 9.34 -2.98 -13.32
CA LEU C 739 8.69 -2.34 -12.18
C LEU C 739 8.90 -3.15 -10.91
N LEU C 740 8.82 -4.48 -10.99
CA LEU C 740 9.10 -5.32 -9.83
C LEU C 740 10.56 -5.26 -9.43
N LEU C 741 11.45 -4.95 -10.37
CA LEU C 741 12.87 -4.83 -10.04
C LEU C 741 13.13 -3.73 -9.02
N GLN C 742 12.17 -2.81 -8.83
CA GLN C 742 12.33 -1.78 -7.82
C GLN C 742 12.49 -2.37 -6.43
N TYR C 743 11.74 -3.43 -6.14
CA TYR C 743 11.85 -4.11 -4.85
C TYR C 743 13.19 -4.83 -4.77
N GLY C 744 13.47 -5.40 -3.60
CA GLY C 744 14.77 -5.99 -3.34
C GLY C 744 14.92 -7.41 -3.82
N SER C 745 15.34 -8.30 -2.92
CA SER C 745 15.61 -9.69 -3.25
C SER C 745 14.43 -10.60 -2.94
N PHE C 746 13.20 -10.08 -3.09
CA PHE C 746 12.02 -10.86 -2.77
C PHE C 746 11.77 -12.00 -3.74
N CYS C 747 12.48 -12.05 -4.87
CA CYS C 747 12.37 -13.16 -5.80
C CYS C 747 13.53 -14.15 -5.66
N THR C 748 14.39 -13.97 -4.66
CA THR C 748 15.47 -14.90 -4.40
C THR C 748 15.32 -15.63 -3.07
N GLN C 749 14.77 -14.99 -2.06
CA GLN C 749 14.55 -15.66 -0.78
C GLN C 749 13.55 -16.80 -0.93
N LEU C 750 12.48 -16.58 -1.70
CA LEU C 750 11.43 -17.58 -1.83
C LEU C 750 11.93 -18.83 -2.54
N ASN C 751 12.70 -18.66 -3.61
CA ASN C 751 13.26 -19.81 -4.31
C ASN C 751 14.22 -20.58 -3.39
N ARG C 752 15.01 -19.87 -2.60
CA ARG C 752 15.90 -20.54 -1.66
C ARG C 752 15.13 -21.33 -0.63
N ALA C 753 14.05 -20.76 -0.10
CA ALA C 753 13.23 -21.47 0.89
C ALA C 753 12.60 -22.72 0.28
N LEU C 754 12.07 -22.60 -0.94
CA LEU C 754 11.45 -23.76 -1.57
C LEU C 754 12.48 -24.85 -1.87
N THR C 755 13.68 -24.46 -2.32
CA THR C 755 14.72 -25.44 -2.55
C THR C 755 15.13 -26.14 -1.26
N GLY C 756 15.24 -25.37 -0.16
CA GLY C 756 15.54 -25.99 1.12
C GLY C 756 14.48 -26.97 1.55
N ILE C 757 13.21 -26.62 1.34
CA ILE C 757 12.13 -27.55 1.67
C ILE C 757 12.24 -28.81 0.83
N ALA C 758 12.53 -28.66 -0.46
CA ALA C 758 12.61 -29.83 -1.35
C ALA C 758 13.74 -30.76 -0.92
N VAL C 759 14.93 -30.21 -0.65
CA VAL C 759 16.04 -31.07 -0.26
C VAL C 759 15.78 -31.69 1.11
N GLU C 760 15.10 -30.96 2.01
CA GLU C 760 14.75 -31.53 3.29
C GLU C 760 13.81 -32.71 3.14
N GLN C 761 12.84 -32.61 2.24
CA GLN C 761 11.96 -33.73 1.97
C GLN C 761 12.72 -34.90 1.35
N ASP C 762 13.71 -34.59 0.52
CA ASP C 762 14.53 -35.66 -0.04
C ASP C 762 15.28 -36.40 1.05
N LYS C 763 15.80 -35.66 2.05
CA LYS C 763 16.54 -36.29 3.13
C LYS C 763 15.67 -37.14 4.02
N ASN C 764 14.37 -36.82 4.12
CA ASN C 764 13.50 -37.52 5.06
C ASN C 764 13.36 -38.99 4.71
N THR C 765 13.19 -39.31 3.42
CA THR C 765 12.97 -40.70 3.03
C THR C 765 14.21 -41.55 3.29
N GLN C 766 15.40 -40.97 3.10
CA GLN C 766 16.63 -41.73 3.30
C GLN C 766 16.85 -42.11 4.75
N GLU C 767 16.24 -41.40 5.70
CA GLU C 767 16.45 -41.68 7.10
C GLU C 767 15.63 -42.87 7.60
N VAL C 768 14.55 -43.22 6.91
CA VAL C 768 13.64 -44.27 7.38
C VAL C 768 13.73 -45.54 6.56
N PHE C 769 14.50 -45.56 5.48
CA PHE C 769 14.57 -46.73 4.62
C PHE C 769 15.98 -47.15 4.26
N ALA C 770 17.00 -46.45 4.73
CA ALA C 770 18.38 -46.76 4.41
C ALA C 770 19.16 -47.10 5.67
N GLN C 771 18.56 -47.92 6.54
CA GLN C 771 19.24 -48.31 7.77
C GLN C 771 20.36 -49.29 7.50
N VAL C 772 20.17 -50.22 6.55
CA VAL C 772 21.16 -51.25 6.25
C VAL C 772 21.52 -51.15 4.77
N LYS C 773 22.82 -51.00 4.49
CA LYS C 773 23.32 -50.95 3.13
C LYS C 773 23.80 -52.31 2.65
N GLN C 774 22.95 -53.34 2.81
CA GLN C 774 23.26 -54.68 2.32
C GLN C 774 21.93 -55.41 2.15
N ILE C 775 21.45 -55.51 0.91
CA ILE C 775 20.15 -56.11 0.65
C ILE C 775 20.27 -57.63 0.80
N TYR C 776 19.37 -58.21 1.58
CA TYR C 776 19.34 -59.64 1.82
C TYR C 776 18.24 -60.31 0.99
N LYS C 777 18.38 -61.61 0.79
CA LYS C 777 17.43 -62.40 0.02
C LYS C 777 16.89 -63.53 0.86
N THR C 778 15.59 -63.76 0.75
CA THR C 778 14.96 -64.86 1.46
C THR C 778 15.42 -66.20 0.88
N PRO C 779 15.46 -67.26 1.69
CA PRO C 779 15.80 -68.57 1.15
C PRO C 779 14.74 -69.04 0.16
N PRO C 780 15.12 -69.85 -0.83
CA PRO C 780 14.13 -70.32 -1.80
C PRO C 780 13.01 -71.16 -1.20
N ILE C 781 13.29 -71.89 -0.12
CA ILE C 781 12.32 -72.80 0.49
C ILE C 781 11.86 -72.21 1.81
N LYS C 782 10.54 -72.10 1.98
CA LYS C 782 9.94 -71.53 3.18
C LYS C 782 9.49 -72.67 4.09
N ASP C 783 10.21 -72.87 5.18
CA ASP C 783 9.90 -73.90 6.16
C ASP C 783 10.06 -73.35 7.57
N PHE C 784 9.53 -72.16 7.82
CA PHE C 784 9.74 -71.47 9.10
C PHE C 784 8.85 -72.07 10.19
N GLY C 785 8.99 -73.38 10.39
CA GLY C 785 8.32 -74.05 11.49
C GLY C 785 6.82 -73.92 11.49
N GLY C 786 6.20 -73.77 10.32
CA GLY C 786 4.77 -73.62 10.19
C GLY C 786 4.29 -72.19 10.03
N PHE C 787 5.14 -71.20 10.30
CA PHE C 787 4.76 -69.83 10.08
C PHE C 787 4.66 -69.54 8.59
N ASN C 788 3.83 -68.56 8.23
CA ASN C 788 3.46 -68.31 6.85
C ASN C 788 3.57 -66.81 6.56
N PHE C 789 4.73 -66.39 6.07
CA PHE C 789 4.95 -64.98 5.69
C PHE C 789 4.71 -64.78 4.20
N SER C 790 3.49 -65.08 3.76
CA SER C 790 3.17 -64.92 2.35
C SER C 790 2.51 -63.59 2.05
N GLN C 791 1.84 -62.98 3.03
CA GLN C 791 1.14 -61.72 2.81
C GLN C 791 2.03 -60.50 2.99
N ILE C 792 3.28 -60.69 3.42
CA ILE C 792 4.21 -59.58 3.62
C ILE C 792 5.39 -59.66 2.66
N LEU C 793 5.86 -60.86 2.36
CA LEU C 793 6.99 -61.02 1.45
C LEU C 793 6.59 -60.60 0.03
N PRO C 794 7.55 -60.13 -0.76
CA PRO C 794 7.21 -59.72 -2.14
C PRO C 794 6.76 -60.91 -2.97
N ASP C 795 5.89 -60.63 -3.93
CA ASP C 795 5.34 -61.66 -4.81
C ASP C 795 5.97 -61.54 -6.19
N PRO C 796 6.89 -62.44 -6.56
CA PRO C 796 7.51 -62.34 -7.88
C PRO C 796 6.55 -62.62 -9.03
N SER C 797 5.42 -63.27 -8.77
CA SER C 797 4.50 -63.62 -9.85
C SER C 797 3.95 -62.38 -10.53
N LYS C 798 3.50 -61.40 -9.75
CA LYS C 798 2.98 -60.17 -10.32
C LYS C 798 4.12 -59.35 -10.91
N PRO C 799 3.85 -58.61 -11.99
CA PRO C 799 4.90 -57.73 -12.54
C PRO C 799 5.39 -56.70 -11.55
N SER C 800 4.52 -56.18 -10.70
CA SER C 800 4.96 -55.31 -9.62
C SER C 800 5.73 -56.12 -8.58
N LYS C 801 6.75 -55.50 -7.99
CA LYS C 801 7.56 -56.16 -6.98
C LYS C 801 7.04 -55.93 -5.56
N ARG C 802 5.75 -55.62 -5.42
CA ARG C 802 5.17 -55.38 -4.12
C ARG C 802 4.62 -56.68 -3.52
N SER C 803 4.06 -56.58 -2.33
CA SER C 803 3.40 -57.65 -1.63
C SER C 803 1.90 -57.44 -1.68
N PRO C 804 1.11 -58.49 -1.37
CA PRO C 804 -0.35 -58.31 -1.41
C PRO C 804 -0.85 -57.17 -0.54
N ILE C 805 -0.27 -56.99 0.65
CA ILE C 805 -0.67 -55.88 1.51
C ILE C 805 -0.22 -54.56 0.90
N GLU C 806 1.01 -54.51 0.37
CA GLU C 806 1.46 -53.30 -0.31
C GLU C 806 0.61 -52.98 -1.53
N ASP C 807 0.24 -54.01 -2.30
CA ASP C 807 -0.63 -53.80 -3.45
C ASP C 807 -1.98 -53.26 -3.02
N LEU C 808 -2.53 -53.79 -1.93
CA LEU C 808 -3.81 -53.29 -1.44
C LEU C 808 -3.67 -51.84 -0.97
N LEU C 809 -2.55 -51.50 -0.34
CA LEU C 809 -2.34 -50.13 0.13
C LEU C 809 -2.23 -49.16 -1.04
N PHE C 810 -1.49 -49.53 -2.08
CA PHE C 810 -1.28 -48.61 -3.19
C PHE C 810 -2.53 -48.40 -4.04
N ASN C 811 -3.53 -49.27 -3.90
CA ASN C 811 -4.77 -49.14 -4.66
C ASN C 811 -5.85 -48.38 -3.90
N LYS C 812 -5.56 -47.91 -2.69
CA LYS C 812 -6.52 -47.14 -1.92
C LYS C 812 -6.15 -45.66 -1.77
N VAL C 813 -4.90 -45.30 -2.04
CA VAL C 813 -4.48 -43.90 -1.90
C VAL C 813 -5.02 -43.03 -3.02
N THR C 814 -5.55 -43.65 -4.08
CA THR C 814 -6.09 -42.89 -5.20
C THR C 814 -7.18 -41.92 -4.73
N LEU C 815 -7.11 -40.69 -5.24
CA LEU C 815 -8.03 -39.64 -4.84
C LEU C 815 -9.46 -39.99 -5.22
N CYS C 838 -3.99 -34.13 -14.07
CA CYS C 838 -4.24 -32.69 -14.15
C CYS C 838 -3.06 -31.90 -13.57
N ALA C 839 -3.19 -30.57 -13.61
CA ALA C 839 -2.18 -29.66 -13.07
C ALA C 839 -0.80 -29.94 -13.69
N GLN C 840 -0.78 -30.06 -15.02
CA GLN C 840 0.46 -30.34 -15.73
C GLN C 840 1.47 -29.22 -15.54
N LYS C 841 1.17 -28.04 -16.07
CA LYS C 841 2.07 -26.89 -15.96
C LYS C 841 1.37 -25.61 -16.38
N PHE C 842 1.47 -24.57 -15.55
CA PHE C 842 0.90 -23.26 -15.86
C PHE C 842 1.35 -22.26 -14.82
N ASN C 843 1.62 -21.03 -15.26
CA ASN C 843 1.96 -19.91 -14.39
C ASN C 843 3.17 -20.23 -13.52
N GLY C 844 4.16 -20.90 -14.10
CA GLY C 844 5.39 -21.20 -13.38
C GLY C 844 5.22 -22.13 -12.20
N LEU C 845 4.37 -23.15 -12.34
CA LEU C 845 4.16 -24.15 -11.29
C LEU C 845 4.80 -25.46 -11.75
N THR C 846 5.85 -25.88 -11.06
CA THR C 846 6.59 -27.08 -11.41
C THR C 846 6.63 -28.04 -10.23
N VAL C 847 6.67 -29.33 -10.54
CA VAL C 847 6.74 -30.37 -9.52
C VAL C 847 7.98 -31.22 -9.81
N LEU C 848 8.92 -31.23 -8.86
CA LEU C 848 10.12 -32.02 -9.02
C LEU C 848 9.84 -33.49 -8.70
N PRO C 849 10.56 -34.41 -9.34
CA PRO C 849 10.38 -35.82 -9.04
C PRO C 849 11.22 -36.24 -7.86
N PRO C 850 10.76 -37.21 -7.06
CA PRO C 850 11.55 -37.67 -5.92
C PRO C 850 12.82 -38.37 -6.37
N LEU C 851 13.84 -38.29 -5.53
CA LEU C 851 15.11 -38.93 -5.84
C LEU C 851 15.00 -40.45 -5.82
N LEU C 852 14.26 -41.00 -4.86
CA LEU C 852 14.09 -42.44 -4.73
C LEU C 852 12.72 -42.84 -5.22
N THR C 853 12.68 -43.69 -6.25
CA THR C 853 11.42 -44.16 -6.78
C THR C 853 10.87 -45.30 -5.93
N ASP C 854 9.60 -45.64 -6.17
CA ASP C 854 8.93 -46.66 -5.36
C ASP C 854 9.56 -48.04 -5.54
N GLU C 855 10.09 -48.31 -6.73
CA GLU C 855 10.72 -49.60 -6.98
C GLU C 855 11.90 -49.86 -6.07
N MET C 856 12.56 -48.81 -5.57
CA MET C 856 13.71 -48.96 -4.69
C MET C 856 13.32 -48.94 -3.22
N ILE C 857 12.29 -48.16 -2.86
CA ILE C 857 11.76 -48.25 -1.50
C ILE C 857 11.21 -49.65 -1.24
N ALA C 858 10.59 -50.26 -2.25
CA ALA C 858 10.14 -51.63 -2.11
C ALA C 858 11.31 -52.58 -1.85
N GLN C 859 12.43 -52.36 -2.55
CA GLN C 859 13.60 -53.20 -2.32
C GLN C 859 14.15 -53.02 -0.91
N TYR C 860 14.19 -51.77 -0.43
CA TYR C 860 14.64 -51.53 0.94
C TYR C 860 13.75 -52.24 1.95
N THR C 861 12.42 -52.14 1.77
CA THR C 861 11.51 -52.80 2.70
C THR C 861 11.65 -54.31 2.64
N SER C 862 11.83 -54.86 1.44
CA SER C 862 12.01 -56.31 1.31
C SER C 862 13.29 -56.76 1.98
N ALA C 863 14.37 -56.00 1.82
CA ALA C 863 15.63 -56.34 2.48
C ALA C 863 15.49 -56.30 4.00
N LEU C 864 14.84 -55.26 4.52
CA LEU C 864 14.63 -55.17 5.96
C LEU C 864 13.78 -56.33 6.46
N LEU C 865 12.73 -56.69 5.72
CA LEU C 865 11.86 -57.78 6.12
C LEU C 865 12.61 -59.11 6.11
N ALA C 866 13.45 -59.33 5.11
CA ALA C 866 14.22 -60.57 5.03
C ALA C 866 15.31 -60.62 6.09
N GLY C 867 15.78 -59.46 6.55
CA GLY C 867 16.82 -59.44 7.56
C GLY C 867 16.36 -60.01 8.90
N THR C 868 15.17 -59.61 9.35
CA THR C 868 14.70 -60.03 10.66
C THR C 868 14.23 -61.48 10.67
N ILE C 869 13.70 -61.97 9.55
CA ILE C 869 13.17 -63.32 9.51
C ILE C 869 14.28 -64.34 9.72
N THR C 870 15.42 -64.16 9.06
CA THR C 870 16.47 -65.16 9.06
C THR C 870 17.63 -64.82 9.99
N SER C 871 17.64 -63.64 10.60
CA SER C 871 18.77 -63.23 11.42
C SER C 871 18.40 -62.61 12.77
N GLY C 872 17.13 -62.29 13.00
CA GLY C 872 16.77 -61.69 14.27
C GLY C 872 17.23 -60.25 14.35
N TRP C 873 17.69 -59.86 15.54
CA TRP C 873 18.21 -58.51 15.75
C TRP C 873 19.71 -58.40 15.55
N THR C 874 20.39 -59.51 15.25
CA THR C 874 21.84 -59.47 15.16
C THR C 874 22.30 -58.65 13.97
N PHE C 875 21.58 -58.69 12.86
CA PHE C 875 22.00 -57.99 11.65
C PHE C 875 21.92 -56.48 11.81
N GLY C 876 21.22 -55.99 12.83
CA GLY C 876 21.16 -54.57 13.09
C GLY C 876 22.30 -54.02 13.92
N ALA C 877 23.23 -54.88 14.35
CA ALA C 877 24.37 -54.44 15.15
C ALA C 877 25.72 -54.87 14.59
N GLY C 878 25.77 -55.87 13.72
CA GLY C 878 27.01 -56.32 13.14
C GLY C 878 26.78 -57.27 11.99
N PRO C 879 27.62 -58.28 11.87
CA PRO C 879 27.41 -59.29 10.82
C PRO C 879 26.12 -60.06 11.06
N ALA C 880 25.48 -60.46 9.97
CA ALA C 880 24.24 -61.20 10.07
C ALA C 880 24.50 -62.63 10.54
N LEU C 881 23.76 -63.07 11.55
CA LEU C 881 23.90 -64.41 12.10
C LEU C 881 22.62 -65.18 11.81
N GLN C 882 22.76 -66.33 11.14
CA GLN C 882 21.60 -67.14 10.85
C GLN C 882 21.04 -67.76 12.12
N ILE C 883 19.73 -67.97 12.13
CA ILE C 883 19.04 -68.46 13.31
C ILE C 883 17.75 -69.16 12.86
N PRO C 884 17.41 -70.31 13.42
CA PRO C 884 16.09 -70.89 13.14
C PRO C 884 15.00 -70.04 13.73
N PHE C 885 13.92 -69.85 12.98
CA PHE C 885 12.85 -68.97 13.45
C PHE C 885 12.23 -69.41 14.76
N PRO C 886 11.91 -70.70 15.00
CA PRO C 886 11.41 -71.07 16.33
C PRO C 886 12.36 -70.71 17.44
N MET C 887 13.68 -70.87 17.24
CA MET C 887 14.63 -70.48 18.26
C MET C 887 14.62 -68.98 18.48
N GLN C 888 14.46 -68.19 17.42
CA GLN C 888 14.38 -66.75 17.58
C GLN C 888 13.14 -66.36 18.37
N MET C 889 12.01 -67.01 18.10
CA MET C 889 10.80 -66.72 18.87
C MET C 889 10.97 -67.12 20.32
N ALA C 890 11.68 -68.22 20.57
CA ALA C 890 11.98 -68.61 21.95
C ALA C 890 12.83 -67.56 22.64
N TYR C 891 13.81 -67.01 21.91
CA TYR C 891 14.58 -65.89 22.43
C TYR C 891 13.67 -64.73 22.82
N ARG C 892 12.72 -64.40 21.93
CA ARG C 892 11.87 -63.24 22.16
C ARG C 892 10.91 -63.46 23.34
N PHE C 893 10.40 -64.68 23.52
CA PHE C 893 9.58 -64.93 24.71
C PHE C 893 10.40 -64.79 25.99
N ASN C 894 11.65 -65.21 25.97
CA ASN C 894 12.48 -65.04 27.16
C ASN C 894 13.03 -63.62 27.20
N GLY C 895 12.16 -62.65 26.99
CA GLY C 895 12.50 -61.24 27.11
C GLY C 895 11.41 -60.49 27.83
N ILE C 896 10.27 -61.15 28.03
CA ILE C 896 9.13 -60.53 28.71
C ILE C 896 8.71 -61.29 29.96
N GLY C 897 9.27 -62.46 30.24
CA GLY C 897 8.94 -63.18 31.44
C GLY C 897 8.62 -64.64 31.22
N VAL C 898 8.02 -64.96 30.07
CA VAL C 898 7.65 -66.34 29.77
C VAL C 898 8.91 -67.15 29.46
N THR C 899 8.99 -68.35 30.02
CA THR C 899 10.14 -69.21 29.80
C THR C 899 10.09 -69.81 28.39
N GLN C 900 11.12 -70.60 28.07
CA GLN C 900 11.27 -71.09 26.71
C GLN C 900 10.31 -72.22 26.37
N ASN C 901 9.97 -73.07 27.35
CA ASN C 901 9.21 -74.28 27.04
C ASN C 901 7.81 -74.00 26.52
N VAL C 902 7.26 -72.81 26.79
CA VAL C 902 5.89 -72.51 26.39
C VAL C 902 5.76 -72.54 24.87
N LEU C 903 6.71 -71.92 24.17
CA LEU C 903 6.69 -71.94 22.71
C LEU C 903 6.93 -73.35 22.18
N TYR C 904 7.95 -74.03 22.72
CA TYR C 904 8.25 -75.37 22.24
C TYR C 904 7.12 -76.35 22.51
N GLU C 905 6.18 -75.99 23.38
CA GLU C 905 4.98 -76.80 23.56
C GLU C 905 3.87 -76.37 22.60
N ASN C 906 3.43 -75.12 22.69
CA ASN C 906 2.33 -74.66 21.86
C ASN C 906 2.81 -73.98 20.57
N GLN C 907 3.76 -74.60 19.90
CA GLN C 907 4.20 -74.12 18.59
C GLN C 907 3.04 -74.09 17.59
N LYS C 908 2.25 -75.16 17.53
CA LYS C 908 1.16 -75.22 16.56
C LYS C 908 0.12 -74.14 16.84
N LEU C 909 -0.26 -73.96 18.11
CA LEU C 909 -1.24 -72.94 18.45
C LEU C 909 -0.71 -71.55 18.11
N ILE C 910 0.55 -71.28 18.44
CA ILE C 910 1.11 -69.96 18.16
C ILE C 910 1.15 -69.71 16.65
N ALA C 911 1.55 -70.71 15.88
CA ALA C 911 1.61 -70.55 14.44
C ALA C 911 0.23 -70.29 13.85
N ASN C 912 -0.78 -71.04 14.31
CA ASN C 912 -2.13 -70.84 13.80
C ASN C 912 -2.66 -69.46 14.15
N GLN C 913 -2.42 -69.01 15.39
CA GLN C 913 -2.87 -67.68 15.78
C GLN C 913 -2.18 -66.60 14.97
N PHE C 914 -0.87 -66.75 14.73
CA PHE C 914 -0.15 -65.80 13.91
C PHE C 914 -0.71 -65.75 12.50
N ASN C 915 -0.98 -66.91 11.90
CA ASN C 915 -1.51 -66.95 10.55
C ASN C 915 -2.87 -66.28 10.46
N SER C 916 -3.75 -66.58 11.43
CA SER C 916 -5.08 -65.96 11.42
C SER C 916 -4.99 -64.45 11.60
N ALA C 917 -4.14 -63.99 12.51
CA ALA C 917 -3.99 -62.55 12.73
C ALA C 917 -3.46 -61.86 11.48
N ILE C 918 -2.46 -62.44 10.83
CA ILE C 918 -1.91 -61.81 9.64
C ILE C 918 -2.91 -61.86 8.49
N GLY C 919 -3.77 -62.88 8.46
CA GLY C 919 -4.80 -62.91 7.44
C GLY C 919 -5.86 -61.84 7.63
N LYS C 920 -6.24 -61.58 8.88
CA LYS C 920 -7.31 -60.62 9.14
C LYS C 920 -6.95 -59.19 8.78
N ILE C 921 -5.66 -58.89 8.61
CA ILE C 921 -5.23 -57.52 8.34
C ILE C 921 -5.78 -57.04 7.00
N GLN C 922 -5.74 -57.89 5.98
CA GLN C 922 -6.25 -57.49 4.67
C GLN C 922 -7.73 -57.19 4.72
N ASP C 923 -8.49 -58.02 5.43
CA ASP C 923 -9.93 -57.77 5.58
C ASP C 923 -10.18 -56.48 6.33
N SER C 924 -9.39 -56.22 7.38
CA SER C 924 -9.57 -54.98 8.14
C SER C 924 -9.27 -53.76 7.28
N LEU C 925 -8.21 -53.81 6.47
CA LEU C 925 -7.83 -52.65 5.67
C LEU C 925 -8.79 -52.44 4.51
N SER C 926 -9.27 -53.52 3.90
CA SER C 926 -10.10 -53.42 2.71
C SER C 926 -11.51 -52.93 2.99
N SER C 927 -11.91 -52.84 4.27
CA SER C 927 -13.27 -52.45 4.61
C SER C 927 -13.38 -51.08 5.27
N THR C 928 -12.28 -50.53 5.77
CA THR C 928 -12.34 -49.26 6.49
C THR C 928 -11.81 -48.14 5.59
N PRO C 929 -12.64 -47.21 5.15
CA PRO C 929 -12.13 -46.09 4.33
C PRO C 929 -11.33 -45.08 5.12
N SER C 930 -11.54 -44.99 6.42
CA SER C 930 -10.86 -44.01 7.26
C SER C 930 -9.55 -44.54 7.84
N ALA C 931 -9.16 -45.76 7.49
CA ALA C 931 -7.89 -46.30 7.98
C ALA C 931 -6.71 -45.50 7.44
N LEU C 932 -6.75 -45.14 6.15
CA LEU C 932 -5.68 -44.40 5.50
C LEU C 932 -5.89 -42.89 5.54
N GLY C 933 -6.65 -42.39 6.51
CA GLY C 933 -6.97 -40.98 6.55
C GLY C 933 -5.77 -40.09 6.76
N LYS C 934 -4.78 -40.55 7.53
CA LYS C 934 -3.63 -39.71 7.84
C LYS C 934 -2.85 -39.33 6.59
N LEU C 935 -2.67 -40.28 5.68
CA LEU C 935 -1.86 -40.01 4.49
C LEU C 935 -2.58 -39.08 3.51
N GLN C 936 -3.91 -39.12 3.49
CA GLN C 936 -4.67 -38.27 2.58
C GLN C 936 -4.73 -36.82 3.02
N ASP C 937 -4.54 -36.56 4.31
CA ASP C 937 -4.70 -35.19 4.81
C ASP C 937 -3.66 -34.25 4.20
N VAL C 938 -2.41 -34.69 4.12
CA VAL C 938 -1.36 -33.82 3.57
C VAL C 938 -1.62 -33.56 2.09
N VAL C 939 -2.04 -34.59 1.35
CA VAL C 939 -2.32 -34.42 -0.07
C VAL C 939 -3.45 -33.42 -0.26
N ASN C 940 -4.52 -33.57 0.51
CA ASN C 940 -5.66 -32.66 0.38
C ASN C 940 -5.27 -31.23 0.76
N GLN C 941 -4.49 -31.07 1.83
CA GLN C 941 -4.07 -29.73 2.23
C GLN C 941 -3.22 -29.07 1.17
N ASN C 942 -2.27 -29.82 0.59
CA ASN C 942 -1.45 -29.25 -0.47
C ASN C 942 -2.28 -28.89 -1.69
N ALA C 943 -3.23 -29.75 -2.06
CA ALA C 943 -4.08 -29.46 -3.21
C ALA C 943 -4.89 -28.20 -2.97
N GLN C 944 -5.47 -28.05 -1.78
CA GLN C 944 -6.25 -26.85 -1.47
C GLN C 944 -5.36 -25.61 -1.48
N ALA C 945 -4.16 -25.70 -0.92
CA ALA C 945 -3.26 -24.55 -0.93
C ALA C 945 -2.91 -24.12 -2.34
N LEU C 946 -2.57 -25.09 -3.20
CA LEU C 946 -2.25 -24.76 -4.59
C LEU C 946 -3.45 -24.17 -5.31
N ASN C 947 -4.64 -24.73 -5.07
CA ASN C 947 -5.84 -24.21 -5.72
C ASN C 947 -6.11 -22.77 -5.30
N THR C 948 -5.95 -22.48 -4.01
CA THR C 948 -6.14 -21.11 -3.54
C THR C 948 -5.10 -20.17 -4.16
N LEU C 949 -3.85 -20.62 -4.23
CA LEU C 949 -2.81 -19.78 -4.84
C LEU C 949 -3.13 -19.48 -6.30
N VAL C 950 -3.61 -20.47 -7.03
CA VAL C 950 -3.94 -20.25 -8.44
C VAL C 950 -5.14 -19.33 -8.57
N LYS C 951 -6.19 -19.56 -7.77
CA LYS C 951 -7.39 -18.75 -7.84
C LYS C 951 -7.16 -17.32 -7.40
N GLN C 952 -6.08 -17.06 -6.65
CA GLN C 952 -5.79 -15.70 -6.22
C GLN C 952 -5.40 -14.79 -7.38
N LEU C 953 -5.14 -15.34 -8.56
CA LEU C 953 -4.72 -14.54 -9.71
C LEU C 953 -5.87 -13.84 -10.41
N SER C 954 -7.12 -14.04 -9.96
CA SER C 954 -8.28 -13.45 -10.59
C SER C 954 -8.91 -12.38 -9.71
N SER C 955 -8.09 -11.63 -8.97
CA SER C 955 -8.56 -10.59 -8.08
C SER C 955 -7.98 -9.24 -8.49
N ASN C 956 -8.82 -8.21 -8.49
CA ASN C 956 -8.39 -6.88 -8.91
C ASN C 956 -7.52 -6.20 -7.86
N PHE C 957 -7.63 -6.60 -6.60
CA PHE C 957 -6.85 -6.00 -5.51
C PHE C 957 -7.04 -4.49 -5.47
N GLY C 958 -8.28 -4.05 -5.62
CA GLY C 958 -8.57 -2.63 -5.63
C GLY C 958 -8.00 -1.88 -6.81
N ALA C 959 -8.10 -2.46 -8.01
CA ALA C 959 -7.65 -1.79 -9.23
C ALA C 959 -8.79 -1.77 -10.24
N ILE C 960 -8.49 -1.37 -11.47
CA ILE C 960 -9.53 -1.27 -12.49
C ILE C 960 -9.78 -2.59 -13.21
N SER C 961 -8.83 -3.51 -13.18
CA SER C 961 -9.01 -4.80 -13.84
C SER C 961 -7.98 -5.78 -13.27
N SER C 962 -8.01 -7.02 -13.76
CA SER C 962 -7.15 -8.07 -13.27
C SER C 962 -6.16 -8.61 -14.28
N VAL C 963 -6.34 -8.34 -15.57
CA VAL C 963 -5.45 -8.83 -16.61
C VAL C 963 -4.55 -7.69 -17.06
N LEU C 964 -3.24 -7.94 -17.08
CA LEU C 964 -2.29 -6.88 -17.40
C LEU C 964 -2.43 -6.38 -18.83
N ASN C 965 -2.93 -7.23 -19.74
CA ASN C 965 -3.02 -6.84 -21.14
C ASN C 965 -3.97 -5.66 -21.32
N ASP C 966 -5.14 -5.71 -20.68
CA ASP C 966 -6.09 -4.60 -20.80
C ASP C 966 -5.59 -3.37 -20.06
N ILE C 967 -4.87 -3.56 -18.95
CA ILE C 967 -4.27 -2.43 -18.26
C ILE C 967 -3.28 -1.71 -19.17
N LEU C 968 -2.53 -2.48 -19.96
CA LEU C 968 -1.54 -1.89 -20.85
C LEU C 968 -2.17 -1.19 -22.04
N SER C 969 -3.42 -1.49 -22.37
CA SER C 969 -4.04 -0.95 -23.58
C SER C 969 -4.77 0.37 -23.30
N ARG C 970 -5.77 0.35 -22.43
CA ARG C 970 -6.62 1.52 -22.22
C ARG C 970 -6.11 2.39 -21.07
N LEU C 971 -4.83 2.71 -21.10
CA LEU C 971 -4.21 3.63 -20.13
C LEU C 971 -2.97 4.23 -20.77
N ASP C 972 -2.32 5.13 -20.04
CA ASP C 972 -1.07 5.73 -20.45
C ASP C 972 0.08 5.22 -19.59
N PRO C 973 1.27 5.08 -20.16
CA PRO C 973 2.44 4.64 -19.37
C PRO C 973 2.70 5.53 -18.17
N PRO C 974 2.53 6.86 -18.28
CA PRO C 974 2.66 7.69 -17.07
C PRO C 974 1.61 7.41 -16.01
N GLU C 975 0.50 6.75 -16.36
CA GLU C 975 -0.58 6.49 -15.43
C GLU C 975 -0.80 5.03 -15.12
N ALA C 976 -0.43 4.12 -16.02
CA ALA C 976 -0.73 2.70 -15.85
C ALA C 976 0.06 2.05 -14.73
N GLU C 977 1.11 2.70 -14.22
CA GLU C 977 1.97 2.05 -13.23
C GLU C 977 1.27 1.80 -11.91
N VAL C 978 0.20 2.54 -11.60
CA VAL C 978 -0.48 2.38 -10.32
C VAL C 978 -1.11 0.99 -10.21
N GLN C 979 -1.84 0.58 -11.26
CA GLN C 979 -2.46 -0.74 -11.25
C GLN C 979 -1.41 -1.84 -11.21
N ILE C 980 -0.32 -1.67 -11.96
CA ILE C 980 0.74 -2.67 -11.96
C ILE C 980 1.34 -2.81 -10.57
N ASP C 981 1.60 -1.69 -9.91
CA ASP C 981 2.17 -1.73 -8.56
C ASP C 981 1.21 -2.39 -7.58
N ARG C 982 -0.07 -2.06 -7.65
CA ARG C 982 -1.03 -2.66 -6.74
C ARG C 982 -1.12 -4.17 -6.93
N LEU C 983 -1.19 -4.62 -8.19
CA LEU C 983 -1.24 -6.05 -8.46
C LEU C 983 0.04 -6.74 -8.00
N ILE C 984 1.18 -6.10 -8.20
CA ILE C 984 2.45 -6.68 -7.76
C ILE C 984 2.45 -6.86 -6.25
N THR C 985 2.01 -5.84 -5.52
CA THR C 985 1.99 -5.95 -4.06
C THR C 985 1.07 -7.07 -3.61
N GLY C 986 -0.13 -7.15 -4.19
CA GLY C 986 -1.07 -8.18 -3.79
C GLY C 986 -0.54 -9.59 -4.05
N ARG C 987 0.00 -9.81 -5.25
CA ARG C 987 0.52 -11.13 -5.57
C ARG C 987 1.73 -11.48 -4.72
N LEU C 988 2.58 -10.49 -4.43
CA LEU C 988 3.74 -10.75 -3.58
C LEU C 988 3.33 -11.17 -2.19
N GLN C 989 2.34 -10.50 -1.59
CA GLN C 989 1.94 -10.89 -0.25
C GLN C 989 1.21 -12.23 -0.25
N SER C 990 0.46 -12.54 -1.32
CA SER C 990 -0.14 -13.87 -1.43
C SER C 990 0.92 -14.95 -1.47
N LEU C 991 1.99 -14.74 -2.25
CA LEU C 991 3.07 -15.71 -2.31
C LEU C 991 3.77 -15.83 -0.96
N GLN C 992 3.92 -14.72 -0.25
CA GLN C 992 4.49 -14.76 1.10
C GLN C 992 3.67 -15.68 2.00
N THR C 993 2.35 -15.50 1.98
CA THR C 993 1.50 -16.33 2.82
C THR C 993 1.63 -17.80 2.46
N TYR C 994 1.66 -18.10 1.16
CA TYR C 994 1.78 -19.50 0.72
C TYR C 994 3.09 -20.10 1.21
N VAL C 995 4.19 -19.37 1.08
CA VAL C 995 5.49 -19.90 1.48
C VAL C 995 5.54 -20.14 2.97
N THR C 996 5.00 -19.20 3.76
CA THR C 996 4.99 -19.39 5.21
C THR C 996 4.18 -20.63 5.60
N GLN C 997 3.01 -20.82 4.98
CA GLN C 997 2.22 -22.00 5.28
C GLN C 997 2.97 -23.28 4.92
N GLN C 998 3.66 -23.28 3.77
CA GLN C 998 4.42 -24.46 3.37
C GLN C 998 5.51 -24.77 4.38
N LEU C 999 6.23 -23.76 4.86
CA LEU C 999 7.28 -23.99 5.84
C LEU C 999 6.70 -24.58 7.13
N ILE C 1000 5.58 -24.03 7.59
CA ILE C 1000 4.98 -24.52 8.83
C ILE C 1000 4.56 -25.97 8.67
N ARG C 1001 3.97 -26.34 7.54
CA ARG C 1001 3.60 -27.73 7.32
C ARG C 1001 4.83 -28.64 7.26
N ALA C 1002 5.89 -28.17 6.60
CA ALA C 1002 7.09 -28.98 6.47
C ALA C 1002 7.72 -29.28 7.83
N ALA C 1003 7.62 -28.35 8.77
CA ALA C 1003 8.14 -28.61 10.11
C ALA C 1003 7.49 -29.84 10.73
N GLU C 1004 6.16 -29.89 10.73
CA GLU C 1004 5.46 -31.03 11.30
C GLU C 1004 5.74 -32.30 10.52
N ILE C 1005 5.85 -32.21 9.20
CA ILE C 1005 6.16 -33.39 8.41
C ILE C 1005 7.52 -33.96 8.80
N ARG C 1006 8.52 -33.08 8.99
CA ARG C 1006 9.83 -33.56 9.41
C ARG C 1006 9.79 -34.17 10.80
N ALA C 1007 9.01 -33.59 11.72
CA ALA C 1007 8.87 -34.19 13.04
C ALA C 1007 8.30 -35.60 12.95
N SER C 1008 7.26 -35.78 12.14
CA SER C 1008 6.67 -37.11 11.97
C SER C 1008 7.66 -38.08 11.35
N ALA C 1009 8.45 -37.60 10.38
CA ALA C 1009 9.44 -38.45 9.75
C ALA C 1009 10.50 -38.90 10.75
N ASN C 1010 10.94 -38.00 11.63
CA ASN C 1010 11.90 -38.38 12.66
C ASN C 1010 11.31 -39.42 13.60
N LEU C 1011 10.04 -39.24 13.99
CA LEU C 1011 9.41 -40.25 14.84
C LEU C 1011 9.34 -41.59 14.15
N ALA C 1012 9.02 -41.61 12.84
CA ALA C 1012 8.96 -42.86 12.11
C ALA C 1012 10.32 -43.52 12.02
N ALA C 1013 11.37 -42.72 11.83
CA ALA C 1013 12.73 -43.28 11.79
C ALA C 1013 13.09 -43.92 13.12
N THR C 1014 12.74 -43.25 14.22
CA THR C 1014 13.01 -43.82 15.54
C THR C 1014 12.24 -45.13 15.74
N LYS C 1015 10.97 -45.15 15.31
CA LYS C 1015 10.17 -46.37 15.45
C LYS C 1015 10.78 -47.51 14.64
N MET C 1016 11.22 -47.23 13.42
CA MET C 1016 11.83 -48.26 12.59
C MET C 1016 13.12 -48.77 13.24
N SER C 1017 13.94 -47.87 13.78
CA SER C 1017 15.20 -48.29 14.37
C SER C 1017 14.99 -49.13 15.62
N GLU C 1018 13.97 -48.79 16.43
CA GLU C 1018 13.82 -49.46 17.73
C GLU C 1018 12.93 -50.68 17.66
N CYS C 1019 11.72 -50.57 17.09
CA CYS C 1019 10.80 -51.69 17.08
C CYS C 1019 11.26 -52.82 16.16
N VAL C 1020 11.81 -52.48 14.99
CA VAL C 1020 12.11 -53.51 13.99
C VAL C 1020 13.43 -54.21 14.31
N LEU C 1021 14.52 -53.46 14.35
CA LEU C 1021 15.83 -54.06 14.56
C LEU C 1021 16.10 -54.35 16.03
N GLY C 1022 15.21 -55.07 16.67
CA GLY C 1022 15.37 -55.44 18.07
C GLY C 1022 14.06 -55.28 18.83
N GLN C 1023 13.97 -56.00 19.94
CA GLN C 1023 12.80 -55.93 20.80
C GLN C 1023 12.89 -54.70 21.69
N SER C 1024 11.76 -54.04 21.90
CA SER C 1024 11.68 -52.82 22.69
C SER C 1024 10.88 -53.08 23.96
N LYS C 1025 11.41 -52.63 25.09
CA LYS C 1025 10.75 -52.79 26.38
C LYS C 1025 9.97 -51.56 26.79
N ARG C 1026 9.91 -50.53 25.95
CA ARG C 1026 9.12 -49.34 26.28
C ARG C 1026 7.64 -49.65 26.17
N VAL C 1027 6.88 -49.30 27.20
CA VAL C 1027 5.49 -49.69 27.28
C VAL C 1027 4.65 -48.85 26.31
N ASP C 1028 3.79 -49.53 25.55
CA ASP C 1028 2.83 -48.88 24.67
C ASP C 1028 3.50 -48.04 23.58
N PHE C 1029 4.74 -48.38 23.24
CA PHE C 1029 5.44 -47.71 22.16
C PHE C 1029 5.29 -48.47 20.85
N CYS C 1030 5.76 -49.72 20.83
CA CYS C 1030 5.69 -50.56 19.63
C CYS C 1030 4.45 -51.44 19.75
N GLY C 1031 3.29 -50.81 19.65
CA GLY C 1031 2.03 -51.52 19.73
C GLY C 1031 1.50 -51.63 21.15
N LYS C 1032 0.32 -52.21 21.25
CA LYS C 1032 -0.38 -52.36 22.52
C LYS C 1032 -0.14 -53.76 23.08
N GLY C 1033 0.26 -53.82 24.34
CA GLY C 1033 0.61 -55.07 24.98
C GLY C 1033 2.11 -55.31 24.98
N TYR C 1034 2.48 -56.51 25.43
CA TYR C 1034 3.88 -56.89 25.45
C TYR C 1034 4.39 -57.06 24.02
N HIS C 1035 5.47 -56.36 23.69
CA HIS C 1035 5.95 -56.33 22.31
C HIS C 1035 6.78 -57.57 22.00
N LEU C 1036 6.53 -58.15 20.82
CA LEU C 1036 7.27 -59.30 20.34
C LEU C 1036 8.08 -58.97 19.09
N MET C 1037 7.44 -58.48 18.03
CA MET C 1037 8.13 -58.25 16.78
C MET C 1037 7.40 -57.16 15.99
N SER C 1038 7.99 -56.76 14.88
CA SER C 1038 7.35 -55.77 14.02
C SER C 1038 7.82 -55.95 12.58
N PHE C 1039 6.97 -55.53 11.64
CA PHE C 1039 7.25 -55.65 10.22
C PHE C 1039 6.98 -54.31 9.52
N PRO C 1040 7.87 -53.84 8.67
CA PRO C 1040 7.63 -52.61 7.92
C PRO C 1040 7.03 -52.86 6.54
N GLN C 1041 6.24 -51.90 6.09
CA GLN C 1041 5.68 -51.90 4.75
C GLN C 1041 5.66 -50.48 4.23
N SER C 1042 5.79 -50.32 2.92
CA SER C 1042 5.80 -49.01 2.29
C SER C 1042 4.39 -48.60 1.88
N ALA C 1043 4.23 -47.30 1.64
CA ALA C 1043 2.99 -46.74 1.15
C ALA C 1043 3.28 -45.40 0.51
N PRO C 1044 2.41 -44.92 -0.38
CA PRO C 1044 2.69 -43.63 -1.03
C PRO C 1044 2.94 -42.51 -0.02
N HIS C 1045 4.18 -42.03 0.02
CA HIS C 1045 4.59 -41.00 0.97
C HIS C 1045 4.30 -41.39 2.41
N GLY C 1046 4.58 -42.63 2.76
CA GLY C 1046 4.33 -43.05 4.14
C GLY C 1046 4.80 -44.47 4.39
N VAL C 1047 4.79 -44.83 5.66
CA VAL C 1047 5.20 -46.16 6.11
C VAL C 1047 4.11 -46.73 7.00
N VAL C 1048 4.03 -48.07 7.01
CA VAL C 1048 3.05 -48.78 7.81
C VAL C 1048 3.77 -49.86 8.60
N PHE C 1049 3.56 -49.88 9.91
CA PHE C 1049 4.17 -50.86 10.79
C PHE C 1049 3.12 -51.84 11.26
N LEU C 1050 3.44 -53.13 11.16
CA LEU C 1050 2.61 -54.20 11.71
C LEU C 1050 3.31 -54.71 12.96
N HIS C 1051 2.71 -54.45 14.11
CA HIS C 1051 3.27 -54.85 15.41
C HIS C 1051 2.64 -56.17 15.84
N VAL C 1052 3.48 -57.17 16.08
CA VAL C 1052 3.05 -58.46 16.60
C VAL C 1052 3.35 -58.48 18.09
N THR C 1053 2.29 -58.59 18.90
CA THR C 1053 2.39 -58.47 20.34
C THR C 1053 1.72 -59.65 21.03
N TYR C 1054 2.05 -59.80 22.31
CA TYR C 1054 1.58 -60.90 23.14
C TYR C 1054 0.77 -60.34 24.29
N VAL C 1055 -0.46 -60.83 24.46
CA VAL C 1055 -1.32 -60.37 25.54
C VAL C 1055 -1.82 -61.57 26.33
N PRO C 1056 -2.08 -61.42 27.63
CA PRO C 1056 -2.61 -62.54 28.41
C PRO C 1056 -4.04 -62.90 28.04
N ALA C 1057 -4.60 -63.88 28.73
CA ALA C 1057 -5.89 -64.47 28.37
C ALA C 1057 -6.58 -64.89 29.65
N GLN C 1058 -7.54 -65.81 29.51
CA GLN C 1058 -8.33 -66.33 30.63
C GLN C 1058 -7.50 -66.50 31.90
N GLU C 1059 -7.99 -65.94 32.99
CA GLU C 1059 -7.26 -65.84 34.25
C GLU C 1059 -7.85 -66.79 35.27
N LYS C 1060 -7.15 -66.92 36.40
CA LYS C 1060 -7.57 -67.79 37.48
C LYS C 1060 -7.41 -67.07 38.82
N ASN C 1061 -8.22 -67.52 39.78
CA ASN C 1061 -8.23 -66.96 41.12
C ASN C 1061 -7.30 -67.78 42.01
N PHE C 1062 -6.56 -67.09 42.89
CA PHE C 1062 -5.58 -67.78 43.73
C PHE C 1062 -5.36 -67.00 45.02
N THR C 1063 -4.78 -67.69 46.00
CA THR C 1063 -4.33 -67.08 47.24
C THR C 1063 -2.83 -67.21 47.34
N THR C 1064 -2.20 -66.28 48.06
CA THR C 1064 -0.76 -66.11 48.04
C THR C 1064 -0.21 -66.01 49.46
N ALA C 1065 1.11 -65.80 49.53
CA ALA C 1065 1.83 -65.63 50.78
C ALA C 1065 3.18 -64.99 50.50
N PRO C 1066 3.57 -63.95 51.24
CA PRO C 1066 4.86 -63.29 50.96
C PRO C 1066 6.06 -64.20 51.09
N ALA C 1067 6.04 -65.15 52.02
CA ALA C 1067 7.18 -66.04 52.23
C ALA C 1067 6.68 -67.32 52.87
N ILE C 1068 7.53 -68.34 52.84
CA ILE C 1068 7.25 -69.64 53.42
C ILE C 1068 8.22 -69.88 54.57
N CYS C 1069 7.68 -70.22 55.74
CA CYS C 1069 8.48 -70.39 56.94
C CYS C 1069 8.69 -71.88 57.22
N HIS C 1070 9.89 -72.37 56.95
CA HIS C 1070 10.31 -73.69 57.38
C HIS C 1070 10.87 -73.57 58.80
N ASP C 1071 11.56 -74.61 59.27
CA ASP C 1071 12.12 -74.58 60.62
C ASP C 1071 13.12 -73.43 60.75
N GLY C 1072 12.74 -72.40 61.51
CA GLY C 1072 13.60 -71.26 61.72
C GLY C 1072 13.70 -70.33 60.53
N LYS C 1073 14.30 -70.81 59.45
CA LYS C 1073 14.58 -69.96 58.31
C LYS C 1073 13.30 -69.58 57.57
N ALA C 1074 13.35 -68.44 56.87
CA ALA C 1074 12.27 -67.97 56.04
C ALA C 1074 12.73 -67.97 54.58
N HIS C 1075 11.88 -68.47 53.69
CA HIS C 1075 12.23 -68.69 52.30
C HIS C 1075 11.54 -67.69 51.40
N PHE C 1076 12.28 -67.08 50.48
CA PHE C 1076 11.74 -66.20 49.47
C PHE C 1076 11.94 -66.81 48.09
N PRO C 1077 10.99 -66.64 47.18
CA PRO C 1077 11.14 -67.21 45.84
C PRO C 1077 12.27 -66.55 45.07
N ARG C 1078 12.89 -67.33 44.18
CA ARG C 1078 13.92 -66.79 43.32
C ARG C 1078 13.30 -66.03 42.15
N GLU C 1079 12.43 -66.68 41.40
CA GLU C 1079 11.61 -66.04 40.38
C GLU C 1079 10.22 -66.65 40.43
N GLY C 1080 9.21 -65.81 40.27
CA GLY C 1080 7.84 -66.24 40.45
C GLY C 1080 7.36 -66.04 41.88
N VAL C 1081 6.11 -66.42 42.10
CA VAL C 1081 5.44 -66.19 43.38
C VAL C 1081 4.78 -67.48 43.86
N PHE C 1082 4.41 -67.47 45.14
CA PHE C 1082 3.76 -68.60 45.78
C PHE C 1082 2.25 -68.49 45.58
N VAL C 1083 1.65 -69.56 45.09
CA VAL C 1083 0.20 -69.66 44.91
C VAL C 1083 -0.28 -70.92 45.59
N SER C 1084 -1.44 -70.83 46.25
CA SER C 1084 -2.01 -71.94 46.99
C SER C 1084 -3.29 -72.40 46.31
N ASN C 1085 -3.34 -73.68 45.96
CA ASN C 1085 -4.56 -74.26 45.39
C ASN C 1085 -5.69 -74.25 46.41
N GLY C 1086 -5.36 -74.32 47.70
CA GLY C 1086 -6.35 -74.38 48.75
C GLY C 1086 -5.95 -75.38 49.80
N THR C 1087 -5.21 -76.41 49.38
CA THR C 1087 -4.66 -77.41 50.29
C THR C 1087 -3.14 -77.44 50.26
N HIS C 1088 -2.54 -77.45 49.07
CA HIS C 1088 -1.10 -77.48 48.92
C HIS C 1088 -0.59 -76.08 48.56
N TRP C 1089 0.71 -75.99 48.29
CA TRP C 1089 1.32 -74.74 47.88
C TRP C 1089 2.27 -75.01 46.71
N PHE C 1090 2.43 -74.01 45.85
CA PHE C 1090 3.29 -74.14 44.70
C PHE C 1090 3.95 -72.79 44.43
N VAL C 1091 5.01 -72.82 43.63
CA VAL C 1091 5.69 -71.63 43.15
C VAL C 1091 5.57 -71.61 41.64
N THR C 1092 5.23 -70.46 41.06
CA THR C 1092 4.97 -70.38 39.64
C THR C 1092 5.51 -69.07 39.08
N GLN C 1093 5.44 -68.95 37.75
CA GLN C 1093 5.85 -67.73 37.07
C GLN C 1093 4.81 -66.64 37.28
N ARG C 1094 5.19 -65.43 36.90
CA ARG C 1094 4.32 -64.27 37.08
C ARG C 1094 3.45 -63.98 35.88
N ASN C 1095 3.58 -64.75 34.79
CA ASN C 1095 2.81 -64.48 33.58
C ASN C 1095 2.21 -65.74 32.96
N PHE C 1096 2.48 -66.92 33.50
CA PHE C 1096 1.91 -68.16 32.99
C PHE C 1096 1.79 -69.14 34.14
N TYR C 1097 0.68 -69.85 34.19
CA TYR C 1097 0.37 -70.72 35.33
C TYR C 1097 0.95 -72.11 35.06
N GLU C 1098 1.95 -72.50 35.84
CA GLU C 1098 2.45 -73.86 35.85
C GLU C 1098 3.01 -74.15 37.24
N PRO C 1099 2.29 -74.92 38.05
CA PRO C 1099 2.73 -75.14 39.43
C PRO C 1099 3.91 -76.09 39.52
N GLN C 1100 4.78 -75.83 40.48
CA GLN C 1100 5.90 -76.70 40.80
C GLN C 1100 6.02 -76.82 42.31
N ILE C 1101 6.61 -77.91 42.75
CA ILE C 1101 6.80 -78.16 44.18
C ILE C 1101 7.96 -77.32 44.68
N ILE C 1102 7.77 -76.68 45.83
CA ILE C 1102 8.81 -75.83 46.40
C ILE C 1102 9.99 -76.69 46.84
N THR C 1103 11.18 -76.33 46.37
CA THR C 1103 12.39 -77.03 46.76
C THR C 1103 13.43 -76.03 47.26
N THR C 1104 14.65 -76.48 47.50
CA THR C 1104 15.72 -75.59 47.90
C THR C 1104 16.39 -74.90 46.72
N ASP C 1105 15.98 -75.21 45.50
CA ASP C 1105 16.54 -74.56 44.31
C ASP C 1105 15.71 -73.37 43.86
N ASN C 1106 14.40 -73.40 44.08
CA ASN C 1106 13.52 -72.31 43.68
C ASN C 1106 13.42 -71.21 44.71
N THR C 1107 13.95 -71.41 45.92
CA THR C 1107 13.85 -70.44 47.00
C THR C 1107 15.21 -70.21 47.62
N PHE C 1108 15.35 -69.07 48.28
CA PHE C 1108 16.55 -68.73 49.03
C PHE C 1108 16.17 -68.25 50.41
N VAL C 1109 17.00 -68.59 51.39
CA VAL C 1109 16.73 -68.31 52.80
C VAL C 1109 17.40 -67.00 53.19
N SER C 1110 16.68 -66.17 53.94
CA SER C 1110 17.23 -64.92 54.43
C SER C 1110 16.45 -64.49 55.67
N GLY C 1111 17.05 -64.69 56.85
CA GLY C 1111 16.48 -64.18 58.07
C GLY C 1111 15.69 -65.17 58.91
N ASN C 1112 14.69 -64.66 59.63
CA ASN C 1112 13.90 -65.47 60.55
C ASN C 1112 12.43 -65.07 60.42
N CYS C 1113 11.55 -65.99 60.82
CA CYS C 1113 10.10 -65.77 60.72
C CYS C 1113 9.61 -64.90 61.88
N ASP C 1114 10.20 -63.73 62.00
CA ASP C 1114 9.82 -62.78 63.05
C ASP C 1114 9.63 -61.35 62.59
N VAL C 1115 10.21 -60.94 61.46
CA VAL C 1115 10.11 -59.57 61.00
C VAL C 1115 9.16 -59.42 59.81
N VAL C 1116 9.07 -60.42 58.94
CA VAL C 1116 8.16 -60.32 57.79
C VAL C 1116 6.72 -60.45 58.28
N ILE C 1117 5.81 -59.87 57.52
CA ILE C 1117 4.38 -59.82 57.88
C ILE C 1117 3.62 -60.75 56.96
N GLY C 1118 2.78 -61.61 57.54
CA GLY C 1118 1.94 -62.47 56.75
C GLY C 1118 2.56 -63.76 56.29
N ILE C 1119 3.70 -64.15 56.86
CA ILE C 1119 4.33 -65.42 56.48
C ILE C 1119 3.44 -66.58 56.89
N VAL C 1120 3.57 -67.70 56.18
CA VAL C 1120 2.74 -68.87 56.44
C VAL C 1120 3.64 -70.06 56.77
N ASN C 1121 3.02 -71.21 57.04
CA ASN C 1121 3.72 -72.41 57.45
C ASN C 1121 3.59 -73.48 56.37
N ASN C 1122 4.71 -74.10 56.01
CA ASN C 1122 4.71 -75.20 55.05
C ASN C 1122 6.05 -75.92 55.15
N THR C 1123 6.23 -76.91 54.29
CA THR C 1123 7.43 -77.73 54.27
C THR C 1123 8.14 -77.55 52.94
N VAL C 1124 9.45 -77.30 53.00
CA VAL C 1124 10.28 -77.12 51.82
C VAL C 1124 10.94 -78.46 51.49
N TYR C 1125 10.64 -79.00 50.32
CA TYR C 1125 11.19 -80.29 49.92
C TYR C 1125 12.69 -80.18 49.70
N ASP C 1126 13.40 -81.26 50.04
CA ASP C 1126 14.83 -81.34 49.88
C ASP C 1126 15.17 -82.24 48.70
N PRO C 1127 16.13 -81.87 47.86
CA PRO C 1127 16.40 -82.65 46.64
C PRO C 1127 17.48 -83.72 46.76
N LEU C 1128 18.15 -83.85 47.91
CA LEU C 1128 19.23 -84.81 48.07
C LEU C 1128 18.84 -86.01 48.92
N GLN C 1129 17.53 -86.32 49.00
CA GLN C 1129 17.11 -87.50 49.75
C GLN C 1129 17.64 -88.82 49.20
N PRO C 1130 17.95 -88.98 47.90
CA PRO C 1130 18.56 -90.24 47.45
C PRO C 1130 19.81 -90.64 48.20
N GLU C 1131 20.63 -89.68 48.66
CA GLU C 1131 21.91 -90.04 49.28
C GLU C 1131 21.72 -90.83 50.57
N LEU C 1132 20.52 -90.80 51.15
CA LEU C 1132 20.26 -91.62 52.33
C LEU C 1132 20.34 -93.11 52.02
N ASP C 1133 20.20 -93.50 50.75
CA ASP C 1133 20.30 -94.89 50.35
C ASP C 1133 21.74 -95.26 50.01
N GLY D 71 -22.91 63.40 -18.92
CA GLY D 71 -23.50 64.59 -18.35
C GLY D 71 -22.55 65.35 -17.45
N LYS D 72 -21.53 64.66 -16.93
CA LYS D 72 -20.54 65.30 -16.08
C LYS D 72 -19.74 66.34 -16.85
N LYS D 73 -19.40 66.03 -18.11
CA LYS D 73 -18.58 66.94 -18.91
C LYS D 73 -19.26 68.29 -19.09
N LEU D 74 -20.56 68.28 -19.44
CA LEU D 74 -21.27 69.54 -19.62
C LEU D 74 -21.47 70.27 -18.29
N LEU D 75 -21.65 69.52 -17.19
CA LEU D 75 -21.78 70.15 -15.88
C LEU D 75 -20.51 70.90 -15.51
N GLU D 76 -19.35 70.24 -15.64
CA GLU D 76 -18.10 70.92 -15.29
C GLU D 76 -17.74 72.01 -16.29
N ALA D 77 -18.17 71.87 -17.55
CA ALA D 77 -17.95 72.95 -18.51
C ALA D 77 -18.79 74.17 -18.16
N ALA D 78 -20.04 73.96 -17.75
CA ALA D 78 -20.89 75.08 -17.32
C ALA D 78 -20.34 75.72 -16.05
N ARG D 79 -19.84 74.90 -15.12
CA ARG D 79 -19.23 75.46 -13.92
C ARG D 79 -17.98 76.27 -14.26
N ALA D 80 -17.17 75.77 -15.19
CA ALA D 80 -16.01 76.54 -15.64
C ALA D 80 -16.42 77.74 -16.48
N GLY D 81 -17.48 77.58 -17.28
CA GLY D 81 -18.03 78.69 -18.03
C GLY D 81 -17.30 79.05 -19.31
N GLN D 82 -17.27 78.14 -20.27
CA GLN D 82 -16.75 78.41 -21.60
C GLN D 82 -17.84 78.13 -22.62
N ASP D 83 -18.06 79.08 -23.53
CA ASP D 83 -19.18 78.96 -24.47
C ASP D 83 -18.90 77.94 -25.56
N ASP D 84 -17.67 77.91 -26.07
CA ASP D 84 -17.36 77.08 -27.23
C ASP D 84 -17.46 75.59 -26.90
N GLU D 85 -16.86 75.18 -25.78
CA GLU D 85 -16.91 73.76 -25.41
C GLU D 85 -18.33 73.32 -25.07
N VAL D 86 -19.11 74.18 -24.40
CA VAL D 86 -20.48 73.84 -24.07
C VAL D 86 -21.32 73.71 -25.35
N ARG D 87 -21.11 74.62 -26.30
CA ARG D 87 -21.79 74.53 -27.58
C ARG D 87 -21.41 73.24 -28.32
N ILE D 88 -20.14 72.87 -28.29
CA ILE D 88 -19.71 71.62 -28.93
C ILE D 88 -20.37 70.44 -28.25
N LEU D 89 -20.42 70.44 -26.93
CA LEU D 89 -20.99 69.31 -26.19
C LEU D 89 -22.47 69.15 -26.49
N MET D 90 -23.23 70.25 -26.53
CA MET D 90 -24.64 70.12 -26.88
C MET D 90 -24.88 69.98 -28.38
N ALA D 91 -23.84 70.17 -29.20
CA ALA D 91 -23.98 69.88 -30.62
C ALA D 91 -24.00 68.39 -30.92
N ASN D 92 -23.60 67.55 -29.97
CA ASN D 92 -23.59 66.11 -30.12
C ASN D 92 -24.87 65.45 -29.60
N GLY D 93 -25.85 66.23 -29.16
CA GLY D 93 -27.06 65.66 -28.63
C GLY D 93 -26.99 65.21 -27.19
N ALA D 94 -26.07 65.77 -26.41
CA ALA D 94 -25.95 65.42 -25.01
C ALA D 94 -27.17 65.88 -24.22
N ASP D 95 -27.47 65.17 -23.14
CA ASP D 95 -28.63 65.49 -22.31
C ASP D 95 -28.48 66.88 -21.70
N VAL D 96 -29.32 67.82 -22.14
CA VAL D 96 -29.22 69.19 -21.67
C VAL D 96 -29.53 69.28 -20.19
N ASN D 97 -30.52 68.51 -19.72
CA ASN D 97 -30.95 68.55 -18.32
C ASN D 97 -30.24 67.52 -17.46
N ALA D 98 -29.03 67.11 -17.83
CA ALA D 98 -28.26 66.18 -17.02
C ALA D 98 -27.85 66.85 -15.71
N CYS D 99 -28.03 66.14 -14.60
CA CYS D 99 -27.77 66.70 -13.29
C CYS D 99 -27.09 65.68 -12.39
N ASP D 100 -26.35 66.17 -11.41
CA ASP D 100 -25.73 65.34 -10.40
C ASP D 100 -26.78 64.87 -9.41
N PRO D 101 -26.44 63.89 -8.55
CA PRO D 101 -27.43 63.42 -7.56
C PRO D 101 -27.92 64.51 -6.62
N SER D 102 -27.18 65.61 -6.46
CA SER D 102 -27.63 66.72 -5.63
C SER D 102 -28.66 67.60 -6.32
N GLY D 103 -28.95 67.36 -7.60
CA GLY D 103 -29.96 68.12 -8.31
C GLY D 103 -29.48 69.38 -9.00
N ILE D 104 -28.20 69.46 -9.34
CA ILE D 104 -27.62 70.65 -9.95
C ILE D 104 -27.51 70.41 -11.45
N THR D 105 -28.21 71.24 -12.23
CA THR D 105 -28.20 71.23 -13.68
C THR D 105 -27.16 72.21 -14.20
N PRO D 106 -26.75 72.10 -15.47
CA PRO D 106 -25.81 73.09 -16.02
C PRO D 106 -26.34 74.51 -15.96
N LEU D 107 -27.64 74.70 -16.10
CA LEU D 107 -28.23 76.02 -15.92
C LEU D 107 -28.03 76.52 -14.50
N HIS D 108 -28.13 75.62 -13.52
CA HIS D 108 -27.92 76.00 -12.13
C HIS D 108 -26.50 76.52 -11.91
N LEU D 109 -25.50 75.81 -12.45
CA LEU D 109 -24.11 76.24 -12.32
C LEU D 109 -23.86 77.55 -13.08
N ALA D 110 -24.44 77.68 -14.27
CA ALA D 110 -24.23 78.89 -15.06
C ALA D 110 -24.85 80.10 -14.36
N ALA D 111 -26.02 79.92 -13.74
CA ALA D 111 -26.60 80.99 -12.94
C ALA D 111 -25.77 81.26 -11.68
N ASP D 112 -25.12 80.23 -11.14
CA ASP D 112 -24.22 80.44 -10.02
C ASP D 112 -23.05 81.35 -10.42
N LYS D 113 -22.47 81.11 -11.58
CA LYS D 113 -21.34 81.90 -12.05
C LYS D 113 -21.75 83.05 -12.97
N GLY D 114 -23.03 83.17 -13.31
CA GLY D 114 -23.51 84.29 -14.10
C GLY D 114 -22.96 84.36 -15.51
N HIS D 115 -22.95 83.23 -16.22
CA HIS D 115 -22.48 83.19 -17.60
C HIS D 115 -23.67 83.43 -18.52
N LEU D 116 -23.66 84.57 -19.23
CA LEU D 116 -24.81 84.98 -20.02
C LEU D 116 -25.01 84.06 -21.23
N GLU D 117 -23.93 83.80 -21.97
CA GLU D 117 -24.06 83.05 -23.22
C GLU D 117 -24.47 81.61 -22.96
N ILE D 118 -23.91 80.99 -21.92
CA ILE D 118 -24.23 79.60 -21.62
C ILE D 118 -25.70 79.47 -21.23
N VAL D 119 -26.20 80.37 -20.39
CA VAL D 119 -27.62 80.35 -20.03
C VAL D 119 -28.48 80.57 -21.26
N GLU D 120 -28.11 81.53 -22.11
CA GLU D 120 -28.89 81.81 -23.31
C GLU D 120 -28.98 80.58 -24.21
N VAL D 121 -27.84 79.91 -24.44
CA VAL D 121 -27.85 78.75 -25.32
C VAL D 121 -28.62 77.60 -24.68
N LEU D 122 -28.48 77.41 -23.36
CA LEU D 122 -29.21 76.37 -22.67
C LEU D 122 -30.72 76.56 -22.81
N LEU D 123 -31.19 77.79 -22.59
CA LEU D 123 -32.64 78.04 -22.70
C LEU D 123 -33.10 77.96 -24.15
N LYS D 124 -32.25 78.36 -25.10
CA LYS D 124 -32.59 78.20 -26.51
C LYS D 124 -32.66 76.73 -26.91
N TYR D 125 -31.95 75.85 -26.20
CA TYR D 125 -32.01 74.42 -26.45
C TYR D 125 -33.06 73.71 -25.61
N GLY D 126 -33.87 74.45 -24.86
CA GLY D 126 -34.94 73.84 -24.11
C GLY D 126 -34.55 73.24 -22.78
N ALA D 127 -33.60 73.84 -22.08
CA ALA D 127 -33.18 73.32 -20.79
C ALA D 127 -34.30 73.50 -19.76
N ASP D 128 -34.15 72.80 -18.63
CA ASP D 128 -35.13 72.87 -17.56
C ASP D 128 -35.04 74.23 -16.89
N VAL D 129 -35.95 75.14 -17.27
CA VAL D 129 -36.02 76.45 -16.62
C VAL D 129 -36.43 76.32 -15.16
N ASN D 130 -37.12 75.25 -14.80
CA ASN D 130 -37.54 74.98 -13.42
C ASN D 130 -36.68 73.91 -12.77
N ALA D 131 -35.37 73.94 -13.01
CA ALA D 131 -34.47 72.93 -12.47
C ALA D 131 -34.57 72.85 -10.96
N MET D 132 -34.56 71.63 -10.44
CA MET D 132 -34.83 71.34 -9.04
C MET D 132 -33.66 70.59 -8.43
N ASP D 133 -33.26 70.98 -7.23
CA ASP D 133 -32.19 70.33 -6.48
C ASP D 133 -32.73 69.89 -5.12
N VAL D 134 -31.87 69.21 -4.36
CA VAL D 134 -32.29 68.65 -3.07
C VAL D 134 -32.81 69.75 -2.16
N TRP D 135 -32.12 70.89 -2.13
CA TRP D 135 -32.58 72.03 -1.35
C TRP D 135 -33.77 72.73 -1.97
N GLY D 136 -34.12 72.41 -3.22
CA GLY D 136 -35.21 73.10 -3.90
C GLY D 136 -34.85 74.44 -4.47
N ARG D 137 -33.55 74.77 -4.58
CA ARG D 137 -33.10 76.06 -5.04
C ARG D 137 -33.03 76.06 -6.57
N THR D 138 -33.91 76.83 -7.20
CA THR D 138 -33.92 76.94 -8.64
C THR D 138 -32.74 77.77 -9.13
N PRO D 139 -32.35 77.63 -10.40
CA PRO D 139 -31.30 78.50 -10.94
C PRO D 139 -31.65 79.99 -10.86
N LEU D 140 -32.93 80.32 -11.00
CA LEU D 140 -33.35 81.71 -10.80
C LEU D 140 -33.10 82.17 -9.37
N HIS D 141 -33.24 81.25 -8.40
CA HIS D 141 -32.89 81.59 -7.02
C HIS D 141 -31.43 81.98 -6.91
N LEU D 142 -30.54 81.24 -7.59
CA LEU D 142 -29.12 81.61 -7.60
C LEU D 142 -28.90 82.95 -8.30
N ALA D 143 -29.60 83.17 -9.41
CA ALA D 143 -29.44 84.42 -10.13
C ALA D 143 -29.86 85.61 -9.28
N ALA D 144 -30.91 85.44 -8.48
CA ALA D 144 -31.35 86.50 -7.58
C ALA D 144 -30.39 86.65 -6.40
N PHE D 145 -29.89 85.54 -5.86
CA PHE D 145 -29.05 85.59 -4.67
C PHE D 145 -27.69 86.21 -4.98
N THR D 146 -27.05 85.76 -6.07
CA THR D 146 -25.72 86.26 -6.39
C THR D 146 -25.76 87.69 -6.90
N GLY D 147 -26.80 88.07 -7.64
CA GLY D 147 -26.92 89.44 -8.12
C GLY D 147 -26.60 89.62 -9.59
N HIS D 148 -27.10 88.73 -10.44
CA HIS D 148 -26.92 88.84 -11.88
C HIS D 148 -28.12 89.54 -12.49
N LEU D 149 -27.87 90.50 -13.39
CA LEU D 149 -28.92 91.32 -13.94
C LEU D 149 -29.58 90.64 -15.15
N GLU D 150 -28.78 90.31 -16.15
CA GLU D 150 -29.33 89.78 -17.39
C GLU D 150 -29.97 88.41 -17.20
N ILE D 151 -29.38 87.59 -16.34
CA ILE D 151 -29.84 86.20 -16.20
C ILE D 151 -31.28 86.16 -15.71
N VAL D 152 -31.59 86.97 -14.70
CA VAL D 152 -32.94 86.97 -14.12
C VAL D 152 -33.96 87.36 -15.18
N GLU D 153 -33.72 88.47 -15.87
CA GLU D 153 -34.70 88.98 -16.82
C GLU D 153 -34.85 88.04 -18.02
N VAL D 154 -33.76 87.44 -18.48
CA VAL D 154 -33.85 86.54 -19.63
C VAL D 154 -34.58 85.25 -19.23
N LEU D 155 -34.31 84.74 -18.02
CA LEU D 155 -35.04 83.56 -17.56
C LEU D 155 -36.52 83.85 -17.41
N LEU D 156 -36.86 85.04 -16.88
CA LEU D 156 -38.27 85.42 -16.78
C LEU D 156 -38.91 85.57 -18.15
N LYS D 157 -38.14 86.04 -19.14
CA LYS D 157 -38.64 86.08 -20.50
C LYS D 157 -38.92 84.68 -21.03
N TYR D 158 -38.02 83.73 -20.73
CA TYR D 158 -38.25 82.35 -21.14
C TYR D 158 -39.40 81.70 -20.39
N GLY D 159 -39.79 82.26 -19.24
CA GLY D 159 -40.91 81.71 -18.49
C GLY D 159 -40.52 81.13 -17.14
N ALA D 160 -39.50 81.71 -16.50
CA ALA D 160 -39.10 81.25 -15.18
C ALA D 160 -40.18 81.58 -14.16
N ASP D 161 -40.47 80.62 -13.29
CA ASP D 161 -41.45 80.83 -12.23
C ASP D 161 -40.95 81.83 -11.19
N VAL D 162 -41.88 82.61 -10.66
CA VAL D 162 -41.55 83.68 -9.71
C VAL D 162 -42.06 83.40 -8.30
N ASN D 163 -42.94 82.42 -8.12
CA ASN D 163 -43.48 82.08 -6.81
C ASN D 163 -42.91 80.77 -6.27
N ALA D 164 -41.84 80.26 -6.87
CA ALA D 164 -41.25 79.01 -6.41
C ALA D 164 -40.66 79.17 -5.02
N CYS D 165 -40.82 78.13 -4.20
CA CYS D 165 -40.27 78.09 -2.86
C CYS D 165 -39.39 76.86 -2.70
N ASP D 166 -38.20 77.05 -2.13
CA ASP D 166 -37.27 75.96 -1.88
C ASP D 166 -37.68 75.25 -0.58
N LEU D 167 -36.81 74.38 -0.08
CA LEU D 167 -37.09 73.69 1.18
C LEU D 167 -37.20 74.68 2.33
N ASN D 168 -36.48 75.81 2.25
CA ASN D 168 -36.60 76.86 3.25
C ASN D 168 -37.75 77.82 2.95
N GLY D 169 -38.39 77.69 1.80
CA GLY D 169 -39.49 78.57 1.45
C GLY D 169 -39.08 79.97 1.08
N TYR D 170 -37.82 80.17 0.68
CA TYR D 170 -37.31 81.49 0.34
C TYR D 170 -37.51 81.73 -1.16
N THR D 171 -38.39 82.68 -1.48
CA THR D 171 -38.60 83.07 -2.87
C THR D 171 -37.43 83.92 -3.36
N PRO D 172 -37.25 84.03 -4.68
CA PRO D 172 -36.17 84.89 -5.20
C PRO D 172 -36.27 86.33 -4.72
N LEU D 173 -37.48 86.85 -4.52
CA LEU D 173 -37.62 88.20 -3.99
C LEU D 173 -37.04 88.29 -2.59
N HIS D 174 -37.29 87.27 -1.76
CA HIS D 174 -36.72 87.27 -0.41
C HIS D 174 -35.20 87.20 -0.44
N LEU D 175 -34.65 86.39 -1.35
CA LEU D 175 -33.20 86.31 -1.48
C LEU D 175 -32.61 87.65 -1.91
N ALA D 176 -33.26 88.32 -2.88
CA ALA D 176 -32.78 89.62 -3.33
C ALA D 176 -32.85 90.65 -2.21
N ALA D 177 -33.93 90.64 -1.43
CA ALA D 177 -34.04 91.55 -0.30
C ALA D 177 -32.96 91.27 0.74
N GLY D 178 -32.68 90.00 1.02
CA GLY D 178 -31.62 89.67 1.94
C GLY D 178 -30.25 90.14 1.45
N ARG D 179 -29.99 89.98 0.16
CA ARG D 179 -28.76 90.46 -0.43
C ARG D 179 -28.83 91.92 -0.86
N GLY D 180 -30.01 92.54 -0.78
CA GLY D 180 -30.13 93.96 -1.07
C GLY D 180 -30.04 94.34 -2.53
N HIS D 181 -30.37 93.44 -3.43
CA HIS D 181 -30.32 93.71 -4.87
C HIS D 181 -31.64 94.35 -5.29
N LEU D 182 -31.59 95.64 -5.60
CA LEU D 182 -32.82 96.37 -5.92
C LEU D 182 -33.35 96.03 -7.30
N GLU D 183 -32.46 95.90 -8.29
CA GLU D 183 -32.90 95.64 -9.66
C GLU D 183 -33.58 94.27 -9.76
N ILE D 184 -33.05 93.27 -9.07
CA ILE D 184 -33.71 91.96 -9.06
C ILE D 184 -35.09 92.07 -8.43
N VAL D 185 -35.20 92.84 -7.34
CA VAL D 185 -36.48 93.01 -6.67
C VAL D 185 -37.50 93.64 -7.62
N GLU D 186 -37.10 94.69 -8.33
CA GLU D 186 -38.04 95.38 -9.20
C GLU D 186 -38.39 94.53 -10.42
N VAL D 187 -37.43 93.78 -10.95
CA VAL D 187 -37.71 92.88 -12.07
C VAL D 187 -38.70 91.80 -11.65
N LEU D 188 -38.51 91.23 -10.46
CA LEU D 188 -39.41 90.20 -9.97
C LEU D 188 -40.82 90.76 -9.73
N LEU D 189 -40.90 91.90 -9.05
CA LEU D 189 -42.22 92.44 -8.71
C LEU D 189 -42.97 92.93 -9.95
N LYS D 190 -42.26 93.44 -10.95
CA LYS D 190 -42.93 93.82 -12.19
C LYS D 190 -43.54 92.61 -12.89
N ASN D 191 -42.83 91.49 -12.91
CA ASN D 191 -43.31 90.29 -13.57
C ASN D 191 -44.42 89.58 -12.79
N GLY D 192 -44.63 89.91 -11.52
CA GLY D 192 -45.72 89.34 -10.77
C GLY D 192 -45.29 88.52 -9.57
N ALA D 193 -44.10 88.76 -9.05
CA ALA D 193 -43.65 88.07 -7.85
C ALA D 193 -44.49 88.50 -6.65
N GLY D 194 -44.83 87.53 -5.80
CA GLY D 194 -45.64 87.81 -4.64
C GLY D 194 -44.93 88.70 -3.64
N VAL D 195 -45.35 89.96 -3.53
CA VAL D 195 -44.76 90.86 -2.56
C VAL D 195 -45.16 90.48 -1.14
N ASN D 196 -46.25 89.72 -0.98
CA ASN D 196 -46.73 89.28 0.32
C ASN D 196 -46.29 87.86 0.65
N ALA D 197 -45.38 87.29 -0.14
CA ALA D 197 -44.91 85.93 0.09
C ALA D 197 -44.06 85.88 1.36
N GLN D 198 -44.29 84.86 2.17
CA GLN D 198 -43.60 84.68 3.44
C GLN D 198 -42.70 83.45 3.38
N ASP D 199 -41.69 83.44 4.23
CA ASP D 199 -40.75 82.34 4.31
C ASP D 199 -41.23 81.31 5.34
N LYS D 200 -40.39 80.33 5.65
CA LYS D 200 -40.75 79.32 6.64
C LYS D 200 -40.75 79.88 8.06
N PHE D 201 -40.02 80.97 8.31
CA PHE D 201 -39.96 81.58 9.63
C PHE D 201 -40.96 82.72 9.81
N GLY D 202 -41.78 83.01 8.81
CA GLY D 202 -42.74 84.08 8.91
C GLY D 202 -42.21 85.46 8.61
N LYS D 203 -41.04 85.56 7.98
CA LYS D 203 -40.45 86.85 7.60
C LYS D 203 -40.44 86.97 6.09
N THR D 204 -40.99 88.06 5.57
CA THR D 204 -41.08 88.32 4.15
C THR D 204 -39.94 89.26 3.72
N ALA D 205 -40.00 89.70 2.46
CA ALA D 205 -39.00 90.65 1.98
C ALA D 205 -39.06 91.96 2.75
N PHE D 206 -40.26 92.39 3.12
CA PHE D 206 -40.40 93.60 3.92
C PHE D 206 -39.72 93.43 5.28
N ASP D 207 -39.97 92.31 5.94
CA ASP D 207 -39.35 92.05 7.25
C ASP D 207 -37.84 91.94 7.13
N ILE D 208 -37.37 91.25 6.09
CA ILE D 208 -35.93 91.09 5.90
C ILE D 208 -35.28 92.45 5.65
N SER D 209 -35.91 93.30 4.84
CA SER D 209 -35.37 94.63 4.60
C SER D 209 -35.37 95.48 5.87
N ILE D 210 -36.41 95.36 6.68
CA ILE D 210 -36.46 96.11 7.94
C ILE D 210 -35.34 95.66 8.86
N ASP D 211 -35.12 94.35 8.97
CA ASP D 211 -34.04 93.84 9.81
C ASP D 211 -32.68 94.29 9.28
N ASN D 212 -32.49 94.25 7.96
CA ASN D 212 -31.22 94.64 7.36
C ASN D 212 -30.99 96.15 7.41
N GLY D 213 -32.05 96.93 7.63
CA GLY D 213 -31.91 98.37 7.69
C GLY D 213 -31.83 99.08 6.36
N ASN D 214 -32.07 98.37 5.25
CA ASN D 214 -32.01 98.98 3.93
C ASN D 214 -33.19 99.91 3.76
N GLU D 215 -32.96 101.21 3.95
CA GLU D 215 -34.04 102.19 3.87
C GLU D 215 -34.61 102.26 2.46
N ASP D 216 -33.74 102.34 1.45
CA ASP D 216 -34.21 102.47 0.07
C ASP D 216 -34.94 101.21 -0.38
N LEU D 217 -34.41 100.03 -0.05
CA LEU D 217 -35.08 98.79 -0.43
C LEU D 217 -36.44 98.69 0.26
N ALA D 218 -36.51 99.04 1.54
CA ALA D 218 -37.78 99.02 2.24
C ALA D 218 -38.78 99.98 1.60
N GLU D 219 -38.32 101.17 1.23
CA GLU D 219 -39.21 102.15 0.61
C GLU D 219 -39.73 101.65 -0.74
N ILE D 220 -38.83 101.10 -1.57
CA ILE D 220 -39.27 100.66 -2.90
C ILE D 220 -40.19 99.45 -2.81
N LEU D 221 -39.97 98.56 -1.84
CA LEU D 221 -40.90 97.44 -1.69
C LEU D 221 -42.23 97.89 -1.09
N GLN D 222 -42.21 98.87 -0.18
CA GLN D 222 -43.45 99.37 0.38
C GLN D 222 -44.26 100.16 -0.65
N SER D 223 -43.59 100.73 -1.65
CA SER D 223 -44.31 101.43 -2.71
C SER D 223 -45.22 100.48 -3.49
N SER D 224 -44.74 99.28 -3.78
CA SER D 224 -45.52 98.28 -4.49
C SER D 224 -46.38 97.42 -3.56
N SER D 225 -46.31 97.65 -2.25
CA SER D 225 -47.10 96.87 -1.30
C SER D 225 -48.56 97.29 -1.33
N GLN E 1 -10.79 54.48 40.38
CA GLN E 1 -9.73 55.36 40.85
C GLN E 1 -8.47 54.56 41.18
N CYS E 2 -7.32 55.07 40.77
CA CYS E 2 -6.04 54.37 40.90
C CYS E 2 -5.21 55.00 42.00
N VAL E 3 -4.69 54.17 42.90
CA VAL E 3 -3.80 54.59 43.97
C VAL E 3 -2.60 53.65 44.01
N ASN E 4 -1.73 53.87 44.99
CA ASN E 4 -0.57 53.02 45.19
C ASN E 4 -0.28 52.91 46.67
N LEU E 5 0.44 51.86 47.05
CA LEU E 5 0.82 51.61 48.43
C LEU E 5 2.30 51.94 48.64
N THR E 6 2.60 52.56 49.77
CA THR E 6 3.95 52.94 50.13
C THR E 6 4.27 52.41 51.53
N THR E 7 5.54 52.57 51.92
CA THR E 7 6.04 52.14 53.22
C THR E 7 5.79 50.65 53.44
N ARG E 8 6.38 49.84 52.57
CA ARG E 8 6.25 48.39 52.63
C ARG E 8 7.64 47.76 52.63
N THR E 9 7.74 46.59 53.27
CA THR E 9 8.98 45.84 53.35
C THR E 9 9.04 44.84 52.20
N GLN E 10 10.18 44.79 51.52
CA GLN E 10 10.39 43.87 50.41
C GLN E 10 11.31 42.76 50.85
N LEU E 11 10.93 41.52 50.53
CA LEU E 11 11.71 40.34 50.90
C LEU E 11 11.92 39.46 49.68
N PRO E 12 13.06 38.77 49.60
CA PRO E 12 13.28 37.87 48.47
C PRO E 12 12.35 36.68 48.53
N PRO E 13 11.90 36.18 47.39
CA PRO E 13 11.04 34.99 47.39
C PRO E 13 11.81 33.74 47.80
N ALA E 14 11.08 32.79 48.37
CA ALA E 14 11.68 31.54 48.82
C ALA E 14 11.33 30.42 47.82
N TYR E 15 11.97 29.27 48.03
CA TYR E 15 11.72 28.08 47.22
C TYR E 15 11.28 26.94 48.11
N THR E 16 10.32 26.15 47.64
CA THR E 16 9.86 25.00 48.39
C THR E 16 9.66 23.83 47.43
N ASN E 17 9.45 22.64 48.01
CA ASN E 17 9.35 21.40 47.26
C ASN E 17 7.95 20.84 47.33
N SER E 18 7.43 20.39 46.19
CA SER E 18 6.13 19.76 46.12
C SER E 18 6.29 18.26 46.33
N PHE E 19 5.46 17.69 47.20
CA PHE E 19 5.53 16.28 47.56
C PHE E 19 4.31 15.57 46.94
N THR E 20 4.44 15.18 45.68
CA THR E 20 3.44 14.41 44.96
C THR E 20 2.07 15.09 45.03
N ARG E 21 2.03 16.33 44.55
CA ARG E 21 0.80 17.11 44.52
C ARG E 21 0.62 17.71 43.13
N GLY E 22 -0.64 17.87 42.72
CA GLY E 22 -0.95 18.44 41.43
C GLY E 22 -1.55 17.44 40.46
N VAL E 23 -2.31 16.49 40.97
CA VAL E 23 -2.94 15.45 40.16
C VAL E 23 -4.41 15.80 39.97
N TYR E 24 -4.88 15.67 38.74
CA TYR E 24 -6.27 16.01 38.41
C TYR E 24 -6.76 15.06 37.32
N TYR E 25 -8.07 14.91 37.25
CA TYR E 25 -8.67 14.05 36.23
C TYR E 25 -8.51 14.71 34.86
N PRO E 26 -7.85 14.07 33.91
CA PRO E 26 -7.65 14.72 32.60
C PRO E 26 -8.84 14.50 31.67
N ASP E 27 -9.64 13.48 31.92
CA ASP E 27 -10.76 13.13 31.06
C ASP E 27 -12.05 13.08 31.88
N LYS E 28 -13.15 12.80 31.18
CA LYS E 28 -14.47 12.71 31.80
C LYS E 28 -15.00 11.29 31.82
N VAL E 29 -14.12 10.30 31.68
CA VAL E 29 -14.53 8.91 31.59
C VAL E 29 -14.45 8.26 32.96
N PHE E 30 -15.11 7.12 33.09
CA PHE E 30 -15.14 6.36 34.34
C PHE E 30 -14.39 5.05 34.16
N ARG E 31 -13.48 4.76 35.10
CA ARG E 31 -12.71 3.53 35.07
C ARG E 31 -12.73 2.90 36.45
N SER E 32 -12.65 1.58 36.50
CA SER E 32 -12.68 0.83 37.75
C SER E 32 -11.51 -0.15 37.78
N SER E 33 -10.60 0.04 38.73
CA SER E 33 -9.44 -0.82 38.93
C SER E 33 -8.62 -0.94 37.64
N VAL E 34 -8.16 0.20 37.15
CA VAL E 34 -7.38 0.28 35.92
C VAL E 34 -6.09 1.04 36.22
N LEU E 35 -5.06 0.77 35.44
CA LEU E 35 -3.75 1.40 35.57
C LEU E 35 -3.42 2.23 34.33
N HIS E 36 -4.40 3.00 33.85
CA HIS E 36 -4.23 3.75 32.60
C HIS E 36 -3.11 4.78 32.72
N SER E 37 -2.40 4.97 31.62
CA SER E 37 -1.31 5.93 31.52
C SER E 37 -1.66 7.01 30.50
N THR E 38 -1.16 8.22 30.72
CA THR E 38 -1.50 9.35 29.87
C THR E 38 -0.30 10.26 29.69
N GLN E 39 -0.34 11.06 28.62
CA GLN E 39 0.70 12.01 28.25
C GLN E 39 0.06 13.41 28.22
N ASP E 40 0.14 14.12 29.34
CA ASP E 40 -0.57 15.39 29.47
C ASP E 40 0.30 16.39 30.21
N LEU E 41 -0.20 17.62 30.32
CA LEU E 41 0.47 18.67 31.08
C LEU E 41 0.24 18.42 32.57
N PHE E 42 1.33 18.21 33.30
CA PHE E 42 1.25 17.91 34.73
C PHE E 42 2.32 18.69 35.46
N LEU E 43 2.29 18.59 36.79
CA LEU E 43 3.32 19.18 37.63
C LEU E 43 4.29 18.10 38.05
N PRO E 44 5.55 18.14 37.63
CA PRO E 44 6.48 17.05 37.96
C PRO E 44 6.68 16.92 39.47
N PHE E 45 6.84 15.67 39.91
CA PHE E 45 7.04 15.40 41.32
C PHE E 45 8.41 15.90 41.77
N PHE E 46 8.48 16.38 43.01
CA PHE E 46 9.72 16.80 43.65
C PHE E 46 10.44 17.88 42.81
N SER E 47 9.76 19.02 42.70
CA SER E 47 10.27 20.16 41.95
C SER E 47 10.19 21.41 42.80
N ASN E 48 11.16 22.29 42.64
CA ASN E 48 11.13 23.57 43.34
C ASN E 48 10.08 24.49 42.73
N VAL E 49 9.26 25.06 43.61
CA VAL E 49 8.25 26.05 43.24
C VAL E 49 8.45 27.27 44.12
N THR E 50 8.21 28.44 43.54
CA THR E 50 8.42 29.69 44.25
C THR E 50 7.39 29.85 45.36
N TRP E 51 7.74 30.67 46.34
CA TRP E 51 6.92 30.86 47.53
C TRP E 51 7.02 32.32 47.95
N PHE E 52 5.87 32.99 48.02
CA PHE E 52 5.79 34.38 48.40
C PHE E 52 5.06 34.50 49.74
N HIS E 53 5.60 35.32 50.63
CA HIS E 53 5.08 35.49 51.98
C HIS E 53 4.33 36.81 52.09
N ALA E 54 3.11 36.75 52.63
CA ALA E 54 2.27 37.93 52.83
C ALA E 54 2.13 38.27 54.31
N ILE E 55 3.21 38.09 55.08
CA ILE E 55 3.18 38.37 56.51
C ILE E 55 3.04 39.86 56.75
N HIS E 56 2.40 40.22 57.86
CA HIS E 56 2.27 41.62 58.22
C HIS E 56 3.57 42.21 58.73
N VAL E 57 4.49 41.37 59.20
CA VAL E 57 5.77 41.85 59.69
C VAL E 57 6.85 41.66 58.63
N THR E 63 8.76 44.13 59.25
CA THR E 63 7.61 44.96 59.61
C THR E 63 7.01 45.59 58.36
N LYS E 64 5.67 45.52 58.26
CA LYS E 64 4.93 46.07 57.13
C LYS E 64 5.40 45.45 55.81
N ARG E 65 5.19 44.14 55.69
CA ARG E 65 5.61 43.37 54.53
C ARG E 65 4.40 43.11 53.63
N PHE E 66 4.59 43.33 52.33
CA PHE E 66 3.54 43.12 51.34
C PHE E 66 4.15 42.46 50.11
N ASP E 67 3.31 41.74 49.36
CA ASP E 67 3.76 41.04 48.17
C ASP E 67 2.65 40.97 47.16
N ASN E 68 2.94 41.39 45.93
CA ASN E 68 2.02 41.26 44.80
C ASN E 68 2.79 41.40 43.50
N PRO E 69 3.67 40.46 43.18
CA PRO E 69 4.53 40.61 42.00
C PRO E 69 3.81 40.20 40.72
N VAL E 70 4.53 40.28 39.61
CA VAL E 70 4.02 39.93 38.30
C VAL E 70 4.70 38.65 37.85
N LEU E 71 3.90 37.62 37.55
CA LEU E 71 4.42 36.32 37.16
C LEU E 71 3.95 35.97 35.76
N PRO E 72 4.86 35.56 34.87
CA PRO E 72 4.42 35.16 33.52
C PRO E 72 3.58 33.90 33.56
N PHE E 73 2.70 33.78 32.57
CA PHE E 73 1.78 32.65 32.47
C PHE E 73 2.35 31.64 31.48
N ASN E 74 2.80 30.50 32.00
CA ASN E 74 3.29 29.42 31.16
C ASN E 74 2.10 28.60 30.66
N ASP E 75 2.37 27.41 30.11
CA ASP E 75 1.30 26.58 29.58
C ASP E 75 0.28 26.19 30.64
N GLY E 76 0.65 26.22 31.91
CA GLY E 76 -0.29 25.94 32.99
C GLY E 76 0.21 26.51 34.28
N VAL E 77 -0.73 26.74 35.20
CA VAL E 77 -0.41 27.34 36.49
C VAL E 77 -1.05 26.51 37.60
N TYR E 78 -0.27 26.20 38.62
CA TYR E 78 -0.75 25.54 39.84
C TYR E 78 -0.65 26.53 40.99
N PHE E 79 -1.79 26.78 41.64
CA PHE E 79 -1.90 27.78 42.70
C PHE E 79 -2.34 27.07 43.97
N ALA E 80 -1.47 27.10 44.99
CA ALA E 80 -1.75 26.44 46.26
C ALA E 80 -1.76 27.49 47.36
N SER E 81 -2.93 27.79 47.90
CA SER E 81 -3.08 28.84 48.89
C SER E 81 -3.44 28.24 50.25
N THR E 82 -2.67 28.58 51.27
CA THR E 82 -2.96 28.19 52.64
C THR E 82 -3.62 29.39 53.33
N GLU E 83 -4.86 29.21 53.79
CA GLU E 83 -5.64 30.33 54.29
C GLU E 83 -6.32 29.98 55.60
N LYS E 84 -6.56 31.01 56.40
CA LYS E 84 -7.33 30.92 57.63
C LYS E 84 -8.56 31.82 57.63
N SER E 85 -8.49 32.99 57.00
CA SER E 85 -9.64 33.86 56.84
C SER E 85 -9.87 34.27 55.39
N ASN E 86 -9.24 33.56 54.44
CA ASN E 86 -9.41 33.81 53.01
C ASN E 86 -9.02 35.23 52.65
N ILE E 87 -7.75 35.55 52.90
CA ILE E 87 -7.23 36.87 52.55
C ILE E 87 -7.23 37.06 51.04
N ILE E 88 -6.81 36.04 50.29
CA ILE E 88 -6.79 36.13 48.84
C ILE E 88 -8.22 36.20 48.32
N ARG E 89 -8.42 36.94 47.24
CA ARG E 89 -9.78 37.11 46.75
C ARG E 89 -9.94 36.84 45.26
N GLY E 90 -8.96 37.19 44.43
CA GLY E 90 -9.19 37.04 43.01
C GLY E 90 -7.92 37.15 42.19
N TRP E 91 -8.08 36.94 40.88
CA TRP E 91 -6.97 36.96 39.94
C TRP E 91 -7.37 37.72 38.69
N ILE E 92 -6.35 38.21 37.99
CA ILE E 92 -6.50 38.83 36.69
C ILE E 92 -5.52 38.17 35.73
N PHE E 93 -5.95 37.96 34.49
CA PHE E 93 -5.15 37.31 33.47
C PHE E 93 -5.15 38.16 32.21
N GLY E 94 -4.00 38.27 31.57
CA GLY E 94 -3.90 39.06 30.36
C GLY E 94 -2.48 39.12 29.85
N THR E 95 -2.23 40.09 28.98
CA THR E 95 -0.90 40.32 28.43
C THR E 95 -0.35 41.68 28.80
N THR E 96 -1.14 42.75 28.66
CA THR E 96 -0.71 44.09 29.00
C THR E 96 -1.41 44.66 30.22
N LEU E 97 -2.65 44.25 30.50
CA LEU E 97 -3.39 44.67 31.67
C LEU E 97 -3.53 46.20 31.74
N ASP E 98 -3.80 46.82 30.59
CA ASP E 98 -3.96 48.27 30.52
C ASP E 98 -5.11 48.66 29.60
N SER E 99 -6.16 47.83 29.54
CA SER E 99 -7.36 48.08 28.75
C SER E 99 -7.08 48.11 27.25
N LYS E 100 -5.84 47.82 26.86
CA LYS E 100 -5.49 47.75 25.44
C LYS E 100 -5.63 46.35 24.88
N THR E 101 -5.81 45.34 25.73
CA THR E 101 -5.94 43.96 25.31
C THR E 101 -7.03 43.28 26.12
N GLN E 102 -7.58 42.21 25.56
CA GLN E 102 -8.62 41.44 26.23
C GLN E 102 -8.04 40.77 27.48
N SER E 103 -8.81 40.78 28.57
CA SER E 103 -8.30 40.28 29.83
C SER E 103 -9.42 39.68 30.66
N LEU E 104 -9.08 38.65 31.43
CA LEU E 104 -10.02 38.00 32.34
C LEU E 104 -9.82 38.49 33.76
N LEU E 105 -10.93 38.59 34.50
CA LEU E 105 -10.90 38.98 35.90
C LEU E 105 -11.87 38.09 36.65
N ILE E 106 -11.36 37.34 37.62
CA ILE E 106 -12.16 36.40 38.39
C ILE E 106 -12.04 36.77 39.86
N VAL E 107 -13.17 37.10 40.48
CA VAL E 107 -13.21 37.45 41.91
C VAL E 107 -14.44 36.80 42.53
N ASN E 108 -14.31 36.40 43.80
CA ASN E 108 -15.44 35.90 44.59
C ASN E 108 -15.41 36.63 45.93
N ASN E 109 -16.27 37.62 46.08
CA ASN E 109 -16.33 38.46 47.26
C ASN E 109 -17.61 38.16 48.04
N ALA E 110 -17.88 38.97 49.07
CA ALA E 110 -19.12 38.84 49.81
C ALA E 110 -20.33 39.06 48.91
N THR E 111 -20.18 39.88 47.87
CA THR E 111 -21.23 40.07 46.89
C THR E 111 -21.16 38.93 45.86
N ASN E 112 -21.87 39.10 44.75
CA ASN E 112 -21.96 38.04 43.75
C ASN E 112 -20.59 37.73 43.15
N VAL E 113 -20.36 36.45 42.84
CA VAL E 113 -19.11 36.03 42.22
C VAL E 113 -19.06 36.54 40.79
N VAL E 114 -17.93 37.14 40.42
CA VAL E 114 -17.79 37.82 39.14
C VAL E 114 -16.70 37.14 38.33
N ILE E 115 -17.02 36.80 37.08
CA ILE E 115 -16.04 36.34 36.10
C ILE E 115 -16.29 37.17 34.85
N LYS E 116 -15.47 38.21 34.66
CA LYS E 116 -15.66 39.14 33.55
C LYS E 116 -14.46 39.07 32.63
N VAL E 117 -14.70 38.73 31.37
CA VAL E 117 -13.66 38.71 30.36
C VAL E 117 -13.87 39.89 29.44
N CYS E 118 -13.21 41.00 29.74
CA CYS E 118 -13.42 42.27 29.06
C CYS E 118 -12.09 43.04 29.10
N GLU E 119 -12.14 44.33 28.84
CA GLU E 119 -10.96 45.18 28.90
C GLU E 119 -11.08 46.12 30.09
N PHE E 120 -9.99 46.26 30.84
CA PHE E 120 -9.97 47.08 32.05
C PHE E 120 -8.66 47.85 32.13
N GLN E 121 -8.76 49.12 32.55
CA GLN E 121 -7.57 49.95 32.79
C GLN E 121 -7.12 49.71 34.22
N PHE E 122 -6.35 48.63 34.39
CA PHE E 122 -5.87 48.25 35.71
C PHE E 122 -4.90 49.29 36.26
N CYS E 123 -4.87 49.41 37.58
CA CYS E 123 -3.99 50.35 38.25
C CYS E 123 -2.66 49.66 38.62
N ASN E 124 -1.73 50.44 39.16
CA ASN E 124 -0.43 49.88 39.53
C ASN E 124 -0.58 48.84 40.64
N ASP E 125 -1.44 49.11 41.62
CA ASP E 125 -1.67 48.20 42.74
C ASP E 125 -3.15 47.95 42.90
N PRO E 126 -3.73 47.08 42.08
CA PRO E 126 -5.12 46.67 42.30
C PRO E 126 -5.28 45.92 43.61
N PHE E 127 -6.41 46.12 44.28
CA PHE E 127 -6.67 45.49 45.56
C PHE E 127 -8.16 45.57 45.86
N LEU E 128 -8.55 44.94 46.97
CA LEU E 128 -9.90 45.05 47.51
C LEU E 128 -9.79 45.55 48.95
N GLY E 129 -10.64 46.52 49.30
CA GLY E 129 -10.53 47.12 50.62
C GLY E 129 -11.79 46.99 51.46
N VAL E 130 -11.68 46.30 52.58
CA VAL E 130 -12.80 46.10 53.51
C VAL E 130 -12.54 46.94 54.74
N TYR E 131 -13.53 47.76 55.10
CA TYR E 131 -13.39 48.73 56.17
C TYR E 131 -14.04 48.22 57.46
N TYR E 132 -13.41 48.53 58.59
CA TYR E 132 -13.95 48.16 59.90
C TYR E 132 -14.77 49.33 60.42
N HIS E 133 -16.08 49.26 60.21
CA HIS E 133 -16.98 50.34 60.61
C HIS E 133 -17.11 50.38 62.14
N LYS E 134 -17.49 51.55 62.63
CA LYS E 134 -17.71 51.75 64.06
C LYS E 134 -19.19 51.72 64.46
N ASN E 135 -20.09 52.08 63.53
CA ASN E 135 -21.52 52.02 63.85
C ASN E 135 -21.97 50.60 64.10
N ASN E 136 -21.49 49.64 63.31
CA ASN E 136 -21.76 48.24 63.53
C ASN E 136 -20.46 47.44 63.48
N LYS E 137 -20.43 46.32 64.18
CA LYS E 137 -19.24 45.47 64.25
C LYS E 137 -19.18 44.51 63.07
N SER E 138 -19.17 45.09 61.87
CA SER E 138 -19.13 44.31 60.64
C SER E 138 -18.09 44.90 59.70
N TRP E 139 -17.37 44.04 59.01
CA TRP E 139 -16.34 44.43 58.04
C TRP E 139 -16.98 44.41 56.66
N MET E 140 -17.12 45.60 56.06
CA MET E 140 -17.83 45.74 54.79
C MET E 140 -16.92 46.42 53.78
N GLU E 141 -16.95 45.93 52.54
CA GLU E 141 -16.01 46.36 51.52
C GLU E 141 -16.24 47.82 51.15
N SER E 142 -15.21 48.65 51.32
CA SER E 142 -15.33 50.08 51.05
C SER E 142 -14.42 50.57 49.94
N GLU E 143 -13.61 49.70 49.34
CA GLU E 143 -12.64 50.14 48.32
C GLU E 143 -12.63 49.14 47.17
N PHE E 144 -13.09 49.57 46.01
CA PHE E 144 -12.98 48.82 44.76
C PHE E 144 -12.13 49.69 43.85
N ARG E 145 -10.82 49.44 43.84
CA ARG E 145 -9.87 50.23 43.07
C ARG E 145 -8.98 49.35 42.21
N VAL E 146 -9.51 48.23 41.71
CA VAL E 146 -8.72 47.32 40.89
C VAL E 146 -8.41 47.95 39.53
N TYR E 147 -9.38 48.65 38.94
CA TYR E 147 -9.16 49.32 37.66
C TYR E 147 -9.82 50.69 37.71
N SER E 148 -9.76 51.39 36.59
CA SER E 148 -10.28 52.75 36.47
C SER E 148 -11.57 52.81 35.65
N SER E 149 -11.55 52.31 34.41
CA SER E 149 -12.69 52.43 33.51
C SER E 149 -12.93 51.10 32.84
N ALA E 150 -14.09 50.99 32.18
CA ALA E 150 -14.54 49.76 31.53
C ALA E 150 -14.89 50.07 30.07
N ASN E 151 -13.90 49.89 29.19
CA ASN E 151 -14.09 49.92 27.74
C ASN E 151 -14.65 48.58 27.28
N ASN E 152 -14.51 48.30 25.97
CA ASN E 152 -15.11 47.14 25.30
C ASN E 152 -15.20 45.91 26.20
N CYS E 153 -16.40 45.33 26.29
CA CYS E 153 -16.65 44.24 27.22
C CYS E 153 -17.33 43.10 26.47
N THR E 154 -16.66 41.95 26.38
CA THR E 154 -17.13 40.84 25.57
C THR E 154 -17.92 39.82 26.38
N PHE E 155 -17.30 39.22 27.40
CA PHE E 155 -17.92 38.15 28.16
C PHE E 155 -18.14 38.58 29.60
N GLU E 156 -19.28 38.20 30.16
CA GLU E 156 -19.59 38.50 31.54
C GLU E 156 -20.35 37.33 32.15
N TYR E 157 -20.04 37.01 33.41
CA TYR E 157 -20.76 35.97 34.12
C TYR E 157 -20.81 36.30 35.60
N VAL E 158 -21.99 36.15 36.19
CA VAL E 158 -22.19 36.32 37.62
C VAL E 158 -22.67 34.98 38.18
N SER E 159 -21.92 34.42 39.11
CA SER E 159 -22.29 33.16 39.73
C SER E 159 -23.13 33.44 40.98
N GLN E 160 -23.36 32.42 41.79
CA GLN E 160 -24.15 32.59 42.99
C GLN E 160 -23.38 33.44 44.00
N PRO E 161 -24.06 34.29 44.76
CA PRO E 161 -23.36 35.08 45.79
C PRO E 161 -22.72 34.18 46.83
N PHE E 162 -21.53 34.57 47.28
CA PHE E 162 -20.78 33.82 48.27
C PHE E 162 -20.57 34.69 49.50
N LEU E 163 -20.83 34.13 50.68
CA LEU E 163 -20.67 34.83 51.95
C LEU E 163 -19.58 34.15 52.75
N MET E 164 -18.57 34.93 53.16
CA MET E 164 -17.48 34.40 53.96
C MET E 164 -16.92 35.51 54.83
N ASP E 165 -16.73 35.20 56.13
CA ASP E 165 -16.23 36.20 57.05
C ASP E 165 -14.80 36.58 56.71
N LEU E 166 -14.52 37.88 56.74
CA LEU E 166 -13.21 38.42 56.43
C LEU E 166 -12.65 39.10 57.67
N GLU E 167 -11.48 38.64 58.13
CA GLU E 167 -10.85 39.18 59.32
C GLU E 167 -9.35 39.11 59.17
N GLY E 168 -8.66 40.04 59.84
CA GLY E 168 -7.21 40.02 59.87
C GLY E 168 -6.67 39.32 61.11
N LYS E 169 -6.27 38.06 60.95
CA LYS E 169 -5.80 37.24 62.06
C LYS E 169 -4.33 36.87 61.86
N GLN E 170 -3.76 36.23 62.89
CA GLN E 170 -2.37 35.80 62.86
C GLN E 170 -2.22 34.33 63.27
N GLY E 171 -3.28 33.55 63.18
CA GLY E 171 -3.26 32.16 63.61
C GLY E 171 -2.74 31.23 62.54
N ASN E 172 -2.87 29.93 62.83
CA ASN E 172 -2.46 28.91 61.88
C ASN E 172 -3.46 28.80 60.74
N PHE E 173 -2.97 28.34 59.59
CA PHE E 173 -3.83 28.18 58.43
C PHE E 173 -4.89 27.11 58.69
N LYS E 174 -6.13 27.41 58.29
CA LYS E 174 -7.24 26.51 58.56
C LYS E 174 -7.54 25.58 57.39
N ASN E 175 -7.26 26.00 56.16
CA ASN E 175 -7.58 25.18 55.00
C ASN E 175 -6.58 25.44 53.89
N LEU E 176 -6.55 24.51 52.93
CA LEU E 176 -5.70 24.61 51.75
C LEU E 176 -6.58 24.57 50.52
N ARG E 177 -6.35 25.49 49.59
CA ARG E 177 -7.07 25.57 48.33
C ARG E 177 -6.09 25.30 47.20
N GLU E 178 -6.41 24.32 46.36
CA GLU E 178 -5.57 23.96 45.22
C GLU E 178 -6.33 24.29 43.94
N PHE E 179 -5.67 25.01 43.05
CA PHE E 179 -6.25 25.41 41.78
C PHE E 179 -5.28 25.10 40.65
N VAL E 180 -5.81 24.66 39.52
CA VAL E 180 -5.02 24.42 38.32
C VAL E 180 -5.70 25.16 37.17
N PHE E 181 -4.96 26.07 36.54
CA PHE E 181 -5.46 26.87 35.43
C PHE E 181 -4.71 26.50 34.17
N LYS E 182 -5.46 26.20 33.10
CA LYS E 182 -4.85 25.95 31.81
C LYS E 182 -5.68 26.62 30.72
N ASN E 183 -5.04 26.89 29.58
CA ASN E 183 -5.68 27.57 28.45
C ASN E 183 -5.38 26.78 27.19
N ILE E 184 -6.35 25.99 26.73
CA ILE E 184 -6.18 25.11 25.58
C ILE E 184 -7.37 25.26 24.66
N ASP E 185 -7.09 25.45 23.36
CA ASP E 185 -8.12 25.50 22.32
C ASP E 185 -9.16 26.58 22.61
N GLY E 186 -8.68 27.75 23.02
CA GLY E 186 -9.59 28.84 23.35
C GLY E 186 -10.45 28.59 24.56
N TYR E 187 -10.14 27.57 25.35
CA TYR E 187 -10.91 27.22 26.54
C TYR E 187 -10.03 27.41 27.76
N PHE E 188 -10.56 28.15 28.75
CA PHE E 188 -9.90 28.33 30.04
C PHE E 188 -10.49 27.32 31.00
N LYS E 189 -9.65 26.38 31.46
CA LYS E 189 -10.08 25.29 32.32
C LYS E 189 -9.50 25.47 33.71
N ILE E 190 -10.36 25.33 34.72
CA ILE E 190 -10.01 25.52 36.13
C ILE E 190 -10.37 24.25 36.89
N TYR E 191 -9.42 23.73 37.65
CA TYR E 191 -9.63 22.58 38.52
C TYR E 191 -9.41 23.02 39.96
N SER E 192 -10.37 22.71 40.84
CA SER E 192 -10.34 23.21 42.21
C SER E 192 -10.46 22.06 43.20
N LYS E 193 -9.81 22.25 44.35
CA LYS E 193 -9.86 21.27 45.43
C LYS E 193 -9.69 21.97 46.77
N HIS E 194 -10.41 21.48 47.78
CA HIS E 194 -10.40 22.03 49.13
C HIS E 194 -9.93 20.96 50.10
N THR E 195 -9.05 21.33 51.03
CA THR E 195 -8.49 20.36 51.97
C THR E 195 -8.40 20.94 53.38
N PRO E 196 -8.99 20.29 54.38
CA PRO E 196 -8.90 20.78 55.76
C PRO E 196 -7.58 20.38 56.40
N ILE E 197 -6.67 21.35 56.53
CA ILE E 197 -5.35 21.14 57.11
C ILE E 197 -5.07 22.26 58.10
N ASN E 198 -4.52 21.91 59.26
CA ASN E 198 -4.16 22.86 60.30
C ASN E 198 -2.66 22.86 60.56
N LEU E 199 -1.86 22.82 59.49
CA LEU E 199 -0.42 22.91 59.58
C LEU E 199 0.04 24.36 59.33
N VAL E 200 1.35 24.56 59.33
CA VAL E 200 1.90 25.90 59.19
C VAL E 200 2.81 25.98 57.96
N ARG E 201 3.38 24.86 57.57
CA ARG E 201 4.29 24.79 56.44
C ARG E 201 4.52 23.31 56.12
N ASP E 202 5.33 23.05 55.09
CA ASP E 202 5.70 21.70 54.68
C ASP E 202 4.44 20.89 54.35
N LEU E 203 3.81 21.30 53.23
CA LEU E 203 2.54 20.81 52.73
C LEU E 203 2.40 19.30 52.94
N PRO E 204 1.26 18.84 53.46
CA PRO E 204 1.16 17.44 53.86
C PRO E 204 1.25 16.48 52.67
N GLN E 205 1.72 15.27 52.97
CA GLN E 205 1.80 14.24 51.96
C GLN E 205 0.41 13.71 51.61
N GLY E 206 0.38 12.69 50.77
CA GLY E 206 -0.87 12.14 50.30
C GLY E 206 -1.31 12.73 48.97
N PHE E 207 -2.17 11.99 48.28
CA PHE E 207 -2.62 12.36 46.94
C PHE E 207 -4.04 12.88 47.02
N SER E 208 -4.27 14.05 46.43
CA SER E 208 -5.59 14.68 46.41
C SER E 208 -5.91 15.07 44.98
N ALA E 209 -6.84 14.34 44.36
CA ALA E 209 -7.24 14.64 43.00
C ALA E 209 -7.98 15.97 42.94
N LEU E 210 -7.82 16.67 41.83
CA LEU E 210 -8.42 17.99 41.62
C LEU E 210 -9.55 17.84 40.61
N GLU E 211 -10.79 17.86 41.10
CA GLU E 211 -11.93 17.72 40.21
C GLU E 211 -12.14 19.01 39.41
N PRO E 212 -12.51 18.90 38.14
CA PRO E 212 -12.79 20.11 37.36
C PRO E 212 -14.00 20.85 37.89
N LEU E 213 -13.99 22.17 37.70
CA LEU E 213 -15.05 23.03 38.19
C LEU E 213 -15.88 23.63 37.06
N VAL E 214 -15.24 24.30 36.10
CA VAL E 214 -15.96 24.97 35.03
C VAL E 214 -14.98 25.25 33.90
N ASP E 215 -15.50 25.37 32.68
CA ASP E 215 -14.72 25.72 31.50
C ASP E 215 -15.30 26.98 30.89
N LEU E 216 -14.42 27.91 30.50
CA LEU E 216 -14.85 29.18 29.94
C LEU E 216 -14.40 29.28 28.49
N PRO E 217 -15.31 29.43 27.53
CA PRO E 217 -14.93 29.65 26.13
C PRO E 217 -14.59 31.11 25.88
N ILE E 218 -13.29 31.39 25.71
CA ILE E 218 -12.84 32.77 25.55
C ILE E 218 -12.09 32.94 24.24
N GLY E 219 -10.97 32.23 24.09
CA GLY E 219 -10.19 32.28 22.87
C GLY E 219 -9.27 33.49 22.75
N ILE E 220 -8.54 33.80 23.83
CA ILE E 220 -7.60 34.91 23.83
C ILE E 220 -6.25 34.43 24.38
N ASN E 221 -5.23 35.26 24.16
CA ASN E 221 -3.87 34.98 24.58
C ASN E 221 -3.70 35.37 26.05
N ILE E 222 -3.03 34.51 26.81
CA ILE E 222 -2.69 34.79 28.20
C ILE E 222 -1.21 34.50 28.40
N THR E 223 -0.44 35.53 28.74
CA THR E 223 0.99 35.39 29.00
C THR E 223 1.40 35.96 30.34
N ARG E 224 0.46 36.46 31.14
CA ARG E 224 0.77 37.08 32.42
C ARG E 224 -0.48 37.05 33.29
N PHE E 225 -0.29 36.75 34.58
CA PHE E 225 -1.38 36.73 35.54
C PHE E 225 -0.91 37.40 36.82
N GLN E 226 -1.88 37.92 37.57
CA GLN E 226 -1.57 38.61 38.82
C GLN E 226 -2.72 38.44 39.79
N THR E 227 -2.42 38.03 41.01
CA THR E 227 -3.44 37.86 42.02
C THR E 227 -3.65 39.18 42.78
N LEU E 228 -4.73 39.22 43.57
CA LEU E 228 -5.08 40.39 44.35
C LEU E 228 -5.39 39.98 45.77
N LEU E 229 -5.03 40.82 46.72
CA LEU E 229 -5.24 40.56 48.14
C LEU E 229 -6.43 41.36 48.66
N ALA E 230 -6.65 41.32 49.96
CA ALA E 230 -7.70 42.07 50.62
C ALA E 230 -7.03 43.15 51.48
N LEU E 231 -6.98 44.37 50.95
CA LEU E 231 -6.33 45.49 51.65
C LEU E 231 -7.29 45.99 52.72
N HIS E 232 -7.27 45.33 53.87
CA HIS E 232 -8.23 45.63 54.92
C HIS E 232 -7.94 46.98 55.55
N ARG E 233 -8.99 47.58 56.12
CA ARG E 233 -8.88 48.83 56.84
C ARG E 233 -9.53 48.69 58.22
N SER E 234 -8.89 49.27 59.23
CA SER E 234 -9.40 49.21 60.60
C SER E 234 -9.07 50.50 61.35
N SER E 243 -1.61 53.82 55.31
CA SER E 243 -1.30 53.90 56.74
C SER E 243 -1.21 52.51 57.34
N GLY E 244 -2.31 51.77 57.28
CA GLY E 244 -2.35 50.41 57.78
C GLY E 244 -3.22 49.55 56.89
N TRP E 245 -2.85 48.28 56.77
CA TRP E 245 -3.58 47.37 55.89
C TRP E 245 -3.96 46.07 56.57
N THR E 246 -3.17 45.65 57.56
CA THR E 246 -3.39 44.39 58.27
C THR E 246 -3.47 43.21 57.29
N ALA E 247 -2.34 42.97 56.61
CA ALA E 247 -2.28 41.97 55.57
C ALA E 247 -2.35 40.55 56.10
N GLY E 248 -2.23 40.34 57.41
CA GLY E 248 -2.25 38.99 57.92
C GLY E 248 -0.96 38.25 57.61
N ALA E 249 -1.07 36.93 57.52
CA ALA E 249 0.09 36.07 57.23
C ALA E 249 -0.28 34.99 56.23
N ALA E 250 -1.01 35.36 55.18
CA ALA E 250 -1.42 34.39 54.18
C ALA E 250 -0.23 33.94 53.33
N ALA E 251 -0.35 32.75 52.74
CA ALA E 251 0.71 32.17 51.93
C ALA E 251 0.12 31.53 50.69
N TYR E 252 0.82 31.68 49.57
CA TYR E 252 0.39 31.09 48.31
C TYR E 252 1.60 30.72 47.48
N TYR E 253 1.53 29.56 46.84
CA TYR E 253 2.59 29.02 46.00
C TYR E 253 2.12 28.94 44.56
N VAL E 254 3.01 29.24 43.62
CA VAL E 254 2.73 29.16 42.21
C VAL E 254 3.75 28.24 41.55
N GLY E 255 3.26 27.35 40.69
CA GLY E 255 4.12 26.44 39.96
C GLY E 255 3.67 26.31 38.52
N TYR E 256 4.58 25.80 37.68
CA TYR E 256 4.34 25.69 36.26
C TYR E 256 4.24 24.23 35.84
N LEU E 257 3.54 23.99 34.73
CA LEU E 257 3.28 22.65 34.24
C LEU E 257 4.15 22.34 33.02
N GLN E 258 4.42 21.06 32.84
CA GLN E 258 5.21 20.56 31.72
C GLN E 258 4.56 19.31 31.17
N PRO E 259 4.81 18.99 29.90
CA PRO E 259 4.27 17.74 29.33
C PRO E 259 4.99 16.54 29.92
N ARG E 260 4.22 15.62 30.52
CA ARG E 260 4.80 14.46 31.18
C ARG E 260 3.87 13.27 31.02
N THR E 261 4.44 12.09 31.19
CA THR E 261 3.72 10.82 31.18
C THR E 261 3.45 10.42 32.62
N PHE E 262 2.17 10.21 32.94
CA PHE E 262 1.75 9.85 34.28
C PHE E 262 0.94 8.56 34.21
N LEU E 263 1.23 7.64 35.13
CA LEU E 263 0.51 6.38 35.24
C LEU E 263 -0.49 6.51 36.39
N LEU E 264 -1.77 6.69 36.04
CA LEU E 264 -2.80 6.90 37.03
C LEU E 264 -3.43 5.58 37.43
N LYS E 265 -3.68 5.41 38.72
CA LYS E 265 -4.29 4.19 39.25
C LYS E 265 -5.70 4.52 39.73
N TYR E 266 -6.67 4.38 38.83
CA TYR E 266 -8.07 4.51 39.23
C TYR E 266 -8.46 3.32 40.10
N ASN E 267 -9.20 3.59 41.16
CA ASN E 267 -9.67 2.52 42.03
C ASN E 267 -11.00 2.00 41.50
N GLU E 268 -11.65 1.14 42.25
CA GLU E 268 -12.91 0.53 41.84
C GLU E 268 -14.11 1.43 42.08
N ASN E 269 -13.89 2.70 42.41
CA ASN E 269 -14.91 3.48 43.07
C ASN E 269 -15.09 4.82 42.38
N GLY E 270 -14.29 5.10 41.35
CA GLY E 270 -14.34 6.33 40.58
C GLY E 270 -13.19 7.30 40.82
N THR E 271 -12.50 7.18 41.95
CA THR E 271 -11.57 8.21 42.41
C THR E 271 -10.12 7.79 42.20
N ILE E 272 -9.29 8.73 41.75
CA ILE E 272 -7.87 8.48 41.61
C ILE E 272 -7.23 8.40 42.98
N THR E 273 -6.48 7.33 43.23
CA THR E 273 -5.85 7.12 44.53
C THR E 273 -4.33 7.09 44.48
N ASP E 274 -3.72 6.95 43.30
CA ASP E 274 -2.27 6.90 43.22
C ASP E 274 -1.82 7.27 41.82
N ALA E 275 -0.57 7.70 41.72
CA ALA E 275 0.04 8.04 40.43
C ALA E 275 1.55 7.94 40.58
N VAL E 276 2.22 7.64 39.46
CA VAL E 276 3.66 7.48 39.44
C VAL E 276 4.21 8.23 38.23
N ASP E 277 5.13 9.15 38.46
CA ASP E 277 5.78 9.86 37.36
C ASP E 277 6.75 8.94 36.65
N CYS E 278 6.80 9.06 35.32
CA CYS E 278 7.66 8.21 34.51
C CYS E 278 8.95 8.90 34.08
N ALA E 279 9.18 10.14 34.49
CA ALA E 279 10.42 10.85 34.22
C ALA E 279 11.34 10.89 35.43
N LEU E 280 10.95 10.24 36.53
CA LEU E 280 11.75 10.20 37.75
C LEU E 280 12.85 9.15 37.61
N ASP E 281 13.43 8.73 38.72
CA ASP E 281 14.48 7.72 38.79
C ASP E 281 14.14 6.48 37.96
N PRO E 282 15.15 5.72 37.51
CA PRO E 282 14.87 4.62 36.58
C PRO E 282 13.90 3.57 37.11
N LEU E 283 13.78 3.42 38.43
CA LEU E 283 12.78 2.50 38.96
C LEU E 283 11.38 2.92 38.55
N SER E 284 11.10 4.22 38.57
CA SER E 284 9.81 4.71 38.12
C SER E 284 9.60 4.43 36.64
N GLU E 285 10.68 4.50 35.84
CA GLU E 285 10.57 4.16 34.43
C GLU E 285 10.17 2.70 34.25
N THR E 286 10.74 1.81 35.06
CA THR E 286 10.35 0.40 35.00
C THR E 286 8.90 0.22 35.41
N LYS E 287 8.47 0.90 36.48
CA LYS E 287 7.08 0.80 36.89
C LYS E 287 6.14 1.34 35.83
N CYS E 288 6.62 2.28 35.01
CA CYS E 288 5.83 2.84 33.92
C CYS E 288 5.83 1.97 32.67
N THR E 289 6.65 0.91 32.64
CA THR E 289 6.73 0.03 31.49
C THR E 289 5.88 -1.22 31.64
N LEU E 290 5.90 -1.85 32.81
CA LEU E 290 5.11 -3.05 33.06
C LEU E 290 3.68 -2.75 33.46
N LYS E 291 3.31 -1.47 33.56
CA LYS E 291 1.95 -1.07 33.95
C LYS E 291 1.55 -1.68 35.29
N SER E 292 2.46 -1.65 36.25
CA SER E 292 2.19 -2.17 37.58
C SER E 292 2.98 -1.38 38.60
N PHE E 293 2.53 -1.45 39.85
CA PHE E 293 3.20 -0.74 40.94
C PHE E 293 4.20 -1.61 41.68
N THR E 294 4.10 -2.93 41.57
CA THR E 294 5.01 -3.85 42.24
C THR E 294 5.81 -4.60 41.19
N VAL E 295 7.13 -4.59 41.33
CA VAL E 295 8.03 -5.26 40.40
C VAL E 295 8.88 -6.24 41.19
N GLU E 296 8.96 -7.48 40.71
CA GLU E 296 9.75 -8.51 41.35
C GLU E 296 11.20 -8.44 40.86
N LYS E 297 12.05 -9.27 41.44
CA LYS E 297 13.47 -9.25 41.09
C LYS E 297 13.66 -9.69 39.64
N GLY E 298 14.72 -9.18 39.03
CA GLY E 298 15.03 -9.51 37.66
C GLY E 298 15.67 -8.32 36.96
N ILE E 299 15.78 -8.43 35.65
CA ILE E 299 16.34 -7.40 34.80
C ILE E 299 15.33 -7.06 33.71
N TYR E 300 15.11 -5.78 33.46
CA TYR E 300 14.11 -5.33 32.51
C TYR E 300 14.69 -4.29 31.56
N GLN E 301 14.16 -4.25 30.35
CA GLN E 301 14.54 -3.26 29.36
C GLN E 301 13.65 -2.03 29.49
N THR E 302 14.25 -0.85 29.41
CA THR E 302 13.53 0.40 29.62
C THR E 302 13.47 1.26 28.36
N SER E 303 14.60 1.58 27.75
CA SER E 303 14.62 2.50 26.61
C SER E 303 15.93 2.32 25.86
N ASN E 304 16.21 3.23 24.94
CA ASN E 304 17.44 3.24 24.17
C ASN E 304 18.26 4.48 24.50
N PHE E 305 19.52 4.47 24.07
CA PHE E 305 20.46 5.54 24.34
C PHE E 305 21.24 5.83 23.07
N ARG E 306 21.31 7.12 22.72
CA ARG E 306 21.98 7.54 21.49
C ARG E 306 22.71 8.86 21.75
N VAL E 307 23.74 9.11 20.94
CA VAL E 307 24.58 10.28 21.07
C VAL E 307 24.32 11.19 19.87
N GLN E 308 24.10 12.50 20.14
CA GLN E 308 23.78 13.44 19.08
C GLN E 308 25.05 14.12 18.56
N PRO E 309 25.07 14.49 17.28
CA PRO E 309 26.22 15.19 16.72
C PRO E 309 26.25 16.66 17.14
N THR E 310 27.43 17.25 17.02
CA THR E 310 27.62 18.65 17.39
C THR E 310 28.04 19.54 16.23
N GLU E 311 29.09 19.17 15.50
CA GLU E 311 29.64 20.00 14.45
C GLU E 311 29.12 19.58 13.07
N SER E 312 29.39 20.43 12.08
CA SER E 312 28.90 20.23 10.71
C SER E 312 30.00 20.50 9.70
N ILE E 313 31.17 19.89 9.89
CA ILE E 313 32.30 20.12 9.00
C ILE E 313 31.90 19.81 7.56
N VAL E 314 32.30 20.70 6.64
CA VAL E 314 31.76 20.73 5.29
C VAL E 314 32.89 20.75 4.25
N ARG E 315 34.00 20.09 4.56
CA ARG E 315 35.19 20.13 3.72
C ARG E 315 34.88 19.82 2.25
N PHE E 316 35.40 20.68 1.36
CA PHE E 316 35.26 20.63 -0.10
C PHE E 316 36.62 20.57 -0.79
N PRO E 317 36.67 20.48 -2.14
CA PRO E 317 37.97 20.55 -2.84
C PRO E 317 38.81 21.76 -2.46
N ASN E 318 40.08 21.73 -2.88
CA ASN E 318 41.09 22.58 -2.24
C ASN E 318 40.90 24.05 -2.57
N ILE E 319 41.03 24.42 -3.84
CA ILE E 319 41.14 25.83 -4.19
C ILE E 319 40.64 26.03 -5.61
N THR E 320 39.96 27.16 -5.82
CA THR E 320 39.62 27.59 -7.17
C THR E 320 40.88 28.07 -7.88
N ASN E 321 41.01 27.74 -9.16
CA ASN E 321 42.25 28.03 -9.87
C ASN E 321 42.38 29.53 -10.17
N LEU E 322 41.49 30.05 -11.03
CA LEU E 322 41.50 31.45 -11.44
C LEU E 322 40.34 31.68 -12.39
N CYS E 323 39.97 32.95 -12.55
CA CYS E 323 39.06 33.42 -13.60
C CYS E 323 39.43 34.84 -14.01
N PRO E 324 39.98 35.03 -15.20
CA PRO E 324 40.46 36.36 -15.60
C PRO E 324 39.34 37.31 -16.02
N PHE E 325 38.09 36.97 -15.69
CA PHE E 325 36.98 37.82 -16.08
C PHE E 325 37.12 39.23 -15.50
N GLY E 326 37.68 39.35 -14.28
CA GLY E 326 37.91 40.67 -13.73
C GLY E 326 38.87 41.49 -14.58
N GLU E 327 39.85 40.83 -15.19
CA GLU E 327 40.74 41.52 -16.12
C GLU E 327 39.96 42.08 -17.31
N VAL E 328 38.91 41.37 -17.73
CA VAL E 328 38.06 41.89 -18.81
C VAL E 328 37.39 43.18 -18.37
N PHE E 329 37.13 43.33 -17.07
CA PHE E 329 36.46 44.52 -16.57
C PHE E 329 37.42 45.67 -16.33
N ASN E 330 38.72 45.44 -16.39
CA ASN E 330 39.66 46.34 -15.71
C ASN E 330 40.88 46.59 -16.58
N ALA E 331 40.70 46.58 -17.90
CA ALA E 331 41.77 46.82 -18.86
C ALA E 331 41.84 48.33 -19.16
N THR E 332 42.57 48.71 -20.20
CA THR E 332 42.76 50.12 -20.53
C THR E 332 42.31 50.52 -21.92
N ARG E 333 42.08 49.58 -22.83
CA ARG E 333 41.68 49.89 -24.20
C ARG E 333 40.32 49.26 -24.48
N PHE E 334 39.37 50.09 -24.94
CA PHE E 334 38.02 49.63 -25.20
C PHE E 334 37.47 50.33 -26.43
N ALA E 335 36.47 49.71 -27.06
CA ALA E 335 35.86 50.23 -28.26
C ALA E 335 34.61 51.04 -27.88
N SER E 336 33.82 51.42 -28.89
CA SER E 336 32.63 52.22 -28.69
C SER E 336 31.38 51.34 -28.74
N VAL E 337 30.21 51.97 -28.71
CA VAL E 337 28.95 51.24 -28.76
C VAL E 337 28.78 50.50 -30.08
N TYR E 338 29.46 50.94 -31.13
CA TYR E 338 29.35 50.27 -32.43
C TYR E 338 29.87 48.84 -32.37
N ALA E 339 30.78 48.56 -31.44
CA ALA E 339 31.32 47.21 -31.27
C ALA E 339 30.45 46.46 -30.27
N TRP E 340 29.57 45.61 -30.77
CA TRP E 340 28.72 44.75 -29.95
C TRP E 340 29.59 43.62 -29.40
N ASN E 341 30.38 43.96 -28.38
CA ASN E 341 31.36 43.01 -27.85
C ASN E 341 30.67 41.80 -27.27
N ARG E 342 31.25 40.62 -27.51
CA ARG E 342 30.70 39.35 -27.05
C ARG E 342 31.87 38.43 -26.71
N LYS E 343 32.24 38.38 -25.44
CA LYS E 343 33.36 37.57 -24.97
C LYS E 343 32.79 36.37 -24.22
N ARG E 344 32.97 35.18 -24.78
CA ARG E 344 32.44 33.95 -24.21
C ARG E 344 33.50 33.29 -23.34
N ILE E 345 33.16 33.06 -22.07
CA ILE E 345 34.06 32.42 -21.12
C ILE E 345 33.32 31.24 -20.50
N SER E 346 33.99 30.09 -20.43
CA SER E 346 33.41 28.89 -19.82
C SER E 346 34.42 28.24 -18.88
N ASN E 347 34.11 27.01 -18.44
CA ASN E 347 34.94 26.15 -17.59
C ASN E 347 35.77 26.95 -16.59
N CYS E 348 35.12 27.82 -15.83
CA CYS E 348 35.83 28.72 -14.92
C CYS E 348 34.95 28.97 -13.71
N VAL E 349 35.46 28.64 -12.53
CA VAL E 349 34.76 28.93 -11.28
C VAL E 349 35.18 30.32 -10.80
N ALA E 350 34.23 31.25 -10.82
CA ALA E 350 34.52 32.67 -10.66
C ALA E 350 33.91 33.21 -9.38
N ASP E 351 34.60 34.17 -8.77
CA ASP E 351 34.12 34.83 -7.56
C ASP E 351 33.14 35.93 -7.93
N TYR E 352 31.98 35.92 -7.27
CA TYR E 352 30.94 36.91 -7.55
C TYR E 352 30.71 37.91 -6.42
N SER E 353 31.10 37.57 -5.18
CA SER E 353 30.93 38.49 -4.07
C SER E 353 31.81 39.72 -4.20
N VAL E 354 32.86 39.66 -5.03
CA VAL E 354 33.72 40.82 -5.23
C VAL E 354 32.94 41.96 -5.89
N LEU E 355 32.09 41.63 -6.87
CA LEU E 355 31.34 42.67 -7.56
C LEU E 355 30.34 43.37 -6.64
N TYR E 356 29.84 42.67 -5.62
CA TYR E 356 28.91 43.29 -4.69
C TYR E 356 29.60 44.29 -3.78
N ASN E 357 30.89 44.09 -3.52
CA ASN E 357 31.68 44.98 -2.66
C ASN E 357 33.00 45.22 -3.38
N SER E 358 33.03 46.27 -4.21
CA SER E 358 34.19 46.58 -5.05
C SER E 358 34.63 48.02 -4.79
N ALA E 359 35.54 48.50 -5.63
CA ALA E 359 36.13 49.82 -5.42
C ALA E 359 35.20 50.94 -5.90
N SER E 360 34.92 50.98 -7.21
CA SER E 360 34.21 52.11 -7.81
C SER E 360 33.19 51.61 -8.82
N PHE E 361 32.41 50.59 -8.45
CA PHE E 361 31.37 50.09 -9.36
C PHE E 361 30.03 50.78 -9.11
N SER E 362 29.51 50.72 -7.89
CA SER E 362 28.34 51.47 -7.46
C SER E 362 27.06 51.07 -8.21
N THR E 363 26.96 51.42 -9.49
CA THR E 363 25.70 51.26 -10.20
C THR E 363 25.40 49.80 -10.53
N PHE E 364 25.13 48.99 -9.50
CA PHE E 364 24.82 47.58 -9.69
C PHE E 364 23.38 47.44 -10.15
N LYS E 365 23.19 46.97 -11.37
CA LYS E 365 21.86 46.86 -12.00
C LYS E 365 21.67 45.43 -12.51
N CYS E 366 21.02 44.59 -11.71
CA CYS E 366 20.59 43.28 -12.14
C CYS E 366 19.08 43.27 -12.39
N TYR E 367 18.66 42.43 -13.32
CA TYR E 367 17.25 42.30 -13.67
C TYR E 367 16.62 41.27 -12.73
N GLY E 368 15.43 40.78 -13.08
CA GLY E 368 14.66 39.96 -12.16
C GLY E 368 15.28 38.61 -11.85
N VAL E 369 16.52 38.63 -11.37
CA VAL E 369 17.20 37.48 -10.81
C VAL E 369 17.69 37.86 -9.42
N SER E 370 17.43 37.00 -8.43
CA SER E 370 17.76 37.34 -7.06
C SER E 370 19.25 37.60 -6.91
N PRO E 371 19.65 38.66 -6.22
CA PRO E 371 21.07 39.02 -6.20
C PRO E 371 21.93 38.02 -5.44
N THR E 372 21.42 37.50 -4.33
CA THR E 372 22.26 36.67 -3.46
C THR E 372 22.44 35.25 -3.97
N LYS E 373 21.41 34.64 -4.58
CA LYS E 373 21.58 33.21 -4.84
C LYS E 373 22.47 32.93 -6.04
N LEU E 374 22.84 33.94 -6.82
CA LEU E 374 23.58 33.70 -8.05
C LEU E 374 25.07 33.48 -7.83
N ASN E 375 25.59 33.82 -6.64
CA ASN E 375 27.01 33.60 -6.38
C ASN E 375 27.33 32.12 -6.27
N ASP E 376 26.43 31.34 -5.66
CA ASP E 376 26.63 29.91 -5.50
C ASP E 376 25.88 29.10 -6.54
N LEU E 377 25.62 29.68 -7.70
CA LEU E 377 24.99 29.00 -8.82
C LEU E 377 26.03 28.58 -9.85
N CYS E 378 25.66 27.61 -10.67
CA CYS E 378 26.58 27.05 -11.66
C CYS E 378 25.91 27.07 -13.03
N PHE E 379 26.54 27.73 -13.99
CA PHE E 379 26.02 27.90 -15.33
C PHE E 379 26.99 27.32 -16.35
N THR E 380 26.73 27.59 -17.63
CA THR E 380 27.53 27.05 -18.72
C THR E 380 28.42 28.08 -19.41
N ASN E 381 27.99 29.33 -19.51
CA ASN E 381 28.77 30.32 -20.24
C ASN E 381 28.38 31.72 -19.77
N VAL E 382 29.32 32.66 -19.94
CA VAL E 382 29.11 34.06 -19.62
C VAL E 382 29.58 34.91 -20.78
N TYR E 383 29.08 36.14 -20.83
CA TYR E 383 29.40 37.08 -21.91
C TYR E 383 29.69 38.45 -21.32
N ALA E 384 30.54 39.21 -22.02
CA ALA E 384 31.03 40.49 -21.55
C ALA E 384 30.95 41.54 -22.65
N ASP E 385 31.29 42.78 -22.30
CA ASP E 385 31.24 43.92 -23.20
C ASP E 385 31.91 45.09 -22.51
N SER E 386 32.23 46.12 -23.31
CA SER E 386 32.75 47.38 -22.77
C SER E 386 32.73 48.49 -23.81
N PHE E 387 32.20 49.65 -23.46
CA PHE E 387 32.10 50.80 -24.35
C PHE E 387 31.73 52.02 -23.50
N VAL E 388 31.41 53.12 -24.18
CA VAL E 388 31.04 54.38 -23.53
C VAL E 388 29.57 54.68 -23.83
N ILE E 389 28.84 55.12 -22.81
CA ILE E 389 27.39 55.29 -22.92
C ILE E 389 26.93 56.72 -22.65
N ARG E 390 27.82 57.63 -22.25
CA ARG E 390 27.49 59.05 -22.10
C ARG E 390 26.34 59.25 -21.09
N GLY E 391 26.61 58.89 -19.84
CA GLY E 391 25.74 59.26 -18.74
C GLY E 391 24.31 58.77 -18.83
N ASP E 392 23.39 59.68 -19.16
CA ASP E 392 21.95 59.42 -19.01
C ASP E 392 21.50 58.18 -19.77
N GLU E 393 22.22 57.80 -20.82
CA GLU E 393 21.86 56.61 -21.57
C GLU E 393 21.98 55.32 -20.75
N VAL E 394 22.28 55.43 -19.45
CA VAL E 394 22.10 54.30 -18.54
C VAL E 394 20.65 53.85 -18.55
N ARG E 395 19.71 54.76 -18.82
CA ARG E 395 18.30 54.37 -18.88
C ARG E 395 18.02 53.42 -20.03
N GLN E 396 18.85 53.43 -21.08
CA GLN E 396 18.62 52.63 -22.26
C GLN E 396 18.90 51.14 -22.06
N ILE E 397 19.60 50.77 -20.99
CA ILE E 397 19.86 49.36 -20.71
C ILE E 397 18.65 48.85 -19.92
N ALA E 398 17.61 48.49 -20.66
CA ALA E 398 16.35 48.06 -20.10
C ALA E 398 15.78 46.94 -20.96
N PRO E 399 14.97 46.05 -20.38
CA PRO E 399 14.37 44.97 -21.18
C PRO E 399 13.31 45.49 -22.13
N GLY E 400 13.73 46.14 -23.22
CA GLY E 400 12.81 46.61 -24.22
C GLY E 400 12.71 48.12 -24.30
N GLN E 401 13.40 48.71 -25.27
CA GLN E 401 13.37 50.15 -25.50
C GLN E 401 13.88 50.41 -26.92
N THR E 402 13.38 51.49 -27.53
CA THR E 402 13.74 51.80 -28.91
C THR E 402 13.97 53.28 -29.17
N GLY E 403 14.03 54.13 -28.14
CA GLY E 403 14.21 55.54 -28.38
C GLY E 403 15.58 55.89 -28.93
N LYS E 404 16.62 55.21 -28.45
CA LYS E 404 18.00 55.52 -28.79
C LYS E 404 18.81 54.23 -28.76
N ILE E 405 20.12 54.32 -28.54
CA ILE E 405 21.06 53.21 -28.70
C ILE E 405 20.62 51.97 -27.92
N ALA E 406 19.59 52.10 -27.09
CA ALA E 406 18.90 50.92 -26.57
C ALA E 406 18.60 49.92 -27.67
N ASP E 407 18.37 50.41 -28.89
CA ASP E 407 18.25 49.57 -30.08
C ASP E 407 19.27 49.88 -31.16
N TYR E 408 19.82 51.10 -31.20
CA TYR E 408 20.78 51.44 -32.25
C TYR E 408 22.05 50.61 -32.14
N ASN E 409 22.79 50.78 -31.05
CA ASN E 409 24.07 50.11 -30.84
C ASN E 409 24.02 49.30 -29.54
N TYR E 410 24.52 48.07 -29.59
CA TYR E 410 24.45 47.15 -28.46
C TYR E 410 23.01 46.90 -28.05
N LYS E 411 22.24 46.34 -28.99
CA LYS E 411 20.83 46.06 -28.76
C LYS E 411 20.65 44.95 -27.74
N LEU E 412 19.80 45.19 -26.75
CA LEU E 412 19.48 44.22 -25.71
C LEU E 412 18.01 43.85 -25.78
N PRO E 413 17.68 42.56 -25.73
CA PRO E 413 16.27 42.15 -25.78
C PRO E 413 15.62 42.22 -24.41
N ASP E 414 14.30 42.10 -24.42
CA ASP E 414 13.55 41.96 -23.18
C ASP E 414 13.68 40.53 -22.66
N ASP E 415 13.39 40.37 -21.36
CA ASP E 415 13.50 39.09 -20.66
C ASP E 415 14.91 38.52 -20.71
N PHE E 416 15.90 39.38 -20.87
CA PHE E 416 17.31 38.99 -20.92
C PHE E 416 17.95 39.40 -19.59
N THR E 417 18.35 38.40 -18.80
CA THR E 417 18.83 38.66 -17.44
C THR E 417 19.99 39.63 -17.44
N GLY E 418 21.14 39.21 -17.97
CA GLY E 418 22.24 40.09 -18.30
C GLY E 418 22.55 41.20 -17.31
N CYS E 419 23.02 40.84 -16.11
CA CYS E 419 23.36 41.85 -15.12
C CYS E 419 24.33 42.87 -15.70
N VAL E 420 24.01 44.15 -15.51
CA VAL E 420 24.72 45.26 -16.13
C VAL E 420 25.17 46.22 -15.04
N ILE E 421 26.41 46.69 -15.14
CA ILE E 421 26.96 47.59 -14.13
C ILE E 421 27.92 48.56 -14.81
N ALA E 422 27.81 49.83 -14.45
CA ALA E 422 28.63 50.89 -15.01
C ALA E 422 29.37 51.61 -13.88
N TRP E 423 30.07 52.67 -14.23
CA TRP E 423 30.79 53.47 -13.24
C TRP E 423 31.13 54.82 -13.83
N ASN E 424 31.44 55.76 -12.94
CA ASN E 424 31.87 57.08 -13.36
C ASN E 424 33.22 56.99 -14.06
N SER E 425 33.40 57.82 -15.10
CA SER E 425 34.65 57.86 -15.87
C SER E 425 34.91 59.31 -16.24
N ASN E 426 35.74 59.97 -15.43
CA ASN E 426 36.06 61.38 -15.64
C ASN E 426 37.46 61.59 -16.23
N ASN E 427 38.37 60.64 -16.04
CA ASN E 427 39.71 60.71 -16.59
C ASN E 427 39.87 59.93 -17.89
N LEU E 428 39.46 58.66 -17.90
CA LEU E 428 39.46 57.90 -19.14
C LEU E 428 38.48 58.49 -20.15
N ASP E 429 37.28 58.85 -19.69
CA ASP E 429 36.28 59.49 -20.52
C ASP E 429 36.25 60.99 -20.21
N SER E 430 35.53 61.73 -21.06
CA SER E 430 35.44 63.18 -20.96
C SER E 430 36.83 63.81 -20.95
N LYS E 431 37.70 63.31 -21.83
CA LYS E 431 39.08 63.76 -21.89
C LYS E 431 39.17 65.18 -22.43
N VAL E 432 40.36 65.77 -22.29
CA VAL E 432 40.59 67.11 -22.80
C VAL E 432 40.50 67.10 -24.33
N GLY E 433 39.85 68.13 -24.88
CA GLY E 433 39.70 68.23 -26.32
C GLY E 433 38.61 67.33 -26.86
N GLY E 434 38.74 66.02 -26.64
CA GLY E 434 37.76 65.07 -27.12
C GLY E 434 38.34 64.04 -28.08
N ASN E 435 38.33 62.78 -27.65
CA ASN E 435 38.82 61.68 -28.49
C ASN E 435 37.67 61.23 -29.39
N TYR E 436 37.55 61.89 -30.53
CA TYR E 436 36.45 61.66 -31.46
C TYR E 436 36.56 60.32 -32.19
N ASN E 437 37.52 59.45 -31.84
CA ASN E 437 37.63 58.16 -32.51
C ASN E 437 36.40 57.30 -32.25
N TYR E 438 35.86 57.34 -31.04
CA TYR E 438 34.65 56.59 -30.72
C TYR E 438 33.48 57.09 -31.54
N LEU E 439 32.57 56.18 -31.88
CA LEU E 439 31.44 56.47 -32.75
C LEU E 439 30.18 55.88 -32.17
N TYR E 440 29.05 56.55 -32.44
CA TYR E 440 27.73 56.01 -32.11
C TYR E 440 26.86 56.09 -33.35
N ARG E 441 25.84 55.22 -33.39
CA ARG E 441 25.10 54.99 -34.62
C ARG E 441 24.39 56.26 -35.10
N LEU E 442 24.37 56.43 -36.42
CA LEU E 442 23.68 57.57 -37.03
C LEU E 442 22.17 57.34 -37.09
N PHE E 443 21.75 56.32 -37.83
CA PHE E 443 20.33 56.01 -37.97
C PHE E 443 20.00 54.53 -37.81
N ARG E 444 20.98 53.62 -37.89
CA ARG E 444 20.77 52.19 -37.78
C ARG E 444 19.80 51.69 -38.86
N LYS E 445 20.26 51.80 -40.11
CA LYS E 445 19.52 51.21 -41.21
C LYS E 445 19.57 49.69 -41.20
N SER E 446 20.26 49.08 -40.24
CA SER E 446 20.33 47.63 -40.16
C SER E 446 19.01 47.02 -39.71
N ASN E 447 18.20 47.77 -38.96
CA ASN E 447 16.91 47.31 -38.45
C ASN E 447 17.07 46.02 -37.64
N LEU E 448 17.75 46.18 -36.51
CA LEU E 448 18.15 45.05 -35.70
C LEU E 448 16.94 44.31 -35.11
N LYS E 449 17.25 43.18 -34.49
CA LYS E 449 16.32 42.31 -33.79
C LYS E 449 16.94 41.96 -32.45
N PRO E 450 16.13 41.56 -31.46
CA PRO E 450 16.70 40.99 -30.22
C PRO E 450 17.84 40.02 -30.48
N PHE E 451 18.99 40.26 -29.83
CA PHE E 451 20.20 39.46 -29.99
C PHE E 451 20.67 39.47 -31.44
N GLU E 452 21.05 40.65 -31.90
CA GLU E 452 21.58 40.83 -33.24
C GLU E 452 22.73 41.83 -33.23
N ARG E 453 23.49 41.83 -34.32
CA ARG E 453 24.66 42.68 -34.49
C ARG E 453 24.41 43.69 -35.60
N ASP E 454 24.62 44.97 -35.30
CA ASP E 454 24.50 46.04 -36.29
C ASP E 454 25.91 46.38 -36.76
N ILE E 455 26.25 45.94 -37.96
CA ILE E 455 27.57 46.17 -38.56
C ILE E 455 27.34 46.80 -39.93
N SER E 456 27.33 48.12 -39.97
CA SER E 456 27.03 48.88 -41.18
C SER E 456 28.31 49.57 -41.63
N THR E 457 29.12 48.87 -42.40
CA THR E 457 30.35 49.43 -42.97
C THR E 457 30.10 50.00 -44.36
N GLU E 458 29.09 50.85 -44.47
CA GLU E 458 28.74 51.52 -45.72
C GLU E 458 27.83 52.70 -45.39
N ILE E 459 27.25 53.31 -46.42
CA ILE E 459 26.51 54.55 -46.28
C ILE E 459 25.16 54.44 -46.96
N TYR E 460 24.24 55.32 -46.55
CA TYR E 460 22.86 55.30 -46.97
C TYR E 460 22.70 55.89 -48.38
N GLN E 461 21.62 55.50 -49.04
CA GLN E 461 21.16 56.14 -50.27
C GLN E 461 19.64 56.10 -50.24
N ALA E 462 18.99 57.27 -50.34
CA ALA E 462 17.57 57.31 -50.03
C ALA E 462 16.72 56.69 -51.14
N GLY E 463 16.63 57.34 -52.29
CA GLY E 463 16.01 56.68 -53.43
C GLY E 463 16.64 56.95 -54.79
N SER E 464 17.45 58.00 -54.89
CA SER E 464 17.89 58.48 -56.20
C SER E 464 19.39 58.53 -56.36
N THR E 465 20.11 59.12 -55.41
CA THR E 465 21.50 59.52 -55.63
C THR E 465 22.45 58.45 -55.14
N PRO E 466 23.17 57.76 -56.02
CA PRO E 466 24.27 56.90 -55.55
C PRO E 466 25.38 57.74 -54.96
N CYS E 467 26.07 57.16 -53.99
CA CYS E 467 27.09 57.88 -53.24
C CYS E 467 28.37 57.07 -53.18
N ASN E 468 28.71 56.41 -54.29
CA ASN E 468 29.91 55.58 -54.40
C ASN E 468 31.09 56.49 -54.73
N GLY E 469 31.64 57.13 -53.68
CA GLY E 469 32.74 58.04 -53.87
C GLY E 469 32.35 59.39 -54.41
N VAL E 470 31.06 59.73 -54.38
CA VAL E 470 30.55 61.00 -54.89
C VAL E 470 29.81 61.70 -53.76
N GLU E 471 29.99 63.02 -53.67
CA GLU E 471 29.30 63.81 -52.64
C GLU E 471 27.82 63.82 -52.97
N GLY E 472 27.04 62.99 -52.28
CA GLY E 472 25.62 62.87 -52.50
C GLY E 472 24.84 63.67 -51.48
N PHE E 473 23.85 64.41 -51.97
CA PHE E 473 23.05 65.25 -51.07
C PHE E 473 22.15 64.42 -50.17
N ASN E 474 21.72 63.25 -50.63
CA ASN E 474 20.81 62.39 -49.87
C ASN E 474 21.48 61.11 -49.38
N CYS E 475 22.79 60.96 -49.58
CA CYS E 475 23.46 59.72 -49.20
C CYS E 475 23.94 59.72 -47.75
N TYR E 476 23.81 60.84 -47.05
CA TYR E 476 24.20 60.95 -45.63
C TYR E 476 25.68 60.62 -45.51
N PHE E 477 26.10 60.11 -44.35
CA PHE E 477 27.51 59.87 -44.07
C PHE E 477 27.61 58.82 -42.98
N PRO E 478 28.81 58.25 -42.75
CA PRO E 478 28.95 57.21 -41.71
C PRO E 478 28.75 57.74 -40.30
N LEU E 479 28.99 56.87 -39.32
CA LEU E 479 28.70 57.19 -37.92
C LEU E 479 29.41 58.45 -37.47
N GLN E 480 28.68 59.28 -36.72
CA GLN E 480 29.25 60.51 -36.17
C GLN E 480 30.22 60.18 -35.03
N SER E 481 31.13 61.12 -34.77
CA SER E 481 32.17 60.93 -33.78
C SER E 481 31.61 61.10 -32.37
N TYR E 482 32.51 61.05 -31.38
CA TYR E 482 32.14 61.10 -29.97
C TYR E 482 32.70 62.36 -29.34
N GLY E 483 31.82 63.18 -28.78
CA GLY E 483 32.20 64.44 -28.17
C GLY E 483 32.67 64.34 -26.73
N PHE E 484 33.91 63.90 -26.52
CA PHE E 484 34.48 63.80 -25.17
C PHE E 484 34.77 65.20 -24.65
N GLN E 485 33.71 65.86 -24.18
CA GLN E 485 33.87 67.20 -23.63
C GLN E 485 34.71 67.16 -22.36
N PRO E 486 35.56 68.16 -22.12
CA PRO E 486 36.49 68.09 -20.97
C PRO E 486 35.79 67.95 -19.63
N THR E 487 34.93 68.92 -19.29
CA THR E 487 34.24 68.95 -18.01
C THR E 487 32.85 69.53 -18.23
N ASN E 488 31.84 68.66 -18.26
CA ASN E 488 30.47 69.09 -18.48
C ASN E 488 29.54 68.18 -17.69
N GLY E 489 28.25 68.28 -17.95
CA GLY E 489 27.25 67.52 -17.22
C GLY E 489 27.11 66.11 -17.74
N VAL E 490 26.08 65.42 -17.25
CA VAL E 490 25.85 64.03 -17.61
C VAL E 490 25.59 63.88 -19.10
N GLY E 491 25.09 64.93 -19.75
CA GLY E 491 24.93 64.91 -21.20
C GLY E 491 26.25 64.84 -21.94
N TYR E 492 27.35 65.24 -21.30
CA TYR E 492 28.68 65.15 -21.90
C TYR E 492 29.66 64.43 -20.97
N GLN E 493 29.16 63.58 -20.06
CA GLN E 493 30.01 62.82 -19.15
C GLN E 493 29.89 61.35 -19.49
N PRO E 494 30.80 60.79 -20.27
CA PRO E 494 30.68 59.39 -20.67
C PRO E 494 30.91 58.43 -19.51
N TYR E 495 30.26 57.27 -19.59
CA TYR E 495 30.37 56.22 -18.60
C TYR E 495 30.77 54.93 -19.29
N ARG E 496 31.54 54.10 -18.58
CA ARG E 496 31.96 52.79 -19.07
C ARG E 496 31.13 51.72 -18.38
N VAL E 497 30.51 50.85 -19.17
CA VAL E 497 29.54 49.88 -18.66
C VAL E 497 29.93 48.48 -19.13
N VAL E 498 29.57 47.49 -18.33
CA VAL E 498 29.88 46.09 -18.62
C VAL E 498 28.67 45.23 -18.25
N VAL E 499 28.37 44.23 -19.08
CA VAL E 499 27.24 43.35 -18.89
C VAL E 499 27.72 41.91 -18.79
N LEU E 500 27.16 41.17 -17.84
CA LEU E 500 27.48 39.75 -17.66
C LEU E 500 26.22 38.95 -17.92
N SER E 501 26.21 38.20 -19.03
CA SER E 501 25.06 37.40 -19.43
C SER E 501 25.23 35.95 -19.00
N PHE E 502 24.10 35.25 -18.92
CA PHE E 502 24.08 33.86 -18.49
C PHE E 502 23.19 33.05 -19.42
N GLU E 503 23.54 31.79 -19.59
CA GLU E 503 22.76 30.87 -20.41
C GLU E 503 23.07 29.44 -19.97
N LEU E 504 22.02 28.63 -19.81
CA LEU E 504 22.20 27.25 -19.36
C LEU E 504 22.25 26.26 -20.51
N LEU E 505 21.29 26.32 -21.43
CA LEU E 505 21.24 25.46 -22.61
C LEU E 505 21.16 24.01 -22.11
N HIS E 506 22.02 23.11 -22.57
CA HIS E 506 22.04 21.73 -22.08
C HIS E 506 23.48 21.24 -22.21
N ALA E 507 24.21 21.29 -21.10
CA ALA E 507 25.64 21.03 -21.12
C ALA E 507 26.06 20.54 -19.75
N PRO E 508 27.28 20.01 -19.61
CA PRO E 508 27.76 19.60 -18.28
C PRO E 508 27.80 20.74 -17.27
N ALA E 509 27.82 22.00 -17.70
CA ALA E 509 27.70 23.16 -16.83
C ALA E 509 28.84 23.19 -15.80
N THR E 510 30.04 23.41 -16.32
CA THR E 510 31.25 23.46 -15.50
C THR E 510 31.70 24.91 -15.26
N VAL E 511 30.76 25.82 -15.08
CA VAL E 511 31.04 27.20 -14.68
C VAL E 511 30.29 27.42 -13.38
N CYS E 512 30.95 27.14 -12.26
CA CYS E 512 30.33 27.12 -10.95
C CYS E 512 30.80 28.33 -10.12
N GLY E 513 30.39 28.36 -8.86
CA GLY E 513 30.76 29.42 -7.95
C GLY E 513 31.64 28.92 -6.82
N PRO E 514 32.26 29.85 -6.09
CA PRO E 514 33.16 29.45 -5.01
C PRO E 514 32.40 28.81 -3.86
N LYS E 515 33.10 27.96 -3.11
CA LYS E 515 32.53 27.24 -1.99
C LYS E 515 33.43 27.38 -0.77
N LYS E 516 32.81 27.34 0.41
CA LYS E 516 33.52 27.52 1.66
C LYS E 516 34.14 26.20 2.11
N SER E 517 34.86 26.26 3.24
CA SER E 517 35.50 25.06 3.80
C SER E 517 35.80 25.33 5.27
N THR E 518 35.14 24.58 6.15
CA THR E 518 35.36 24.72 7.58
C THR E 518 36.41 23.71 8.05
N ASN E 519 37.03 24.03 9.18
CA ASN E 519 38.07 23.16 9.73
C ASN E 519 37.46 21.84 10.21
N LEU E 520 38.27 20.80 10.19
CA LEU E 520 37.82 19.47 10.57
C LEU E 520 38.00 19.24 12.06
N VAL E 521 37.28 18.25 12.57
CA VAL E 521 37.39 17.82 13.96
C VAL E 521 37.56 16.31 13.98
N LYS E 522 38.14 15.81 15.08
CA LYS E 522 38.46 14.40 15.20
C LYS E 522 38.03 13.88 16.57
N ASN E 523 37.77 12.59 16.63
CA ASN E 523 37.41 11.89 17.87
C ASN E 523 36.16 12.49 18.51
N LYS E 524 35.22 12.94 17.66
CA LYS E 524 33.98 13.52 18.14
C LYS E 524 32.86 13.12 17.20
N CYS E 525 31.73 12.66 17.77
CA CYS E 525 30.57 12.30 16.97
C CYS E 525 30.00 13.56 16.36
N VAL E 526 30.27 13.78 15.07
CA VAL E 526 29.91 15.02 14.39
C VAL E 526 29.25 14.69 13.06
N ASN E 527 28.59 15.70 12.51
CA ASN E 527 27.96 15.60 11.20
C ASN E 527 28.98 16.02 10.15
N PHE E 528 29.22 15.15 9.17
CA PHE E 528 30.17 15.42 8.10
C PHE E 528 29.44 15.55 6.77
N ASN E 529 29.91 16.49 5.95
CA ASN E 529 29.33 16.83 4.66
C ASN E 529 30.43 16.89 3.60
N PHE E 530 31.24 15.84 3.53
CA PHE E 530 32.25 15.74 2.48
C PHE E 530 31.58 15.75 1.11
N ASN E 531 32.40 15.82 0.07
CA ASN E 531 31.89 15.92 -1.30
C ASN E 531 30.89 14.81 -1.59
N GLY E 532 29.63 15.17 -1.77
CA GLY E 532 28.57 14.19 -1.97
C GLY E 532 28.11 13.46 -0.73
N LEU E 533 29.05 12.98 0.09
CA LEU E 533 28.71 12.21 1.27
C LEU E 533 28.17 13.11 2.38
N THR E 534 27.02 12.75 2.91
CA THR E 534 26.43 13.45 4.05
C THR E 534 26.07 12.40 5.09
N GLY E 535 26.56 12.59 6.32
CA GLY E 535 26.27 11.61 7.36
C GLY E 535 26.70 12.09 8.71
N THR E 536 26.63 11.18 9.67
CA THR E 536 27.06 11.45 11.05
C THR E 536 27.99 10.33 11.51
N GLY E 537 29.00 10.70 12.28
CA GLY E 537 29.92 9.70 12.78
C GLY E 537 31.15 10.35 13.39
N VAL E 538 32.08 9.49 13.79
CA VAL E 538 33.33 9.89 14.42
C VAL E 538 34.44 9.68 13.40
N LEU E 539 35.17 10.74 13.09
CA LEU E 539 36.25 10.69 12.12
C LEU E 539 37.58 10.61 12.84
N THR E 540 38.36 9.58 12.55
CA THR E 540 39.68 9.38 13.13
C THR E 540 40.68 9.05 12.02
N GLU E 541 41.92 8.78 12.43
CA GLU E 541 42.99 8.46 11.50
C GLU E 541 43.08 6.96 11.30
N SER E 542 43.20 6.54 10.05
CA SER E 542 43.32 5.13 9.70
C SER E 542 44.71 4.86 9.12
N ASN E 543 44.92 3.62 8.69
CA ASN E 543 46.20 3.20 8.13
C ASN E 543 46.04 2.47 6.81
N LYS E 544 44.85 2.47 6.22
CA LYS E 544 44.64 1.83 4.93
C LYS E 544 45.36 2.62 3.83
N LYS E 545 45.88 1.90 2.84
CA LYS E 545 46.61 2.49 1.73
C LYS E 545 45.68 2.59 0.52
N PHE E 546 45.39 3.81 0.11
CA PHE E 546 44.50 4.05 -1.03
C PHE E 546 45.29 4.14 -2.32
N LEU E 547 44.61 3.87 -3.43
CA LEU E 547 45.17 4.09 -4.74
C LEU E 547 45.22 5.59 -5.03
N PRO E 548 46.14 6.03 -5.89
CA PRO E 548 46.32 7.47 -6.12
C PRO E 548 45.11 8.17 -6.73
N PHE E 549 44.07 7.44 -7.12
CA PHE E 549 42.88 8.06 -7.71
C PHE E 549 41.58 7.76 -6.98
N GLN E 550 41.53 6.71 -6.16
CA GLN E 550 40.31 6.39 -5.43
C GLN E 550 40.05 7.44 -4.36
N GLN E 551 38.77 7.64 -4.04
CA GLN E 551 38.38 8.67 -3.08
C GLN E 551 37.52 8.11 -1.97
N PHE E 552 36.63 7.16 -2.29
CA PHE E 552 35.70 6.63 -1.31
C PHE E 552 36.28 5.41 -0.61
N GLY E 553 35.50 4.84 0.29
CA GLY E 553 35.88 3.60 0.95
C GLY E 553 34.66 2.81 1.37
N ARG E 554 34.58 1.54 0.97
CA ARG E 554 33.42 0.71 1.26
C ARG E 554 33.89 -0.60 1.90
N ASP E 555 32.92 -1.46 2.19
CA ASP E 555 33.19 -2.75 2.82
C ASP E 555 32.27 -3.78 2.19
N ILE E 556 32.16 -4.95 2.85
CA ILE E 556 31.30 -6.01 2.34
C ILE E 556 29.83 -5.57 2.38
N ALA E 557 29.46 -4.80 3.39
CA ALA E 557 28.09 -4.34 3.54
C ALA E 557 27.75 -3.17 2.64
N ASP E 558 28.69 -2.70 1.81
CA ASP E 558 28.48 -1.59 0.90
C ASP E 558 28.05 -0.32 1.64
N THR E 559 28.67 -0.07 2.78
CA THR E 559 28.45 1.14 3.56
C THR E 559 29.76 1.90 3.65
N THR E 560 29.69 3.21 3.40
CA THR E 560 30.91 4.02 3.40
C THR E 560 31.53 4.03 4.79
N ASP E 561 32.85 3.79 4.84
CA ASP E 561 33.56 3.76 6.11
C ASP E 561 34.94 4.40 6.06
N ALA E 562 35.34 4.98 4.92
CA ALA E 562 36.63 5.65 4.82
C ALA E 562 36.53 6.73 3.76
N VAL E 563 36.99 7.93 4.09
CA VAL E 563 36.90 9.08 3.21
C VAL E 563 38.29 9.69 3.06
N ARG E 564 38.67 10.00 1.83
CA ARG E 564 39.93 10.66 1.55
C ARG E 564 39.75 12.17 1.68
N ASP E 565 40.68 12.82 2.37
CA ASP E 565 40.60 14.26 2.56
C ASP E 565 40.78 14.98 1.22
N PRO E 566 39.82 15.79 0.79
CA PRO E 566 40.00 16.51 -0.48
C PRO E 566 41.06 17.60 -0.42
N GLN E 567 41.49 18.01 0.76
CA GLN E 567 42.50 19.07 0.90
C GLN E 567 43.90 18.50 1.06
N THR E 568 44.14 17.70 2.10
CA THR E 568 45.46 17.20 2.41
C THR E 568 45.70 15.77 1.96
N LEU E 569 44.71 15.14 1.33
CA LEU E 569 44.82 13.77 0.82
C LEU E 569 45.21 12.80 1.95
N GLU E 570 44.30 12.68 2.91
CA GLU E 570 44.50 11.84 4.08
C GLU E 570 43.27 10.95 4.24
N ILE E 571 43.49 9.71 4.65
CA ILE E 571 42.43 8.69 4.69
C ILE E 571 41.87 8.63 6.10
N LEU E 572 40.57 8.91 6.23
CA LEU E 572 39.91 8.97 7.51
C LEU E 572 39.11 7.68 7.76
N ASP E 573 38.35 7.66 8.85
CA ASP E 573 37.50 6.52 9.19
C ASP E 573 36.15 7.03 9.63
N ILE E 574 35.14 6.17 9.50
CA ILE E 574 33.77 6.49 9.87
C ILE E 574 33.26 5.40 10.79
N THR E 575 32.61 5.79 11.88
CA THR E 575 32.09 4.85 12.85
C THR E 575 30.90 5.48 13.57
N PRO E 576 29.77 4.77 13.67
CA PRO E 576 28.63 5.30 14.42
C PRO E 576 29.01 5.54 15.89
N CYS E 577 28.38 6.54 16.48
CA CYS E 577 28.80 7.06 17.79
C CYS E 577 27.89 6.52 18.90
N SER E 578 28.19 5.29 19.32
CA SER E 578 27.79 4.76 20.62
C SER E 578 26.27 4.79 20.83
N PHE E 579 25.58 3.98 20.02
CA PHE E 579 24.17 3.71 20.24
C PHE E 579 24.02 2.40 21.00
N GLY E 580 23.01 2.33 21.84
CA GLY E 580 22.81 1.13 22.63
C GLY E 580 21.47 1.11 23.33
N GLY E 581 21.28 0.11 24.18
CA GLY E 581 20.07 -0.03 24.96
C GLY E 581 20.37 0.03 26.44
N VAL E 582 19.46 0.63 27.20
CA VAL E 582 19.62 0.81 28.64
C VAL E 582 18.66 -0.13 29.35
N SER E 583 19.16 -0.80 30.39
CA SER E 583 18.36 -1.73 31.17
C SER E 583 18.70 -1.56 32.64
N VAL E 584 17.70 -1.78 33.49
CA VAL E 584 17.85 -1.60 34.92
C VAL E 584 17.87 -2.96 35.60
N ILE E 585 18.40 -2.99 36.82
CA ILE E 585 18.48 -4.19 37.63
C ILE E 585 17.88 -3.87 38.98
N THR E 586 16.88 -4.66 39.39
CA THR E 586 16.22 -4.45 40.67
C THR E 586 16.13 -5.76 41.44
N PRO E 587 16.24 -5.72 42.76
CA PRO E 587 16.10 -6.93 43.58
C PRO E 587 14.68 -7.23 44.03
N GLY E 588 13.67 -6.60 43.44
CA GLY E 588 12.31 -6.76 43.89
C GLY E 588 11.87 -5.60 44.76
N THR E 589 10.78 -4.93 44.35
CA THR E 589 10.36 -3.74 45.07
C THR E 589 9.87 -4.03 46.48
N ASN E 590 9.57 -5.30 46.79
CA ASN E 590 9.11 -5.62 48.14
C ASN E 590 10.23 -5.51 49.16
N THR E 591 11.44 -5.94 48.78
CA THR E 591 12.55 -5.95 49.74
C THR E 591 13.14 -4.56 49.93
N SER E 592 13.41 -3.86 48.83
CA SER E 592 14.05 -2.55 48.90
C SER E 592 13.66 -1.75 47.67
N ASN E 593 14.20 -0.53 47.59
CA ASN E 593 13.90 0.40 46.51
C ASN E 593 15.19 0.97 45.93
N GLN E 594 16.17 0.10 45.69
CA GLN E 594 17.41 0.49 45.05
C GLN E 594 17.54 -0.23 43.71
N VAL E 595 18.17 0.44 42.74
CA VAL E 595 18.34 -0.11 41.41
C VAL E 595 19.75 0.16 40.93
N ALA E 596 20.16 -0.60 39.92
CA ALA E 596 21.43 -0.40 39.22
C ALA E 596 21.14 -0.37 37.73
N VAL E 597 21.87 0.48 37.01
CA VAL E 597 21.61 0.73 35.59
C VAL E 597 22.73 0.12 34.77
N LEU E 598 22.38 -0.69 33.79
CA LEU E 598 23.35 -1.33 32.91
C LEU E 598 23.28 -0.70 31.54
N TYR E 599 24.41 -0.14 31.09
CA TYR E 599 24.51 0.46 29.76
C TYR E 599 25.24 -0.53 28.86
N GLN E 600 24.60 -0.88 27.74
CA GLN E 600 25.09 -1.96 26.89
C GLN E 600 26.06 -1.43 25.84
N ASP E 601 27.18 -2.16 25.68
CA ASP E 601 28.11 -1.96 24.57
C ASP E 601 28.65 -0.52 24.52
N VAL E 602 28.92 0.04 25.70
CA VAL E 602 29.40 1.42 25.76
C VAL E 602 30.58 1.54 26.73
N ASN E 603 31.71 2.04 26.23
CA ASN E 603 32.72 2.61 27.10
C ASN E 603 32.09 3.73 27.91
N CYS E 604 31.97 3.53 29.23
CA CYS E 604 31.18 4.43 30.06
C CYS E 604 32.04 5.44 30.81
N THR E 605 33.11 5.88 30.16
CA THR E 605 33.70 7.17 30.47
C THR E 605 32.96 8.30 29.75
N GLU E 606 31.98 7.96 28.92
CA GLU E 606 31.26 8.94 28.11
C GLU E 606 29.74 8.85 28.25
N VAL E 607 29.23 8.15 29.28
CA VAL E 607 27.78 8.11 29.48
C VAL E 607 27.19 9.48 29.78
N PRO E 608 27.73 10.30 30.71
CA PRO E 608 27.05 11.55 31.04
C PRO E 608 27.12 12.57 29.91
N VAL E 609 26.53 12.23 28.77
CA VAL E 609 26.42 13.16 27.64
C VAL E 609 25.00 13.34 27.15
N ALA E 610 24.08 12.41 27.41
CA ALA E 610 22.70 12.54 26.97
C ALA E 610 21.90 13.42 27.91
N TRP E 620 17.95 10.78 40.31
CA TRP E 620 17.66 10.76 38.89
C TRP E 620 18.89 11.12 38.08
N ARG E 621 19.93 11.60 38.77
CA ARG E 621 21.21 11.90 38.16
C ARG E 621 22.36 11.09 38.73
N VAL E 622 22.24 10.58 39.96
CA VAL E 622 23.31 9.79 40.56
C VAL E 622 23.59 8.54 39.74
N TYR E 623 22.58 8.03 39.04
CA TYR E 623 22.73 6.84 38.21
C TYR E 623 23.32 7.14 36.84
N SER E 624 23.93 8.31 36.66
CA SER E 624 24.60 8.66 35.42
C SER E 624 26.11 8.69 35.54
N THR E 625 26.64 9.02 36.71
CA THR E 625 28.08 9.06 36.95
C THR E 625 28.31 9.04 38.45
N GLY E 626 29.58 9.17 38.84
CA GLY E 626 29.92 9.25 40.24
C GLY E 626 29.79 7.90 40.94
N SER E 627 29.86 7.97 42.27
CA SER E 627 29.82 6.80 43.13
C SER E 627 30.88 5.78 42.72
N ASN E 628 30.45 4.56 42.41
CA ASN E 628 31.32 3.52 41.90
C ASN E 628 30.77 3.01 40.58
N VAL E 629 31.63 2.94 39.57
CA VAL E 629 31.24 2.52 38.23
C VAL E 629 32.05 1.29 37.85
N PHE E 630 31.37 0.30 37.30
CA PHE E 630 32.02 -0.92 36.87
C PHE E 630 31.99 -1.02 35.34
N GLN E 631 34.17 -2.68 34.05
CA GLN E 631 33.78 -2.81 32.65
C GLN E 631 33.53 -4.27 32.31
N THR E 632 32.29 -4.60 31.97
CA THR E 632 31.90 -5.95 31.62
C THR E 632 31.86 -6.12 30.09
N ARG E 633 31.73 -7.36 29.66
CA ARG E 633 31.65 -7.64 28.22
C ARG E 633 30.36 -7.10 27.63
N ALA E 634 29.26 -7.17 28.38
CA ALA E 634 27.96 -6.74 27.88
C ALA E 634 27.74 -5.24 28.01
N GLY E 635 28.71 -4.50 28.55
CA GLY E 635 28.56 -3.10 28.81
C GLY E 635 29.15 -2.76 30.16
N CYS E 636 28.59 -1.79 30.87
CA CYS E 636 29.03 -1.56 32.24
C CYS E 636 27.83 -1.22 33.12
N LEU E 637 28.00 -1.48 34.41
CA LEU E 637 26.93 -1.38 35.40
C LEU E 637 27.27 -0.26 36.38
N ILE E 638 26.27 0.58 36.67
CA ILE E 638 26.41 1.69 37.60
C ILE E 638 25.44 1.47 38.75
N GLY E 639 25.95 1.60 39.97
CA GLY E 639 25.14 1.40 41.16
C GLY E 639 25.42 0.12 41.92
N ALA E 640 26.42 -0.66 41.51
CA ALA E 640 26.78 -1.89 42.19
C ALA E 640 28.29 -1.97 42.38
N GLU E 641 28.71 -2.71 43.39
CA GLU E 641 30.11 -2.88 43.72
C GLU E 641 30.57 -4.28 43.33
N HIS E 642 31.79 -4.36 42.80
CA HIS E 642 32.34 -5.62 42.29
C HIS E 642 33.17 -6.28 43.39
N VAL E 643 32.62 -7.33 44.00
CA VAL E 643 33.32 -8.05 45.06
C VAL E 643 34.31 -9.02 44.43
N ASN E 644 35.20 -9.57 45.25
CA ASN E 644 36.23 -10.49 44.79
C ASN E 644 35.89 -11.95 45.06
N ASN E 645 34.67 -12.24 45.50
CA ASN E 645 34.27 -13.60 45.82
C ASN E 645 33.43 -14.20 44.70
N SER E 646 32.91 -15.40 44.94
CA SER E 646 32.06 -16.11 44.00
C SER E 646 30.89 -16.73 44.74
N TYR E 647 29.69 -16.58 44.19
CA TYR E 647 28.48 -17.10 44.80
C TYR E 647 27.60 -17.72 43.72
N GLU E 648 26.52 -18.36 44.16
CA GLU E 648 25.55 -18.90 43.23
C GLU E 648 24.90 -17.77 42.44
N CYS E 649 24.55 -18.06 41.19
CA CYS E 649 24.07 -17.01 40.31
C CYS E 649 22.68 -16.52 40.73
N ASP E 650 22.32 -15.37 40.18
CA ASP E 650 21.11 -14.63 40.49
C ASP E 650 20.71 -13.89 39.21
N ILE E 651 19.98 -12.79 39.36
CA ILE E 651 19.63 -11.93 38.23
C ILE E 651 20.83 -11.82 37.30
N PRO E 652 20.75 -12.35 36.09
CA PRO E 652 21.93 -12.45 35.24
C PRO E 652 22.24 -11.14 34.53
N ILE E 653 23.46 -11.07 34.01
CA ILE E 653 23.91 -9.91 33.25
C ILE E 653 24.45 -10.37 31.91
N GLY E 654 25.37 -11.31 31.94
CA GLY E 654 25.99 -11.83 30.73
C GLY E 654 27.48 -12.01 30.94
N ALA E 655 28.08 -12.84 30.07
CA ALA E 655 29.50 -13.16 30.14
C ALA E 655 29.88 -13.70 31.51
N GLY E 656 29.01 -14.51 32.10
CA GLY E 656 29.27 -15.10 33.40
C GLY E 656 29.32 -14.12 34.54
N ILE E 657 28.40 -13.15 34.57
CA ILE E 657 28.30 -12.18 35.66
C ILE E 657 26.86 -12.17 36.15
N CYS E 658 26.67 -12.40 37.44
CA CYS E 658 25.34 -12.32 38.05
C CYS E 658 25.40 -11.36 39.23
N ALA E 659 24.38 -10.51 39.33
CA ALA E 659 24.28 -9.50 40.38
C ALA E 659 23.17 -9.91 41.34
N SER E 660 23.46 -9.83 42.64
CA SER E 660 22.53 -10.23 43.68
C SER E 660 22.51 -9.20 44.79
N TYR E 661 21.38 -9.15 45.52
CA TYR E 661 21.25 -8.24 46.64
C TYR E 661 22.27 -8.57 47.72
N GLN E 662 22.09 -9.72 48.38
CA GLN E 662 23.08 -10.40 49.20
C GLN E 662 24.02 -9.44 49.96
N THR E 663 23.46 -8.54 50.75
CA THR E 663 24.26 -7.53 51.42
C THR E 663 23.91 -7.47 52.90
N GLN E 664 23.87 -8.64 53.53
CA GLN E 664 23.75 -8.71 54.99
C GLN E 664 25.12 -8.69 55.66
N THR E 665 25.92 -7.69 55.28
CA THR E 665 27.29 -7.58 55.76
C THR E 665 27.83 -6.16 55.60
N SER E 673 30.76 -1.30 61.42
CA SER E 673 30.54 -1.88 60.11
C SER E 673 29.08 -2.29 59.93
N VAL E 674 28.25 -1.35 59.49
CA VAL E 674 26.83 -1.58 59.27
C VAL E 674 26.66 -2.46 58.05
N ALA E 675 25.54 -3.17 57.95
CA ALA E 675 25.31 -4.07 56.82
C ALA E 675 25.33 -3.30 55.50
N SER E 676 24.71 -2.12 55.47
CA SER E 676 24.73 -1.23 54.31
C SER E 676 24.22 -1.96 53.06
N GLN E 677 22.94 -2.33 53.10
CA GLN E 677 22.33 -3.10 52.04
C GLN E 677 22.51 -2.42 50.69
N SER E 678 23.11 -3.14 49.75
CA SER E 678 23.40 -2.61 48.43
C SER E 678 23.53 -3.76 47.44
N ILE E 679 23.42 -3.42 46.16
CA ILE E 679 23.53 -4.42 45.11
C ILE E 679 25.00 -4.67 44.80
N ILE E 680 25.36 -5.95 44.66
CA ILE E 680 26.73 -6.33 44.39
C ILE E 680 26.77 -7.15 43.11
N ALA E 681 27.96 -7.23 42.52
CA ALA E 681 28.20 -8.00 41.31
C ALA E 681 29.37 -8.95 41.54
N TYR E 682 29.27 -10.15 40.97
CA TYR E 682 30.26 -11.18 41.21
C TYR E 682 30.27 -12.14 40.03
N THR E 683 31.31 -12.98 39.99
CA THR E 683 31.46 -13.96 38.93
C THR E 683 30.71 -15.25 39.26
N MET E 684 30.69 -16.17 38.31
CA MET E 684 29.96 -17.41 38.44
C MET E 684 30.61 -18.33 39.47
N SER E 685 29.82 -19.29 39.97
CA SER E 685 30.31 -20.37 40.82
C SER E 685 29.66 -21.65 40.34
N LEU E 686 30.44 -22.51 39.69
CA LEU E 686 29.91 -23.73 39.07
C LEU E 686 29.80 -24.86 40.09
N GLY E 687 28.95 -24.64 41.10
CA GLY E 687 28.69 -25.64 42.10
C GLY E 687 29.81 -25.75 43.12
N ALA E 688 29.62 -26.72 44.03
CA ALA E 688 30.58 -26.96 45.08
C ALA E 688 31.66 -27.95 44.63
N GLU E 689 32.89 -27.71 45.06
CA GLU E 689 33.99 -28.59 44.69
C GLU E 689 33.86 -29.94 45.37
N ASN E 690 34.26 -30.99 44.66
CA ASN E 690 34.21 -32.35 45.21
C ASN E 690 35.31 -33.17 44.56
N SER E 691 35.68 -34.26 45.23
CA SER E 691 36.71 -35.16 44.71
C SER E 691 36.55 -36.51 45.40
N VAL E 692 36.37 -37.55 44.61
CA VAL E 692 36.20 -38.91 45.12
C VAL E 692 37.57 -39.55 45.26
N ALA E 693 37.76 -40.29 46.36
CA ALA E 693 39.01 -41.00 46.61
C ALA E 693 39.00 -42.29 45.80
N TYR E 694 39.56 -42.22 44.60
CA TYR E 694 39.57 -43.35 43.68
C TYR E 694 40.93 -44.03 43.71
N SER E 695 40.93 -45.32 44.01
CA SER E 695 42.11 -46.17 43.92
C SER E 695 41.80 -47.33 42.98
N ASN E 696 42.74 -48.26 42.87
CA ASN E 696 42.52 -49.44 42.04
C ASN E 696 41.96 -50.61 42.82
N ASN E 697 41.68 -50.45 44.11
CA ASN E 697 40.93 -51.44 44.88
C ASN E 697 40.17 -50.68 45.97
N SER E 698 38.93 -50.30 45.66
CA SER E 698 38.08 -49.58 46.60
C SER E 698 36.64 -49.55 46.11
N ILE E 699 35.70 -49.91 46.97
CA ILE E 699 34.29 -49.96 46.62
C ILE E 699 33.50 -49.24 47.72
N ALA E 700 32.57 -48.37 47.30
CA ALA E 700 31.65 -47.72 48.23
C ALA E 700 30.27 -48.34 48.04
N ILE E 701 29.71 -48.87 49.11
CA ILE E 701 28.44 -49.57 49.08
C ILE E 701 27.46 -48.84 49.99
N PRO E 702 26.28 -48.48 49.51
CA PRO E 702 25.28 -47.87 50.39
C PRO E 702 24.78 -48.87 51.42
N THR E 703 24.34 -48.34 52.57
CA THR E 703 23.80 -49.16 53.64
C THR E 703 22.38 -48.81 54.02
N ASN E 704 21.84 -47.70 53.53
CA ASN E 704 20.45 -47.33 53.78
C ASN E 704 19.87 -46.80 52.47
N PHE E 705 18.69 -46.21 52.54
CA PHE E 705 18.07 -45.62 51.36
C PHE E 705 17.10 -44.54 51.79
N THR E 706 16.46 -43.91 50.80
CA THR E 706 15.54 -42.81 51.07
C THR E 706 14.57 -42.70 49.91
N ILE E 707 13.29 -42.93 50.17
CA ILE E 707 12.27 -42.73 49.14
C ILE E 707 12.05 -41.24 48.93
N SER E 708 12.04 -40.82 47.67
CA SER E 708 11.89 -39.41 47.34
C SER E 708 10.73 -39.23 46.38
N VAL E 709 10.10 -38.06 46.43
CA VAL E 709 8.96 -37.73 45.57
C VAL E 709 9.24 -36.39 44.91
N THR E 710 9.14 -36.35 43.59
CA THR E 710 9.35 -35.13 42.82
C THR E 710 8.12 -34.83 41.98
N THR E 711 8.01 -33.58 41.54
CA THR E 711 6.87 -33.13 40.75
C THR E 711 7.32 -32.57 39.42
N GLU E 712 6.54 -32.80 38.38
CA GLU E 712 6.77 -32.23 37.06
C GLU E 712 5.44 -31.70 36.51
N ILE E 713 5.49 -30.54 35.88
CA ILE E 713 4.30 -29.87 35.35
C ILE E 713 4.46 -29.72 33.85
N LEU E 714 3.44 -30.15 33.11
CA LEU E 714 3.49 -30.12 31.65
C LEU E 714 2.22 -29.50 31.10
N PRO E 715 2.31 -28.42 30.32
CA PRO E 715 1.11 -27.89 29.66
C PRO E 715 0.64 -28.85 28.58
N VAL E 716 -0.67 -28.86 28.36
CA VAL E 716 -1.26 -29.78 27.39
C VAL E 716 -2.16 -29.10 26.37
N SER E 717 -2.71 -27.92 26.65
CA SER E 717 -3.65 -27.31 25.71
C SER E 717 -3.69 -25.81 25.95
N MET E 718 -4.23 -25.10 24.96
CA MET E 718 -4.43 -23.66 25.04
C MET E 718 -5.88 -23.36 24.70
N THR E 719 -6.37 -22.23 25.21
CA THR E 719 -7.78 -21.89 25.06
C THR E 719 -8.14 -21.70 23.60
N LYS E 720 -9.22 -22.34 23.17
CA LYS E 720 -9.69 -22.20 21.80
C LYS E 720 -10.26 -20.81 21.57
N THR E 721 -10.13 -20.33 20.34
CA THR E 721 -10.64 -19.01 20.00
C THR E 721 -10.90 -18.95 18.50
N SER E 722 -11.68 -17.95 18.09
CA SER E 722 -11.99 -17.73 16.69
C SER E 722 -12.37 -16.29 16.49
N VAL E 723 -12.05 -15.75 15.31
CA VAL E 723 -12.38 -14.39 14.94
C VAL E 723 -12.98 -14.39 13.54
N ASP E 724 -13.95 -13.50 13.33
CA ASP E 724 -14.55 -13.34 12.01
C ASP E 724 -13.76 -12.33 11.19
N CYS E 725 -13.40 -12.71 9.96
CA CYS E 725 -12.60 -11.83 9.13
C CYS E 725 -13.35 -10.56 8.75
N THR E 726 -14.60 -10.71 8.32
CA THR E 726 -15.35 -9.56 7.84
C THR E 726 -15.76 -8.63 8.99
N MET E 727 -16.27 -9.21 10.08
CA MET E 727 -16.75 -8.39 11.18
C MET E 727 -15.63 -7.60 11.84
N TYR E 728 -14.45 -8.21 12.00
CA TYR E 728 -13.34 -7.51 12.63
C TYR E 728 -12.90 -6.32 11.80
N ILE E 729 -12.80 -6.49 10.49
CA ILE E 729 -12.31 -5.40 9.63
C ILE E 729 -13.40 -4.37 9.38
N CYS E 730 -14.58 -4.82 8.96
CA CYS E 730 -15.70 -3.95 8.65
C CYS E 730 -16.87 -4.26 9.57
N GLY E 731 -17.48 -3.21 10.11
CA GLY E 731 -18.63 -3.40 10.97
C GLY E 731 -19.90 -3.58 10.17
N ASP E 732 -20.95 -2.83 10.51
CA ASP E 732 -22.19 -2.90 9.77
C ASP E 732 -22.07 -2.28 8.38
N SER E 733 -20.99 -1.58 8.09
CA SER E 733 -20.80 -0.93 6.80
C SER E 733 -20.75 -1.93 5.65
N THR E 734 -21.76 -1.91 4.79
CA THR E 734 -21.77 -2.81 3.64
C THR E 734 -20.81 -2.36 2.55
N GLU E 735 -20.57 -1.05 2.43
CA GLU E 735 -19.59 -0.57 1.46
C GLU E 735 -18.20 -1.06 1.80
N CYS E 736 -17.85 -1.12 3.09
CA CYS E 736 -16.59 -1.73 3.47
C CYS E 736 -16.55 -3.19 3.05
N SER E 737 -17.67 -3.90 3.19
CA SER E 737 -17.72 -5.30 2.80
C SER E 737 -17.48 -5.48 1.32
N ASN E 738 -18.16 -4.69 0.49
CA ASN E 738 -18.01 -4.86 -0.95
C ASN E 738 -16.72 -4.26 -1.50
N LEU E 739 -16.05 -3.39 -0.73
CA LEU E 739 -14.68 -3.02 -1.08
C LEU E 739 -13.71 -4.14 -0.72
N LEU E 740 -13.89 -4.78 0.43
CA LEU E 740 -13.04 -5.91 0.79
C LEU E 740 -13.26 -7.09 -0.14
N LEU E 741 -14.44 -7.19 -0.74
CA LEU E 741 -14.70 -8.26 -1.70
C LEU E 741 -13.78 -8.21 -2.89
N GLN E 742 -13.12 -7.07 -3.13
CA GLN E 742 -12.15 -6.98 -4.23
C GLN E 742 -11.02 -7.98 -4.05
N TYR E 743 -10.55 -8.15 -2.82
CA TYR E 743 -9.50 -9.11 -2.55
C TYR E 743 -10.03 -10.53 -2.70
N GLY E 744 -9.14 -11.51 -2.55
CA GLY E 744 -9.48 -12.88 -2.83
C GLY E 744 -10.13 -13.60 -1.67
N SER E 745 -9.57 -14.76 -1.30
CA SER E 745 -10.13 -15.62 -0.26
C SER E 745 -9.47 -15.39 1.10
N PHE E 746 -9.06 -14.15 1.38
CA PHE E 746 -8.36 -13.87 2.63
C PHE E 746 -9.25 -14.00 3.85
N CYS E 747 -10.57 -14.07 3.68
CA CYS E 747 -11.46 -14.30 4.80
C CYS E 747 -11.91 -15.75 4.91
N THR E 748 -11.37 -16.65 4.09
CA THR E 748 -11.65 -18.07 4.22
C THR E 748 -10.45 -18.88 4.69
N GLN E 749 -9.23 -18.47 4.32
CA GLN E 749 -8.04 -19.17 4.80
C GLN E 749 -7.89 -19.03 6.31
N LEU E 750 -8.16 -17.83 6.83
CA LEU E 750 -7.93 -17.58 8.25
C LEU E 750 -8.89 -18.38 9.13
N ASN E 751 -10.16 -18.43 8.73
CA ASN E 751 -11.13 -19.22 9.49
C ASN E 751 -10.76 -20.69 9.45
N ARG E 752 -10.29 -21.17 8.29
CA ARG E 752 -9.86 -22.56 8.19
C ARG E 752 -8.67 -22.85 9.12
N ALA E 753 -7.70 -21.94 9.15
CA ALA E 753 -6.55 -22.14 10.02
C ALA E 753 -6.96 -22.15 11.49
N LEU E 754 -7.83 -21.23 11.88
CA LEU E 754 -8.27 -21.18 13.28
C LEU E 754 -9.06 -22.44 13.64
N THR E 755 -9.91 -22.92 12.73
CA THR E 755 -10.65 -24.15 12.99
C THR E 755 -9.70 -25.33 13.13
N GLY E 756 -8.69 -25.41 12.28
CA GLY E 756 -7.69 -26.47 12.40
C GLY E 756 -6.97 -26.42 13.73
N ILE E 757 -6.60 -25.22 14.17
CA ILE E 757 -5.94 -25.08 15.47
C ILE E 757 -6.86 -25.55 16.59
N ALA E 758 -8.15 -25.17 16.51
CA ALA E 758 -9.09 -25.54 17.57
C ALA E 758 -9.26 -27.06 17.64
N VAL E 759 -9.45 -27.71 16.49
CA VAL E 759 -9.64 -29.15 16.52
C VAL E 759 -8.36 -29.86 16.95
N GLU E 760 -7.19 -29.33 16.56
CA GLU E 760 -5.94 -29.92 17.03
C GLU E 760 -5.81 -29.83 18.54
N GLN E 761 -6.19 -28.68 19.12
CA GLN E 761 -6.18 -28.56 20.58
C GLN E 761 -7.17 -29.53 21.21
N ASP E 762 -8.31 -29.76 20.57
CA ASP E 762 -9.26 -30.73 21.09
C ASP E 762 -8.69 -32.14 21.05
N LYS E 763 -7.86 -32.44 20.05
CA LYS E 763 -7.29 -33.79 19.96
C LYS E 763 -6.19 -34.01 20.99
N ASN E 764 -5.56 -32.95 21.47
CA ASN E 764 -4.42 -33.11 22.38
C ASN E 764 -4.84 -33.77 23.68
N THR E 765 -5.99 -33.36 24.24
CA THR E 765 -6.42 -33.92 25.52
C THR E 765 -6.79 -35.40 25.39
N GLN E 766 -7.25 -35.82 24.21
CA GLN E 766 -7.63 -37.22 24.01
C GLN E 766 -6.45 -38.17 24.11
N GLU E 767 -5.22 -37.66 23.96
CA GLU E 767 -4.05 -38.54 23.93
C GLU E 767 -3.38 -38.69 25.28
N VAL E 768 -3.62 -37.78 26.23
CA VAL E 768 -2.97 -37.83 27.52
C VAL E 768 -3.89 -38.29 28.64
N PHE E 769 -5.17 -38.49 28.37
CA PHE E 769 -6.11 -38.86 29.41
C PHE E 769 -7.04 -40.00 29.03
N ALA E 770 -7.01 -40.49 27.80
CA ALA E 770 -7.91 -41.55 27.35
C ALA E 770 -7.13 -42.80 26.99
N GLN E 771 -6.16 -43.16 27.83
CA GLN E 771 -5.36 -44.35 27.56
C GLN E 771 -6.17 -45.62 27.77
N VAL E 772 -7.02 -45.66 28.79
CA VAL E 772 -7.81 -46.84 29.13
C VAL E 772 -9.29 -46.46 29.10
N LYS E 773 -10.06 -47.21 28.32
CA LYS E 773 -11.51 -47.01 28.24
C LYS E 773 -12.26 -47.95 29.17
N GLN E 774 -11.85 -48.00 30.44
CA GLN E 774 -12.55 -48.79 31.44
C GLN E 774 -12.23 -48.17 32.80
N ILE E 775 -13.16 -47.40 33.34
CA ILE E 775 -12.92 -46.71 34.60
C ILE E 775 -13.00 -47.69 35.75
N TYR E 776 -11.98 -47.68 36.61
CA TYR E 776 -11.89 -48.57 37.75
C TYR E 776 -12.27 -47.83 39.03
N LYS E 777 -12.61 -48.61 40.05
CA LYS E 777 -13.02 -48.07 41.35
C LYS E 777 -12.13 -48.63 42.45
N THR E 778 -11.73 -47.76 43.37
CA THR E 778 -10.94 -48.19 44.50
C THR E 778 -11.79 -49.05 45.44
N PRO E 779 -11.17 -49.98 46.17
CA PRO E 779 -11.92 -50.77 47.14
C PRO E 779 -12.44 -49.89 48.25
N PRO E 780 -13.58 -50.26 48.85
CA PRO E 780 -14.12 -49.43 49.95
C PRO E 780 -13.20 -49.31 51.15
N ILE E 781 -12.41 -50.33 51.44
CA ILE E 781 -11.55 -50.37 52.62
C ILE E 781 -10.10 -50.20 52.18
N LYS E 782 -9.40 -49.28 52.81
CA LYS E 782 -8.01 -48.97 52.47
C LYS E 782 -7.11 -49.63 53.50
N ASP E 783 -6.42 -50.71 53.08
CA ASP E 783 -5.50 -51.43 53.94
C ASP E 783 -4.24 -51.79 53.17
N PHE E 784 -3.70 -50.82 52.42
CA PHE E 784 -2.56 -51.08 51.54
C PHE E 784 -1.27 -51.19 52.35
N GLY E 785 -1.24 -52.16 53.26
CA GLY E 785 -0.04 -52.46 54.01
C GLY E 785 0.55 -51.30 54.78
N GLY E 786 -0.28 -50.34 55.18
CA GLY E 786 0.18 -49.17 55.91
C GLY E 786 0.39 -47.94 55.07
N PHE E 787 0.34 -48.06 53.74
CA PHE E 787 0.49 -46.89 52.88
C PHE E 787 -0.76 -46.02 52.97
N ASN E 788 -0.59 -44.74 52.65
CA ASN E 788 -1.61 -43.71 52.88
C ASN E 788 -1.83 -42.93 51.58
N PHE E 789 -2.73 -43.42 50.73
CA PHE E 789 -3.08 -42.73 49.50
C PHE E 789 -4.30 -41.84 49.72
N SER E 790 -4.18 -40.92 50.67
CA SER E 790 -5.28 -40.04 51.03
C SER E 790 -5.21 -38.68 50.34
N GLN E 791 -4.02 -38.22 49.97
CA GLN E 791 -3.86 -36.91 49.37
C GLN E 791 -3.94 -36.94 47.85
N ILE E 792 -4.06 -38.11 47.24
CA ILE E 792 -4.16 -38.24 45.79
C ILE E 792 -5.51 -38.77 45.35
N LEU E 793 -6.09 -39.68 46.12
CA LEU E 793 -7.39 -40.23 45.76
C LEU E 793 -8.46 -39.17 45.86
N PRO E 794 -9.52 -39.27 45.05
CA PRO E 794 -10.60 -38.27 45.12
C PRO E 794 -11.29 -38.29 46.48
N ASP E 795 -11.78 -37.12 46.87
CA ASP E 795 -12.45 -36.97 48.16
C ASP E 795 -13.95 -36.82 47.94
N PRO E 796 -14.75 -37.86 48.22
CA PRO E 796 -16.20 -37.74 48.02
C PRO E 796 -16.87 -36.75 48.96
N SER E 797 -16.23 -36.41 50.08
CA SER E 797 -16.87 -35.52 51.06
C SER E 797 -17.15 -34.15 50.44
N LYS E 798 -16.17 -33.57 49.78
CA LYS E 798 -16.36 -32.27 49.16
C LYS E 798 -17.26 -32.41 47.94
N PRO E 799 -18.07 -31.37 47.65
CA PRO E 799 -18.91 -31.44 46.44
C PRO E 799 -18.09 -31.60 45.16
N SER E 800 -16.92 -30.99 45.10
CA SER E 800 -16.02 -31.22 43.98
C SER E 800 -15.47 -32.64 44.05
N LYS E 801 -15.29 -33.25 42.87
CA LYS E 801 -14.78 -34.61 42.78
C LYS E 801 -13.26 -34.65 42.66
N ARG E 802 -12.57 -33.60 43.10
CA ARG E 802 -11.11 -33.55 43.01
C ARG E 802 -10.49 -34.12 44.29
N SER E 803 -9.16 -34.13 44.31
CA SER E 803 -8.36 -34.51 45.46
C SER E 803 -7.78 -33.28 46.12
N PRO E 804 -7.28 -33.40 47.36
CA PRO E 804 -6.70 -32.23 48.01
C PRO E 804 -5.59 -31.56 47.21
N ILE E 805 -4.74 -32.34 46.56
CA ILE E 805 -3.69 -31.75 45.73
C ILE E 805 -4.28 -31.10 44.49
N GLU E 806 -5.27 -31.75 43.88
CA GLU E 806 -5.94 -31.14 42.73
C GLU E 806 -6.66 -29.86 43.14
N ASP E 807 -7.31 -29.88 44.31
CA ASP E 807 -7.97 -28.67 44.80
C ASP E 807 -6.98 -27.55 45.03
N LEU E 808 -5.82 -27.87 45.59
CA LEU E 808 -4.79 -26.86 45.77
C LEU E 808 -4.28 -26.32 44.45
N LEU E 809 -4.15 -27.20 43.45
CA LEU E 809 -3.69 -26.77 42.13
C LEU E 809 -4.69 -25.83 41.47
N PHE E 810 -5.99 -26.16 41.55
CA PHE E 810 -7.00 -25.36 40.86
C PHE E 810 -7.24 -24.01 41.53
N ASN E 811 -6.77 -23.82 42.76
CA ASN E 811 -6.94 -22.56 43.46
C ASN E 811 -5.75 -21.62 43.31
N LYS E 812 -4.72 -22.02 42.55
CA LYS E 812 -3.57 -21.18 42.32
C LYS E 812 -3.44 -20.68 40.89
N VAL E 813 -4.15 -21.31 39.94
CA VAL E 813 -4.10 -20.87 38.55
C VAL E 813 -4.78 -19.52 38.35
N THR E 814 -5.62 -19.10 39.29
CA THR E 814 -6.34 -17.84 39.16
C THR E 814 -5.38 -16.67 38.92
N LEU E 815 -5.72 -15.83 37.95
CA LEU E 815 -4.89 -14.71 37.55
C LEU E 815 -4.69 -13.72 38.70
N CYS E 838 -14.33 -10.99 32.28
CA CYS E 838 -14.17 -9.97 31.25
C CYS E 838 -14.05 -10.61 29.86
N ALA E 839 -13.91 -9.76 28.85
CA ALA E 839 -13.75 -10.20 27.46
C ALA E 839 -14.90 -11.11 27.03
N GLN E 840 -16.13 -10.68 27.33
CA GLN E 840 -17.31 -11.45 26.99
C GLN E 840 -17.44 -11.63 25.48
N LYS E 841 -17.67 -10.54 24.77
CA LYS E 841 -17.80 -10.58 23.32
C LYS E 841 -17.78 -9.17 22.73
N PHE E 842 -17.00 -8.98 21.66
CA PHE E 842 -16.94 -7.71 20.95
C PHE E 842 -16.10 -7.87 19.70
N ASN E 843 -16.52 -7.22 18.62
CA ASN E 843 -15.75 -7.17 17.37
C ASN E 843 -15.45 -8.56 16.83
N GLY E 844 -16.42 -9.46 16.92
CA GLY E 844 -16.26 -10.80 16.38
C GLY E 844 -15.21 -11.64 17.06
N LEU E 845 -15.11 -11.55 18.39
CA LEU E 845 -14.18 -12.35 19.18
C LEU E 845 -14.98 -13.37 19.97
N THR E 846 -14.81 -14.65 19.64
CA THR E 846 -15.54 -15.73 20.28
C THR E 846 -14.58 -16.75 20.83
N VAL E 847 -15.01 -17.42 21.91
CA VAL E 847 -14.22 -18.45 22.56
C VAL E 847 -15.07 -19.71 22.62
N LEU E 848 -14.61 -20.76 21.95
CA LEU E 848 -15.32 -22.03 21.96
C LEU E 848 -15.06 -22.79 23.26
N PRO E 849 -16.02 -23.58 23.72
CA PRO E 849 -15.83 -24.37 24.93
C PRO E 849 -15.15 -25.68 24.61
N PRO E 850 -14.32 -26.19 25.52
CA PRO E 850 -13.65 -27.47 25.28
C PRO E 850 -14.64 -28.62 25.25
N LEU E 851 -14.30 -29.66 24.48
CA LEU E 851 -15.17 -30.82 24.37
C LEU E 851 -15.26 -31.58 25.69
N LEU E 852 -14.14 -31.71 26.40
CA LEU E 852 -14.08 -32.45 27.64
C LEU E 852 -13.99 -31.47 28.80
N THR E 853 -14.94 -31.56 29.74
CA THR E 853 -14.94 -30.68 30.89
C THR E 853 -14.08 -31.27 32.01
N ASP E 854 -13.78 -30.44 33.01
CA ASP E 854 -12.87 -30.84 34.07
C ASP E 854 -13.43 -31.99 34.90
N GLU E 855 -14.75 -32.06 35.04
CA GLU E 855 -15.35 -33.12 35.85
C GLU E 855 -15.13 -34.50 35.25
N MET E 856 -14.68 -34.59 34.01
CA MET E 856 -14.42 -35.87 33.36
C MET E 856 -12.93 -36.15 33.20
N ILE E 857 -12.12 -35.11 33.05
CA ILE E 857 -10.68 -35.28 33.19
C ILE E 857 -10.34 -35.78 34.58
N ALA E 858 -11.07 -35.28 35.58
CA ALA E 858 -10.91 -35.80 36.93
C ALA E 858 -11.25 -37.29 36.99
N GLN E 859 -12.31 -37.71 36.29
CA GLN E 859 -12.66 -39.12 36.28
C GLN E 859 -11.59 -39.98 35.61
N TYR E 860 -11.05 -39.49 34.48
CA TYR E 860 -9.92 -40.19 33.86
C TYR E 860 -8.74 -40.33 34.81
N THR E 861 -8.36 -39.25 35.49
CA THR E 861 -7.22 -39.32 36.38
C THR E 861 -7.49 -40.25 37.55
N SER E 862 -8.71 -40.23 38.09
CA SER E 862 -9.04 -41.13 39.18
C SER E 862 -8.99 -42.59 38.72
N ALA E 863 -9.50 -42.87 37.53
CA ALA E 863 -9.45 -44.24 37.01
C ALA E 863 -8.02 -44.70 36.82
N LEU E 864 -7.17 -43.84 36.24
CA LEU E 864 -5.77 -44.21 36.05
C LEU E 864 -5.07 -44.44 37.39
N LEU E 865 -5.36 -43.59 38.37
CA LEU E 865 -4.75 -43.74 39.69
C LEU E 865 -5.20 -45.02 40.36
N ALA E 866 -6.49 -45.36 40.24
CA ALA E 866 -6.98 -46.60 40.85
C ALA E 866 -6.48 -47.83 40.11
N GLY E 867 -6.14 -47.70 38.83
CA GLY E 867 -5.65 -48.84 38.09
C GLY E 867 -4.30 -49.33 38.58
N THR E 868 -3.37 -48.42 38.84
CA THR E 868 -2.02 -48.83 39.23
C THR E 868 -1.96 -49.31 40.67
N ILE E 869 -2.80 -48.77 41.54
CA ILE E 869 -2.75 -49.15 42.96
C ILE E 869 -3.11 -50.61 43.14
N THR E 870 -4.17 -51.07 42.49
CA THR E 870 -4.69 -52.41 42.70
C THR E 870 -4.29 -53.41 41.63
N SER E 871 -3.61 -52.97 40.56
CA SER E 871 -3.27 -53.89 39.48
C SER E 871 -1.84 -53.77 38.97
N GLY E 872 -1.07 -52.77 39.38
CA GLY E 872 0.29 -52.66 38.88
C GLY E 872 0.31 -52.20 37.43
N TRP E 873 1.21 -52.80 36.64
CA TRP E 873 1.31 -52.49 35.23
C TRP E 873 0.53 -53.45 34.35
N THR E 874 -0.14 -54.44 34.94
CA THR E 874 -0.83 -55.45 34.13
C THR E 874 -1.99 -54.84 33.36
N PHE E 875 -2.73 -53.92 33.97
CA PHE E 875 -3.90 -53.36 33.31
C PHE E 875 -3.55 -52.48 32.11
N GLY E 876 -2.29 -52.12 31.94
CA GLY E 876 -1.87 -51.38 30.77
C GLY E 876 -1.53 -52.22 29.57
N ALA E 877 -1.67 -53.55 29.67
CA ALA E 877 -1.38 -54.44 28.56
C ALA E 877 -2.48 -55.45 28.28
N GLY E 878 -3.36 -55.74 29.23
CA GLY E 878 -4.44 -56.67 29.03
C GLY E 878 -5.47 -56.58 30.13
N PRO E 879 -6.05 -57.72 30.52
CA PRO E 879 -7.00 -57.72 31.63
C PRO E 879 -6.31 -57.32 32.94
N ALA E 880 -7.07 -56.66 33.80
CA ALA E 880 -6.53 -56.24 35.09
C ALA E 880 -6.34 -57.43 36.01
N LEU E 881 -5.16 -57.52 36.62
CA LEU E 881 -4.83 -58.61 37.53
C LEU E 881 -4.68 -58.07 38.94
N GLN E 882 -5.31 -58.74 39.89
CA GLN E 882 -5.27 -58.29 41.27
C GLN E 882 -3.92 -58.60 41.90
N ILE E 883 -3.29 -57.59 42.48
CA ILE E 883 -2.01 -57.76 43.17
C ILE E 883 -2.02 -56.88 44.41
N PRO E 884 -1.90 -57.44 45.61
CA PRO E 884 -1.80 -56.60 46.81
C PRO E 884 -0.56 -55.73 46.76
N PHE E 885 -0.70 -54.51 47.28
CA PHE E 885 0.34 -53.50 47.08
C PHE E 885 1.73 -53.91 47.58
N PRO E 886 1.90 -54.55 48.74
CA PRO E 886 3.26 -54.89 49.17
C PRO E 886 4.04 -55.74 48.17
N MET E 887 3.42 -56.76 47.57
CA MET E 887 4.19 -57.54 46.60
C MET E 887 4.34 -56.80 45.29
N GLN E 888 3.45 -55.87 44.97
CA GLN E 888 3.71 -55.03 43.81
C GLN E 888 4.97 -54.19 44.03
N MET E 889 5.11 -53.63 45.23
CA MET E 889 6.33 -52.89 45.55
C MET E 889 7.54 -53.81 45.55
N ALA E 890 7.36 -55.05 46.01
CA ALA E 890 8.46 -56.02 45.97
C ALA E 890 8.87 -56.31 44.53
N TYR E 891 7.91 -56.42 43.63
CA TYR E 891 8.20 -56.53 42.20
C TYR E 891 9.02 -55.34 41.74
N ARG E 892 8.60 -54.14 42.13
CA ARG E 892 9.26 -52.93 41.64
C ARG E 892 10.70 -52.82 42.15
N PHE E 893 10.95 -53.22 43.41
CA PHE E 893 12.33 -53.26 43.88
C PHE E 893 13.16 -54.26 43.10
N ASN E 894 12.59 -55.41 42.77
CA ASN E 894 13.35 -56.37 41.99
C ASN E 894 13.29 -56.01 40.51
N GLY E 895 13.57 -54.75 40.22
CA GLY E 895 13.67 -54.26 38.86
C GLY E 895 14.85 -53.34 38.70
N ILE E 896 15.45 -52.95 39.83
CA ILE E 896 16.59 -52.05 39.84
C ILE E 896 17.82 -52.65 40.48
N GLY E 897 17.73 -53.83 41.09
CA GLY E 897 18.89 -54.48 41.67
C GLY E 897 18.67 -54.97 43.09
N VAL E 898 17.85 -54.26 43.86
CA VAL E 898 17.60 -54.63 45.24
C VAL E 898 16.74 -55.89 45.27
N THR E 899 17.10 -56.84 46.12
CA THR E 899 16.36 -58.09 46.24
C THR E 899 15.04 -57.85 46.95
N GLN E 900 14.26 -58.93 47.09
CA GLN E 900 12.90 -58.81 47.63
C GLN E 900 12.87 -58.62 49.14
N ASN E 901 13.81 -59.23 49.87
CA ASN E 901 13.71 -59.24 51.33
C ASN E 901 13.85 -57.86 51.94
N VAL E 902 14.44 -56.90 51.22
CA VAL E 902 14.65 -55.57 51.79
C VAL E 902 13.32 -54.91 52.13
N LEU E 903 12.35 -54.99 51.21
CA LEU E 903 11.04 -54.42 51.48
C LEU E 903 10.32 -55.18 52.59
N TYR E 904 10.33 -56.51 52.52
CA TYR E 904 9.65 -57.29 53.54
C TYR E 904 10.28 -57.10 54.91
N GLU E 905 11.49 -56.57 54.99
CA GLU E 905 12.06 -56.21 56.27
C GLU E 905 11.69 -54.79 56.68
N ASN E 906 12.08 -53.80 55.87
CA ASN E 906 11.82 -52.40 56.23
C ASN E 906 10.53 -51.87 55.60
N GLN E 907 9.46 -52.66 55.69
CA GLN E 907 8.15 -52.19 55.25
C GLN E 907 7.69 -50.97 56.03
N LYS E 908 7.85 -50.98 57.36
CA LYS E 908 7.40 -49.86 58.16
C LYS E 908 8.18 -48.59 57.81
N LEU E 909 9.49 -48.69 57.67
CA LEU E 909 10.30 -47.53 57.31
C LEU E 909 9.91 -47.01 55.95
N ILE E 910 9.72 -47.90 54.97
CA ILE E 910 9.36 -47.46 53.63
C ILE E 910 8.00 -46.76 53.64
N ALA E 911 7.04 -47.33 54.37
CA ALA E 911 5.71 -46.71 54.45
C ALA E 911 5.78 -45.33 55.09
N ASN E 912 6.54 -45.20 56.18
CA ASN E 912 6.64 -43.91 56.86
C ASN E 912 7.32 -42.88 55.96
N GLN E 913 8.38 -43.27 55.26
CA GLN E 913 9.05 -42.34 54.36
C GLN E 913 8.13 -41.92 53.22
N PHE E 914 7.37 -42.87 52.68
CA PHE E 914 6.42 -42.53 51.62
C PHE E 914 5.38 -41.55 52.11
N ASN E 915 4.83 -41.78 53.31
CA ASN E 915 3.81 -40.89 53.85
C ASN E 915 4.37 -39.49 54.08
N SER E 916 5.58 -39.39 54.65
CA SER E 916 6.18 -38.08 54.87
C SER E 916 6.43 -37.36 53.56
N ALA E 917 6.94 -38.07 52.55
CA ALA E 917 7.22 -37.45 51.26
C ALA E 917 5.94 -36.96 50.60
N ILE E 918 4.88 -37.77 50.63
CA ILE E 918 3.64 -37.35 49.99
C ILE E 918 3.00 -36.20 50.76
N GLY E 919 3.22 -36.15 52.08
CA GLY E 919 2.71 -35.03 52.85
C GLY E 919 3.43 -33.72 52.54
N LYS E 920 4.75 -33.79 52.33
CA LYS E 920 5.51 -32.57 52.11
C LYS E 920 5.17 -31.89 50.78
N ILE E 921 4.52 -32.59 49.86
CA ILE E 921 4.24 -32.02 48.53
C ILE E 921 3.29 -30.83 48.65
N GLN E 922 2.25 -30.97 49.48
CA GLN E 922 1.30 -29.86 49.65
C GLN E 922 1.99 -28.65 50.25
N ASP E 923 2.84 -28.86 51.23
CA ASP E 923 3.58 -27.74 51.83
C ASP E 923 4.49 -27.07 50.80
N SER E 924 5.16 -27.88 49.97
CA SER E 924 6.04 -27.31 48.95
C SER E 924 5.25 -26.50 47.92
N LEU E 925 4.09 -27.00 47.50
CA LEU E 925 3.31 -26.32 46.48
C LEU E 925 2.64 -25.06 47.02
N SER E 926 2.14 -25.11 48.25
CA SER E 926 1.39 -23.98 48.80
C SER E 926 2.28 -22.79 49.14
N SER E 927 3.57 -23.03 49.42
CA SER E 927 4.47 -21.96 49.84
C SER E 927 5.27 -21.37 48.69
N THR E 928 5.18 -21.92 47.49
CA THR E 928 5.97 -21.45 46.36
C THR E 928 5.05 -20.90 45.26
N PRO E 929 5.10 -19.60 44.96
CA PRO E 929 4.27 -19.07 43.89
C PRO E 929 4.79 -19.36 42.49
N SER E 930 6.08 -19.64 42.34
CA SER E 930 6.68 -19.88 41.03
C SER E 930 6.66 -21.35 40.63
N ALA E 931 6.02 -22.21 41.43
CA ALA E 931 5.96 -23.63 41.08
C ALA E 931 5.17 -23.85 39.79
N LEU E 932 4.06 -23.14 39.63
CA LEU E 932 3.18 -23.29 38.47
C LEU E 932 3.42 -22.21 37.43
N GLY E 933 4.66 -21.73 37.29
CA GLY E 933 4.93 -20.69 36.32
C GLY E 933 4.72 -21.11 34.89
N LYS E 934 4.97 -22.40 34.58
CA LYS E 934 4.88 -22.86 33.20
C LYS E 934 3.46 -22.74 32.66
N LEU E 935 2.47 -23.06 33.48
CA LEU E 935 1.08 -23.04 33.00
C LEU E 935 0.58 -21.62 32.78
N GLN E 936 1.09 -20.65 33.53
CA GLN E 936 0.64 -19.27 33.39
C GLN E 936 1.21 -18.58 32.16
N ASP E 937 2.33 -19.07 31.63
CA ASP E 937 2.99 -18.39 30.52
C ASP E 937 2.11 -18.38 29.28
N VAL E 938 1.48 -19.50 28.96
CA VAL E 938 0.64 -19.56 27.76
C VAL E 938 -0.57 -18.66 27.91
N VAL E 939 -1.18 -18.66 29.10
CA VAL E 939 -2.34 -17.81 29.35
C VAL E 939 -1.97 -16.34 29.18
N ASN E 940 -0.84 -15.94 29.77
CA ASN E 940 -0.41 -14.55 29.67
C ASN E 940 -0.08 -14.17 28.24
N GLN E 941 0.59 -15.07 27.50
CA GLN E 941 0.92 -14.77 26.11
C GLN E 941 -0.33 -14.61 25.25
N ASN E 942 -1.31 -15.49 25.43
CA ASN E 942 -2.55 -15.37 24.68
C ASN E 942 -3.30 -14.09 25.04
N ALA E 943 -3.32 -13.74 26.33
CA ALA E 943 -3.99 -12.51 26.73
C ALA E 943 -3.32 -11.29 26.12
N GLN E 944 -1.99 -11.25 26.13
CA GLN E 944 -1.29 -10.12 25.53
C GLN E 944 -1.52 -10.05 24.03
N ALA E 945 -1.52 -11.20 23.35
CA ALA E 945 -1.77 -11.20 21.91
C ALA E 945 -3.17 -10.68 21.60
N LEU E 946 -4.18 -11.12 22.35
CA LEU E 946 -5.53 -10.64 22.12
C LEU E 946 -5.64 -9.15 22.42
N ASN E 947 -5.00 -8.69 23.49
CA ASN E 947 -5.05 -7.27 23.83
C ASN E 947 -4.40 -6.43 22.73
N THR E 948 -3.27 -6.87 22.20
CA THR E 948 -2.64 -6.14 21.11
C THR E 948 -3.53 -6.13 19.87
N LEU E 949 -4.16 -7.26 19.56
CA LEU E 949 -5.05 -7.31 18.40
C LEU E 949 -6.21 -6.35 18.55
N VAL E 950 -6.78 -6.26 19.75
CA VAL E 950 -7.90 -5.35 19.98
C VAL E 950 -7.44 -3.90 19.91
N LYS E 951 -6.31 -3.58 20.55
CA LYS E 951 -5.80 -2.22 20.56
C LYS E 951 -5.37 -1.75 19.19
N GLN E 952 -5.08 -2.68 18.26
CA GLN E 952 -4.67 -2.28 16.93
C GLN E 952 -5.80 -1.61 16.14
N LEU E 953 -7.03 -1.66 16.63
CA LEU E 953 -8.17 -1.08 15.93
C LEU E 953 -8.27 0.44 16.08
N SER E 954 -7.40 1.05 16.90
CA SER E 954 -7.44 2.48 17.15
C SER E 954 -6.26 3.20 16.49
N SER E 955 -5.89 2.76 15.30
CA SER E 955 -4.78 3.35 14.56
C SER E 955 -5.27 3.85 13.21
N ASN E 956 -4.80 5.04 12.83
CA ASN E 956 -5.24 5.65 11.58
C ASN E 956 -4.60 5.00 10.36
N PHE E 957 -3.44 4.37 10.53
CA PHE E 957 -2.73 3.72 9.42
C PHE E 957 -2.49 4.68 8.27
N GLY E 958 -2.06 5.90 8.60
CA GLY E 958 -1.82 6.90 7.59
C GLY E 958 -3.06 7.39 6.88
N ALA E 959 -4.15 7.60 7.61
CA ALA E 959 -5.38 8.15 7.04
C ALA E 959 -5.79 9.40 7.81
N ILE E 960 -6.98 9.92 7.51
CA ILE E 960 -7.44 11.13 8.19
C ILE E 960 -8.17 10.85 9.50
N SER E 961 -8.59 9.61 9.73
CA SER E 961 -9.28 9.26 10.96
C SER E 961 -9.24 7.74 11.12
N SER E 962 -9.72 7.27 12.28
CA SER E 962 -9.74 5.84 12.56
C SER E 962 -11.14 5.24 12.61
N VAL E 963 -12.18 6.08 12.70
CA VAL E 963 -13.56 5.60 12.75
C VAL E 963 -14.12 5.65 11.33
N LEU E 964 -14.68 4.52 10.89
CA LEU E 964 -15.22 4.45 9.53
C LEU E 964 -16.42 5.37 9.35
N ASN E 965 -17.23 5.56 10.39
CA ASN E 965 -18.39 6.43 10.28
C ASN E 965 -17.98 7.86 9.98
N ASP E 966 -16.93 8.35 10.64
CA ASP E 966 -16.44 9.71 10.38
C ASP E 966 -15.96 9.85 8.95
N ILE E 967 -15.31 8.81 8.42
CA ILE E 967 -14.91 8.82 7.02
C ILE E 967 -16.14 8.88 6.12
N LEU E 968 -17.19 8.17 6.51
CA LEU E 968 -18.39 8.11 5.68
C LEU E 968 -19.07 9.47 5.57
N SER E 969 -19.12 10.23 6.66
CA SER E 969 -19.89 11.48 6.67
C SER E 969 -19.14 12.62 5.98
N ARG E 970 -17.98 12.99 6.51
CA ARG E 970 -17.26 14.16 6.01
C ARG E 970 -16.34 13.80 4.84
N LEU E 971 -16.90 13.15 3.81
CA LEU E 971 -16.14 12.85 2.61
C LEU E 971 -17.12 12.42 1.52
N ASP E 972 -16.63 12.45 0.28
CA ASP E 972 -17.43 12.03 -0.87
C ASP E 972 -17.19 10.56 -1.19
N PRO E 973 -18.24 9.84 -1.57
CA PRO E 973 -18.08 8.43 -1.95
C PRO E 973 -17.08 8.23 -3.08
N PRO E 974 -17.01 9.12 -4.08
CA PRO E 974 -15.97 8.96 -5.10
C PRO E 974 -14.55 9.10 -4.56
N GLU E 975 -14.37 9.69 -3.38
CA GLU E 975 -13.05 9.89 -2.81
C GLU E 975 -12.81 9.14 -1.51
N ALA E 976 -13.87 8.69 -0.82
CA ALA E 976 -13.71 8.07 0.49
C ALA E 976 -13.08 6.68 0.41
N GLU E 977 -12.94 6.10 -0.77
CA GLU E 977 -12.44 4.73 -0.87
C GLU E 977 -10.97 4.61 -0.46
N VAL E 978 -10.21 5.70 -0.51
CA VAL E 978 -8.78 5.62 -0.20
C VAL E 978 -8.58 5.28 1.26
N GLN E 979 -9.26 5.99 2.16
CA GLN E 979 -9.12 5.72 3.59
C GLN E 979 -9.61 4.32 3.94
N ILE E 980 -10.74 3.92 3.34
CA ILE E 980 -11.28 2.59 3.61
C ILE E 980 -10.29 1.51 3.16
N ASP E 981 -9.71 1.69 1.98
CA ASP E 981 -8.73 0.72 1.49
C ASP E 981 -7.51 0.65 2.39
N ARG E 982 -7.01 1.82 2.84
CA ARG E 982 -5.84 1.81 3.71
C ARG E 982 -6.13 1.10 5.02
N LEU E 983 -7.29 1.39 5.63
CA LEU E 983 -7.66 0.73 6.87
C LEU E 983 -7.83 -0.77 6.67
N ILE E 984 -8.43 -1.16 5.55
CA ILE E 984 -8.61 -2.59 5.26
C ILE E 984 -7.26 -3.28 5.17
N THR E 985 -6.32 -2.68 4.45
CA THR E 985 -5.00 -3.29 4.30
C THR E 985 -4.31 -3.43 5.66
N GLY E 986 -4.35 -2.38 6.47
CA GLY E 986 -3.69 -2.44 7.77
C GLY E 986 -4.28 -3.50 8.67
N ARG E 987 -5.61 -3.54 8.75
CA ARG E 987 -6.25 -4.53 9.61
C ARG E 987 -6.01 -5.95 9.10
N LEU E 988 -6.01 -6.13 7.78
CA LEU E 988 -5.78 -7.45 7.22
C LEU E 988 -4.38 -7.94 7.55
N GLN E 989 -3.37 -7.08 7.42
CA GLN E 989 -2.02 -7.54 7.74
C GLN E 989 -1.84 -7.76 9.23
N SER E 990 -2.50 -6.96 10.07
CA SER E 990 -2.44 -7.23 11.52
C SER E 990 -3.03 -8.60 11.83
N LEU E 991 -4.17 -8.94 11.22
CA LEU E 991 -4.77 -10.25 11.45
C LEU E 991 -3.86 -11.36 10.93
N GLN E 992 -3.19 -11.13 9.80
CA GLN E 992 -2.20 -12.08 9.30
C GLN E 992 -1.14 -12.36 10.36
N THR E 993 -0.58 -11.30 10.93
CA THR E 993 0.46 -11.47 11.95
C THR E 993 -0.07 -12.25 13.14
N TYR E 994 -1.28 -11.93 13.59
CA TYR E 994 -1.85 -12.65 14.74
C TYR E 994 -2.01 -14.13 14.43
N VAL E 995 -2.52 -14.46 13.24
CA VAL E 995 -2.74 -15.86 12.90
C VAL E 995 -1.42 -16.61 12.83
N THR E 996 -0.39 -15.99 12.24
CA THR E 996 0.91 -16.66 12.15
C THR E 996 1.48 -16.93 13.55
N GLN E 997 1.38 -15.94 14.44
CA GLN E 997 1.86 -16.14 15.80
C GLN E 997 1.10 -17.27 16.49
N GLN E 998 -0.21 -17.33 16.29
CA GLN E 998 -1.00 -18.39 16.91
C GLN E 998 -0.56 -19.77 16.41
N LEU E 999 -0.33 -19.89 15.10
CA LEU E 999 0.11 -21.17 14.56
C LEU E 999 1.47 -21.58 15.14
N ILE E 1000 2.39 -20.63 15.24
CA ILE E 1000 3.71 -20.95 15.78
C ILE E 1000 3.60 -21.42 17.23
N ARG E 1001 2.78 -20.74 18.03
CA ARG E 1001 2.60 -21.19 19.42
C ARG E 1001 1.94 -22.57 19.48
N ALA E 1002 0.97 -22.82 18.60
CA ALA E 1002 0.27 -24.10 18.63
C ALA E 1002 1.20 -25.25 18.31
N ALA E 1003 2.19 -25.02 17.44
CA ALA E 1003 3.16 -26.09 17.15
C ALA E 1003 3.88 -26.53 18.43
N GLU E 1004 4.39 -25.56 19.20
CA GLU E 1004 5.11 -25.90 20.43
C GLU E 1004 4.19 -26.56 21.44
N ILE E 1005 2.95 -26.08 21.54
CA ILE E 1005 2.01 -26.69 22.47
C ILE E 1005 1.75 -28.15 22.09
N ARG E 1006 1.61 -28.42 20.79
CA ARG E 1006 1.42 -29.79 20.35
C ARG E 1006 2.62 -30.67 20.69
N ALA E 1007 3.84 -30.13 20.51
CA ALA E 1007 5.02 -30.91 20.88
C ALA E 1007 5.03 -31.23 22.37
N SER E 1008 4.69 -30.26 23.20
CA SER E 1008 4.65 -30.50 24.65
C SER E 1008 3.57 -31.53 25.00
N ALA E 1009 2.42 -31.47 24.34
CA ALA E 1009 1.37 -32.45 24.59
C ALA E 1009 1.82 -33.86 24.21
N ASN E 1010 2.54 -33.98 23.09
CA ASN E 1010 3.04 -35.29 22.71
C ASN E 1010 4.04 -35.83 23.74
N LEU E 1011 4.93 -34.96 24.23
CA LEU E 1011 5.85 -35.39 25.27
C LEU E 1011 5.11 -35.84 26.52
N ALA E 1012 4.07 -35.10 26.91
CA ALA E 1012 3.30 -35.48 28.10
C ALA E 1012 2.60 -36.81 27.89
N ALA E 1013 2.08 -37.05 26.69
CA ALA E 1013 1.44 -38.34 26.41
C ALA E 1013 2.44 -39.47 26.53
N THR E 1014 3.64 -39.28 25.98
CA THR E 1014 4.67 -40.30 26.11
C THR E 1014 5.03 -40.56 27.57
N LYS E 1015 5.17 -39.48 28.35
CA LYS E 1015 5.50 -39.64 29.77
C LYS E 1015 4.40 -40.40 30.50
N MET E 1016 3.14 -40.09 30.22
CA MET E 1016 2.04 -40.81 30.87
C MET E 1016 2.04 -42.27 30.47
N SER E 1017 2.29 -42.57 29.20
CA SER E 1017 2.28 -43.96 28.76
C SER E 1017 3.43 -44.75 29.38
N GLU E 1018 4.59 -44.12 29.56
CA GLU E 1018 5.76 -44.88 29.99
C GLU E 1018 5.95 -44.90 31.49
N CYS E 1019 5.94 -43.74 32.16
CA CYS E 1019 6.19 -43.72 33.60
C CYS E 1019 5.06 -44.37 34.38
N VAL E 1020 3.81 -44.14 33.98
CA VAL E 1020 2.67 -44.54 34.79
C VAL E 1020 2.35 -46.02 34.60
N LEU E 1021 2.03 -46.42 33.37
CA LEU E 1021 1.62 -47.79 33.09
C LEU E 1021 2.84 -48.70 32.92
N GLY E 1022 3.69 -48.70 33.93
CA GLY E 1022 4.88 -49.53 33.91
C GLY E 1022 6.11 -48.82 34.40
N GLN E 1023 7.15 -49.58 34.74
CA GLN E 1023 8.39 -49.03 35.23
C GLN E 1023 9.35 -48.76 34.08
N SER E 1024 9.98 -47.59 34.10
CA SER E 1024 10.87 -47.15 33.04
C SER E 1024 12.31 -47.23 33.49
N LYS E 1025 13.16 -47.84 32.66
CA LYS E 1025 14.57 -47.95 32.96
C LYS E 1025 15.41 -46.85 32.31
N ARG E 1026 14.77 -45.89 31.64
CA ARG E 1026 15.50 -44.78 31.05
C ARG E 1026 15.97 -43.83 32.15
N VAL E 1027 17.25 -43.47 32.10
CA VAL E 1027 17.85 -42.69 33.18
C VAL E 1027 17.36 -41.25 33.12
N ASP E 1028 16.97 -40.71 34.27
CA ASP E 1028 16.60 -39.31 34.43
C ASP E 1028 15.39 -38.93 33.58
N PHE E 1029 14.65 -39.90 33.06
CA PHE E 1029 13.41 -39.59 32.34
C PHE E 1029 12.25 -39.36 33.29
N CYS E 1030 11.94 -40.36 34.12
CA CYS E 1030 10.76 -40.33 34.98
C CYS E 1030 11.24 -39.98 36.39
N GLY E 1031 11.68 -38.72 36.55
CA GLY E 1031 12.20 -38.26 37.82
C GLY E 1031 13.68 -38.49 37.99
N LYS E 1032 14.20 -38.00 39.11
CA LYS E 1032 15.63 -38.09 39.42
C LYS E 1032 15.90 -39.27 40.34
N GLY E 1033 16.87 -40.09 39.97
CA GLY E 1033 17.18 -41.31 40.70
C GLY E 1033 16.56 -42.53 40.06
N TYR E 1034 16.68 -43.65 40.76
CA TYR E 1034 16.09 -44.89 40.28
C TYR E 1034 14.58 -44.81 40.36
N HIS E 1035 13.91 -45.00 39.23
CA HIS E 1035 12.46 -44.81 39.16
C HIS E 1035 11.72 -45.99 39.75
N LEU E 1036 10.70 -45.71 40.57
CA LEU E 1036 9.86 -46.74 41.15
C LEU E 1036 8.43 -46.65 40.64
N MET E 1037 7.76 -45.52 40.83
CA MET E 1037 6.36 -45.38 40.45
C MET E 1037 6.08 -43.94 40.06
N SER E 1038 4.86 -43.70 39.57
CA SER E 1038 4.44 -42.35 39.27
C SER E 1038 2.93 -42.25 39.37
N PHE E 1039 2.44 -41.04 39.62
CA PHE E 1039 1.02 -40.77 39.79
C PHE E 1039 0.64 -39.54 38.96
N PRO E 1040 -0.47 -39.59 38.23
CA PRO E 1040 -0.93 -38.41 37.48
C PRO E 1040 -1.96 -37.59 38.25
N GLN E 1041 -1.94 -36.29 37.98
CA GLN E 1041 -2.94 -35.36 38.49
C GLN E 1041 -3.26 -34.34 37.43
N SER E 1042 -4.49 -33.84 37.44
CA SER E 1042 -4.93 -32.87 36.45
C SER E 1042 -4.69 -31.45 36.96
N ALA E 1043 -4.71 -30.51 36.02
CA ALA E 1043 -4.59 -29.10 36.34
C ALA E 1043 -5.16 -28.30 35.17
N PRO E 1044 -5.58 -27.05 35.39
CA PRO E 1044 -6.16 -26.27 34.30
C PRO E 1044 -5.24 -26.20 33.09
N HIS E 1045 -5.66 -26.86 32.00
CA HIS E 1045 -4.88 -26.92 30.77
C HIS E 1045 -3.48 -27.50 31.01
N GLY E 1046 -3.40 -28.55 31.81
CA GLY E 1046 -2.09 -29.15 32.06
C GLY E 1046 -2.19 -30.39 32.93
N VAL E 1047 -1.06 -31.07 33.03
CA VAL E 1047 -0.95 -32.29 33.83
C VAL E 1047 0.23 -32.16 34.77
N VAL E 1048 0.17 -32.88 35.89
CA VAL E 1048 1.22 -32.86 36.90
C VAL E 1048 1.53 -34.31 37.27
N PHE E 1049 2.81 -34.68 37.16
CA PHE E 1049 3.26 -36.02 37.49
C PHE E 1049 4.01 -35.99 38.81
N LEU E 1050 3.68 -36.92 39.70
CA LEU E 1050 4.41 -37.14 40.93
C LEU E 1050 5.22 -38.41 40.77
N HIS E 1051 6.54 -38.28 40.71
CA HIS E 1051 7.44 -39.40 40.52
C HIS E 1051 7.96 -39.86 41.87
N VAL E 1052 7.78 -41.14 42.18
CA VAL E 1052 8.30 -41.75 43.41
C VAL E 1052 9.53 -42.56 43.02
N THR E 1053 10.68 -42.18 43.56
CA THR E 1053 11.97 -42.73 43.19
C THR E 1053 12.74 -43.18 44.43
N TYR E 1054 13.79 -43.95 44.18
CA TYR E 1054 14.60 -44.57 45.22
C TYR E 1054 16.05 -44.12 45.04
N VAL E 1055 16.65 -43.59 46.11
CA VAL E 1055 18.04 -43.11 46.03
C VAL E 1055 18.85 -43.73 47.17
N PRO E 1056 20.15 -43.96 46.98
CA PRO E 1056 20.97 -44.52 48.06
C PRO E 1056 21.20 -43.55 49.21
N ALA E 1057 21.96 -43.97 50.21
CA ALA E 1057 22.10 -43.24 51.45
C ALA E 1057 23.51 -43.48 52.00
N GLN E 1058 23.66 -43.25 53.31
CA GLN E 1058 24.94 -43.38 54.01
C GLN E 1058 25.75 -44.59 53.52
N GLU E 1059 27.05 -44.38 53.38
CA GLU E 1059 27.93 -45.31 52.68
C GLU E 1059 29.18 -45.58 53.49
N LYS E 1060 29.81 -46.72 53.22
CA LYS E 1060 31.09 -47.09 53.81
C LYS E 1060 31.95 -47.70 52.72
N ASN E 1061 33.25 -47.36 52.71
CA ASN E 1061 34.06 -47.93 51.65
C ASN E 1061 34.48 -49.35 52.01
N PHE E 1062 35.08 -50.04 51.04
CA PHE E 1062 35.58 -51.39 51.24
C PHE E 1062 36.68 -51.66 50.24
N THR E 1063 37.43 -52.74 50.49
CA THR E 1063 38.43 -53.22 49.55
C THR E 1063 37.87 -54.41 48.78
N THR E 1064 38.21 -54.51 47.51
CA THR E 1064 37.62 -55.49 46.62
C THR E 1064 38.70 -56.36 45.98
N ALA E 1065 38.24 -57.27 45.12
CA ALA E 1065 39.11 -58.17 44.37
C ALA E 1065 38.34 -58.71 43.16
N PRO E 1066 38.94 -58.69 41.98
CA PRO E 1066 38.21 -59.18 40.78
C PRO E 1066 37.77 -60.62 40.88
N ALA E 1067 38.56 -61.49 41.52
CA ALA E 1067 38.21 -62.90 41.62
C ALA E 1067 38.89 -63.49 42.83
N ILE E 1068 38.41 -64.66 43.24
CA ILE E 1068 38.95 -65.38 44.39
C ILE E 1068 39.55 -66.68 43.89
N CYS E 1069 40.80 -66.93 44.26
CA CYS E 1069 41.54 -68.10 43.79
C CYS E 1069 41.53 -69.18 44.86
N HIS E 1070 40.76 -70.23 44.63
CA HIS E 1070 40.85 -71.45 45.42
C HIS E 1070 41.92 -72.34 44.79
N ASP E 1071 41.95 -73.61 45.17
CA ASP E 1071 42.95 -74.53 44.63
C ASP E 1071 42.80 -74.65 43.12
N GLY E 1072 43.74 -74.08 42.38
CA GLY E 1072 43.70 -74.15 40.94
C GLY E 1072 42.67 -73.24 40.30
N LYS E 1073 41.39 -73.53 40.53
CA LYS E 1073 40.33 -72.81 39.86
C LYS E 1073 40.22 -71.37 40.35
N ALA E 1074 39.68 -70.52 39.49
CA ALA E 1074 39.41 -69.12 39.80
C ALA E 1074 37.91 -68.89 39.79
N HIS E 1075 37.41 -68.22 40.81
CA HIS E 1075 35.98 -68.07 41.03
C HIS E 1075 35.55 -66.63 40.74
N PHE E 1076 34.46 -66.48 39.98
CA PHE E 1076 33.86 -65.19 39.73
C PHE E 1076 32.47 -65.14 40.34
N PRO E 1077 32.04 -64.00 40.88
CA PRO E 1077 30.71 -63.91 41.47
C PRO E 1077 29.62 -64.09 40.42
N ARG E 1078 28.51 -64.69 40.83
CA ARG E 1078 27.38 -64.84 39.94
C ARG E 1078 26.63 -63.53 39.79
N GLU E 1079 26.12 -62.99 40.89
CA GLU E 1079 25.56 -61.65 40.94
C GLU E 1079 26.01 -61.00 42.23
N GLY E 1080 26.50 -59.78 42.14
CA GLY E 1080 27.06 -59.08 43.28
C GLY E 1080 28.56 -58.92 43.14
N VAL E 1081 29.16 -58.35 44.18
CA VAL E 1081 30.57 -57.97 44.17
C VAL E 1081 31.24 -58.51 45.42
N PHE E 1082 32.55 -58.71 45.33
CA PHE E 1082 33.36 -59.19 46.43
C PHE E 1082 33.78 -58.01 47.31
N VAL E 1083 33.51 -58.13 48.61
CA VAL E 1083 33.77 -57.07 49.58
C VAL E 1083 34.55 -57.67 50.74
N SER E 1084 35.64 -57.02 51.11
CA SER E 1084 36.51 -57.48 52.19
C SER E 1084 36.39 -56.53 53.37
N ASN E 1085 36.02 -57.06 54.53
CA ASN E 1085 35.96 -56.26 55.75
C ASN E 1085 37.36 -55.83 56.18
N GLY E 1086 38.36 -56.66 55.94
CA GLY E 1086 39.71 -56.39 56.37
C GLY E 1086 40.39 -57.64 56.89
N THR E 1087 39.58 -58.56 57.40
CA THR E 1087 40.06 -59.87 57.83
C THR E 1087 39.45 -61.00 57.02
N HIS E 1088 38.13 -61.02 56.88
CA HIS E 1088 37.42 -62.04 56.13
C HIS E 1088 37.03 -61.48 54.76
N TRP E 1089 36.28 -62.28 54.00
CA TRP E 1089 35.77 -61.85 52.70
C TRP E 1089 34.32 -62.25 52.57
N PHE E 1090 33.58 -61.49 51.77
CA PHE E 1090 32.15 -61.72 51.58
C PHE E 1090 31.77 -61.35 50.16
N VAL E 1091 30.59 -61.77 49.75
CA VAL E 1091 29.99 -61.38 48.49
C VAL E 1091 28.63 -60.76 48.78
N THR E 1092 28.35 -59.61 48.18
CA THR E 1092 27.13 -58.89 48.50
C THR E 1092 26.49 -58.37 47.22
N GLN E 1093 25.33 -57.73 47.37
CA GLN E 1093 24.67 -57.10 46.24
C GLN E 1093 25.39 -55.80 45.87
N ARG E 1094 24.98 -55.25 44.74
CA ARG E 1094 25.64 -54.07 44.18
C ARG E 1094 25.01 -52.77 44.62
N ASN E 1095 23.92 -52.81 45.39
CA ASN E 1095 23.24 -51.58 45.80
C ASN E 1095 22.79 -51.59 47.25
N PHE E 1096 23.12 -52.62 48.02
CA PHE E 1096 22.73 -52.68 49.42
C PHE E 1096 23.70 -53.58 50.15
N TYR E 1097 24.19 -53.13 51.31
CA TYR E 1097 25.18 -53.89 52.05
C TYR E 1097 24.51 -55.07 52.74
N GLU E 1098 24.94 -56.28 52.39
CA GLU E 1098 24.40 -57.50 52.96
C GLU E 1098 25.42 -58.62 52.80
N PRO E 1099 26.40 -58.73 53.69
CA PRO E 1099 27.47 -59.71 53.50
C PRO E 1099 26.96 -61.13 53.64
N GLN E 1100 27.56 -62.03 52.85
CA GLN E 1100 27.30 -63.46 52.91
C GLN E 1100 28.61 -64.20 52.72
N ILE E 1101 28.64 -65.44 53.21
CA ILE E 1101 29.83 -66.27 53.08
C ILE E 1101 29.91 -66.85 51.67
N ILE E 1102 31.10 -66.80 51.07
CA ILE E 1102 31.27 -67.30 49.72
C ILE E 1102 31.09 -68.81 49.72
N THR E 1103 30.21 -69.30 48.85
CA THR E 1103 30.00 -70.73 48.69
C THR E 1103 30.14 -71.12 47.22
N THR E 1104 29.80 -72.37 46.89
CA THR E 1104 29.84 -72.81 45.50
C THR E 1104 28.57 -72.44 44.74
N ASP E 1105 27.59 -71.84 45.40
CA ASP E 1105 26.38 -71.40 44.73
C ASP E 1105 26.43 -69.95 44.29
N ASN E 1106 27.15 -69.10 45.03
CA ASN E 1106 27.25 -67.69 44.69
C ASN E 1106 28.34 -67.40 43.66
N THR E 1107 29.20 -68.36 43.37
CA THR E 1107 30.31 -68.15 42.45
C THR E 1107 30.34 -69.26 41.41
N PHE E 1108 30.99 -68.96 40.29
CA PHE E 1108 31.20 -69.94 39.23
C PHE E 1108 32.67 -69.94 38.82
N VAL E 1109 33.17 -71.11 38.47
CA VAL E 1109 34.59 -71.31 38.17
C VAL E 1109 34.80 -71.21 36.67
N SER E 1110 35.86 -70.49 36.28
CA SER E 1110 36.19 -70.36 34.86
C SER E 1110 37.68 -70.02 34.75
N GLY E 1111 38.49 -71.02 34.39
CA GLY E 1111 39.89 -70.77 34.09
C GLY E 1111 40.87 -71.09 35.20
N ASN E 1112 41.98 -70.37 35.22
CA ASN E 1112 43.06 -70.62 36.17
C ASN E 1112 43.59 -69.28 36.69
N CYS E 1113 44.21 -69.32 37.86
CA CYS E 1113 44.74 -68.11 38.50
C CYS E 1113 46.08 -67.71 37.89
N ASP E 1114 46.07 -67.49 36.57
CA ASP E 1114 47.26 -67.10 35.85
C ASP E 1114 47.06 -65.95 34.86
N VAL E 1115 45.84 -65.70 34.41
CA VAL E 1115 45.59 -64.65 33.43
C VAL E 1115 44.94 -63.42 34.03
N VAL E 1116 44.05 -63.58 35.02
CA VAL E 1116 43.40 -62.43 35.63
C VAL E 1116 44.42 -61.67 36.47
N ILE E 1117 44.15 -60.37 36.68
CA ILE E 1117 45.06 -59.48 37.38
C ILE E 1117 44.44 -59.14 38.73
N GLY E 1118 45.22 -59.31 39.80
CA GLY E 1118 44.77 -58.92 41.12
C GLY E 1118 43.97 -59.96 41.87
N ILE E 1119 44.00 -61.22 41.44
CA ILE E 1119 43.28 -62.27 42.15
C ILE E 1119 43.94 -62.51 43.50
N VAL E 1120 43.13 -62.88 44.50
CA VAL E 1120 43.60 -63.09 45.86
C VAL E 1120 43.12 -64.44 46.34
N ASN E 1121 43.79 -64.97 47.36
CA ASN E 1121 43.45 -66.27 47.91
C ASN E 1121 42.42 -66.16 49.03
N ASN E 1122 41.55 -67.16 49.08
CA ASN E 1122 40.60 -67.32 50.18
C ASN E 1122 40.04 -68.73 50.10
N THR E 1123 39.28 -69.10 51.13
CA THR E 1123 38.67 -70.42 51.23
C THR E 1123 37.23 -70.34 50.77
N VAL E 1124 36.88 -71.13 49.75
CA VAL E 1124 35.52 -71.19 49.24
C VAL E 1124 34.79 -72.29 49.98
N TYR E 1125 33.84 -71.90 50.83
CA TYR E 1125 33.09 -72.87 51.60
C TYR E 1125 32.24 -73.75 50.69
N ASP E 1126 32.04 -74.99 51.10
CA ASP E 1126 31.30 -75.97 50.32
C ASP E 1126 30.17 -76.56 51.16
N PRO E 1127 28.97 -76.68 50.60
CA PRO E 1127 27.83 -77.18 51.36
C PRO E 1127 27.65 -78.69 51.37
N LEU E 1128 28.64 -79.47 50.93
CA LEU E 1128 28.56 -80.91 50.95
C LEU E 1128 29.15 -81.52 52.22
N GLN E 1129 29.70 -80.68 53.11
CA GLN E 1129 30.29 -81.17 54.35
C GLN E 1129 29.35 -82.04 55.18
N PRO E 1130 28.06 -81.71 55.37
CA PRO E 1130 27.19 -82.60 56.16
C PRO E 1130 27.07 -84.00 55.59
N GLU E 1131 27.24 -84.18 54.28
CA GLU E 1131 27.16 -85.51 53.69
C GLU E 1131 28.29 -86.42 54.16
N LEU E 1132 29.34 -85.86 54.75
CA LEU E 1132 30.41 -86.71 55.30
C LEU E 1132 29.91 -87.55 56.46
N ASP E 1133 28.86 -87.11 57.14
CA ASP E 1133 28.31 -87.85 58.28
C ASP E 1133 27.35 -88.94 57.81
N GLY F 71 -2.41 58.51 -35.61
CA GLY F 71 -1.79 59.48 -36.47
C GLY F 71 -1.32 58.89 -37.78
N LYS F 72 -1.44 57.57 -37.91
CA LYS F 72 -1.04 56.89 -39.14
C LYS F 72 -1.94 57.28 -40.31
N LYS F 73 -3.24 57.42 -40.05
CA LYS F 73 -4.19 57.67 -41.14
C LYS F 73 -3.91 58.99 -41.84
N LEU F 74 -3.62 60.04 -41.07
CA LEU F 74 -3.35 61.34 -41.68
C LEU F 74 -2.08 61.32 -42.52
N LEU F 75 -1.03 60.64 -42.03
CA LEU F 75 0.21 60.55 -42.80
C LEU F 75 0.00 59.77 -44.08
N GLU F 76 -0.73 58.66 -44.01
CA GLU F 76 -0.99 57.87 -45.20
C GLU F 76 -1.86 58.63 -46.20
N ALA F 77 -2.84 59.37 -45.71
CA ALA F 77 -3.69 60.16 -46.60
C ALA F 77 -2.90 61.28 -47.27
N ALA F 78 -2.01 61.94 -46.51
CA ALA F 78 -1.16 62.96 -47.10
C ALA F 78 -0.22 62.36 -48.14
N ARG F 79 0.29 61.16 -47.88
CA ARG F 79 1.10 60.47 -48.87
C ARG F 79 0.29 60.16 -50.13
N ALA F 80 -0.96 59.74 -49.96
CA ALA F 80 -1.83 59.42 -51.08
C ALA F 80 -2.45 60.65 -51.72
N GLY F 81 -2.30 61.82 -51.12
CA GLY F 81 -2.84 63.05 -51.68
C GLY F 81 -4.35 63.12 -51.76
N GLN F 82 -5.04 62.62 -50.73
CA GLN F 82 -6.50 62.67 -50.66
C GLN F 82 -6.89 63.81 -49.72
N ASP F 83 -7.28 64.95 -50.30
CA ASP F 83 -7.61 66.11 -49.50
C ASP F 83 -8.84 65.86 -48.63
N ASP F 84 -9.84 65.16 -49.17
CA ASP F 84 -11.06 64.89 -48.41
C ASP F 84 -10.77 64.05 -47.18
N GLU F 85 -9.95 63.01 -47.33
CA GLU F 85 -9.60 62.17 -46.19
C GLU F 85 -8.84 62.95 -45.12
N VAL F 86 -7.89 63.79 -45.54
CA VAL F 86 -7.14 64.60 -44.59
C VAL F 86 -8.06 65.56 -43.86
N ARG F 87 -8.97 66.21 -44.59
CA ARG F 87 -9.91 67.13 -43.96
C ARG F 87 -10.81 66.42 -42.96
N ILE F 88 -11.30 65.23 -43.33
CA ILE F 88 -12.15 64.47 -42.42
C ILE F 88 -11.38 64.08 -41.16
N LEU F 89 -10.13 63.63 -41.32
CA LEU F 89 -9.32 63.25 -40.18
C LEU F 89 -9.04 64.45 -39.27
N MET F 90 -8.76 65.61 -39.87
CA MET F 90 -8.53 66.82 -39.07
C MET F 90 -9.78 67.22 -38.32
N ALA F 91 -10.93 67.15 -38.96
CA ALA F 91 -12.20 67.47 -38.30
C ALA F 91 -12.59 66.44 -37.25
N ASN F 92 -11.96 65.27 -37.26
CA ASN F 92 -12.24 64.23 -36.27
C ASN F 92 -11.41 64.38 -35.01
N GLY F 93 -10.59 65.42 -34.91
CA GLY F 93 -9.77 65.64 -33.73
C GLY F 93 -8.37 65.08 -33.80
N ALA F 94 -7.91 64.67 -34.98
CA ALA F 94 -6.57 64.13 -35.11
C ALA F 94 -5.53 65.22 -34.89
N ASP F 95 -4.42 64.84 -34.27
CA ASP F 95 -3.31 65.76 -34.07
C ASP F 95 -2.74 66.24 -35.41
N VAL F 96 -2.33 67.51 -35.45
CA VAL F 96 -1.87 68.11 -36.70
C VAL F 96 -0.40 67.81 -36.98
N ASN F 97 0.35 67.37 -35.98
CA ASN F 97 1.78 67.13 -36.11
C ASN F 97 2.14 65.69 -35.73
N ALA F 98 1.36 64.73 -36.22
CA ALA F 98 1.68 63.33 -35.99
C ALA F 98 2.94 62.95 -36.76
N CYS F 99 3.75 62.09 -36.15
CA CYS F 99 4.99 61.65 -36.79
C CYS F 99 5.31 60.24 -36.36
N ASP F 100 6.10 59.56 -37.19
CA ASP F 100 6.59 58.22 -36.91
C ASP F 100 7.85 58.33 -36.07
N PRO F 101 8.47 57.21 -35.68
CA PRO F 101 9.79 57.29 -35.06
C PRO F 101 10.82 58.02 -35.91
N SER F 102 10.68 57.96 -37.23
CA SER F 102 11.52 58.77 -38.11
C SER F 102 11.16 60.25 -38.07
N GLY F 103 10.06 60.61 -37.42
CA GLY F 103 9.66 62.00 -37.27
C GLY F 103 9.30 62.72 -38.54
N ILE F 104 8.46 62.11 -39.38
CA ILE F 104 7.96 62.73 -40.59
C ILE F 104 6.57 63.29 -40.32
N THR F 105 6.36 64.55 -40.66
CA THR F 105 5.11 65.26 -40.43
C THR F 105 4.27 65.27 -41.70
N PRO F 106 2.95 65.50 -41.58
CA PRO F 106 2.13 65.62 -42.80
C PRO F 106 2.61 66.74 -43.71
N LEU F 107 3.08 67.85 -43.14
CA LEU F 107 3.66 68.91 -43.96
C LEU F 107 4.91 68.45 -44.67
N HIS F 108 5.71 67.62 -43.99
CA HIS F 108 6.92 67.08 -44.61
C HIS F 108 6.59 66.30 -45.88
N LEU F 109 5.67 65.35 -45.78
CA LEU F 109 5.30 64.56 -46.94
C LEU F 109 4.60 65.40 -48.00
N ALA F 110 3.75 66.34 -47.57
CA ALA F 110 3.04 67.19 -48.53
C ALA F 110 4.00 68.04 -49.34
N ALA F 111 5.05 68.58 -48.69
CA ALA F 111 6.07 69.31 -49.43
C ALA F 111 6.94 68.38 -50.26
N ASP F 112 7.11 67.13 -49.80
CA ASP F 112 7.88 66.15 -50.57
C ASP F 112 7.19 65.85 -51.89
N LYS F 113 5.87 65.69 -51.88
CA LYS F 113 5.13 65.34 -53.08
C LYS F 113 4.59 66.57 -53.82
N GLY F 114 4.86 67.77 -53.34
CA GLY F 114 4.39 68.96 -54.01
C GLY F 114 2.91 69.23 -53.89
N HIS F 115 2.26 68.70 -52.85
CA HIS F 115 0.84 68.95 -52.65
C HIS F 115 0.59 70.40 -52.27
N LEU F 116 -0.55 70.94 -52.69
CA LEU F 116 -0.91 72.33 -52.44
C LEU F 116 -2.00 72.46 -51.39
N GLU F 117 -3.16 71.84 -51.61
CA GLU F 117 -4.28 71.99 -50.70
C GLU F 117 -4.01 71.36 -49.34
N ILE F 118 -3.25 70.26 -49.32
CA ILE F 118 -2.89 69.65 -48.04
C ILE F 118 -2.05 70.61 -47.22
N VAL F 119 -1.07 71.26 -47.85
CA VAL F 119 -0.25 72.24 -47.15
C VAL F 119 -1.11 73.40 -46.66
N GLU F 120 -2.02 73.87 -47.52
CA GLU F 120 -2.87 74.99 -47.15
C GLU F 120 -3.73 74.66 -45.93
N VAL F 121 -4.35 73.48 -45.91
CA VAL F 121 -5.21 73.13 -44.79
C VAL F 121 -4.40 72.85 -43.52
N LEU F 122 -3.20 72.26 -43.67
CA LEU F 122 -2.34 72.08 -42.50
C LEU F 122 -1.99 73.42 -41.87
N LEU F 123 -1.59 74.40 -42.69
CA LEU F 123 -1.24 75.70 -42.13
C LEU F 123 -2.46 76.45 -41.62
N LYS F 124 -3.63 76.21 -42.22
CA LYS F 124 -4.86 76.81 -41.73
C LYS F 124 -5.22 76.28 -40.35
N TYR F 125 -5.05 74.98 -40.13
CA TYR F 125 -5.37 74.39 -38.83
C TYR F 125 -4.23 74.48 -37.84
N GLY F 126 -3.08 75.03 -38.25
CA GLY F 126 -1.99 75.25 -37.32
C GLY F 126 -0.96 74.14 -37.27
N ALA F 127 -0.44 73.74 -38.42
CA ALA F 127 0.63 72.76 -38.45
C ALA F 127 1.94 73.38 -37.98
N ASP F 128 2.90 72.51 -37.64
CA ASP F 128 4.20 72.97 -37.18
C ASP F 128 4.96 73.63 -38.32
N VAL F 129 5.36 74.88 -38.11
CA VAL F 129 6.09 75.62 -39.14
C VAL F 129 7.57 75.28 -39.14
N ASN F 130 8.06 74.60 -38.11
CA ASN F 130 9.47 74.25 -37.95
C ASN F 130 9.62 72.75 -37.72
N ALA F 131 9.00 71.95 -38.59
CA ALA F 131 9.08 70.50 -38.47
C ALA F 131 10.53 70.03 -38.51
N MET F 132 10.85 69.10 -37.61
CA MET F 132 12.22 68.70 -37.33
C MET F 132 12.29 67.18 -37.36
N ASP F 133 12.79 66.62 -38.46
CA ASP F 133 12.85 65.17 -38.60
C ASP F 133 14.19 64.66 -38.08
N VAL F 134 14.49 63.39 -38.35
CA VAL F 134 15.74 62.80 -37.87
C VAL F 134 16.95 63.49 -38.48
N TRP F 135 16.86 63.89 -39.74
CA TRP F 135 17.95 64.55 -40.44
C TRP F 135 17.90 66.07 -40.31
N GLY F 136 16.93 66.61 -39.58
CA GLY F 136 16.79 68.05 -39.48
C GLY F 136 16.08 68.70 -40.64
N ARG F 137 15.47 67.92 -41.54
CA ARG F 137 14.76 68.48 -42.67
C ARG F 137 13.51 69.22 -42.22
N THR F 138 13.21 70.31 -42.91
CA THR F 138 12.02 71.11 -42.71
C THR F 138 11.16 71.07 -43.97
N PRO F 139 9.85 71.33 -43.86
CA PRO F 139 9.02 71.38 -45.06
C PRO F 139 9.50 72.40 -46.07
N LEU F 140 10.09 73.52 -45.60
CA LEU F 140 10.70 74.46 -46.52
C LEU F 140 11.90 73.84 -47.23
N HIS F 141 12.69 73.05 -46.51
CA HIS F 141 13.82 72.36 -47.13
C HIS F 141 13.35 71.44 -48.24
N LEU F 142 12.30 70.66 -47.98
CA LEU F 142 11.80 69.74 -48.98
C LEU F 142 11.15 70.48 -50.14
N ALA F 143 10.48 71.60 -49.86
CA ALA F 143 9.90 72.41 -50.93
C ALA F 143 10.98 72.97 -51.85
N ALA F 144 12.09 73.42 -51.27
CA ALA F 144 13.20 73.89 -52.08
C ALA F 144 13.87 72.75 -52.85
N PHE F 145 13.99 71.58 -52.20
CA PHE F 145 14.65 70.44 -52.84
C PHE F 145 13.86 69.94 -54.03
N THR F 146 12.56 69.68 -53.85
CA THR F 146 11.72 69.25 -54.96
C THR F 146 11.60 70.34 -56.00
N GLY F 147 11.43 71.58 -55.58
CA GLY F 147 11.37 72.70 -56.51
C GLY F 147 9.97 73.17 -56.83
N HIS F 148 9.14 73.33 -55.81
CA HIS F 148 7.80 73.87 -56.01
C HIS F 148 7.81 75.39 -55.83
N LEU F 149 6.79 76.04 -56.39
CA LEU F 149 6.71 77.49 -56.38
C LEU F 149 5.86 78.01 -55.23
N GLU F 150 4.62 77.54 -55.12
CA GLU F 150 3.68 78.09 -54.16
C GLU F 150 3.98 77.63 -52.73
N ILE F 151 4.52 76.42 -52.55
CA ILE F 151 4.76 75.91 -51.21
C ILE F 151 5.80 76.76 -50.49
N VAL F 152 6.89 77.11 -51.17
CA VAL F 152 7.94 77.91 -50.55
C VAL F 152 7.39 79.27 -50.13
N GLU F 153 6.64 79.92 -51.03
CA GLU F 153 6.13 81.25 -50.73
C GLU F 153 5.11 81.21 -49.59
N VAL F 154 4.25 80.19 -49.55
CA VAL F 154 3.24 80.15 -48.50
C VAL F 154 3.88 79.79 -47.16
N LEU F 155 4.93 78.95 -47.16
CA LEU F 155 5.61 78.63 -45.91
C LEU F 155 6.40 79.83 -45.39
N LEU F 156 6.97 80.63 -46.29
CA LEU F 156 7.60 81.87 -45.85
C LEU F 156 6.56 82.88 -45.38
N LYS F 157 5.36 82.85 -45.96
CA LYS F 157 4.27 83.70 -45.48
C LYS F 157 3.85 83.31 -44.07
N TYR F 158 3.83 82.01 -43.78
CA TYR F 158 3.50 81.56 -42.43
C TYR F 158 4.52 82.05 -41.42
N GLY F 159 5.78 82.13 -41.82
CA GLY F 159 6.83 82.57 -40.92
C GLY F 159 7.89 81.52 -40.66
N ALA F 160 8.15 80.68 -41.66
CA ALA F 160 9.18 79.66 -41.52
C ALA F 160 10.55 80.30 -41.36
N ASP F 161 11.39 79.68 -40.55
CA ASP F 161 12.75 80.18 -40.35
C ASP F 161 13.54 80.03 -41.64
N VAL F 162 14.25 81.10 -42.03
CA VAL F 162 15.03 81.07 -43.26
C VAL F 162 16.48 80.63 -43.01
N ASN F 163 16.94 80.69 -41.76
CA ASN F 163 18.28 80.26 -41.39
C ASN F 163 18.29 78.87 -40.75
N ALA F 164 17.36 78.01 -41.15
CA ALA F 164 17.32 76.66 -40.60
C ALA F 164 18.49 75.85 -41.12
N CYS F 165 19.20 75.19 -40.20
CA CYS F 165 20.36 74.37 -40.53
C CYS F 165 20.11 72.94 -40.08
N ASP F 166 20.28 72.00 -40.99
CA ASP F 166 20.13 70.57 -40.69
C ASP F 166 21.43 70.04 -40.08
N LEU F 167 21.54 68.71 -39.99
CA LEU F 167 22.73 68.11 -39.40
C LEU F 167 23.97 68.44 -40.22
N ASN F 168 23.85 68.41 -41.55
CA ASN F 168 24.97 68.67 -42.44
C ASN F 168 25.07 70.14 -42.83
N GLY F 169 24.26 71.01 -42.24
CA GLY F 169 24.36 72.43 -42.53
C GLY F 169 23.84 72.85 -43.88
N TYR F 170 22.97 72.03 -44.50
CA TYR F 170 22.42 72.36 -45.82
C TYR F 170 21.18 73.22 -45.62
N THR F 171 21.39 74.53 -45.70
CA THR F 171 20.30 75.48 -45.58
C THR F 171 19.43 75.44 -46.84
N PRO F 172 18.19 75.93 -46.77
CA PRO F 172 17.30 75.84 -47.94
C PRO F 172 17.86 76.48 -49.19
N LEU F 173 18.57 77.62 -49.06
CA LEU F 173 19.14 78.25 -50.24
C LEU F 173 20.24 77.37 -50.85
N HIS F 174 21.02 76.69 -50.02
CA HIS F 174 22.02 75.77 -50.55
C HIS F 174 21.37 74.63 -51.32
N LEU F 175 20.28 74.07 -50.79
CA LEU F 175 19.57 73.00 -51.50
C LEU F 175 19.02 73.50 -52.82
N ALA F 176 18.39 74.69 -52.83
CA ALA F 176 17.84 75.23 -54.06
C ALA F 176 18.93 75.50 -55.08
N ALA F 177 20.08 76.02 -54.64
CA ALA F 177 21.19 76.28 -55.55
C ALA F 177 21.72 74.97 -56.13
N GLY F 178 21.88 73.94 -55.29
CA GLY F 178 22.34 72.66 -55.78
C GLY F 178 21.37 72.02 -56.75
N ARG F 179 20.08 72.22 -56.56
CA ARG F 179 19.07 71.71 -57.47
C ARG F 179 18.68 72.73 -58.54
N GLY F 180 19.32 73.90 -58.57
CA GLY F 180 19.13 74.87 -59.62
C GLY F 180 17.73 75.45 -59.73
N HIS F 181 17.16 75.86 -58.60
CA HIS F 181 15.84 76.48 -58.55
C HIS F 181 16.02 77.98 -58.29
N LEU F 182 16.10 78.75 -59.38
CA LEU F 182 16.38 80.18 -59.26
C LEU F 182 15.24 80.92 -58.57
N GLU F 183 13.99 80.57 -58.91
CA GLU F 183 12.84 81.28 -58.34
C GLU F 183 12.76 81.08 -56.83
N ILE F 184 13.04 79.87 -56.35
CA ILE F 184 13.05 79.62 -54.91
C ILE F 184 14.14 80.44 -54.24
N VAL F 185 15.31 80.50 -54.85
CA VAL F 185 16.43 81.27 -54.30
C VAL F 185 16.05 82.74 -54.20
N GLU F 186 15.44 83.29 -55.25
CA GLU F 186 15.01 84.68 -55.23
C GLU F 186 13.96 84.91 -54.16
N VAL F 187 13.00 83.98 -54.04
CA VAL F 187 11.92 84.14 -53.07
C VAL F 187 12.46 84.14 -51.65
N LEU F 188 13.37 83.22 -51.33
CA LEU F 188 13.93 83.19 -49.99
C LEU F 188 14.83 84.39 -49.74
N LEU F 189 15.59 84.83 -50.75
CA LEU F 189 16.47 85.98 -50.58
C LEU F 189 15.66 87.24 -50.29
N LYS F 190 14.55 87.45 -50.99
CA LYS F 190 13.71 88.60 -50.74
C LYS F 190 12.92 88.48 -49.44
N ASN F 191 12.89 87.31 -48.82
CA ASN F 191 12.23 87.10 -47.55
C ASN F 191 13.11 87.38 -46.35
N GLY F 192 14.41 87.62 -46.56
CA GLY F 192 15.32 87.90 -45.47
C GLY F 192 16.39 86.86 -45.28
N ALA F 193 16.82 86.24 -46.37
CA ALA F 193 17.82 85.18 -46.31
C ALA F 193 19.23 85.75 -46.21
N GLY F 194 20.15 84.91 -45.76
CA GLY F 194 21.55 85.25 -45.74
C GLY F 194 22.30 84.65 -46.91
N VAL F 195 22.66 85.48 -47.89
CA VAL F 195 23.35 84.99 -49.08
C VAL F 195 24.75 84.47 -48.75
N ASN F 196 25.30 84.88 -47.60
CA ASN F 196 26.63 84.45 -47.18
C ASN F 196 26.58 83.29 -46.20
N ALA F 197 25.54 82.46 -46.27
CA ALA F 197 25.41 81.32 -45.37
C ALA F 197 26.42 80.23 -45.73
N GLN F 198 26.95 79.57 -44.71
CA GLN F 198 27.96 78.53 -44.87
C GLN F 198 27.42 77.19 -44.42
N ASP F 199 27.85 76.13 -45.12
CA ASP F 199 27.47 74.77 -44.80
C ASP F 199 28.54 74.14 -43.90
N LYS F 200 28.44 72.82 -43.69
CA LYS F 200 29.42 72.13 -42.85
C LYS F 200 30.80 72.12 -43.48
N PHE F 201 30.88 72.20 -44.81
CA PHE F 201 32.15 72.18 -45.51
C PHE F 201 32.73 73.57 -45.73
N GLY F 202 32.07 74.62 -45.23
CA GLY F 202 32.54 75.97 -45.41
C GLY F 202 32.13 76.63 -46.71
N LYS F 203 31.45 75.92 -47.60
CA LYS F 203 31.05 76.46 -48.88
C LYS F 203 29.67 77.11 -48.77
N THR F 204 29.46 78.14 -49.60
CA THR F 204 28.20 78.87 -49.66
C THR F 204 27.47 78.50 -50.95
N ALA F 205 26.35 79.19 -51.21
CA ALA F 205 25.60 78.93 -52.42
C ALA F 205 26.41 79.25 -53.67
N PHE F 206 27.38 80.17 -53.56
CA PHE F 206 28.25 80.48 -54.69
C PHE F 206 29.08 79.28 -55.10
N ASP F 207 29.68 78.58 -54.13
CA ASP F 207 30.51 77.42 -54.46
C ASP F 207 29.67 76.29 -55.02
N ILE F 208 28.47 76.07 -54.47
CA ILE F 208 27.59 75.04 -54.99
C ILE F 208 27.14 75.39 -56.41
N SER F 209 26.90 76.68 -56.67
CA SER F 209 26.56 77.10 -58.03
C SER F 209 27.71 76.86 -58.99
N ILE F 210 28.93 77.15 -58.55
CA ILE F 210 30.10 76.91 -59.40
C ILE F 210 30.24 75.42 -59.70
N ASP F 211 30.03 74.58 -58.68
CA ASP F 211 30.06 73.13 -58.91
C ASP F 211 28.98 72.71 -59.89
N ASN F 212 27.77 73.25 -59.74
CA ASN F 212 26.68 72.97 -60.68
C ASN F 212 26.86 73.69 -62.02
N GLY F 213 27.70 74.71 -62.05
CA GLY F 213 27.94 75.46 -63.29
C GLY F 213 26.72 76.20 -63.80
N ASN F 214 25.90 76.73 -62.90
CA ASN F 214 24.70 77.46 -63.28
C ASN F 214 25.03 78.95 -63.33
N GLU F 215 25.29 79.46 -64.52
CA GLU F 215 25.69 80.86 -64.67
C GLU F 215 24.58 81.80 -64.25
N ASP F 216 23.33 81.50 -64.60
CA ASP F 216 22.21 82.32 -64.17
C ASP F 216 22.07 82.31 -62.65
N LEU F 217 22.25 81.13 -62.04
CA LEU F 217 22.22 81.05 -60.59
C LEU F 217 23.32 81.91 -59.97
N ALA F 218 24.53 81.84 -60.53
CA ALA F 218 25.60 82.69 -60.04
C ALA F 218 25.21 84.16 -60.13
N GLU F 219 24.73 84.59 -61.30
CA GLU F 219 24.39 86.00 -61.51
C GLU F 219 23.33 86.46 -60.53
N ILE F 220 22.30 85.64 -60.30
CA ILE F 220 21.29 86.04 -59.32
C ILE F 220 21.84 85.98 -57.90
N LEU F 221 22.93 85.24 -57.66
CA LEU F 221 23.58 85.32 -56.36
C LEU F 221 24.31 86.65 -56.18
N GLN F 222 25.09 87.07 -57.17
CA GLN F 222 25.79 88.34 -56.97
C GLN F 222 24.83 89.53 -57.04
N SER F 223 23.69 89.36 -57.69
CA SER F 223 22.74 90.47 -57.80
C SER F 223 22.19 90.89 -56.44
N SER F 224 22.28 90.02 -55.43
CA SER F 224 21.82 90.33 -54.09
C SER F 224 22.93 90.21 -53.05
N SER F 225 24.19 90.23 -53.49
CA SER F 225 25.31 90.09 -52.57
C SER F 225 25.98 91.45 -52.31
#